data_2LQ8
#
_entry.id   2LQ8
#
_entity_poly.entity_id   1
_entity_poly.type   'polypeptide(L)'
_entity_poly.pdbx_seq_one_letter_code
;GAMKKKWYIVLTMSGYEEKVKENIEKKVEATGIKNLVGRIVIPIRGGQRRKSEKLFPGYVFVEMIMNDEAYNFVRSVPYV
MGFVSSGGQPVPVKDREMRPILRLAGLEEYEEKKKPVKVELGFKVGDMVKIISGPFEDFAGVIKEIDPERQELKVNVTIF
GRETPVVLHVSEVEKIE
;
_entity_poly.pdbx_strand_id   A
#
# COMPACT_ATOMS: atom_id res chain seq x y z
N GLY A 1 -13.87 17.41 -1.91
CA GLY A 1 -13.92 18.84 -1.48
C GLY A 1 -12.58 19.23 -0.86
N ALA A 2 -12.10 20.41 -1.12
CA ALA A 2 -10.81 20.85 -0.53
C ALA A 2 -10.89 20.77 1.00
N MET A 3 -12.00 21.15 1.57
CA MET A 3 -12.14 21.09 3.05
C MET A 3 -11.75 19.70 3.54
N LYS A 4 -12.20 18.67 2.88
CA LYS A 4 -11.86 17.28 3.31
C LYS A 4 -10.59 16.82 2.58
N LYS A 5 -9.75 16.07 3.24
CA LYS A 5 -8.51 15.59 2.58
C LYS A 5 -8.67 14.12 2.20
N LYS A 6 -8.17 13.72 1.07
CA LYS A 6 -8.29 12.30 0.64
C LYS A 6 -6.91 11.74 0.33
N TRP A 7 -6.81 10.47 0.05
CA TRP A 7 -5.48 9.88 -0.27
C TRP A 7 -5.42 9.53 -1.76
N TYR A 8 -4.43 9.99 -2.45
CA TYR A 8 -4.32 9.68 -3.91
C TYR A 8 -3.02 8.92 -4.16
N ILE A 9 -2.88 8.34 -5.33
CA ILE A 9 -1.64 7.59 -5.64
C ILE A 9 -0.75 8.43 -6.56
N VAL A 10 0.43 8.76 -6.11
CA VAL A 10 1.34 9.58 -6.96
C VAL A 10 2.22 8.65 -7.81
N LEU A 11 2.40 8.98 -9.05
CA LEU A 11 3.24 8.13 -9.94
C LEU A 11 4.69 8.60 -9.86
N THR A 12 5.62 7.69 -9.87
CA THR A 12 7.06 8.09 -9.80
C THR A 12 7.93 6.98 -10.38
N MET A 13 9.22 7.08 -10.26
CA MET A 13 10.12 6.03 -10.81
C MET A 13 10.67 5.19 -9.66
N SER A 14 10.48 3.90 -9.71
CA SER A 14 10.99 3.03 -8.62
C SER A 14 12.42 3.45 -8.27
N GLY A 15 12.68 3.69 -7.01
CA GLY A 15 14.05 4.12 -6.60
C GLY A 15 14.04 5.62 -6.30
N TYR A 16 13.08 6.33 -6.81
CA TYR A 16 13.03 7.80 -6.56
C TYR A 16 11.88 8.12 -5.59
N GLU A 17 11.20 7.11 -5.10
CA GLU A 17 10.07 7.36 -4.16
C GLU A 17 10.59 8.14 -2.95
N GLU A 18 11.53 7.59 -2.23
CA GLU A 18 12.07 8.31 -1.04
C GLU A 18 12.38 9.76 -1.41
N LYS A 19 12.88 9.99 -2.59
CA LYS A 19 13.21 11.38 -3.01
C LYS A 19 11.90 12.16 -3.19
N VAL A 20 10.92 11.56 -3.82
CA VAL A 20 9.62 12.27 -4.01
C VAL A 20 9.04 12.66 -2.66
N LYS A 21 9.02 11.76 -1.72
CA LYS A 21 8.46 12.09 -0.38
C LYS A 21 9.20 13.29 0.21
N GLU A 22 10.50 13.27 0.20
CA GLU A 22 11.26 14.42 0.76
C GLU A 22 11.01 15.66 -0.09
N ASN A 23 11.02 15.51 -1.39
CA ASN A 23 10.78 16.68 -2.28
C ASN A 23 9.46 17.35 -1.90
N ILE A 24 8.46 16.57 -1.58
CA ILE A 24 7.14 17.14 -1.20
C ILE A 24 7.29 17.92 0.11
N GLU A 25 7.97 17.36 1.07
CA GLU A 25 8.14 18.07 2.37
C GLU A 25 8.75 19.45 2.15
N LYS A 26 9.80 19.53 1.38
CA LYS A 26 10.44 20.86 1.13
C LYS A 26 9.63 21.63 0.09
N LYS A 27 9.07 20.94 -0.88
CA LYS A 27 8.26 21.64 -1.91
C LYS A 27 7.20 22.51 -1.22
N VAL A 28 6.70 22.06 -0.10
CA VAL A 28 5.67 22.84 0.62
C VAL A 28 6.35 23.81 1.59
N GLU A 29 7.58 23.54 1.94
CA GLU A 29 8.31 24.43 2.88
C GLU A 29 8.68 25.74 2.17
N ALA A 30 9.40 25.66 1.09
CA ALA A 30 9.78 26.90 0.36
C ALA A 30 8.52 27.65 -0.07
N THR A 31 7.45 26.94 -0.31
CA THR A 31 6.19 27.62 -0.73
C THR A 31 5.29 27.83 0.50
N GLY A 32 5.71 27.36 1.63
CA GLY A 32 4.88 27.54 2.86
C GLY A 32 3.44 27.09 2.58
N ILE A 33 3.28 26.14 1.69
CA ILE A 33 1.91 25.66 1.37
C ILE A 33 1.62 24.37 2.15
N LYS A 34 1.42 24.49 3.44
CA LYS A 34 1.13 23.27 4.26
C LYS A 34 -0.38 23.05 4.32
N ASN A 35 -1.11 23.61 3.40
CA ASN A 35 -2.59 23.43 3.41
C ASN A 35 -3.00 22.57 2.21
N LEU A 36 -2.20 22.53 1.19
CA LEU A 36 -2.54 21.72 0.00
C LEU A 36 -2.03 20.29 0.17
N VAL A 37 -0.94 20.13 0.86
CA VAL A 37 -0.40 18.75 1.07
C VAL A 37 -0.62 18.33 2.52
N GLY A 38 -0.92 17.08 2.75
CA GLY A 38 -1.15 16.62 4.15
C GLY A 38 -0.11 15.56 4.51
N ARG A 39 -0.56 14.39 4.88
CA ARG A 39 0.41 13.31 5.26
C ARG A 39 0.72 12.45 4.04
N ILE A 40 1.96 12.04 3.90
CA ILE A 40 2.33 11.19 2.74
C ILE A 40 2.62 9.77 3.21
N VAL A 41 2.10 8.78 2.54
CA VAL A 41 2.35 7.38 2.98
C VAL A 41 3.03 6.60 1.85
N ILE A 42 3.69 5.52 2.17
CA ILE A 42 4.37 4.73 1.11
C ILE A 42 4.18 3.24 1.40
N PRO A 43 3.71 2.48 0.41
CA PRO A 43 3.49 1.03 0.54
C PRO A 43 4.81 0.28 0.70
N ILE A 44 5.91 0.98 0.58
CA ILE A 44 7.23 0.31 0.73
C ILE A 44 7.47 -0.02 2.21
N ARG A 45 7.21 0.91 3.08
CA ARG A 45 7.43 0.67 4.54
C ARG A 45 6.75 -0.66 4.93
N GLY A 46 7.43 -1.47 5.68
CA GLY A 46 6.83 -2.78 6.10
C GLY A 46 7.16 -3.03 7.57
N GLY A 47 6.79 -4.17 8.07
CA GLY A 47 7.08 -4.49 9.50
C GLY A 47 8.60 -4.54 9.71
N GLN A 48 9.06 -4.22 10.88
CA GLN A 48 10.53 -4.26 11.14
C GLN A 48 11.04 -5.68 10.96
N ARG A 49 10.21 -6.66 11.26
CA ARG A 49 10.65 -8.07 11.11
C ARG A 49 10.98 -8.35 9.64
N ARG A 50 10.22 -7.79 8.74
CA ARG A 50 10.50 -8.03 7.29
C ARG A 50 10.10 -6.78 6.49
N LYS A 51 10.91 -6.39 5.54
CA LYS A 51 10.58 -5.19 4.72
C LYS A 51 10.04 -5.62 3.36
N SER A 52 8.87 -5.17 3.01
CA SER A 52 8.29 -5.56 1.68
C SER A 52 9.20 -5.04 0.57
N GLU A 53 10.04 -4.10 0.85
CA GLU A 53 10.95 -3.55 -0.20
C GLU A 53 10.11 -2.85 -1.27
N LYS A 54 9.26 -1.95 -0.88
CA LYS A 54 8.41 -1.23 -1.89
C LYS A 54 7.30 -2.16 -2.35
N LEU A 55 6.18 -2.16 -1.68
CA LEU A 55 5.06 -3.04 -2.09
C LEU A 55 4.68 -2.73 -3.54
N PHE A 56 4.57 -1.47 -3.87
CA PHE A 56 4.20 -1.10 -5.26
C PHE A 56 5.25 -0.13 -5.81
N PRO A 57 6.05 -0.58 -6.80
CA PRO A 57 7.10 0.23 -7.41
C PRO A 57 6.53 1.42 -8.17
N GLY A 58 7.09 2.59 -7.97
CA GLY A 58 6.60 3.79 -8.69
C GLY A 58 5.26 4.26 -8.10
N TYR A 59 4.64 3.47 -7.27
CA TYR A 59 3.33 3.90 -6.70
C TYR A 59 3.53 4.45 -5.28
N VAL A 60 2.96 5.60 -5.00
CA VAL A 60 3.10 6.19 -3.64
C VAL A 60 1.73 6.69 -3.18
N PHE A 61 1.46 6.66 -1.91
CA PHE A 61 0.12 7.13 -1.43
C PHE A 61 0.29 8.47 -0.70
N VAL A 62 -0.44 9.47 -1.13
CA VAL A 62 -0.34 10.80 -0.47
C VAL A 62 -1.73 11.36 -0.23
N GLU A 63 -1.91 12.08 0.86
CA GLU A 63 -3.24 12.68 1.15
C GLU A 63 -3.16 14.19 0.95
N MET A 64 -4.04 14.75 0.17
CA MET A 64 -3.96 16.22 -0.07
C MET A 64 -5.34 16.81 -0.37
N ILE A 65 -5.45 18.09 -0.27
CA ILE A 65 -6.76 18.77 -0.56
C ILE A 65 -6.85 19.04 -2.07
N MET A 66 -7.91 18.61 -2.70
CA MET A 66 -8.04 18.83 -4.17
C MET A 66 -8.39 20.29 -4.44
N ASN A 67 -7.83 20.84 -5.49
CA ASN A 67 -8.11 22.26 -5.83
C ASN A 67 -7.24 22.65 -7.04
N ASP A 68 -7.42 23.84 -7.55
CA ASP A 68 -6.60 24.28 -8.72
C ASP A 68 -5.16 24.54 -8.27
N GLU A 69 -4.99 25.16 -7.13
CA GLU A 69 -3.61 25.44 -6.64
C GLU A 69 -2.94 24.14 -6.19
N ALA A 70 -3.70 23.22 -5.68
CA ALA A 70 -3.10 21.94 -5.21
C ALA A 70 -2.67 21.10 -6.41
N TYR A 71 -3.51 20.97 -7.40
CA TYR A 71 -3.15 20.15 -8.59
C TYR A 71 -1.91 20.76 -9.27
N ASN A 72 -1.92 22.04 -9.50
CA ASN A 72 -0.75 22.68 -10.17
C ASN A 72 0.49 22.55 -9.29
N PHE A 73 0.33 22.49 -8.00
CA PHE A 73 1.52 22.37 -7.11
C PHE A 73 1.99 20.91 -7.06
N VAL A 74 1.08 19.99 -6.98
CA VAL A 74 1.48 18.55 -6.94
C VAL A 74 2.04 18.13 -8.31
N ARG A 75 1.28 18.35 -9.35
CA ARG A 75 1.75 17.98 -10.71
C ARG A 75 3.15 18.56 -10.95
N SER A 76 3.42 19.70 -10.38
CA SER A 76 4.75 20.34 -10.57
C SER A 76 5.78 19.68 -9.65
N VAL A 77 5.41 18.63 -8.97
CA VAL A 77 6.37 17.96 -8.06
C VAL A 77 7.54 17.37 -8.87
N PRO A 78 8.77 17.60 -8.41
CA PRO A 78 9.97 17.11 -9.09
C PRO A 78 10.09 15.59 -9.02
N TYR A 79 10.45 14.96 -10.12
CA TYR A 79 10.58 13.48 -10.13
C TYR A 79 9.18 12.85 -10.18
N VAL A 80 8.15 13.64 -10.16
CA VAL A 80 6.77 13.08 -10.21
C VAL A 80 6.35 12.89 -11.68
N MET A 81 5.92 11.72 -12.04
CA MET A 81 5.50 11.48 -13.44
C MET A 81 4.01 11.82 -13.60
N GLY A 82 3.34 12.13 -12.53
CA GLY A 82 1.89 12.47 -12.62
C GLY A 82 1.13 11.75 -11.50
N PHE A 83 -0.13 11.47 -11.71
CA PHE A 83 -0.92 10.77 -10.66
C PHE A 83 -1.89 9.79 -11.31
N VAL A 84 -2.10 8.65 -10.72
CA VAL A 84 -3.02 7.66 -11.32
C VAL A 84 -4.45 8.24 -11.34
N SER A 85 -5.10 8.21 -12.47
CA SER A 85 -6.48 8.76 -12.55
C SER A 85 -7.16 8.24 -13.81
N SER A 86 -8.46 8.32 -13.86
CA SER A 86 -9.19 7.82 -15.07
C SER A 86 -9.31 8.97 -16.09
N GLY A 87 -9.48 10.17 -15.61
CA GLY A 87 -9.61 11.32 -16.55
C GLY A 87 -8.55 12.36 -16.21
N GLY A 88 -8.84 13.27 -15.32
CA GLY A 88 -7.85 14.31 -14.94
C GLY A 88 -7.26 13.98 -13.57
N GLN A 89 -7.28 14.93 -12.67
CA GLN A 89 -6.71 14.69 -11.31
C GLN A 89 -6.96 13.24 -10.89
N PRO A 90 -6.13 12.73 -9.97
CA PRO A 90 -6.25 11.36 -9.47
C PRO A 90 -7.49 11.16 -8.61
N VAL A 91 -7.92 9.94 -8.44
CA VAL A 91 -9.12 9.68 -7.61
C VAL A 91 -8.69 9.24 -6.21
N PRO A 92 -9.56 9.47 -5.21
CA PRO A 92 -9.27 9.10 -3.81
C PRO A 92 -9.29 7.59 -3.61
N VAL A 93 -8.50 7.08 -2.72
CA VAL A 93 -8.47 5.61 -2.48
C VAL A 93 -9.57 5.24 -1.47
N LYS A 94 -10.21 4.13 -1.66
CA LYS A 94 -11.29 3.72 -0.71
C LYS A 94 -10.68 3.39 0.65
N ASP A 95 -11.16 4.01 1.70
CA ASP A 95 -10.60 3.73 3.05
C ASP A 95 -10.40 2.22 3.22
N ARG A 96 -11.37 1.44 2.84
CA ARG A 96 -11.23 -0.04 2.97
C ARG A 96 -9.96 -0.51 2.26
N GLU A 97 -9.58 0.16 1.21
CA GLU A 97 -8.36 -0.23 0.47
C GLU A 97 -7.11 0.27 1.21
N MET A 98 -7.26 1.31 1.99
CA MET A 98 -6.09 1.84 2.74
C MET A 98 -5.91 1.05 4.05
N ARG A 99 -6.97 0.44 4.53
CA ARG A 99 -6.87 -0.33 5.79
C ARG A 99 -5.52 -1.07 5.85
N PRO A 100 -5.19 -1.82 4.79
CA PRO A 100 -3.93 -2.58 4.73
C PRO A 100 -2.72 -1.66 4.60
N ILE A 101 -2.89 -0.51 4.00
CA ILE A 101 -1.74 0.43 3.85
C ILE A 101 -1.54 1.21 5.15
N LEU A 102 -2.61 1.64 5.77
CA LEU A 102 -2.48 2.40 7.05
C LEU A 102 -1.98 1.46 8.15
N ARG A 103 -2.48 0.26 8.19
CA ARG A 103 -2.03 -0.71 9.22
C ARG A 103 -0.54 -0.99 9.02
N LEU A 104 -0.16 -1.32 7.82
CA LEU A 104 1.27 -1.61 7.54
C LEU A 104 2.07 -0.30 7.58
N ALA A 105 1.48 0.77 7.11
CA ALA A 105 2.20 2.06 7.12
C ALA A 105 2.33 2.59 8.55
N GLY A 106 1.82 1.87 9.51
CA GLY A 106 1.93 2.34 10.92
C GLY A 106 0.91 3.47 11.17
N LEU A 107 0.05 3.71 10.22
CA LEU A 107 -0.96 4.79 10.39
C LEU A 107 -2.08 4.29 11.31
N GLU A 108 -2.22 3.00 11.45
CA GLU A 108 -3.29 2.45 12.32
C GLU A 108 -2.78 1.19 13.03
N GLU A 109 -2.96 1.11 14.32
CA GLU A 109 -2.50 -0.10 15.06
C GLU A 109 -3.69 -0.79 15.72
N TYR A 110 -4.02 -1.98 15.29
CA TYR A 110 -5.17 -2.70 15.90
C TYR A 110 -4.72 -4.08 16.39
N GLU A 111 -5.57 -4.77 17.10
CA GLU A 111 -5.19 -6.12 17.60
C GLU A 111 -5.81 -7.19 16.69
N GLU A 112 -6.97 -7.67 17.05
CA GLU A 112 -7.63 -8.71 16.22
C GLU A 112 -6.60 -9.77 15.81
N LYS A 113 -6.22 -10.62 16.73
CA LYS A 113 -5.22 -11.67 16.39
C LYS A 113 -5.25 -12.76 17.47
N LYS A 114 -6.41 -13.11 17.94
CA LYS A 114 -6.51 -14.16 18.98
C LYS A 114 -6.96 -15.47 18.33
N LYS A 115 -6.56 -15.71 17.11
CA LYS A 115 -6.97 -16.97 16.43
C LYS A 115 -5.72 -17.66 15.85
N PRO A 116 -4.75 -17.97 16.72
CA PRO A 116 -3.50 -18.63 16.31
C PRO A 116 -3.74 -20.08 15.91
N VAL A 117 -4.16 -20.32 14.69
CA VAL A 117 -4.42 -21.71 14.24
C VAL A 117 -3.66 -21.98 12.93
N LYS A 118 -2.90 -23.03 12.87
CA LYS A 118 -2.15 -23.35 11.63
C LYS A 118 -3.04 -24.12 10.67
N VAL A 119 -3.02 -23.78 9.41
CA VAL A 119 -3.87 -24.51 8.42
C VAL A 119 -2.99 -25.40 7.55
N GLU A 120 -3.44 -26.58 7.25
CA GLU A 120 -2.62 -27.51 6.40
C GLU A 120 -3.57 -28.42 5.60
N LEU A 121 -3.03 -29.16 4.67
CA LEU A 121 -3.88 -30.08 3.86
C LEU A 121 -4.60 -29.28 2.77
N GLY A 122 -5.09 -29.95 1.77
CA GLY A 122 -5.80 -29.24 0.66
C GLY A 122 -5.03 -27.97 0.29
N PHE A 123 -3.74 -27.98 0.43
CA PHE A 123 -2.93 -26.78 0.09
C PHE A 123 -2.10 -27.07 -1.17
N LYS A 124 -2.23 -26.28 -2.19
CA LYS A 124 -1.44 -26.54 -3.43
C LYS A 124 -1.18 -25.22 -4.16
N VAL A 125 -0.15 -25.19 -4.97
CA VAL A 125 0.16 -23.94 -5.71
C VAL A 125 -0.99 -23.59 -6.66
N GLY A 126 -1.27 -22.33 -6.83
CA GLY A 126 -2.38 -21.93 -7.73
C GLY A 126 -3.70 -21.97 -6.96
N ASP A 127 -3.82 -22.87 -6.02
CA ASP A 127 -5.07 -22.98 -5.23
C ASP A 127 -5.48 -21.58 -4.74
N MET A 128 -6.71 -21.42 -4.32
CA MET A 128 -7.14 -20.09 -3.84
C MET A 128 -7.00 -20.04 -2.31
N VAL A 129 -6.31 -19.08 -1.79
CA VAL A 129 -6.15 -18.99 -0.31
C VAL A 129 -6.64 -17.63 0.17
N LYS A 130 -7.28 -17.58 1.30
CA LYS A 130 -7.78 -16.28 1.82
C LYS A 130 -6.92 -15.85 3.02
N ILE A 131 -6.65 -14.59 3.16
CA ILE A 131 -5.83 -14.13 4.30
C ILE A 131 -6.73 -13.97 5.53
N ILE A 132 -6.19 -14.11 6.70
CA ILE A 132 -7.02 -13.95 7.92
C ILE A 132 -6.16 -13.44 9.07
N SER A 133 -4.90 -13.19 8.82
CA SER A 133 -4.02 -12.71 9.92
C SER A 133 -2.99 -11.72 9.35
N GLY A 134 -2.69 -10.69 10.07
CA GLY A 134 -1.68 -9.70 9.57
C GLY A 134 -2.38 -8.40 9.16
N PRO A 135 -1.64 -7.50 8.52
CA PRO A 135 -2.15 -6.20 8.06
C PRO A 135 -3.15 -6.35 6.90
N PHE A 136 -3.15 -7.46 6.22
CA PHE A 136 -4.09 -7.63 5.09
C PHE A 136 -5.19 -8.62 5.49
N GLU A 137 -5.34 -8.89 6.76
CA GLU A 137 -6.38 -9.84 7.22
C GLU A 137 -7.66 -9.65 6.40
N ASP A 138 -8.34 -10.72 6.10
CA ASP A 138 -9.62 -10.61 5.32
C ASP A 138 -9.32 -10.35 3.84
N PHE A 139 -8.14 -10.65 3.37
CA PHE A 139 -7.83 -10.41 1.93
C PHE A 139 -7.75 -11.74 1.20
N ALA A 140 -8.42 -11.87 0.08
CA ALA A 140 -8.38 -13.14 -0.69
C ALA A 140 -7.15 -13.16 -1.60
N GLY A 141 -6.42 -14.24 -1.62
CA GLY A 141 -5.21 -14.31 -2.48
C GLY A 141 -5.05 -15.71 -3.08
N VAL A 142 -4.18 -15.87 -4.03
CA VAL A 142 -3.97 -17.20 -4.66
C VAL A 142 -2.61 -17.74 -4.23
N ILE A 143 -2.54 -18.99 -3.88
CA ILE A 143 -1.23 -19.57 -3.46
C ILE A 143 -0.28 -19.62 -4.65
N LYS A 144 0.78 -18.88 -4.62
CA LYS A 144 1.74 -18.89 -5.77
C LYS A 144 2.89 -19.85 -5.47
N GLU A 145 3.29 -19.94 -4.23
CA GLU A 145 4.41 -20.87 -3.89
C GLU A 145 4.26 -21.34 -2.44
N ILE A 146 4.66 -22.56 -2.17
CA ILE A 146 4.53 -23.09 -0.78
C ILE A 146 5.93 -23.46 -0.26
N ASP A 147 6.32 -22.89 0.86
CA ASP A 147 7.66 -23.21 1.42
C ASP A 147 7.51 -24.10 2.66
N PRO A 148 7.67 -25.42 2.49
CA PRO A 148 7.56 -26.38 3.58
C PRO A 148 8.74 -26.29 4.55
N GLU A 149 8.68 -27.02 5.64
CA GLU A 149 9.81 -26.98 6.62
C GLU A 149 9.67 -25.75 7.51
N ARG A 150 8.95 -24.74 7.06
CA ARG A 150 8.79 -23.52 7.89
C ARG A 150 7.30 -23.18 8.01
N GLN A 151 6.47 -23.81 7.23
CA GLN A 151 5.02 -23.52 7.30
C GLN A 151 4.74 -22.12 6.76
N GLU A 152 5.27 -21.78 5.62
CA GLU A 152 5.03 -20.44 5.04
C GLU A 152 4.41 -20.59 3.65
N LEU A 153 3.54 -19.70 3.26
CA LEU A 153 2.91 -19.84 1.92
C LEU A 153 2.88 -18.49 1.21
N LYS A 154 3.47 -18.41 0.04
CA LYS A 154 3.46 -17.14 -0.72
C LYS A 154 2.13 -17.03 -1.46
N VAL A 155 1.47 -15.90 -1.36
CA VAL A 155 0.16 -15.75 -2.06
C VAL A 155 0.15 -14.47 -2.89
N ASN A 156 -0.54 -14.48 -3.99
CA ASN A 156 -0.60 -13.26 -4.84
C ASN A 156 -1.87 -12.48 -4.52
N VAL A 157 -1.73 -11.31 -3.96
CA VAL A 157 -2.94 -10.50 -3.62
C VAL A 157 -3.24 -9.52 -4.76
N THR A 158 -4.49 -9.31 -5.05
CA THR A 158 -4.87 -8.38 -6.15
C THR A 158 -5.13 -6.99 -5.58
N ILE A 159 -4.16 -6.12 -5.59
CA ILE A 159 -4.37 -4.76 -5.04
C ILE A 159 -4.08 -3.72 -6.13
N PHE A 160 -4.85 -2.68 -6.18
CA PHE A 160 -4.64 -1.62 -7.21
C PHE A 160 -4.80 -2.24 -8.60
N GLY A 161 -5.77 -3.08 -8.78
CA GLY A 161 -5.99 -3.71 -10.11
C GLY A 161 -4.73 -4.45 -10.55
N ARG A 162 -3.84 -4.71 -9.64
CA ARG A 162 -2.58 -5.43 -10.00
C ARG A 162 -2.37 -6.61 -9.05
N GLU A 163 -1.71 -7.64 -9.51
CA GLU A 163 -1.47 -8.83 -8.63
C GLU A 163 -0.09 -8.71 -7.99
N THR A 164 0.02 -9.00 -6.72
CA THR A 164 1.33 -8.92 -6.04
C THR A 164 1.44 -10.01 -4.98
N PRO A 165 2.54 -10.79 -5.02
CA PRO A 165 2.77 -11.88 -4.06
C PRO A 165 3.08 -11.34 -2.66
N VAL A 166 2.52 -11.93 -1.64
CA VAL A 166 2.78 -11.44 -0.26
C VAL A 166 3.33 -12.59 0.58
N VAL A 167 4.26 -12.31 1.45
CA VAL A 167 4.84 -13.38 2.31
C VAL A 167 4.06 -13.45 3.63
N LEU A 168 3.45 -14.56 3.91
CA LEU A 168 2.68 -14.68 5.18
C LEU A 168 2.85 -16.08 5.79
N HIS A 169 2.43 -16.24 7.01
CA HIS A 169 2.54 -17.56 7.69
C HIS A 169 1.36 -18.44 7.26
N VAL A 170 1.60 -19.70 7.05
CA VAL A 170 0.48 -20.60 6.64
C VAL A 170 -0.64 -20.48 7.65
N SER A 171 -0.31 -20.32 8.90
CA SER A 171 -1.37 -20.19 9.96
C SER A 171 -1.99 -18.80 9.88
N GLU A 172 -1.47 -17.93 9.07
CA GLU A 172 -2.04 -16.56 8.98
C GLU A 172 -3.01 -16.48 7.79
N VAL A 173 -3.14 -17.54 7.03
CA VAL A 173 -4.07 -17.51 5.87
C VAL A 173 -4.93 -18.78 5.85
N GLU A 174 -5.91 -18.81 5.00
CA GLU A 174 -6.79 -20.00 4.92
C GLU A 174 -6.85 -20.46 3.46
N LYS A 175 -6.92 -21.75 3.22
CA LYS A 175 -6.97 -22.24 1.82
C LYS A 175 -8.42 -22.56 1.45
N ILE A 176 -9.36 -21.86 2.03
CA ILE A 176 -10.79 -22.11 1.71
C ILE A 176 -11.03 -23.62 1.63
N GLU A 177 -10.99 -24.18 0.44
CA GLU A 177 -11.23 -25.65 0.30
C GLU A 177 -9.89 -26.38 0.29
N GLY A 1 -13.91 21.78 1.25
CA GLY A 1 -13.04 22.78 1.93
C GLY A 1 -11.68 22.16 2.23
N ALA A 2 -10.75 22.94 2.68
CA ALA A 2 -9.40 22.40 2.99
C ALA A 2 -9.51 21.35 4.09
N MET A 3 -10.48 21.47 4.95
CA MET A 3 -10.66 20.48 6.04
C MET A 3 -10.91 19.10 5.44
N LYS A 4 -11.40 19.05 4.23
CA LYS A 4 -11.66 17.74 3.58
C LYS A 4 -10.47 17.34 2.73
N LYS A 5 -9.86 16.21 3.02
CA LYS A 5 -8.68 15.77 2.21
C LYS A 5 -8.84 14.29 1.86
N LYS A 6 -8.26 13.87 0.77
CA LYS A 6 -8.38 12.44 0.37
C LYS A 6 -6.99 11.91 0.03
N TRP A 7 -6.86 10.62 -0.17
CA TRP A 7 -5.53 10.06 -0.52
C TRP A 7 -5.49 9.71 -2.01
N TYR A 8 -4.52 10.20 -2.72
CA TYR A 8 -4.44 9.90 -4.17
C TYR A 8 -3.14 9.11 -4.45
N ILE A 9 -3.02 8.55 -5.62
CA ILE A 9 -1.78 7.78 -5.94
C ILE A 9 -0.89 8.61 -6.86
N VAL A 10 0.28 8.99 -6.40
CA VAL A 10 1.18 9.79 -7.25
C VAL A 10 2.12 8.86 -8.02
N LEU A 11 2.36 9.13 -9.28
CA LEU A 11 3.26 8.26 -10.08
C LEU A 11 4.70 8.74 -9.92
N THR A 12 5.63 7.84 -9.85
CA THR A 12 7.05 8.24 -9.70
C THR A 12 7.96 7.15 -10.28
N MET A 13 9.24 7.39 -10.32
CA MET A 13 10.16 6.36 -10.88
C MET A 13 10.75 5.53 -9.74
N SER A 14 10.53 4.24 -9.77
CA SER A 14 11.06 3.37 -8.68
C SER A 14 12.48 3.80 -8.33
N GLY A 15 12.74 4.07 -7.08
CA GLY A 15 14.12 4.50 -6.67
C GLY A 15 14.09 5.99 -6.33
N TYR A 16 13.10 6.70 -6.79
CA TYR A 16 13.01 8.15 -6.50
C TYR A 16 11.87 8.41 -5.52
N GLU A 17 10.96 7.49 -5.40
CA GLU A 17 9.82 7.68 -4.46
C GLU A 17 10.32 8.31 -3.16
N GLU A 18 11.10 7.58 -2.41
CA GLU A 18 11.62 8.13 -1.13
C GLU A 18 12.16 9.54 -1.36
N LYS A 19 12.79 9.77 -2.47
CA LYS A 19 13.33 11.13 -2.76
C LYS A 19 12.16 12.09 -3.01
N VAL A 20 11.11 11.62 -3.61
CA VAL A 20 9.94 12.50 -3.87
C VAL A 20 9.27 12.85 -2.54
N LYS A 21 9.14 11.90 -1.66
CA LYS A 21 8.50 12.18 -0.35
C LYS A 21 9.25 13.31 0.36
N GLU A 22 10.55 13.21 0.46
CA GLU A 22 11.33 14.29 1.13
C GLU A 22 11.16 15.59 0.34
N ASN A 23 11.04 15.49 -0.95
CA ASN A 23 10.87 16.72 -1.78
C ASN A 23 9.53 17.38 -1.44
N ILE A 24 8.53 16.59 -1.12
CA ILE A 24 7.21 17.18 -0.78
C ILE A 24 7.32 17.94 0.54
N GLU A 25 7.95 17.36 1.52
CA GLU A 25 8.08 18.07 2.83
C GLU A 25 8.72 19.44 2.61
N LYS A 26 9.78 19.50 1.85
CA LYS A 26 10.45 20.80 1.61
C LYS A 26 9.62 21.64 0.62
N LYS A 27 9.01 21.00 -0.34
CA LYS A 27 8.19 21.75 -1.32
C LYS A 27 7.15 22.60 -0.58
N VAL A 28 6.67 22.11 0.54
CA VAL A 28 5.66 22.87 1.32
C VAL A 28 6.37 23.82 2.29
N GLU A 29 7.59 23.53 2.64
CA GLU A 29 8.33 24.42 3.58
C GLU A 29 8.72 25.72 2.87
N ALA A 30 9.44 25.62 1.78
CA ALA A 30 9.83 26.85 1.05
C ALA A 30 8.58 27.61 0.58
N THR A 31 7.49 26.91 0.42
CA THR A 31 6.24 27.58 -0.03
C THR A 31 5.36 27.89 1.18
N GLY A 32 5.61 27.25 2.29
CA GLY A 32 4.79 27.51 3.51
C GLY A 32 3.35 27.10 3.24
N ILE A 33 3.13 26.19 2.34
CA ILE A 33 1.74 25.75 2.02
C ILE A 33 1.42 24.47 2.80
N LYS A 34 1.15 24.59 4.07
CA LYS A 34 0.83 23.38 4.88
C LYS A 34 -0.67 23.12 4.82
N ASN A 35 -1.33 23.62 3.81
CA ASN A 35 -2.80 23.41 3.69
C ASN A 35 -3.11 22.62 2.42
N LEU A 36 -2.13 22.45 1.57
CA LEU A 36 -2.38 21.69 0.31
C LEU A 36 -1.93 20.24 0.49
N VAL A 37 -0.72 20.03 0.95
CA VAL A 37 -0.23 18.65 1.15
C VAL A 37 -0.46 18.23 2.61
N GLY A 38 -0.93 17.04 2.83
CA GLY A 38 -1.18 16.58 4.23
C GLY A 38 -0.20 15.47 4.59
N ARG A 39 -0.70 14.31 4.92
CA ARG A 39 0.21 13.19 5.29
C ARG A 39 0.54 12.35 4.05
N ILE A 40 1.77 11.93 3.93
CA ILE A 40 2.15 11.10 2.75
C ILE A 40 2.37 9.65 3.20
N VAL A 41 1.82 8.71 2.48
CA VAL A 41 2.01 7.29 2.88
C VAL A 41 2.66 6.52 1.72
N ILE A 42 3.68 5.75 2.01
CA ILE A 42 4.34 4.99 0.92
C ILE A 42 4.36 3.50 1.27
N PRO A 43 3.85 2.66 0.36
CA PRO A 43 3.79 1.21 0.56
C PRO A 43 5.20 0.59 0.54
N ILE A 44 6.20 1.39 0.30
CA ILE A 44 7.59 0.86 0.27
C ILE A 44 8.00 0.39 1.68
N ARG A 45 7.44 0.99 2.70
CA ARG A 45 7.79 0.57 4.08
C ARG A 45 7.85 -0.96 4.16
N GLY A 46 6.89 -1.62 3.60
CA GLY A 46 6.91 -3.12 3.64
C GLY A 46 7.19 -3.59 5.07
N GLY A 47 8.33 -4.17 5.29
CA GLY A 47 8.67 -4.65 6.67
C GLY A 47 9.87 -5.60 6.59
N GLN A 48 10.43 -5.94 7.72
CA GLN A 48 11.60 -6.87 7.71
C GLN A 48 11.19 -8.20 7.09
N ARG A 49 9.91 -8.48 7.05
CA ARG A 49 9.44 -9.77 6.47
C ARG A 49 10.20 -10.04 5.17
N ARG A 50 10.28 -9.07 4.30
CA ARG A 50 11.00 -9.28 3.02
C ARG A 50 12.21 -8.33 2.96
N LYS A 51 13.33 -8.83 2.51
CA LYS A 51 14.54 -7.97 2.44
C LYS A 51 14.31 -6.86 1.40
N SER A 52 13.70 -7.20 0.29
CA SER A 52 13.43 -6.17 -0.75
C SER A 52 12.55 -5.08 -0.16
N GLU A 53 12.03 -4.20 -0.98
CA GLU A 53 11.16 -3.11 -0.46
C GLU A 53 10.31 -2.54 -1.60
N LYS A 54 9.42 -1.65 -1.30
CA LYS A 54 8.56 -1.04 -2.36
C LYS A 54 7.47 -2.05 -2.75
N LEU A 55 6.39 -2.09 -2.02
CA LEU A 55 5.29 -3.03 -2.39
C LEU A 55 4.81 -2.70 -3.79
N PHE A 56 4.67 -1.44 -4.09
CA PHE A 56 4.21 -1.03 -5.46
C PHE A 56 5.18 0.02 -6.01
N PRO A 57 6.04 -0.39 -6.95
CA PRO A 57 7.03 0.51 -7.55
C PRO A 57 6.38 1.64 -8.34
N GLY A 58 6.88 2.84 -8.18
CA GLY A 58 6.31 3.99 -8.93
C GLY A 58 4.99 4.45 -8.28
N TYR A 59 4.36 3.63 -7.48
CA TYR A 59 3.07 4.05 -6.87
C TYR A 59 3.30 4.61 -5.47
N VAL A 60 2.77 5.78 -5.21
CA VAL A 60 2.93 6.40 -3.85
C VAL A 60 1.57 6.90 -3.39
N PHE A 61 1.30 6.87 -2.11
CA PHE A 61 -0.03 7.35 -1.61
C PHE A 61 0.14 8.67 -0.87
N VAL A 62 -0.58 9.68 -1.29
CA VAL A 62 -0.46 11.01 -0.61
C VAL A 62 -1.86 11.60 -0.38
N GLU A 63 -2.04 12.32 0.69
CA GLU A 63 -3.37 12.94 0.97
C GLU A 63 -3.24 14.45 0.81
N MET A 64 -4.08 15.07 0.02
CA MET A 64 -3.95 16.54 -0.17
C MET A 64 -5.30 17.18 -0.49
N ILE A 65 -5.37 18.48 -0.35
CA ILE A 65 -6.64 19.21 -0.66
C ILE A 65 -6.71 19.47 -2.16
N MET A 66 -7.78 19.05 -2.78
CA MET A 66 -7.89 19.25 -4.26
C MET A 66 -8.25 20.71 -4.55
N ASN A 67 -7.70 21.24 -5.62
CA ASN A 67 -7.98 22.66 -5.99
C ASN A 67 -7.15 23.02 -7.22
N ASP A 68 -7.41 24.16 -7.81
CA ASP A 68 -6.63 24.57 -9.01
C ASP A 68 -5.19 24.87 -8.61
N GLU A 69 -5.00 25.54 -7.50
CA GLU A 69 -3.62 25.88 -7.06
C GLU A 69 -2.96 24.65 -6.42
N ALA A 70 -3.74 23.78 -5.83
CA ALA A 70 -3.15 22.57 -5.20
C ALA A 70 -2.70 21.60 -6.27
N TYR A 71 -3.55 21.32 -7.23
CA TYR A 71 -3.18 20.37 -8.31
C TYR A 71 -1.97 20.93 -9.08
N ASN A 72 -2.02 22.17 -9.46
CA ASN A 72 -0.88 22.76 -10.22
C ASN A 72 0.39 22.71 -9.37
N PHE A 73 0.25 22.78 -8.07
CA PHE A 73 1.44 22.75 -7.19
C PHE A 73 1.90 21.30 -7.01
N VAL A 74 0.99 20.39 -6.83
CA VAL A 74 1.37 18.96 -6.65
C VAL A 74 1.93 18.42 -7.97
N ARG A 75 1.17 18.51 -9.03
CA ARG A 75 1.66 17.99 -10.34
C ARG A 75 3.01 18.63 -10.68
N SER A 76 3.35 19.71 -10.03
CA SER A 76 4.65 20.38 -10.33
C SER A 76 5.73 19.84 -9.40
N VAL A 77 5.43 18.83 -8.64
CA VAL A 77 6.46 18.25 -7.72
C VAL A 77 7.61 17.67 -8.53
N PRO A 78 8.86 17.90 -8.10
CA PRO A 78 10.05 17.39 -8.78
C PRO A 78 10.15 15.87 -8.68
N TYR A 79 10.51 15.22 -9.75
CA TYR A 79 10.65 13.74 -9.71
C TYR A 79 9.25 13.10 -9.74
N VAL A 80 8.22 13.89 -9.71
CA VAL A 80 6.84 13.32 -9.73
C VAL A 80 6.41 13.14 -11.19
N MET A 81 5.93 11.97 -11.53
CA MET A 81 5.49 11.73 -12.93
C MET A 81 4.03 12.14 -13.08
N GLY A 82 3.37 12.47 -12.01
CA GLY A 82 1.95 12.87 -12.09
C GLY A 82 1.10 11.98 -11.18
N PHE A 83 -0.10 11.67 -11.57
CA PHE A 83 -0.96 10.81 -10.72
C PHE A 83 -1.75 9.83 -11.61
N VAL A 84 -2.04 8.66 -11.10
CA VAL A 84 -2.80 7.67 -11.91
C VAL A 84 -4.28 8.08 -11.95
N SER A 85 -4.88 8.04 -13.10
CA SER A 85 -6.32 8.43 -13.20
C SER A 85 -6.90 7.91 -14.51
N SER A 86 -8.21 7.87 -14.61
CA SER A 86 -8.85 7.38 -15.86
C SER A 86 -9.09 8.55 -16.81
N GLY A 87 -9.38 9.70 -16.27
CA GLY A 87 -9.62 10.90 -17.13
C GLY A 87 -8.69 12.03 -16.72
N GLY A 88 -9.07 12.80 -15.73
CA GLY A 88 -8.19 13.91 -15.28
C GLY A 88 -7.62 13.59 -13.90
N GLN A 89 -7.64 14.53 -13.00
CA GLN A 89 -7.08 14.30 -11.63
C GLN A 89 -7.23 12.82 -11.24
N PRO A 90 -6.30 12.33 -10.40
CA PRO A 90 -6.30 10.94 -9.95
C PRO A 90 -7.49 10.62 -9.03
N VAL A 91 -8.05 9.45 -9.15
CA VAL A 91 -9.20 9.09 -8.27
C VAL A 91 -8.69 8.77 -6.87
N PRO A 92 -9.47 9.11 -5.83
CA PRO A 92 -9.09 8.86 -4.44
C PRO A 92 -9.11 7.37 -4.11
N VAL A 93 -8.28 6.94 -3.20
CA VAL A 93 -8.24 5.50 -2.84
C VAL A 93 -9.45 5.16 -1.96
N LYS A 94 -10.08 4.04 -2.20
CA LYS A 94 -11.26 3.65 -1.38
C LYS A 94 -10.79 3.19 0.01
N ASP A 95 -11.42 3.67 1.05
CA ASP A 95 -11.00 3.26 2.42
C ASP A 95 -10.77 1.75 2.45
N ARG A 96 -11.62 0.99 1.81
CA ARG A 96 -11.45 -0.49 1.81
C ARG A 96 -10.12 -0.84 1.15
N GLU A 97 -9.64 0.00 0.27
CA GLU A 97 -8.34 -0.29 -0.40
C GLU A 97 -7.19 0.23 0.47
N MET A 98 -7.45 1.22 1.27
CA MET A 98 -6.36 1.78 2.14
C MET A 98 -6.27 0.97 3.43
N ARG A 99 -7.33 0.30 3.79
CA ARG A 99 -7.32 -0.51 5.04
C ARG A 99 -6.00 -1.28 5.14
N PRO A 100 -5.61 -1.97 4.06
CA PRO A 100 -4.36 -2.75 4.03
C PRO A 100 -3.13 -1.84 3.93
N ILE A 101 -3.29 -0.68 3.35
CA ILE A 101 -2.13 0.25 3.22
C ILE A 101 -1.92 1.00 4.55
N LEU A 102 -2.99 1.37 5.20
CA LEU A 102 -2.86 2.09 6.50
C LEU A 102 -2.31 1.13 7.56
N ARG A 103 -2.77 -0.10 7.56
CA ARG A 103 -2.27 -1.07 8.56
C ARG A 103 -0.78 -1.32 8.33
N LEU A 104 -0.40 -1.61 7.12
CA LEU A 104 1.04 -1.86 6.83
C LEU A 104 1.80 -0.53 6.89
N ALA A 105 1.18 0.53 6.44
CA ALA A 105 1.86 1.85 6.46
C ALA A 105 2.01 2.34 7.90
N GLY A 106 1.51 1.60 8.85
CA GLY A 106 1.64 2.04 10.27
C GLY A 106 0.65 3.16 10.56
N LEU A 107 -0.25 3.42 9.65
CA LEU A 107 -1.26 4.51 9.87
C LEU A 107 -2.28 4.04 10.92
N GLU A 108 -2.35 2.76 11.17
CA GLU A 108 -3.32 2.25 12.17
C GLU A 108 -2.59 1.88 13.45
N GLU A 109 -3.29 1.81 14.56
CA GLU A 109 -2.62 1.46 15.84
C GLU A 109 -3.03 0.05 16.25
N TYR A 110 -2.16 -0.91 16.03
CA TYR A 110 -2.50 -2.31 16.41
C TYR A 110 -1.23 -3.04 16.85
N GLU A 111 -1.37 -4.09 17.61
CA GLU A 111 -0.17 -4.84 18.08
C GLU A 111 0.07 -6.03 17.17
N GLU A 112 -0.49 -7.16 17.51
CA GLU A 112 -0.29 -8.38 16.65
C GLU A 112 -1.56 -9.23 16.67
N LYS A 113 -1.80 -9.98 15.63
CA LYS A 113 -3.02 -10.83 15.59
C LYS A 113 -3.28 -11.43 16.97
N LYS A 114 -4.53 -11.58 17.33
CA LYS A 114 -4.86 -12.14 18.67
C LYS A 114 -3.99 -13.38 18.93
N LYS A 115 -4.06 -14.36 18.07
CA LYS A 115 -3.24 -15.59 18.28
C LYS A 115 -3.31 -16.47 17.04
N PRO A 116 -2.37 -17.41 16.90
CA PRO A 116 -2.33 -18.33 15.76
C PRO A 116 -3.47 -19.35 15.82
N VAL A 117 -4.04 -19.69 14.68
CA VAL A 117 -5.15 -20.67 14.67
C VAL A 117 -4.77 -21.86 13.78
N LYS A 118 -5.46 -22.97 13.93
CA LYS A 118 -5.14 -24.15 13.09
C LYS A 118 -6.14 -24.26 11.94
N VAL A 119 -5.68 -24.30 10.73
CA VAL A 119 -6.61 -24.39 9.58
C VAL A 119 -5.82 -24.70 8.30
N GLU A 120 -5.07 -25.78 8.30
CA GLU A 120 -4.27 -26.13 7.09
C GLU A 120 -5.22 -26.38 5.91
N LEU A 121 -5.74 -27.57 5.81
CA LEU A 121 -6.68 -27.88 4.68
C LEU A 121 -5.86 -28.13 3.41
N GLY A 122 -5.74 -29.36 3.00
CA GLY A 122 -4.96 -29.70 1.77
C GLY A 122 -4.80 -28.46 0.88
N PHE A 123 -3.73 -27.74 1.04
CA PHE A 123 -3.51 -26.53 0.20
C PHE A 123 -2.49 -26.85 -0.90
N LYS A 124 -2.68 -26.30 -2.07
CA LYS A 124 -1.73 -26.58 -3.18
C LYS A 124 -1.43 -25.29 -3.94
N VAL A 125 -0.41 -25.29 -4.75
CA VAL A 125 -0.06 -24.06 -5.52
C VAL A 125 -1.21 -23.73 -6.47
N GLY A 126 -1.48 -22.46 -6.66
CA GLY A 126 -2.59 -22.06 -7.57
C GLY A 126 -3.90 -22.06 -6.79
N ASP A 127 -4.04 -22.94 -5.84
CA ASP A 127 -5.30 -23.00 -5.05
C ASP A 127 -5.63 -21.58 -4.55
N MET A 128 -6.87 -21.36 -4.20
CA MET A 128 -7.26 -20.00 -3.71
C MET A 128 -7.18 -20.00 -2.19
N VAL A 129 -6.48 -19.05 -1.62
CA VAL A 129 -6.37 -18.99 -0.14
C VAL A 129 -6.80 -17.59 0.34
N LYS A 130 -7.47 -17.53 1.45
CA LYS A 130 -7.90 -16.21 1.97
C LYS A 130 -7.02 -15.83 3.16
N ILE A 131 -6.67 -14.59 3.29
CA ILE A 131 -5.81 -14.16 4.43
C ILE A 131 -6.70 -13.95 5.66
N ILE A 132 -6.16 -14.07 6.83
CA ILE A 132 -7.00 -13.86 8.05
C ILE A 132 -6.12 -13.34 9.18
N SER A 133 -4.86 -13.10 8.92
CA SER A 133 -3.97 -12.60 10.01
C SER A 133 -2.89 -11.70 9.41
N GLY A 134 -2.52 -10.67 10.13
CA GLY A 134 -1.47 -9.74 9.63
C GLY A 134 -2.10 -8.45 9.14
N PRO A 135 -1.31 -7.62 8.43
CA PRO A 135 -1.76 -6.33 7.90
C PRO A 135 -2.78 -6.49 6.77
N PHE A 136 -2.82 -7.63 6.14
CA PHE A 136 -3.80 -7.83 5.03
C PHE A 136 -4.88 -8.81 5.47
N GLU A 137 -4.98 -9.07 6.75
CA GLU A 137 -6.01 -10.03 7.24
C GLU A 137 -7.34 -9.76 6.52
N ASP A 138 -8.08 -10.79 6.22
CA ASP A 138 -9.39 -10.60 5.53
C ASP A 138 -9.18 -10.29 4.05
N PHE A 139 -8.08 -10.74 3.47
CA PHE A 139 -7.83 -10.45 2.04
C PHE A 139 -7.78 -11.76 1.26
N ALA A 140 -8.46 -11.83 0.13
CA ALA A 140 -8.44 -13.09 -0.66
C ALA A 140 -7.18 -13.14 -1.54
N GLY A 141 -6.51 -14.25 -1.56
CA GLY A 141 -5.26 -14.35 -2.38
C GLY A 141 -5.13 -15.76 -2.97
N VAL A 142 -4.24 -15.93 -3.91
CA VAL A 142 -4.05 -17.27 -4.52
C VAL A 142 -2.69 -17.83 -4.09
N ILE A 143 -2.65 -19.09 -3.75
CA ILE A 143 -1.36 -19.70 -3.31
C ILE A 143 -0.42 -19.81 -4.52
N LYS A 144 0.71 -19.16 -4.48
CA LYS A 144 1.65 -19.23 -5.63
C LYS A 144 2.73 -20.27 -5.34
N GLU A 145 3.11 -20.43 -4.10
CA GLU A 145 4.17 -21.43 -3.77
C GLU A 145 4.06 -21.83 -2.30
N ILE A 146 4.51 -23.03 -1.99
CA ILE A 146 4.45 -23.50 -0.58
C ILE A 146 5.85 -23.88 -0.10
N ASP A 147 6.28 -23.34 1.01
CA ASP A 147 7.64 -23.67 1.53
C ASP A 147 7.51 -24.53 2.77
N PRO A 148 7.66 -25.86 2.63
CA PRO A 148 7.56 -26.79 3.75
C PRO A 148 8.76 -26.68 4.70
N GLU A 149 8.72 -27.39 5.80
CA GLU A 149 9.86 -27.33 6.76
C GLU A 149 9.76 -26.06 7.62
N ARG A 150 9.04 -25.07 7.16
CA ARG A 150 8.90 -23.82 7.94
C ARG A 150 7.42 -23.46 8.09
N GLN A 151 6.58 -24.08 7.31
CA GLN A 151 5.12 -23.79 7.40
C GLN A 151 4.85 -22.39 6.85
N GLU A 152 5.38 -22.06 5.70
CA GLU A 152 5.14 -20.72 5.10
C GLU A 152 4.46 -20.89 3.75
N LEU A 153 3.58 -19.99 3.40
CA LEU A 153 2.88 -20.12 2.09
C LEU A 153 2.94 -18.79 1.33
N LYS A 154 3.33 -18.84 0.08
CA LYS A 154 3.40 -17.59 -0.72
C LYS A 154 2.07 -17.41 -1.46
N VAL A 155 1.49 -16.25 -1.39
CA VAL A 155 0.19 -16.03 -2.09
C VAL A 155 0.24 -14.73 -2.89
N ASN A 156 -0.45 -14.68 -3.99
CA ASN A 156 -0.47 -13.44 -4.82
C ASN A 156 -1.71 -12.62 -4.49
N VAL A 157 -1.54 -11.44 -3.96
CA VAL A 157 -2.72 -10.60 -3.61
C VAL A 157 -3.01 -9.61 -4.74
N THR A 158 -4.25 -9.37 -5.05
CA THR A 158 -4.58 -8.43 -6.14
C THR A 158 -4.87 -7.04 -5.57
N ILE A 159 -3.88 -6.18 -5.54
CA ILE A 159 -4.10 -4.81 -4.99
C ILE A 159 -3.84 -3.78 -6.10
N PHE A 160 -4.64 -2.76 -6.15
CA PHE A 160 -4.44 -1.71 -7.20
C PHE A 160 -4.63 -2.35 -8.58
N GLY A 161 -5.60 -3.22 -8.72
CA GLY A 161 -5.84 -3.88 -10.03
C GLY A 161 -4.58 -4.61 -10.48
N ARG A 162 -3.68 -4.87 -9.57
CA ARG A 162 -2.43 -5.60 -9.96
C ARG A 162 -2.22 -6.79 -9.04
N GLU A 163 -1.49 -7.78 -9.48
CA GLU A 163 -1.26 -8.99 -8.63
C GLU A 163 0.12 -8.89 -7.98
N THR A 164 0.22 -9.16 -6.70
CA THR A 164 1.53 -9.07 -6.02
C THR A 164 1.63 -10.19 -4.98
N PRO A 165 2.72 -10.98 -5.04
CA PRO A 165 2.96 -12.08 -4.10
C PRO A 165 3.27 -11.58 -2.69
N VAL A 166 2.67 -12.16 -1.69
CA VAL A 166 2.93 -11.70 -0.30
C VAL A 166 3.43 -12.87 0.55
N VAL A 167 4.36 -12.61 1.43
CA VAL A 167 4.89 -13.70 2.30
C VAL A 167 4.12 -13.73 3.61
N LEU A 168 3.47 -14.82 3.91
CA LEU A 168 2.70 -14.92 5.18
C LEU A 168 2.82 -16.31 5.79
N HIS A 169 2.38 -16.45 7.01
CA HIS A 169 2.47 -17.77 7.69
C HIS A 169 1.26 -18.62 7.28
N VAL A 170 1.46 -19.89 7.07
CA VAL A 170 0.32 -20.77 6.67
C VAL A 170 -0.80 -20.62 7.70
N SER A 171 -0.45 -20.49 8.95
CA SER A 171 -1.50 -20.36 10.01
C SER A 171 -2.10 -18.95 9.96
N GLU A 172 -1.55 -18.07 9.17
CA GLU A 172 -2.10 -16.69 9.09
C GLU A 172 -3.21 -16.64 8.05
N VAL A 173 -3.47 -17.73 7.37
CA VAL A 173 -4.54 -17.73 6.34
C VAL A 173 -5.28 -19.07 6.39
N GLU A 174 -6.32 -19.21 5.60
CA GLU A 174 -7.09 -20.49 5.59
C GLU A 174 -7.47 -20.82 4.15
N LYS A 175 -7.93 -22.01 3.91
CA LYS A 175 -8.33 -22.39 2.52
C LYS A 175 -9.78 -21.98 2.27
N ILE A 176 -10.32 -21.15 3.12
CA ILE A 176 -11.74 -20.70 2.93
C ILE A 176 -12.67 -21.91 3.12
N GLU A 177 -12.66 -22.82 2.19
CA GLU A 177 -13.56 -24.02 2.32
C GLU A 177 -13.17 -24.80 3.57
N GLY A 1 -11.15 23.78 1.42
CA GLY A 1 -10.80 22.37 1.06
C GLY A 1 -9.69 21.86 1.98
N ALA A 2 -9.24 22.68 2.90
CA ALA A 2 -8.16 22.24 3.82
C ALA A 2 -8.65 21.06 4.65
N MET A 3 -9.93 20.84 4.68
CA MET A 3 -10.47 19.69 5.46
C MET A 3 -10.91 18.57 4.52
N LYS A 4 -11.32 17.45 5.03
CA LYS A 4 -11.76 16.33 4.15
C LYS A 4 -10.58 15.87 3.29
N LYS A 5 -9.41 15.77 3.87
CA LYS A 5 -8.23 15.33 3.08
C LYS A 5 -8.38 13.85 2.71
N LYS A 6 -7.84 13.45 1.60
CA LYS A 6 -7.95 12.02 1.18
C LYS A 6 -6.57 11.50 0.83
N TRP A 7 -6.47 10.22 0.52
CA TRP A 7 -5.14 9.65 0.17
C TRP A 7 -5.15 9.25 -1.32
N TYR A 8 -4.22 9.76 -2.08
CA TYR A 8 -4.17 9.40 -3.53
C TYR A 8 -2.86 8.67 -3.83
N ILE A 9 -2.73 8.13 -5.01
CA ILE A 9 -1.47 7.41 -5.36
C ILE A 9 -0.73 8.20 -6.43
N VAL A 10 0.36 8.83 -6.07
CA VAL A 10 1.12 9.62 -7.07
C VAL A 10 2.05 8.68 -7.86
N LEU A 11 2.25 8.96 -9.11
CA LEU A 11 3.13 8.09 -9.95
C LEU A 11 4.57 8.62 -9.88
N THR A 12 5.53 7.73 -9.84
CA THR A 12 6.95 8.17 -9.78
C THR A 12 7.84 7.07 -10.36
N MET A 13 9.14 7.25 -10.31
CA MET A 13 10.06 6.22 -10.86
C MET A 13 10.66 5.41 -9.71
N SER A 14 10.53 4.11 -9.75
CA SER A 14 11.08 3.26 -8.66
C SER A 14 12.50 3.73 -8.32
N GLY A 15 12.77 3.98 -7.08
CA GLY A 15 14.13 4.43 -6.68
C GLY A 15 14.10 5.92 -6.35
N TYR A 16 13.09 6.61 -6.81
CA TYR A 16 12.99 8.07 -6.51
C TYR A 16 11.86 8.32 -5.51
N GLU A 17 11.10 7.30 -5.21
CA GLU A 17 9.98 7.48 -4.22
C GLU A 17 10.50 8.22 -2.99
N GLU A 18 11.54 7.72 -2.38
CA GLU A 18 12.09 8.39 -1.16
C GLU A 18 12.40 9.85 -1.51
N LYS A 19 12.88 10.11 -2.69
CA LYS A 19 13.22 11.51 -3.08
C LYS A 19 11.93 12.28 -3.32
N VAL A 20 10.92 11.63 -3.84
CA VAL A 20 9.63 12.34 -4.10
C VAL A 20 8.99 12.73 -2.77
N LYS A 21 8.95 11.83 -1.83
CA LYS A 21 8.33 12.15 -0.52
C LYS A 21 9.07 13.33 0.12
N GLU A 22 10.37 13.28 0.16
CA GLU A 22 11.15 14.40 0.76
C GLU A 22 10.96 15.68 -0.08
N ASN A 23 10.95 15.54 -1.38
CA ASN A 23 10.77 16.74 -2.25
C ASN A 23 9.42 17.39 -1.94
N ILE A 24 8.40 16.59 -1.77
CA ILE A 24 7.05 17.16 -1.47
C ILE A 24 7.09 17.88 -0.12
N GLU A 25 7.68 17.27 0.88
CA GLU A 25 7.74 17.92 2.21
C GLU A 25 8.45 19.26 2.11
N LYS A 26 9.58 19.32 1.45
CA LYS A 26 10.31 20.61 1.33
C LYS A 26 9.68 21.46 0.23
N LYS A 27 9.27 20.85 -0.83
CA LYS A 27 8.64 21.63 -1.95
C LYS A 27 7.44 22.40 -1.40
N VAL A 28 6.84 21.92 -0.34
CA VAL A 28 5.66 22.63 0.24
C VAL A 28 6.14 23.67 1.25
N GLU A 29 7.29 23.46 1.84
CA GLU A 29 7.80 24.45 2.84
C GLU A 29 8.15 25.76 2.13
N ALA A 30 8.86 25.67 1.03
CA ALA A 30 9.23 26.91 0.29
C ALA A 30 7.97 27.62 -0.18
N THR A 31 6.92 26.88 -0.43
CA THR A 31 5.65 27.50 -0.90
C THR A 31 4.80 27.90 0.31
N GLY A 32 5.16 27.42 1.48
CA GLY A 32 4.37 27.76 2.70
C GLY A 32 2.94 27.24 2.53
N ILE A 33 2.75 26.25 1.72
CA ILE A 33 1.38 25.70 1.51
C ILE A 33 1.23 24.41 2.32
N LYS A 34 1.09 24.52 3.61
CA LYS A 34 0.94 23.30 4.44
C LYS A 34 -0.53 22.88 4.49
N ASN A 35 -1.39 23.66 3.89
CA ASN A 35 -2.85 23.30 3.89
C ASN A 35 -3.17 22.49 2.63
N LEU A 36 -2.24 22.37 1.73
CA LEU A 36 -2.49 21.59 0.49
C LEU A 36 -1.99 20.16 0.67
N VAL A 37 -0.76 20.01 1.10
CA VAL A 37 -0.20 18.64 1.29
C VAL A 37 -0.36 18.23 2.75
N GLY A 38 -0.73 17.00 2.98
CA GLY A 38 -0.90 16.53 4.39
C GLY A 38 0.19 15.51 4.72
N ARG A 39 -0.20 14.33 5.11
CA ARG A 39 0.81 13.28 5.45
C ARG A 39 1.08 12.39 4.24
N ILE A 40 2.30 11.99 4.04
CA ILE A 40 2.62 11.12 2.88
C ILE A 40 2.95 9.71 3.37
N VAL A 41 2.46 8.70 2.71
CA VAL A 41 2.75 7.30 3.15
C VAL A 41 3.28 6.50 1.96
N ILE A 42 3.93 5.39 2.22
CA ILE A 42 4.48 4.57 1.11
C ILE A 42 4.36 3.09 1.45
N PRO A 43 3.81 2.30 0.51
CA PRO A 43 3.63 0.85 0.69
C PRO A 43 4.98 0.12 0.76
N ILE A 44 6.06 0.85 0.58
CA ILE A 44 7.40 0.20 0.65
C ILE A 44 7.73 -0.16 2.10
N ARG A 45 7.19 0.57 3.04
CA ARG A 45 7.47 0.28 4.47
C ARG A 45 7.39 -1.24 4.70
N GLY A 46 8.23 -1.76 5.55
CA GLY A 46 8.19 -3.23 5.82
C GLY A 46 9.58 -3.70 6.24
N GLY A 47 9.68 -4.34 7.38
CA GLY A 47 11.01 -4.82 7.85
C GLY A 47 11.92 -3.63 8.12
N GLN A 48 13.07 -3.60 7.49
CA GLN A 48 14.00 -2.46 7.71
C GLN A 48 13.78 -1.39 6.64
N ARG A 49 13.70 -0.15 7.03
CA ARG A 49 13.48 0.94 6.03
C ARG A 49 14.55 0.84 4.93
N ARG A 50 15.78 0.65 5.31
CA ARG A 50 16.86 0.54 4.29
C ARG A 50 16.62 -0.71 3.44
N LYS A 51 17.01 -0.67 2.18
CA LYS A 51 16.80 -1.85 1.31
C LYS A 51 15.37 -2.36 1.48
N SER A 52 14.43 -1.47 1.66
CA SER A 52 13.02 -1.89 1.84
C SER A 52 12.63 -2.85 0.71
N GLU A 53 11.42 -3.32 0.72
CA GLU A 53 10.98 -4.26 -0.36
C GLU A 53 10.13 -3.51 -1.39
N LYS A 54 9.35 -2.57 -0.96
CA LYS A 54 8.49 -1.80 -1.91
C LYS A 54 7.33 -2.67 -2.35
N LEU A 55 6.22 -2.63 -1.66
CA LEU A 55 5.06 -3.47 -2.07
C LEU A 55 4.54 -3.01 -3.43
N PHE A 56 4.82 -1.79 -3.80
CA PHE A 56 4.34 -1.29 -5.12
C PHE A 56 5.36 -0.27 -5.65
N PRO A 57 6.25 -0.72 -6.54
CA PRO A 57 7.29 0.14 -7.13
C PRO A 57 6.70 1.25 -8.00
N GLY A 58 7.26 2.43 -7.93
CA GLY A 58 6.76 3.55 -8.76
C GLY A 58 5.44 4.08 -8.18
N TYR A 59 4.85 3.39 -7.24
CA TYR A 59 3.56 3.89 -6.67
C TYR A 59 3.78 4.44 -5.25
N VAL A 60 3.25 5.60 -4.98
CA VAL A 60 3.40 6.18 -3.61
C VAL A 60 2.05 6.74 -3.17
N PHE A 61 1.78 6.76 -1.90
CA PHE A 61 0.46 7.28 -1.43
C PHE A 61 0.65 8.60 -0.69
N VAL A 62 -0.07 9.61 -1.10
CA VAL A 62 0.05 10.94 -0.42
C VAL A 62 -1.34 11.47 -0.07
N GLU A 63 -1.49 12.09 1.07
CA GLU A 63 -2.81 12.64 1.46
C GLU A 63 -2.81 14.15 1.26
N MET A 64 -3.74 14.68 0.53
CA MET A 64 -3.75 16.16 0.30
C MET A 64 -5.16 16.65 -0.04
N ILE A 65 -5.31 17.95 -0.13
CA ILE A 65 -6.65 18.52 -0.46
C ILE A 65 -6.71 18.79 -1.97
N MET A 66 -7.76 18.35 -2.61
CA MET A 66 -7.88 18.56 -4.08
C MET A 66 -8.24 20.00 -4.38
N ASN A 67 -7.71 20.54 -5.45
CA ASN A 67 -8.02 21.96 -5.82
C ASN A 67 -7.18 22.33 -7.05
N ASP A 68 -7.38 23.51 -7.57
CA ASP A 68 -6.60 23.94 -8.76
C ASP A 68 -5.14 24.21 -8.35
N GLU A 69 -4.95 24.82 -7.21
CA GLU A 69 -3.56 25.12 -6.75
C GLU A 69 -2.89 23.83 -6.28
N ALA A 70 -3.63 22.94 -5.68
CA ALA A 70 -3.03 21.66 -5.21
C ALA A 70 -2.60 20.81 -6.40
N TYR A 71 -3.46 20.66 -7.37
CA TYR A 71 -3.11 19.84 -8.56
C TYR A 71 -1.88 20.44 -9.25
N ASN A 72 -1.91 21.71 -9.54
CA ASN A 72 -0.75 22.36 -10.22
C ASN A 72 0.51 22.16 -9.38
N PHE A 73 0.38 22.05 -8.09
CA PHE A 73 1.57 21.87 -7.22
C PHE A 73 2.01 20.39 -7.24
N VAL A 74 1.08 19.48 -7.21
CA VAL A 74 1.44 18.04 -7.22
C VAL A 74 2.12 17.69 -8.53
N ARG A 75 1.44 17.86 -9.63
CA ARG A 75 2.06 17.51 -10.95
C ARG A 75 3.42 18.19 -11.08
N SER A 76 3.53 19.43 -10.68
CA SER A 76 4.83 20.13 -10.79
C SER A 76 5.85 19.52 -9.83
N VAL A 77 5.47 18.51 -9.09
CA VAL A 77 6.43 17.88 -8.14
C VAL A 77 7.62 17.31 -8.93
N PRO A 78 8.84 17.57 -8.45
CA PRO A 78 10.06 17.09 -9.09
C PRO A 78 10.21 15.57 -9.01
N TYR A 79 10.58 14.94 -10.08
CA TYR A 79 10.73 13.46 -10.07
C TYR A 79 9.35 12.79 -10.15
N VAL A 80 8.31 13.56 -10.18
CA VAL A 80 6.95 12.97 -10.26
C VAL A 80 6.59 12.77 -11.74
N MET A 81 6.19 11.57 -12.10
CA MET A 81 5.83 11.31 -13.52
C MET A 81 4.35 11.58 -13.73
N GLY A 82 3.56 11.49 -12.70
CA GLY A 82 2.10 11.74 -12.85
C GLY A 82 1.34 11.08 -11.70
N PHE A 83 0.08 10.82 -11.88
CA PHE A 83 -0.71 10.17 -10.79
C PHE A 83 -1.67 9.14 -11.40
N VAL A 84 -2.06 8.16 -10.65
CA VAL A 84 -2.99 7.12 -11.17
C VAL A 84 -4.42 7.64 -11.11
N SER A 85 -5.05 7.87 -12.23
CA SER A 85 -6.45 8.37 -12.22
C SER A 85 -7.21 7.77 -13.40
N SER A 86 -8.51 7.85 -13.38
CA SER A 86 -9.31 7.29 -14.51
C SER A 86 -9.43 8.35 -15.61
N GLY A 87 -9.49 9.60 -15.24
CA GLY A 87 -9.61 10.68 -16.28
C GLY A 87 -8.65 11.81 -15.93
N GLY A 88 -9.00 12.63 -14.97
CA GLY A 88 -8.10 13.75 -14.58
C GLY A 88 -7.49 13.46 -13.21
N GLN A 89 -7.50 14.44 -12.33
CA GLN A 89 -6.92 14.24 -10.96
C GLN A 89 -7.03 12.78 -10.55
N PRO A 90 -6.09 12.31 -9.71
CA PRO A 90 -6.07 10.92 -9.23
C PRO A 90 -7.25 10.63 -8.28
N VAL A 91 -7.73 9.43 -8.29
CA VAL A 91 -8.87 9.07 -7.39
C VAL A 91 -8.34 8.79 -5.98
N PRO A 92 -9.11 9.17 -4.96
CA PRO A 92 -8.71 8.95 -3.55
C PRO A 92 -8.72 7.46 -3.19
N VAL A 93 -7.91 7.06 -2.25
CA VAL A 93 -7.87 5.63 -1.85
C VAL A 93 -8.97 5.35 -0.85
N LYS A 94 -9.72 4.30 -1.05
CA LYS A 94 -10.82 3.97 -0.10
C LYS A 94 -10.22 3.50 1.22
N ASP A 95 -10.82 3.84 2.33
CA ASP A 95 -10.29 3.41 3.64
C ASP A 95 -10.10 1.89 3.65
N ARG A 96 -11.03 1.17 3.06
CA ARG A 96 -10.90 -0.31 3.04
C ARG A 96 -9.59 -0.70 2.35
N GLU A 97 -9.18 0.05 1.37
CA GLU A 97 -7.91 -0.29 0.65
C GLU A 97 -6.72 0.24 1.47
N MET A 98 -6.93 1.24 2.27
CA MET A 98 -5.81 1.78 3.09
C MET A 98 -5.66 0.97 4.36
N ARG A 99 -6.72 0.35 4.81
CA ARG A 99 -6.64 -0.47 6.05
C ARG A 99 -5.29 -1.19 6.13
N PRO A 100 -4.94 -1.94 5.07
CA PRO A 100 -3.67 -2.68 5.03
C PRO A 100 -2.47 -1.74 4.89
N ILE A 101 -2.67 -0.59 4.29
CA ILE A 101 -1.54 0.37 4.12
C ILE A 101 -1.34 1.15 5.43
N LEU A 102 -2.41 1.54 6.07
CA LEU A 102 -2.27 2.31 7.34
C LEU A 102 -1.70 1.39 8.42
N ARG A 103 -2.14 0.16 8.47
CA ARG A 103 -1.61 -0.77 9.50
C ARG A 103 -0.12 -1.00 9.26
N LEU A 104 0.25 -1.31 8.04
CA LEU A 104 1.69 -1.53 7.74
C LEU A 104 2.42 -0.19 7.77
N ALA A 105 1.77 0.84 7.31
CA ALA A 105 2.41 2.18 7.31
C ALA A 105 2.43 2.76 8.73
N GLY A 106 1.84 2.07 9.67
CA GLY A 106 1.82 2.59 11.06
C GLY A 106 0.82 3.75 11.17
N LEU A 107 0.01 3.94 10.17
CA LEU A 107 -0.98 5.06 10.22
C LEU A 107 -2.26 4.58 10.91
N GLU A 108 -2.55 3.31 10.82
CA GLU A 108 -3.79 2.80 11.47
C GLU A 108 -3.42 1.68 12.45
N GLU A 109 -3.92 1.73 13.65
CA GLU A 109 -3.59 0.67 14.64
C GLU A 109 -4.88 -0.03 15.08
N TYR A 110 -5.06 -1.26 14.71
CA TYR A 110 -6.29 -1.99 15.12
C TYR A 110 -5.91 -3.30 15.80
N GLU A 111 -6.82 -4.23 15.89
CA GLU A 111 -6.50 -5.52 16.55
C GLU A 111 -5.76 -6.44 15.58
N GLU A 112 -5.90 -7.73 15.73
CA GLU A 112 -5.21 -8.67 14.81
C GLU A 112 -5.47 -10.10 15.29
N LYS A 113 -5.10 -11.09 14.51
CA LYS A 113 -5.33 -12.50 14.93
C LYS A 113 -6.74 -12.64 15.49
N LYS A 114 -7.75 -12.39 14.70
CA LYS A 114 -9.14 -12.50 15.20
C LYS A 114 -9.57 -13.97 15.15
N LYS A 115 -9.05 -14.72 14.21
CA LYS A 115 -9.43 -16.15 14.10
C LYS A 115 -8.31 -17.02 14.66
N PRO A 116 -8.50 -17.53 15.88
CA PRO A 116 -7.49 -18.38 16.54
C PRO A 116 -7.43 -19.78 15.93
N VAL A 117 -8.12 -20.00 14.84
CA VAL A 117 -8.10 -21.35 14.20
C VAL A 117 -6.85 -21.48 13.32
N LYS A 118 -6.06 -22.50 13.53
CA LYS A 118 -4.84 -22.69 12.71
C LYS A 118 -5.24 -23.16 11.31
N VAL A 119 -4.52 -22.75 10.30
CA VAL A 119 -4.87 -23.17 8.92
C VAL A 119 -3.71 -23.98 8.31
N GLU A 120 -4.03 -25.03 7.61
CA GLU A 120 -2.94 -25.86 6.99
C GLU A 120 -3.57 -27.07 6.30
N LEU A 121 -2.80 -27.78 5.51
CA LEU A 121 -3.36 -28.97 4.81
C LEU A 121 -4.14 -28.52 3.57
N GLY A 122 -4.41 -29.42 2.67
CA GLY A 122 -5.17 -29.05 1.44
C GLY A 122 -4.62 -27.74 0.86
N PHE A 123 -3.34 -27.53 0.99
CA PHE A 123 -2.74 -26.28 0.43
C PHE A 123 -1.88 -26.63 -0.78
N LYS A 124 -2.08 -25.95 -1.88
CA LYS A 124 -1.27 -26.26 -3.10
C LYS A 124 -1.03 -24.98 -3.90
N VAL A 125 0.01 -24.95 -4.68
CA VAL A 125 0.30 -23.74 -5.50
C VAL A 125 -0.86 -23.48 -6.46
N GLY A 126 -1.16 -22.23 -6.69
CA GLY A 126 -2.28 -21.89 -7.62
C GLY A 126 -3.61 -21.94 -6.86
N ASP A 127 -3.72 -22.82 -5.91
CA ASP A 127 -4.99 -22.92 -5.13
C ASP A 127 -5.41 -21.52 -4.68
N MET A 128 -6.64 -21.35 -4.28
CA MET A 128 -7.10 -20.02 -3.83
C MET A 128 -7.01 -19.97 -2.30
N VAL A 129 -6.35 -18.98 -1.77
CA VAL A 129 -6.22 -18.88 -0.29
C VAL A 129 -6.74 -17.51 0.16
N LYS A 130 -7.43 -17.47 1.28
CA LYS A 130 -7.96 -16.17 1.77
C LYS A 130 -7.09 -15.71 2.95
N ILE A 131 -6.88 -14.43 3.06
CA ILE A 131 -6.05 -13.93 4.20
C ILE A 131 -6.96 -13.74 5.42
N ILE A 132 -6.42 -13.86 6.59
CA ILE A 132 -7.24 -13.69 7.81
C ILE A 132 -6.38 -13.14 8.95
N SER A 133 -5.13 -12.87 8.69
CA SER A 133 -4.25 -12.35 9.76
C SER A 133 -3.19 -11.41 9.16
N GLY A 134 -2.84 -10.38 9.87
CA GLY A 134 -1.83 -9.43 9.36
C GLY A 134 -2.50 -8.17 8.77
N PRO A 135 -1.74 -7.38 8.01
CA PRO A 135 -2.22 -6.14 7.41
C PRO A 135 -3.26 -6.39 6.30
N PHE A 136 -3.29 -7.56 5.73
CA PHE A 136 -4.29 -7.83 4.66
C PHE A 136 -5.37 -8.78 5.18
N GLU A 137 -5.45 -8.94 6.47
CA GLU A 137 -6.48 -9.86 7.04
C GLU A 137 -7.81 -9.64 6.32
N ASP A 138 -8.53 -10.70 6.04
CA ASP A 138 -9.83 -10.57 5.35
C ASP A 138 -9.62 -10.26 3.86
N PHE A 139 -8.50 -10.64 3.31
CA PHE A 139 -8.26 -10.37 1.87
C PHE A 139 -8.14 -11.70 1.11
N ALA A 140 -8.78 -11.81 -0.03
CA ALA A 140 -8.71 -13.08 -0.80
C ALA A 140 -7.45 -13.08 -1.69
N GLY A 141 -6.72 -14.16 -1.68
CA GLY A 141 -5.48 -14.23 -2.51
C GLY A 141 -5.30 -15.63 -3.08
N VAL A 142 -4.35 -15.80 -3.97
CA VAL A 142 -4.10 -17.13 -4.57
C VAL A 142 -2.69 -17.61 -4.19
N ILE A 143 -2.57 -18.85 -3.81
CA ILE A 143 -1.24 -19.37 -3.42
C ILE A 143 -0.33 -19.43 -4.65
N LYS A 144 0.72 -18.66 -4.68
CA LYS A 144 1.62 -18.67 -5.86
C LYS A 144 2.81 -19.59 -5.59
N GLU A 145 3.26 -19.64 -4.36
CA GLU A 145 4.43 -20.52 -4.03
C GLU A 145 4.32 -20.98 -2.59
N ILE A 146 4.77 -22.18 -2.30
CA ILE A 146 4.69 -22.69 -0.90
C ILE A 146 6.10 -23.07 -0.43
N ASP A 147 6.52 -22.53 0.69
CA ASP A 147 7.88 -22.86 1.20
C ASP A 147 7.76 -23.76 2.43
N PRO A 148 7.96 -25.07 2.23
CA PRO A 148 7.88 -26.06 3.31
C PRO A 148 9.06 -25.95 4.28
N GLU A 149 9.00 -26.64 5.39
CA GLU A 149 10.12 -26.58 6.38
C GLU A 149 9.97 -25.33 7.25
N ARG A 150 9.23 -24.35 6.79
CA ARG A 150 9.05 -23.11 7.59
C ARG A 150 7.56 -22.81 7.73
N GLN A 151 6.73 -23.47 6.98
CA GLN A 151 5.27 -23.22 7.07
C GLN A 151 4.94 -21.83 6.52
N GLU A 152 5.44 -21.51 5.36
CA GLU A 152 5.16 -20.17 4.77
C GLU A 152 4.49 -20.36 3.41
N LEU A 153 3.60 -19.47 3.05
CA LEU A 153 2.92 -19.62 1.73
C LEU A 153 2.79 -18.25 1.05
N LYS A 154 3.44 -18.07 -0.06
CA LYS A 154 3.34 -16.76 -0.78
C LYS A 154 2.02 -16.74 -1.54
N VAL A 155 1.29 -15.66 -1.46
CA VAL A 155 -0.01 -15.58 -2.19
C VAL A 155 -0.06 -14.30 -3.03
N ASN A 156 -0.78 -14.33 -4.12
CA ASN A 156 -0.87 -13.11 -4.98
C ASN A 156 -2.15 -12.36 -4.66
N VAL A 157 -2.03 -11.14 -4.19
CA VAL A 157 -3.25 -10.35 -3.85
C VAL A 157 -3.54 -9.36 -4.97
N THR A 158 -4.80 -9.13 -5.25
CA THR A 158 -5.16 -8.17 -6.33
C THR A 158 -5.43 -6.79 -5.74
N ILE A 159 -4.43 -5.97 -5.66
CA ILE A 159 -4.62 -4.60 -5.09
C ILE A 159 -4.37 -3.55 -6.17
N PHE A 160 -5.16 -2.52 -6.20
CA PHE A 160 -4.97 -1.46 -7.24
C PHE A 160 -5.12 -2.09 -8.62
N GLY A 161 -6.08 -2.95 -8.79
CA GLY A 161 -6.30 -3.59 -10.12
C GLY A 161 -5.00 -4.29 -10.58
N ARG A 162 -4.08 -4.50 -9.67
CA ARG A 162 -2.82 -5.17 -10.06
C ARG A 162 -2.58 -6.39 -9.15
N GLU A 163 -1.95 -7.40 -9.66
CA GLU A 163 -1.70 -8.61 -8.83
C GLU A 163 -0.30 -8.52 -8.21
N THR A 164 -0.18 -8.85 -6.94
CA THR A 164 1.15 -8.78 -6.28
C THR A 164 1.25 -9.88 -5.21
N PRO A 165 2.32 -10.68 -5.26
CA PRO A 165 2.55 -11.76 -4.31
C PRO A 165 2.90 -11.22 -2.92
N VAL A 166 2.39 -11.82 -1.87
CA VAL A 166 2.70 -11.31 -0.51
C VAL A 166 3.23 -12.46 0.35
N VAL A 167 4.14 -12.18 1.24
CA VAL A 167 4.69 -13.24 2.12
C VAL A 167 3.90 -13.30 3.42
N LEU A 168 3.27 -14.42 3.70
CA LEU A 168 2.46 -14.53 4.95
C LEU A 168 2.62 -15.91 5.57
N HIS A 169 2.18 -16.05 6.80
CA HIS A 169 2.29 -17.37 7.49
C HIS A 169 1.10 -18.25 7.10
N VAL A 170 1.34 -19.52 6.92
CA VAL A 170 0.23 -20.44 6.54
C VAL A 170 -0.89 -20.34 7.58
N SER A 171 -0.53 -20.18 8.83
CA SER A 171 -1.56 -20.08 9.89
C SER A 171 -2.22 -18.70 9.86
N GLU A 172 -1.71 -17.80 9.06
CA GLU A 172 -2.32 -16.44 8.98
C GLU A 172 -3.22 -16.35 7.75
N VAL A 173 -3.28 -17.41 6.97
CA VAL A 173 -4.15 -17.38 5.76
C VAL A 173 -5.00 -18.64 5.70
N GLU A 174 -5.95 -18.69 4.81
CA GLU A 174 -6.81 -19.91 4.69
C GLU A 174 -6.86 -20.35 3.23
N LYS A 175 -6.93 -21.64 3.00
CA LYS A 175 -6.99 -22.13 1.59
C LYS A 175 -8.45 -22.19 1.14
N ILE A 176 -9.33 -21.55 1.85
CA ILE A 176 -10.77 -21.56 1.46
C ILE A 176 -11.17 -22.97 1.05
N GLU A 177 -11.11 -23.28 -0.22
CA GLU A 177 -11.51 -24.64 -0.68
C GLU A 177 -10.46 -25.66 -0.19
N GLY A 1 -13.49 21.28 0.10
CA GLY A 1 -12.13 21.76 -0.24
C GLY A 1 -11.18 21.45 0.91
N ALA A 2 -10.58 22.46 1.49
CA ALA A 2 -9.64 22.22 2.62
C ALA A 2 -10.41 21.63 3.81
N MET A 3 -11.71 21.66 3.74
CA MET A 3 -12.52 21.11 4.87
C MET A 3 -12.40 19.58 4.87
N LYS A 4 -11.80 19.01 3.87
CA LYS A 4 -11.66 17.54 3.82
C LYS A 4 -10.56 17.16 2.83
N LYS A 5 -9.66 16.28 3.21
CA LYS A 5 -8.56 15.90 2.30
C LYS A 5 -8.71 14.42 1.93
N LYS A 6 -8.14 14.01 0.83
CA LYS A 6 -8.25 12.58 0.41
C LYS A 6 -6.84 12.03 0.12
N TRP A 7 -6.74 10.75 -0.10
CA TRP A 7 -5.40 10.17 -0.39
C TRP A 7 -5.33 9.82 -1.88
N TYR A 8 -4.30 10.27 -2.55
CA TYR A 8 -4.17 9.95 -4.00
C TYR A 8 -2.87 9.19 -4.25
N ILE A 9 -2.77 8.51 -5.35
CA ILE A 9 -1.52 7.75 -5.65
C ILE A 9 -0.69 8.52 -6.66
N VAL A 10 0.49 8.97 -6.26
CA VAL A 10 1.35 9.73 -7.21
C VAL A 10 2.28 8.77 -7.94
N LEU A 11 2.51 8.99 -9.20
CA LEU A 11 3.41 8.09 -9.97
C LEU A 11 4.86 8.54 -9.77
N THR A 12 5.78 7.60 -9.71
CA THR A 12 7.21 7.97 -9.52
C THR A 12 8.09 6.85 -10.06
N MET A 13 9.38 6.98 -9.92
CA MET A 13 10.30 5.92 -10.44
C MET A 13 10.82 5.08 -9.27
N SER A 14 10.62 3.79 -9.32
CA SER A 14 11.12 2.92 -8.22
C SER A 14 12.55 3.31 -7.86
N GLY A 15 12.81 3.55 -6.60
CA GLY A 15 14.19 3.95 -6.19
C GLY A 15 14.20 5.43 -5.83
N TYR A 16 13.23 6.17 -6.29
CA TYR A 16 13.18 7.62 -5.97
C TYR A 16 12.00 7.90 -5.04
N GLU A 17 11.14 6.94 -4.84
CA GLU A 17 9.97 7.15 -3.96
C GLU A 17 10.40 7.89 -2.69
N GLU A 18 11.54 7.55 -2.15
CA GLU A 18 12.02 8.24 -0.91
C GLU A 18 12.29 9.71 -1.24
N LYS A 19 12.67 10.00 -2.45
CA LYS A 19 12.95 11.42 -2.82
C LYS A 19 11.62 12.14 -3.06
N VAL A 20 10.80 11.64 -3.94
CA VAL A 20 9.49 12.29 -4.20
C VAL A 20 8.84 12.67 -2.87
N LYS A 21 8.76 11.75 -1.95
CA LYS A 21 8.13 12.07 -0.65
C LYS A 21 8.90 13.19 0.06
N GLU A 22 10.20 13.08 0.13
CA GLU A 22 11.00 14.14 0.80
C GLU A 22 10.84 15.46 0.04
N ASN A 23 10.72 15.40 -1.26
CA ASN A 23 10.56 16.66 -2.05
C ASN A 23 9.22 17.31 -1.68
N ILE A 24 8.21 16.52 -1.47
CA ILE A 24 6.89 17.09 -1.10
C ILE A 24 7.00 17.82 0.24
N GLU A 25 7.63 17.23 1.21
CA GLU A 25 7.77 17.90 2.53
C GLU A 25 8.42 19.27 2.34
N LYS A 26 9.47 19.35 1.58
CA LYS A 26 10.14 20.66 1.37
C LYS A 26 9.32 21.50 0.39
N LYS A 27 8.71 20.87 -0.59
CA LYS A 27 7.90 21.63 -1.56
C LYS A 27 6.85 22.46 -0.82
N VAL A 28 6.37 21.95 0.29
CA VAL A 28 5.35 22.71 1.07
C VAL A 28 6.05 23.67 2.03
N GLU A 29 7.29 23.40 2.37
CA GLU A 29 8.01 24.30 3.30
C GLU A 29 8.35 25.61 2.59
N ALA A 30 9.02 25.53 1.47
CA ALA A 30 9.38 26.78 0.73
C ALA A 30 8.10 27.51 0.30
N THR A 31 7.06 26.78 0.03
CA THR A 31 5.79 27.44 -0.40
C THR A 31 4.97 27.82 0.84
N GLY A 32 5.23 27.19 1.95
CA GLY A 32 4.47 27.52 3.19
C GLY A 32 3.02 27.06 3.02
N ILE A 33 2.77 26.13 2.15
CA ILE A 33 1.38 25.65 1.94
C ILE A 33 1.18 24.34 2.71
N LYS A 34 0.96 24.43 4.00
CA LYS A 34 0.76 23.20 4.81
C LYS A 34 -0.71 22.78 4.74
N ASN A 35 -1.57 23.68 4.33
CA ASN A 35 -3.01 23.35 4.24
C ASN A 35 -3.29 22.66 2.91
N LEU A 36 -2.28 22.39 2.14
CA LEU A 36 -2.49 21.73 0.83
C LEU A 36 -2.04 20.27 0.93
N VAL A 37 -0.83 20.05 1.34
CA VAL A 37 -0.32 18.65 1.45
C VAL A 37 -0.48 18.17 2.90
N GLY A 38 -1.00 16.99 3.09
CA GLY A 38 -1.18 16.48 4.48
C GLY A 38 -0.11 15.44 4.80
N ARG A 39 -0.50 14.25 5.16
CA ARG A 39 0.51 13.21 5.49
C ARG A 39 0.78 12.36 4.25
N ILE A 40 1.99 11.86 4.12
CA ILE A 40 2.33 11.03 2.93
C ILE A 40 2.54 9.58 3.38
N VAL A 41 2.00 8.63 2.66
CA VAL A 41 2.18 7.21 3.06
C VAL A 41 2.89 6.46 1.93
N ILE A 42 3.62 5.42 2.27
CA ILE A 42 4.34 4.65 1.21
C ILE A 42 4.07 3.15 1.42
N PRO A 43 3.63 2.47 0.35
CA PRO A 43 3.33 1.03 0.39
C PRO A 43 4.59 0.19 0.61
N ILE A 44 5.74 0.82 0.62
CA ILE A 44 7.01 0.06 0.82
C ILE A 44 7.19 -0.21 2.31
N ARG A 45 7.52 -1.44 2.66
CA ARG A 45 7.71 -1.77 4.09
C ARG A 45 8.96 -1.05 4.63
N GLY A 46 8.96 -0.72 5.89
CA GLY A 46 10.14 -0.03 6.47
C GLY A 46 11.08 -1.04 7.13
N GLY A 47 12.17 -0.60 7.68
CA GLY A 47 13.11 -1.55 8.34
C GLY A 47 14.43 -0.84 8.63
N GLN A 48 15.38 -1.53 9.19
CA GLN A 48 16.69 -0.89 9.50
C GLN A 48 17.35 -0.44 8.21
N ARG A 49 17.14 -1.16 7.14
CA ARG A 49 17.76 -0.77 5.84
C ARG A 49 16.92 0.35 5.20
N ARG A 50 17.57 1.40 4.77
CA ARG A 50 16.81 2.51 4.13
C ARG A 50 16.07 2.00 2.90
N LYS A 51 16.67 1.07 2.19
CA LYS A 51 15.99 0.53 0.97
C LYS A 51 15.04 -0.60 1.38
N SER A 52 13.88 -0.65 0.79
CA SER A 52 12.91 -1.72 1.14
C SER A 52 12.42 -2.41 -0.14
N GLU A 53 11.68 -3.48 0.00
CA GLU A 53 11.17 -4.18 -1.20
C GLU A 53 10.14 -3.30 -1.92
N LYS A 54 9.35 -2.57 -1.18
CA LYS A 54 8.33 -1.69 -1.82
C LYS A 54 7.17 -2.53 -2.32
N LEU A 55 6.05 -2.50 -1.65
CA LEU A 55 4.89 -3.30 -2.10
C LEU A 55 4.56 -2.94 -3.55
N PHE A 56 4.52 -1.68 -3.86
CA PHE A 56 4.21 -1.27 -5.26
C PHE A 56 5.25 -0.24 -5.72
N PRO A 57 6.12 -0.63 -6.66
CA PRO A 57 7.18 0.23 -7.19
C PRO A 57 6.61 1.42 -7.97
N GLY A 58 7.19 2.57 -7.80
CA GLY A 58 6.71 3.78 -8.54
C GLY A 58 5.38 4.27 -7.94
N TYR A 59 4.77 3.53 -7.07
CA TYR A 59 3.47 3.98 -6.50
C TYR A 59 3.69 4.72 -5.19
N VAL A 60 3.13 5.90 -5.06
CA VAL A 60 3.29 6.68 -3.80
C VAL A 60 1.91 7.15 -3.34
N PHE A 61 1.62 7.07 -2.07
CA PHE A 61 0.29 7.51 -1.57
C PHE A 61 0.42 8.79 -0.77
N VAL A 62 -0.32 9.81 -1.12
CA VAL A 62 -0.24 11.09 -0.37
C VAL A 62 -1.65 11.67 -0.18
N GLU A 63 -1.85 12.40 0.89
CA GLU A 63 -3.20 13.00 1.13
C GLU A 63 -3.10 14.51 0.97
N MET A 64 -3.96 15.10 0.19
CA MET A 64 -3.90 16.58 0.00
C MET A 64 -5.23 17.09 -0.57
N ILE A 65 -5.30 18.35 -0.86
CA ILE A 65 -6.56 18.91 -1.42
C ILE A 65 -6.45 18.93 -2.96
N MET A 66 -7.34 18.24 -3.62
CA MET A 66 -7.28 18.21 -5.11
C MET A 66 -8.07 19.39 -5.68
N ASN A 67 -7.38 20.42 -6.09
CA ASN A 67 -8.09 21.60 -6.67
C ASN A 67 -7.31 22.09 -7.88
N ASP A 68 -7.61 23.27 -8.36
CA ASP A 68 -6.88 23.80 -9.54
C ASP A 68 -5.45 24.17 -9.15
N GLU A 69 -5.27 24.86 -8.07
CA GLU A 69 -3.89 25.25 -7.64
C GLU A 69 -3.15 24.02 -7.15
N ALA A 70 -3.68 23.35 -6.16
CA ALA A 70 -3.00 22.13 -5.63
C ALA A 70 -2.50 21.27 -6.80
N TYR A 71 -3.31 21.11 -7.81
CA TYR A 71 -2.87 20.28 -8.98
C TYR A 71 -1.64 20.90 -9.63
N ASN A 72 -1.71 22.15 -10.00
CA ASN A 72 -0.54 22.81 -10.64
C ASN A 72 0.71 22.61 -9.79
N PHE A 73 0.56 22.53 -8.50
CA PHE A 73 1.75 22.34 -7.62
C PHE A 73 2.16 20.86 -7.61
N VAL A 74 1.21 19.97 -7.54
CA VAL A 74 1.54 18.52 -7.53
C VAL A 74 2.04 18.09 -8.91
N ARG A 75 1.27 18.35 -9.93
CA ARG A 75 1.71 17.97 -11.30
C ARG A 75 3.12 18.50 -11.54
N SER A 76 3.53 19.47 -10.77
CA SER A 76 4.89 20.05 -10.95
C SER A 76 5.85 19.48 -9.90
N VAL A 77 5.40 18.54 -9.11
CA VAL A 77 6.31 17.95 -8.08
C VAL A 77 7.52 17.32 -8.76
N PRO A 78 8.72 17.56 -8.21
CA PRO A 78 9.97 17.02 -8.76
C PRO A 78 10.07 15.51 -8.57
N TYR A 79 10.37 14.79 -9.63
CA TYR A 79 10.49 13.31 -9.54
C TYR A 79 9.10 12.67 -9.67
N VAL A 80 8.06 13.47 -9.63
CA VAL A 80 6.69 12.90 -9.77
C VAL A 80 6.34 12.76 -11.25
N MET A 81 5.92 11.59 -11.66
CA MET A 81 5.58 11.38 -13.09
C MET A 81 4.12 11.77 -13.32
N GLY A 82 3.31 11.73 -12.29
CA GLY A 82 1.88 12.10 -12.44
C GLY A 82 1.06 11.38 -11.37
N PHE A 83 -0.20 11.18 -11.63
CA PHE A 83 -1.06 10.48 -10.63
C PHE A 83 -1.97 9.48 -11.35
N VAL A 84 -2.17 8.33 -10.77
CA VAL A 84 -3.05 7.31 -11.44
C VAL A 84 -4.48 7.84 -11.50
N SER A 85 -5.06 7.86 -12.66
CA SER A 85 -6.46 8.37 -12.79
C SER A 85 -7.08 7.84 -14.09
N SER A 86 -8.38 7.87 -14.19
CA SER A 86 -9.03 7.37 -15.43
C SER A 86 -9.23 8.54 -16.40
N GLY A 87 -9.54 9.71 -15.89
CA GLY A 87 -9.74 10.87 -16.78
C GLY A 87 -8.75 11.98 -16.42
N GLY A 88 -9.10 12.83 -15.50
CA GLY A 88 -8.16 13.92 -15.10
C GLY A 88 -7.53 13.58 -13.75
N GLN A 89 -7.49 14.53 -12.84
CA GLN A 89 -6.88 14.27 -11.51
C GLN A 89 -7.13 12.82 -11.07
N PRO A 90 -6.27 12.29 -10.21
CA PRO A 90 -6.38 10.91 -9.70
C PRO A 90 -7.60 10.74 -8.79
N VAL A 91 -8.00 9.52 -8.55
CA VAL A 91 -9.17 9.28 -7.67
C VAL A 91 -8.69 9.05 -6.24
N PRO A 92 -9.55 9.35 -5.25
CA PRO A 92 -9.22 9.18 -3.83
C PRO A 92 -9.14 7.70 -3.44
N VAL A 93 -8.22 7.35 -2.59
CA VAL A 93 -8.09 5.93 -2.17
C VAL A 93 -9.24 5.57 -1.24
N LYS A 94 -9.91 4.47 -1.49
CA LYS A 94 -11.04 4.06 -0.61
C LYS A 94 -10.50 3.61 0.74
N ASP A 95 -11.07 4.07 1.81
CA ASP A 95 -10.58 3.66 3.16
C ASP A 95 -10.35 2.15 3.16
N ARG A 96 -11.23 1.40 2.57
CA ARG A 96 -11.06 -0.08 2.55
C ARG A 96 -9.75 -0.43 1.83
N GLU A 97 -9.30 0.42 0.96
CA GLU A 97 -8.03 0.14 0.23
C GLU A 97 -6.84 0.62 1.05
N MET A 98 -7.05 1.62 1.88
CA MET A 98 -5.91 2.13 2.71
C MET A 98 -5.79 1.28 3.97
N ARG A 99 -6.86 0.68 4.41
CA ARG A 99 -6.82 -0.16 5.64
C ARG A 99 -5.49 -0.92 5.70
N PRO A 100 -5.17 -1.68 4.64
CA PRO A 100 -3.94 -2.47 4.56
C PRO A 100 -2.70 -1.57 4.45
N ILE A 101 -2.86 -0.40 3.89
CA ILE A 101 -1.69 0.51 3.76
C ILE A 101 -1.46 1.25 5.08
N LEU A 102 -2.51 1.69 5.72
CA LEU A 102 -2.34 2.40 7.01
C LEU A 102 -1.85 1.41 8.07
N ARG A 103 -2.36 0.21 8.06
CA ARG A 103 -1.92 -0.79 9.06
C ARG A 103 -0.43 -1.08 8.85
N LEU A 104 -0.05 -1.37 7.64
CA LEU A 104 1.39 -1.64 7.36
C LEU A 104 2.17 -0.32 7.41
N ALA A 105 1.57 0.74 6.97
CA ALA A 105 2.27 2.06 6.99
C ALA A 105 2.38 2.56 8.43
N GLY A 106 1.84 1.84 9.38
CA GLY A 106 1.92 2.28 10.80
C GLY A 106 0.94 3.44 11.04
N LEU A 107 0.08 3.71 10.09
CA LEU A 107 -0.89 4.82 10.26
C LEU A 107 -2.07 4.34 11.10
N GLU A 108 -2.28 3.05 11.15
CA GLU A 108 -3.42 2.52 11.96
C GLU A 108 -2.88 1.56 13.02
N GLU A 109 -3.43 1.59 14.20
CA GLU A 109 -2.95 0.68 15.28
C GLU A 109 -4.06 -0.32 15.64
N TYR A 110 -3.84 -1.57 15.38
CA TYR A 110 -4.88 -2.59 15.70
C TYR A 110 -4.21 -3.81 16.33
N GLU A 111 -4.98 -4.66 16.97
CA GLU A 111 -4.39 -5.87 17.60
C GLU A 111 -4.63 -7.08 16.70
N GLU A 112 -5.60 -7.90 17.01
CA GLU A 112 -5.89 -9.09 16.17
C GLU A 112 -4.57 -9.75 15.77
N LYS A 113 -4.01 -10.55 16.63
CA LYS A 113 -2.72 -11.23 16.30
C LYS A 113 -2.40 -12.27 17.38
N LYS A 114 -1.16 -12.65 17.50
CA LYS A 114 -0.77 -13.65 18.53
C LYS A 114 -1.84 -14.75 18.60
N LYS A 115 -2.49 -15.03 17.49
CA LYS A 115 -3.53 -16.08 17.49
C LYS A 115 -3.26 -17.07 16.37
N PRO A 116 -2.36 -18.03 16.60
CA PRO A 116 -2.00 -19.05 15.61
C PRO A 116 -3.12 -20.06 15.39
N VAL A 117 -3.51 -20.27 14.16
CA VAL A 117 -4.60 -21.24 13.88
C VAL A 117 -4.21 -22.12 12.68
N LYS A 118 -4.32 -23.41 12.83
CA LYS A 118 -3.95 -24.32 11.71
C LYS A 118 -5.15 -24.51 10.79
N VAL A 119 -4.93 -24.64 9.51
CA VAL A 119 -6.05 -24.83 8.55
C VAL A 119 -5.82 -26.09 7.72
N GLU A 120 -6.86 -26.68 7.20
CA GLU A 120 -6.69 -27.90 6.39
C GLU A 120 -7.45 -27.75 5.07
N LEU A 121 -7.02 -28.43 4.04
CA LEU A 121 -7.71 -28.35 2.71
C LEU A 121 -6.67 -28.42 1.60
N GLY A 122 -6.49 -29.57 1.02
CA GLY A 122 -5.49 -29.73 -0.08
C GLY A 122 -5.16 -28.39 -0.75
N PHE A 123 -4.32 -27.60 -0.13
CA PHE A 123 -3.97 -26.28 -0.73
C PHE A 123 -2.67 -26.42 -1.52
N LYS A 124 -2.65 -25.94 -2.73
CA LYS A 124 -1.41 -26.06 -3.55
C LYS A 124 -1.18 -24.78 -4.36
N VAL A 125 -0.19 -24.78 -5.20
CA VAL A 125 0.09 -23.57 -6.02
C VAL A 125 -1.10 -23.25 -6.91
N GLY A 126 -1.41 -21.99 -7.08
CA GLY A 126 -2.57 -21.60 -7.94
C GLY A 126 -3.84 -21.60 -7.10
N ASP A 127 -3.93 -22.49 -6.15
CA ASP A 127 -5.16 -22.54 -5.30
C ASP A 127 -5.48 -21.14 -4.79
N MET A 128 -6.71 -20.92 -4.40
CA MET A 128 -7.10 -19.57 -3.88
C MET A 128 -7.01 -19.59 -2.35
N VAL A 129 -6.31 -18.65 -1.77
CA VAL A 129 -6.18 -18.63 -0.29
C VAL A 129 -6.58 -17.25 0.23
N LYS A 130 -7.21 -17.20 1.38
CA LYS A 130 -7.62 -15.89 1.95
C LYS A 130 -6.73 -15.58 3.17
N ILE A 131 -6.37 -14.34 3.34
CA ILE A 131 -5.54 -13.98 4.52
C ILE A 131 -6.42 -13.86 5.76
N ILE A 132 -5.89 -14.09 6.92
CA ILE A 132 -6.72 -14.00 8.15
C ILE A 132 -5.85 -13.49 9.31
N SER A 133 -4.60 -13.22 9.05
CA SER A 133 -3.70 -12.73 10.14
C SER A 133 -2.65 -11.78 9.57
N GLY A 134 -2.31 -10.77 10.30
CA GLY A 134 -1.29 -9.80 9.82
C GLY A 134 -1.95 -8.48 9.39
N PRO A 135 -1.18 -7.62 8.73
CA PRO A 135 -1.65 -6.31 8.26
C PRO A 135 -2.68 -6.42 7.12
N PHE A 136 -2.72 -7.54 6.44
CA PHE A 136 -3.70 -7.68 5.33
C PHE A 136 -4.84 -8.62 5.76
N GLU A 137 -4.96 -8.86 7.04
CA GLU A 137 -6.04 -9.76 7.52
C GLU A 137 -7.34 -9.49 6.75
N ASP A 138 -8.06 -10.53 6.40
CA ASP A 138 -9.35 -10.32 5.68
C ASP A 138 -9.11 -10.06 4.19
N PHE A 139 -7.96 -10.41 3.68
CA PHE A 139 -7.68 -10.17 2.23
C PHE A 139 -7.70 -11.51 1.47
N ALA A 140 -8.23 -11.51 0.28
CA ALA A 140 -8.27 -12.79 -0.51
C ALA A 140 -7.05 -12.83 -1.44
N GLY A 141 -6.40 -13.97 -1.51
CA GLY A 141 -5.20 -14.05 -2.40
C GLY A 141 -5.09 -15.45 -3.01
N VAL A 142 -4.22 -15.60 -3.97
CA VAL A 142 -4.05 -16.93 -4.62
C VAL A 142 -2.68 -17.51 -4.26
N ILE A 143 -2.62 -18.78 -3.95
CA ILE A 143 -1.32 -19.39 -3.58
C ILE A 143 -0.42 -19.44 -4.81
N LYS A 144 0.71 -18.77 -4.78
CA LYS A 144 1.61 -18.79 -5.96
C LYS A 144 2.74 -19.79 -5.71
N GLU A 145 3.18 -19.93 -4.49
CA GLU A 145 4.29 -20.89 -4.20
C GLU A 145 4.20 -21.37 -2.75
N ILE A 146 4.62 -22.57 -2.50
CA ILE A 146 4.55 -23.12 -1.11
C ILE A 146 5.95 -23.56 -0.67
N ASP A 147 6.41 -23.10 0.45
CA ASP A 147 7.77 -23.51 0.92
C ASP A 147 7.63 -24.38 2.18
N PRO A 148 7.82 -25.70 2.02
CA PRO A 148 7.73 -26.65 3.13
C PRO A 148 8.94 -26.54 4.07
N GLU A 149 8.90 -27.24 5.18
CA GLU A 149 10.04 -27.18 6.14
C GLU A 149 9.96 -25.90 6.98
N ARG A 150 9.28 -24.90 6.49
CA ARG A 150 9.16 -23.63 7.26
C ARG A 150 7.68 -23.29 7.45
N GLN A 151 6.82 -23.92 6.71
CA GLN A 151 5.37 -23.65 6.85
C GLN A 151 5.07 -22.25 6.32
N GLU A 152 5.56 -21.92 5.16
CA GLU A 152 5.29 -20.57 4.60
C GLU A 152 4.56 -20.71 3.27
N LEU A 153 3.64 -19.82 2.98
CA LEU A 153 2.89 -19.93 1.69
C LEU A 153 2.89 -18.58 0.97
N LYS A 154 3.37 -18.56 -0.24
CA LYS A 154 3.39 -17.28 -1.01
C LYS A 154 2.03 -17.11 -1.71
N VAL A 155 1.41 -15.98 -1.56
CA VAL A 155 0.09 -15.77 -2.21
C VAL A 155 0.10 -14.45 -3.00
N ASN A 156 -0.62 -14.41 -4.10
CA ASN A 156 -0.66 -13.16 -4.91
C ASN A 156 -1.92 -12.36 -4.57
N VAL A 157 -1.76 -11.25 -3.90
CA VAL A 157 -2.95 -10.43 -3.54
C VAL A 157 -3.25 -9.46 -4.67
N THR A 158 -4.51 -9.25 -4.96
CA THR A 158 -4.88 -8.31 -6.07
C THR A 158 -5.21 -6.94 -5.48
N ILE A 159 -4.21 -6.09 -5.34
CA ILE A 159 -4.48 -4.73 -4.78
C ILE A 159 -4.18 -3.68 -5.84
N PHE A 160 -4.92 -2.62 -5.86
CA PHE A 160 -4.69 -1.55 -6.88
C PHE A 160 -4.89 -2.14 -8.28
N GLY A 161 -5.86 -3.01 -8.43
CA GLY A 161 -6.12 -3.62 -9.77
C GLY A 161 -4.86 -4.33 -10.25
N ARG A 162 -3.94 -4.62 -9.38
CA ARG A 162 -2.69 -5.31 -9.81
C ARG A 162 -2.46 -6.55 -8.93
N GLU A 163 -1.71 -7.49 -9.41
CA GLU A 163 -1.46 -8.72 -8.61
C GLU A 163 -0.08 -8.64 -7.97
N THR A 164 0.02 -8.95 -6.70
CA THR A 164 1.34 -8.89 -6.01
C THR A 164 1.45 -10.01 -4.99
N PRO A 165 2.53 -10.81 -5.07
CA PRO A 165 2.76 -11.93 -4.15
C PRO A 165 3.12 -11.44 -2.75
N VAL A 166 2.57 -12.05 -1.73
CA VAL A 166 2.87 -11.61 -0.35
C VAL A 166 3.37 -12.80 0.48
N VAL A 167 4.30 -12.56 1.37
CA VAL A 167 4.82 -13.68 2.21
C VAL A 167 4.04 -13.75 3.52
N LEU A 168 3.38 -14.85 3.77
CA LEU A 168 2.58 -14.97 5.03
C LEU A 168 2.76 -16.34 5.66
N HIS A 169 2.37 -16.48 6.90
CA HIS A 169 2.51 -17.79 7.59
C HIS A 169 1.35 -18.69 7.21
N VAL A 170 1.58 -19.96 7.11
CA VAL A 170 0.47 -20.90 6.74
C VAL A 170 -0.61 -20.83 7.82
N SER A 171 -0.22 -20.67 9.05
CA SER A 171 -1.23 -20.58 10.15
C SER A 171 -1.85 -19.19 10.16
N GLU A 172 -1.29 -18.29 9.42
CA GLU A 172 -1.85 -16.90 9.38
C GLU A 172 -2.76 -16.77 8.16
N VAL A 173 -2.88 -17.81 7.38
CA VAL A 173 -3.75 -17.74 6.17
C VAL A 173 -4.75 -18.89 6.20
N GLU A 174 -5.79 -18.80 5.43
CA GLU A 174 -6.80 -19.89 5.40
C GLU A 174 -7.21 -20.18 3.96
N LYS A 175 -7.68 -21.36 3.68
CA LYS A 175 -8.10 -21.70 2.30
C LYS A 175 -9.60 -21.54 2.17
N ILE A 176 -10.16 -20.55 2.81
CA ILE A 176 -11.64 -20.35 2.72
C ILE A 176 -12.36 -21.61 3.19
N GLU A 177 -12.53 -21.77 4.48
CA GLU A 177 -13.23 -22.98 4.99
C GLU A 177 -12.61 -24.23 4.36
N GLY A 1 -16.25 22.24 0.18
CA GLY A 1 -15.16 22.40 -0.83
C GLY A 1 -14.09 21.35 -0.59
N ALA A 2 -12.87 21.76 -0.40
CA ALA A 2 -11.77 20.78 -0.16
C ALA A 2 -11.50 20.67 1.34
N MET A 3 -12.50 20.92 2.15
CA MET A 3 -12.30 20.83 3.63
C MET A 3 -11.94 19.39 4.00
N LYS A 4 -12.28 18.45 3.18
CA LYS A 4 -11.95 17.03 3.50
C LYS A 4 -10.70 16.61 2.73
N LYS A 5 -9.79 15.95 3.39
CA LYS A 5 -8.54 15.51 2.69
C LYS A 5 -8.65 14.03 2.33
N LYS A 6 -8.03 13.63 1.25
CA LYS A 6 -8.11 12.20 0.84
C LYS A 6 -6.70 11.69 0.52
N TRP A 7 -6.56 10.42 0.27
CA TRP A 7 -5.22 9.86 -0.03
C TRP A 7 -5.15 9.48 -1.51
N TYR A 8 -4.17 9.97 -2.22
CA TYR A 8 -4.05 9.63 -3.66
C TYR A 8 -2.76 8.85 -3.91
N ILE A 9 -2.61 8.28 -5.07
CA ILE A 9 -1.38 7.50 -5.36
C ILE A 9 -0.50 8.30 -6.33
N VAL A 10 0.67 8.69 -5.90
CA VAL A 10 1.57 9.47 -6.79
C VAL A 10 2.48 8.51 -7.55
N LEU A 11 2.66 8.74 -8.82
CA LEU A 11 3.54 7.83 -9.62
C LEU A 11 4.98 8.35 -9.57
N THR A 12 5.93 7.45 -9.60
CA THR A 12 7.36 7.89 -9.55
C THR A 12 8.25 6.76 -10.04
N MET A 13 9.54 6.86 -9.85
CA MET A 13 10.46 5.79 -10.31
C MET A 13 10.98 5.01 -9.09
N SER A 14 10.98 3.70 -9.17
CA SER A 14 11.47 2.89 -8.03
C SER A 14 12.89 3.35 -7.66
N GLY A 15 13.13 3.60 -6.41
CA GLY A 15 14.49 4.05 -5.98
C GLY A 15 14.46 5.54 -5.67
N TYR A 16 13.48 6.24 -6.19
CA TYR A 16 13.40 7.71 -5.92
C TYR A 16 12.21 7.99 -5.01
N GLU A 17 11.45 6.99 -4.66
CA GLU A 17 10.29 7.22 -3.76
C GLU A 17 10.70 8.07 -2.57
N GLU A 18 11.59 7.57 -1.74
CA GLU A 18 12.03 8.35 -0.57
C GLU A 18 12.42 9.77 -1.01
N LYS A 19 13.05 9.89 -2.15
CA LYS A 19 13.46 11.23 -2.65
C LYS A 19 12.21 12.04 -2.98
N VAL A 20 11.26 11.45 -3.66
CA VAL A 20 10.02 12.19 -4.01
C VAL A 20 9.29 12.60 -2.73
N LYS A 21 9.18 11.71 -1.79
CA LYS A 21 8.48 12.06 -0.52
C LYS A 21 9.21 13.22 0.16
N GLU A 22 10.51 13.15 0.22
CA GLU A 22 11.29 14.26 0.87
C GLU A 22 11.13 15.53 0.03
N ASN A 23 11.16 15.42 -1.26
CA ASN A 23 11.01 16.62 -2.13
C ASN A 23 9.65 17.27 -1.86
N ILE A 24 8.60 16.50 -1.81
CA ILE A 24 7.26 17.08 -1.55
C ILE A 24 7.30 17.87 -0.24
N GLU A 25 7.93 17.34 0.77
CA GLU A 25 8.00 18.05 2.08
C GLU A 25 8.63 19.43 1.87
N LYS A 26 9.67 19.52 1.08
CA LYS A 26 10.31 20.84 0.85
C LYS A 26 9.51 21.61 -0.21
N LYS A 27 8.98 20.92 -1.18
CA LYS A 27 8.19 21.61 -2.24
C LYS A 27 7.08 22.43 -1.59
N VAL A 28 6.57 21.99 -0.47
CA VAL A 28 5.50 22.74 0.21
C VAL A 28 6.12 23.75 1.19
N GLU A 29 7.32 23.51 1.62
CA GLU A 29 7.98 24.44 2.57
C GLU A 29 8.31 25.74 1.85
N ALA A 30 8.99 25.67 0.73
CA ALA A 30 9.34 26.91 -0.01
C ALA A 30 8.05 27.62 -0.45
N THR A 31 7.01 26.87 -0.74
CA THR A 31 5.74 27.51 -1.18
C THR A 31 4.93 27.90 0.05
N GLY A 32 5.14 27.24 1.16
CA GLY A 32 4.37 27.58 2.39
C GLY A 32 2.98 26.96 2.33
N ILE A 33 2.66 26.32 1.24
CA ILE A 33 1.31 25.69 1.12
C ILE A 33 1.27 24.41 1.93
N LYS A 34 1.20 24.52 3.23
CA LYS A 34 1.16 23.30 4.09
C LYS A 34 -0.29 22.84 4.26
N ASN A 35 -1.22 23.54 3.67
CA ASN A 35 -2.65 23.15 3.81
C ASN A 35 -3.08 22.31 2.60
N LEU A 36 -2.28 22.29 1.57
CA LEU A 36 -2.64 21.50 0.36
C LEU A 36 -2.10 20.07 0.52
N VAL A 37 -0.86 19.92 0.89
CA VAL A 37 -0.28 18.57 1.07
C VAL A 37 -0.48 18.12 2.52
N GLY A 38 -0.82 16.88 2.74
CA GLY A 38 -1.01 16.40 4.13
C GLY A 38 0.13 15.45 4.51
N ARG A 39 -0.19 14.28 4.98
CA ARG A 39 0.87 13.31 5.37
C ARG A 39 1.21 12.41 4.19
N ILE A 40 2.46 12.01 4.09
CA ILE A 40 2.87 11.12 2.96
C ILE A 40 3.23 9.74 3.51
N VAL A 41 2.76 8.70 2.89
CA VAL A 41 3.09 7.32 3.38
C VAL A 41 3.62 6.48 2.23
N ILE A 42 4.40 5.47 2.52
CA ILE A 42 4.95 4.62 1.44
C ILE A 42 4.77 3.15 1.81
N PRO A 43 4.20 2.36 0.88
CA PRO A 43 3.96 0.93 1.08
C PRO A 43 5.28 0.14 1.17
N ILE A 44 6.39 0.80 0.99
CA ILE A 44 7.69 0.09 1.08
C ILE A 44 8.10 -0.06 2.55
N ARG A 45 7.52 0.73 3.41
CA ARG A 45 7.88 0.63 4.86
C ARG A 45 7.59 -0.79 5.36
N GLY A 46 8.40 -1.29 6.23
CA GLY A 46 8.18 -2.67 6.76
C GLY A 46 8.80 -3.69 5.81
N GLY A 47 9.29 -3.24 4.68
CA GLY A 47 9.92 -4.19 3.72
C GLY A 47 11.20 -4.77 4.32
N GLN A 48 11.94 -3.97 5.06
CA GLN A 48 13.19 -4.48 5.67
C GLN A 48 12.89 -5.73 6.49
N ARG A 49 11.76 -5.76 7.15
CA ARG A 49 11.41 -6.94 7.98
C ARG A 49 11.35 -8.19 7.09
N ARG A 50 11.03 -8.01 5.83
CA ARG A 50 10.96 -9.18 4.91
C ARG A 50 12.12 -9.14 3.93
N LYS A 51 12.36 -10.22 3.23
CA LYS A 51 13.50 -10.25 2.27
C LYS A 51 13.19 -9.29 1.10
N SER A 52 11.96 -8.91 0.94
CA SER A 52 11.62 -7.99 -0.18
C SER A 52 11.17 -6.64 0.40
N GLU A 53 11.48 -5.56 -0.28
CA GLU A 53 11.08 -4.22 0.24
C GLU A 53 10.27 -3.50 -0.84
N LYS A 54 9.44 -2.56 -0.45
CA LYS A 54 8.62 -1.82 -1.44
C LYS A 54 7.46 -2.70 -1.91
N LEU A 55 6.37 -2.68 -1.22
CA LEU A 55 5.20 -3.53 -1.64
C LEU A 55 4.73 -3.09 -3.02
N PHE A 56 4.99 -1.86 -3.38
CA PHE A 56 4.56 -1.37 -4.73
C PHE A 56 5.56 -0.33 -5.22
N PRO A 57 6.47 -0.73 -6.11
CA PRO A 57 7.50 0.15 -6.67
C PRO A 57 6.89 1.26 -7.53
N GLY A 58 7.41 2.45 -7.42
CA GLY A 58 6.88 3.58 -8.23
C GLY A 58 5.53 4.06 -7.66
N TYR A 59 4.92 3.32 -6.78
CA TYR A 59 3.61 3.75 -6.22
C TYR A 59 3.80 4.40 -4.86
N VAL A 60 3.22 5.55 -4.65
CA VAL A 60 3.35 6.25 -3.34
C VAL A 60 1.97 6.75 -2.91
N PHE A 61 1.69 6.74 -1.63
CA PHE A 61 0.35 7.22 -1.18
C PHE A 61 0.50 8.58 -0.50
N VAL A 62 -0.21 9.56 -0.99
CA VAL A 62 -0.11 10.92 -0.37
C VAL A 62 -1.52 11.48 -0.12
N GLU A 63 -1.70 12.20 0.95
CA GLU A 63 -3.04 12.77 1.26
C GLU A 63 -3.01 14.29 1.03
N MET A 64 -3.91 14.81 0.25
CA MET A 64 -3.89 16.27 0.00
C MET A 64 -5.28 16.79 -0.35
N ILE A 65 -5.43 18.09 -0.42
CA ILE A 65 -6.75 18.68 -0.77
C ILE A 65 -6.80 18.97 -2.26
N MET A 66 -7.84 18.55 -2.92
CA MET A 66 -7.94 18.79 -4.39
C MET A 66 -8.29 20.25 -4.66
N ASN A 67 -7.72 20.81 -5.70
CA ASN A 67 -8.00 22.23 -6.04
C ASN A 67 -7.18 22.61 -7.28
N ASP A 68 -7.59 23.63 -7.98
CA ASP A 68 -6.83 24.06 -9.19
C ASP A 68 -5.41 24.43 -8.80
N GLU A 69 -5.24 25.12 -7.70
CA GLU A 69 -3.86 25.52 -7.27
C GLU A 69 -3.13 24.30 -6.69
N ALA A 70 -3.84 23.43 -6.03
CA ALA A 70 -3.18 22.24 -5.44
C ALA A 70 -2.70 21.30 -6.55
N TYR A 71 -3.54 21.04 -7.52
CA TYR A 71 -3.13 20.12 -8.63
C TYR A 71 -1.93 20.72 -9.36
N ASN A 72 -1.98 21.97 -9.70
CA ASN A 72 -0.84 22.61 -10.42
C ASN A 72 0.43 22.54 -9.55
N PHE A 73 0.27 22.54 -8.26
CA PHE A 73 1.47 22.50 -7.37
C PHE A 73 1.92 21.04 -7.18
N VAL A 74 0.99 20.14 -6.98
CA VAL A 74 1.37 18.72 -6.79
C VAL A 74 1.90 18.14 -8.10
N ARG A 75 1.12 18.18 -9.14
CA ARG A 75 1.57 17.64 -10.44
C ARG A 75 2.84 18.37 -10.88
N SER A 76 3.13 19.49 -10.26
CA SER A 76 4.34 20.26 -10.64
C SER A 76 5.50 19.89 -9.73
N VAL A 77 5.33 18.93 -8.86
CA VAL A 77 6.45 18.53 -7.95
C VAL A 77 7.48 17.72 -8.74
N PRO A 78 8.77 18.05 -8.55
CA PRO A 78 9.87 17.38 -9.24
C PRO A 78 10.00 15.90 -8.84
N TYR A 79 10.26 15.04 -9.79
CA TYR A 79 10.40 13.59 -9.50
C TYR A 79 9.03 12.90 -9.65
N VAL A 80 7.98 13.66 -9.80
CA VAL A 80 6.64 13.04 -9.95
C VAL A 80 6.34 12.81 -11.44
N MET A 81 6.00 11.62 -11.82
CA MET A 81 5.70 11.35 -13.25
C MET A 81 4.24 11.67 -13.54
N GLY A 82 3.39 11.55 -12.56
CA GLY A 82 1.95 11.85 -12.78
C GLY A 82 1.13 11.32 -11.60
N PHE A 83 -0.16 11.21 -11.75
CA PHE A 83 -1.01 10.70 -10.64
C PHE A 83 -2.00 9.67 -11.18
N VAL A 84 -2.25 8.62 -10.44
CA VAL A 84 -3.20 7.59 -10.91
C VAL A 84 -4.60 8.20 -11.03
N SER A 85 -5.20 8.11 -12.19
CA SER A 85 -6.56 8.69 -12.37
C SER A 85 -7.20 8.11 -13.63
N SER A 86 -8.50 8.22 -13.76
CA SER A 86 -9.18 7.67 -14.96
C SER A 86 -9.28 8.77 -16.02
N GLY A 87 -9.43 9.99 -15.61
CA GLY A 87 -9.54 11.11 -16.59
C GLY A 87 -8.55 12.22 -16.21
N GLY A 88 -8.93 13.07 -15.29
CA GLY A 88 -8.02 14.17 -14.88
C GLY A 88 -7.45 13.86 -13.49
N GLN A 89 -7.49 14.82 -12.60
CA GLN A 89 -6.96 14.61 -11.22
C GLN A 89 -7.17 13.15 -10.80
N PRO A 90 -6.29 12.65 -9.92
CA PRO A 90 -6.36 11.27 -9.41
C PRO A 90 -7.58 11.07 -8.50
N VAL A 91 -7.99 9.84 -8.33
CA VAL A 91 -9.17 9.58 -7.46
C VAL A 91 -8.69 9.14 -6.07
N PRO A 92 -9.51 9.38 -5.04
CA PRO A 92 -9.17 9.02 -3.66
C PRO A 92 -9.17 7.50 -3.45
N VAL A 93 -8.38 7.02 -2.54
CA VAL A 93 -8.33 5.55 -2.29
C VAL A 93 -9.44 5.17 -1.31
N LYS A 94 -10.06 4.03 -1.51
CA LYS A 94 -11.14 3.61 -0.59
C LYS A 94 -10.53 3.04 0.69
N ASP A 95 -11.10 3.37 1.83
CA ASP A 95 -10.56 2.85 3.12
C ASP A 95 -10.36 1.33 3.02
N ARG A 96 -11.27 0.65 2.39
CA ARG A 96 -11.14 -0.83 2.25
C ARG A 96 -9.76 -1.16 1.69
N GLU A 97 -9.30 -0.41 0.72
CA GLU A 97 -7.96 -0.69 0.13
C GLU A 97 -6.88 0.00 0.97
N MET A 98 -7.23 1.03 1.69
CA MET A 98 -6.23 1.74 2.52
C MET A 98 -6.08 1.02 3.87
N ARG A 99 -7.08 0.28 4.27
CA ARG A 99 -6.99 -0.43 5.57
C ARG A 99 -5.63 -1.14 5.68
N PRO A 100 -5.25 -1.87 4.62
CA PRO A 100 -3.98 -2.62 4.60
C PRO A 100 -2.78 -1.67 4.46
N ILE A 101 -2.97 -0.53 3.87
CA ILE A 101 -1.84 0.43 3.72
C ILE A 101 -1.66 1.22 5.02
N LEU A 102 -2.74 1.65 5.62
CA LEU A 102 -2.62 2.42 6.90
C LEU A 102 -2.12 1.48 8.00
N ARG A 103 -2.61 0.28 8.04
CA ARG A 103 -2.16 -0.67 9.09
C ARG A 103 -0.67 -0.96 8.91
N LEU A 104 -0.27 -1.32 7.72
CA LEU A 104 1.17 -1.61 7.48
C LEU A 104 1.96 -0.29 7.51
N ALA A 105 1.37 0.77 7.02
CA ALA A 105 2.08 2.08 7.00
C ALA A 105 2.19 2.63 8.43
N GLY A 106 1.68 1.92 9.39
CA GLY A 106 1.77 2.41 10.80
C GLY A 106 0.77 3.55 11.01
N LEU A 107 -0.09 3.78 10.06
CA LEU A 107 -1.10 4.86 10.21
C LEU A 107 -2.27 4.37 11.06
N GLU A 108 -2.46 3.08 11.14
CA GLU A 108 -3.57 2.54 11.96
C GLU A 108 -3.01 1.79 13.17
N GLU A 109 -3.67 1.86 14.29
CA GLU A 109 -3.16 1.15 15.50
C GLU A 109 -3.91 -0.17 15.66
N TYR A 110 -3.20 -1.26 15.69
CA TYR A 110 -3.86 -2.59 15.85
C TYR A 110 -2.92 -3.55 16.56
N GLU A 111 -3.45 -4.53 17.23
CA GLU A 111 -2.59 -5.51 17.95
C GLU A 111 -2.26 -6.68 17.02
N GLU A 112 -2.08 -7.86 17.58
CA GLU A 112 -1.77 -9.03 16.73
C GLU A 112 -2.93 -10.03 16.79
N LYS A 113 -3.09 -10.83 15.79
CA LYS A 113 -4.21 -11.82 15.80
C LYS A 113 -4.28 -12.50 17.17
N LYS A 114 -5.34 -12.27 17.90
CA LYS A 114 -5.48 -12.88 19.24
C LYS A 114 -6.21 -14.21 19.12
N LYS A 115 -6.54 -14.62 17.92
CA LYS A 115 -7.27 -15.91 17.73
C LYS A 115 -6.53 -16.78 16.72
N PRO A 116 -5.47 -17.46 17.17
CA PRO A 116 -4.66 -18.34 16.31
C PRO A 116 -5.43 -19.60 15.90
N VAL A 117 -5.60 -19.82 14.62
CA VAL A 117 -6.33 -21.04 14.17
C VAL A 117 -5.45 -21.81 13.19
N LYS A 118 -5.38 -23.11 13.34
CA LYS A 118 -4.53 -23.91 12.41
C LYS A 118 -5.41 -24.54 11.33
N VAL A 119 -5.06 -24.37 10.09
CA VAL A 119 -5.88 -24.96 8.99
C VAL A 119 -5.26 -26.30 8.56
N GLU A 120 -6.01 -27.12 7.87
CA GLU A 120 -5.47 -28.43 7.43
C GLU A 120 -6.04 -28.78 6.05
N LEU A 121 -5.22 -29.33 5.19
CA LEU A 121 -5.68 -29.72 3.82
C LEU A 121 -4.55 -29.51 2.82
N GLY A 122 -3.83 -30.57 2.49
CA GLY A 122 -2.71 -30.46 1.52
C GLY A 122 -2.88 -29.23 0.63
N PHE A 123 -2.30 -28.11 0.99
CA PHE A 123 -2.43 -26.90 0.15
C PHE A 123 -1.71 -27.12 -1.18
N LYS A 124 -2.09 -26.42 -2.21
CA LYS A 124 -1.42 -26.60 -3.52
C LYS A 124 -1.12 -25.24 -4.16
N VAL A 125 -0.10 -25.17 -4.97
CA VAL A 125 0.26 -23.88 -5.61
C VAL A 125 -0.86 -23.48 -6.58
N GLY A 126 -1.17 -22.21 -6.65
CA GLY A 126 -2.27 -21.76 -7.56
C GLY A 126 -3.60 -21.81 -6.80
N ASP A 127 -3.73 -22.71 -5.87
CA ASP A 127 -4.99 -22.82 -5.09
C ASP A 127 -5.40 -21.43 -4.61
N MET A 128 -6.63 -21.25 -4.25
CA MET A 128 -7.07 -19.90 -3.77
C MET A 128 -7.15 -19.91 -2.25
N VAL A 129 -6.52 -18.96 -1.61
CA VAL A 129 -6.57 -18.92 -0.12
C VAL A 129 -6.99 -17.54 0.35
N LYS A 130 -7.74 -17.48 1.40
CA LYS A 130 -8.20 -16.16 1.92
C LYS A 130 -7.32 -15.78 3.12
N ILE A 131 -6.95 -14.53 3.25
CA ILE A 131 -6.11 -14.13 4.40
C ILE A 131 -7.01 -13.99 5.62
N ILE A 132 -6.47 -14.13 6.79
CA ILE A 132 -7.31 -14.00 8.02
C ILE A 132 -6.46 -13.46 9.17
N SER A 133 -5.21 -13.20 8.93
CA SER A 133 -4.35 -12.67 10.03
C SER A 133 -3.27 -11.74 9.46
N GLY A 134 -2.90 -10.76 10.22
CA GLY A 134 -1.85 -9.80 9.75
C GLY A 134 -2.49 -8.49 9.29
N PRO A 135 -1.69 -7.62 8.67
CA PRO A 135 -2.15 -6.32 8.16
C PRO A 135 -3.12 -6.46 6.98
N PHE A 136 -3.09 -7.56 6.29
CA PHE A 136 -4.02 -7.74 5.14
C PHE A 136 -5.10 -8.76 5.50
N GLU A 137 -5.26 -9.04 6.77
CA GLU A 137 -6.29 -10.03 7.19
C GLU A 137 -7.62 -9.70 6.51
N ASP A 138 -8.36 -10.71 6.14
CA ASP A 138 -9.68 -10.48 5.47
C ASP A 138 -9.48 -10.18 3.98
N PHE A 139 -8.39 -10.60 3.42
CA PHE A 139 -8.16 -10.33 1.97
C PHE A 139 -8.09 -11.66 1.21
N ALA A 140 -8.65 -11.70 0.03
CA ALA A 140 -8.61 -12.97 -0.76
C ALA A 140 -7.36 -13.01 -1.63
N GLY A 141 -6.69 -14.13 -1.67
CA GLY A 141 -5.45 -14.22 -2.49
C GLY A 141 -5.28 -15.62 -3.06
N VAL A 142 -4.34 -15.80 -3.94
CA VAL A 142 -4.09 -17.13 -4.54
C VAL A 142 -2.68 -17.60 -4.17
N ILE A 143 -2.53 -18.84 -3.80
CA ILE A 143 -1.17 -19.36 -3.43
C ILE A 143 -0.29 -19.37 -4.67
N LYS A 144 0.75 -18.59 -4.69
CA LYS A 144 1.65 -18.58 -5.87
C LYS A 144 2.85 -19.48 -5.61
N GLU A 145 3.31 -19.54 -4.39
CA GLU A 145 4.48 -20.41 -4.07
C GLU A 145 4.38 -20.90 -2.62
N ILE A 146 4.79 -22.10 -2.36
CA ILE A 146 4.70 -22.63 -0.97
C ILE A 146 6.09 -23.07 -0.50
N ASP A 147 6.53 -22.60 0.63
CA ASP A 147 7.87 -23.00 1.14
C ASP A 147 7.71 -23.87 2.39
N PRO A 148 7.83 -25.19 2.22
CA PRO A 148 7.70 -26.15 3.33
C PRO A 148 8.90 -26.08 4.28
N GLU A 149 8.87 -26.83 5.35
CA GLU A 149 10.00 -26.82 6.31
C GLU A 149 9.87 -25.61 7.25
N ARG A 150 9.14 -24.61 6.85
CA ARG A 150 8.98 -23.41 7.71
C ARG A 150 7.50 -23.05 7.82
N GLN A 151 6.66 -23.66 7.02
CA GLN A 151 5.21 -23.36 7.08
C GLN A 151 4.95 -21.94 6.55
N GLU A 152 5.49 -21.60 5.41
CA GLU A 152 5.26 -20.25 4.84
C GLU A 152 4.60 -20.39 3.47
N LEU A 153 3.72 -19.48 3.12
CA LEU A 153 3.04 -19.60 1.80
C LEU A 153 2.91 -18.22 1.15
N LYS A 154 3.35 -18.08 -0.07
CA LYS A 154 3.23 -16.78 -0.77
C LYS A 154 1.91 -16.77 -1.54
N VAL A 155 1.14 -15.72 -1.43
CA VAL A 155 -0.15 -15.68 -2.16
C VAL A 155 -0.31 -14.33 -2.87
N ASN A 156 -0.58 -14.35 -4.14
CA ASN A 156 -0.75 -13.07 -4.89
C ASN A 156 -2.11 -12.44 -4.56
N VAL A 157 -2.16 -11.17 -4.34
CA VAL A 157 -3.45 -10.49 -4.03
C VAL A 157 -3.81 -9.53 -5.17
N THR A 158 -5.07 -9.36 -5.44
CA THR A 158 -5.47 -8.43 -6.55
C THR A 158 -5.88 -7.07 -5.98
N ILE A 159 -4.95 -6.17 -5.87
CA ILE A 159 -5.29 -4.82 -5.33
C ILE A 159 -4.87 -3.75 -6.36
N PHE A 160 -5.53 -2.63 -6.38
CA PHE A 160 -5.17 -1.58 -7.35
C PHE A 160 -5.33 -2.13 -8.78
N GLY A 161 -6.31 -2.97 -8.98
CA GLY A 161 -6.52 -3.55 -10.34
C GLY A 161 -5.25 -4.25 -10.81
N ARG A 162 -4.34 -4.51 -9.92
CA ARG A 162 -3.07 -5.19 -10.33
C ARG A 162 -2.83 -6.40 -9.43
N GLU A 163 -2.05 -7.34 -9.87
CA GLU A 163 -1.77 -8.55 -9.05
C GLU A 163 -0.39 -8.41 -8.39
N THR A 164 -0.30 -8.68 -7.12
CA THR A 164 1.01 -8.55 -6.42
C THR A 164 1.18 -9.71 -5.43
N PRO A 165 2.31 -10.43 -5.53
CA PRO A 165 2.62 -11.56 -4.65
C PRO A 165 2.93 -11.09 -3.22
N VAL A 166 2.37 -11.71 -2.22
CA VAL A 166 2.64 -11.28 -0.83
C VAL A 166 3.27 -12.42 -0.03
N VAL A 167 3.85 -12.10 1.10
CA VAL A 167 4.49 -13.14 1.94
C VAL A 167 3.76 -13.21 3.28
N LEU A 168 3.13 -14.32 3.57
CA LEU A 168 2.40 -14.44 4.87
C LEU A 168 2.60 -15.82 5.47
N HIS A 169 2.23 -15.98 6.70
CA HIS A 169 2.38 -17.30 7.38
C HIS A 169 1.23 -18.20 6.94
N VAL A 170 1.50 -19.46 6.73
CA VAL A 170 0.41 -20.38 6.29
C VAL A 170 -0.74 -20.30 7.30
N SER A 171 -0.42 -20.15 8.55
CA SER A 171 -1.48 -20.06 9.59
C SER A 171 -2.13 -18.67 9.53
N GLU A 172 -1.63 -17.80 8.71
CA GLU A 172 -2.22 -16.43 8.61
C GLU A 172 -3.36 -16.44 7.59
N VAL A 173 -3.60 -17.56 6.96
CA VAL A 173 -4.70 -17.62 5.95
C VAL A 173 -5.27 -19.03 5.90
N GLU A 174 -6.22 -19.27 5.04
CA GLU A 174 -6.82 -20.64 4.94
C GLU A 174 -7.01 -20.99 3.46
N LYS A 175 -7.33 -22.22 3.16
CA LYS A 175 -7.54 -22.61 1.74
C LYS A 175 -8.98 -22.31 1.33
N ILE A 176 -9.74 -21.68 2.19
CA ILE A 176 -11.16 -21.37 1.85
C ILE A 176 -11.88 -22.65 1.44
N GLU A 177 -11.85 -23.00 0.19
CA GLU A 177 -12.54 -24.24 -0.26
C GLU A 177 -12.19 -25.40 0.69
N GLY A 1 -13.49 22.33 1.24
CA GLY A 1 -13.09 22.15 2.66
C GLY A 1 -11.66 21.59 2.72
N ALA A 2 -10.70 22.44 2.91
CA ALA A 2 -9.29 21.96 2.98
C ALA A 2 -9.12 21.03 4.18
N MET A 3 -9.92 21.21 5.20
CA MET A 3 -9.81 20.34 6.40
C MET A 3 -9.87 18.87 5.97
N LYS A 4 -10.78 18.55 5.09
CA LYS A 4 -10.90 17.13 4.63
C LYS A 4 -9.69 16.78 3.76
N LYS A 5 -9.22 15.56 3.84
CA LYS A 5 -8.05 15.15 3.03
C LYS A 5 -8.21 13.69 2.60
N LYS A 6 -7.68 13.33 1.47
CA LYS A 6 -7.80 11.93 0.99
C LYS A 6 -6.42 11.36 0.70
N TRP A 7 -6.34 10.13 0.27
CA TRP A 7 -5.01 9.52 -0.04
C TRP A 7 -4.96 9.17 -1.52
N TYR A 8 -4.00 9.70 -2.23
CA TYR A 8 -3.89 9.39 -3.69
C TYR A 8 -2.59 8.64 -3.95
N ILE A 9 -2.41 8.12 -5.13
CA ILE A 9 -1.15 7.38 -5.45
C ILE A 9 -0.36 8.18 -6.48
N VAL A 10 0.76 8.73 -6.09
CA VAL A 10 1.58 9.51 -7.04
C VAL A 10 2.55 8.58 -7.77
N LEU A 11 2.79 8.82 -9.04
CA LEU A 11 3.73 7.95 -9.80
C LEU A 11 5.14 8.49 -9.68
N THR A 12 6.12 7.64 -9.65
CA THR A 12 7.53 8.10 -9.54
C THR A 12 8.47 7.03 -10.09
N MET A 13 9.68 7.41 -10.42
CA MET A 13 10.64 6.40 -10.97
C MET A 13 11.19 5.55 -9.82
N SER A 14 11.06 4.26 -9.90
CA SER A 14 11.58 3.38 -8.82
C SER A 14 12.98 3.86 -8.42
N GLY A 15 13.19 4.12 -7.16
CA GLY A 15 14.52 4.59 -6.71
C GLY A 15 14.46 6.08 -6.38
N TYR A 16 13.48 6.77 -6.89
CA TYR A 16 13.36 8.23 -6.60
C TYR A 16 12.20 8.46 -5.62
N GLU A 17 11.45 7.44 -5.32
CA GLU A 17 10.31 7.61 -4.38
C GLU A 17 10.80 8.32 -3.11
N GLU A 18 11.80 7.79 -2.46
CA GLU A 18 12.32 8.44 -1.22
C GLU A 18 12.58 9.92 -1.49
N LYS A 19 13.01 10.25 -2.68
CA LYS A 19 13.28 11.67 -3.01
C LYS A 19 11.96 12.39 -3.25
N VAL A 20 11.10 11.83 -4.06
CA VAL A 20 9.79 12.48 -4.33
C VAL A 20 9.10 12.80 -3.00
N LYS A 21 9.01 11.85 -2.13
CA LYS A 21 8.35 12.09 -0.81
C LYS A 21 9.05 13.26 -0.11
N GLU A 22 10.35 13.22 0.00
CA GLU A 22 11.08 14.33 0.67
C GLU A 22 10.85 15.63 -0.11
N ASN A 23 10.75 15.54 -1.41
CA ASN A 23 10.54 16.77 -2.22
C ASN A 23 9.17 17.37 -1.89
N ILE A 24 8.14 16.57 -1.87
CA ILE A 24 6.79 17.11 -1.55
C ILE A 24 6.84 17.86 -0.23
N GLU A 25 7.48 17.30 0.76
CA GLU A 25 7.56 17.98 2.09
C GLU A 25 8.17 19.37 1.91
N LYS A 26 9.23 19.48 1.17
CA LYS A 26 9.87 20.82 0.97
C LYS A 26 9.08 21.61 -0.07
N LYS A 27 8.56 20.94 -1.07
CA LYS A 27 7.77 21.66 -2.11
C LYS A 27 6.65 22.47 -1.44
N VAL A 28 6.16 22.00 -0.33
CA VAL A 28 5.08 22.74 0.37
C VAL A 28 5.69 23.74 1.36
N GLU A 29 6.92 23.51 1.76
CA GLU A 29 7.58 24.44 2.72
C GLU A 29 7.89 25.76 2.01
N ALA A 30 8.59 25.70 0.91
CA ALA A 30 8.93 26.96 0.18
C ALA A 30 7.65 27.63 -0.30
N THR A 31 6.63 26.86 -0.59
CA THR A 31 5.35 27.47 -1.06
C THR A 31 4.48 27.81 0.15
N GLY A 32 4.88 27.39 1.32
CA GLY A 32 4.08 27.71 2.54
C GLY A 32 2.69 27.08 2.40
N ILE A 33 2.58 26.01 1.66
CA ILE A 33 1.25 25.36 1.48
C ILE A 33 1.21 24.05 2.28
N LYS A 34 1.12 24.15 3.58
CA LYS A 34 1.07 22.91 4.42
C LYS A 34 -0.37 22.43 4.55
N ASN A 35 -1.30 23.16 4.00
CA ASN A 35 -2.74 22.76 4.09
C ASN A 35 -3.12 21.94 2.86
N LEU A 36 -2.29 21.96 1.85
CA LEU A 36 -2.61 21.18 0.62
C LEU A 36 -2.10 19.75 0.78
N VAL A 37 -0.88 19.59 1.22
CA VAL A 37 -0.31 18.22 1.39
C VAL A 37 -0.51 17.77 2.83
N GLY A 38 -0.80 16.52 3.04
CA GLY A 38 -1.01 16.02 4.43
C GLY A 38 0.11 15.04 4.79
N ARG A 39 -0.24 13.85 5.18
CA ARG A 39 0.81 12.85 5.55
C ARG A 39 1.14 11.98 4.35
N ILE A 40 2.39 11.67 4.15
CA ILE A 40 2.78 10.81 3.00
C ILE A 40 3.14 9.42 3.50
N VAL A 41 2.68 8.39 2.82
CA VAL A 41 3.01 7.00 3.26
C VAL A 41 3.59 6.24 2.07
N ILE A 42 4.26 5.14 2.32
CA ILE A 42 4.86 4.37 1.20
C ILE A 42 4.78 2.87 1.51
N PRO A 43 4.22 2.09 0.57
CA PRO A 43 4.07 0.64 0.70
C PRO A 43 5.44 -0.06 0.65
N ILE A 44 6.48 0.69 0.44
CA ILE A 44 7.84 0.07 0.37
C ILE A 44 8.11 -0.71 1.67
N ARG A 45 7.90 -0.09 2.80
CA ARG A 45 8.15 -0.80 4.08
C ARG A 45 9.63 -1.19 4.18
N GLY A 46 10.23 -1.06 5.33
CA GLY A 46 11.65 -1.42 5.47
C GLY A 46 12.53 -0.18 5.30
N GLY A 47 11.94 0.99 5.40
CA GLY A 47 12.74 2.23 5.25
C GLY A 47 13.84 2.28 6.31
N GLN A 48 13.63 1.62 7.42
CA GLN A 48 14.66 1.62 8.49
C GLN A 48 16.01 1.16 7.92
N ARG A 49 15.97 0.29 6.94
CA ARG A 49 17.25 -0.20 6.35
C ARG A 49 17.50 0.53 5.03
N ARG A 50 18.74 0.78 4.71
CA ARG A 50 19.07 1.49 3.44
C ARG A 50 18.40 0.75 2.27
N LYS A 51 18.43 -0.55 2.28
CA LYS A 51 17.80 -1.32 1.17
C LYS A 51 16.37 -1.70 1.57
N SER A 52 15.40 -1.18 0.86
CA SER A 52 13.98 -1.51 1.20
C SER A 52 13.44 -2.50 0.18
N GLU A 53 12.42 -3.24 0.54
CA GLU A 53 11.84 -4.23 -0.41
C GLU A 53 10.98 -3.49 -1.45
N LYS A 54 10.16 -2.57 -1.01
CA LYS A 54 9.30 -1.83 -1.96
C LYS A 54 8.16 -2.73 -2.42
N LEU A 55 7.05 -2.74 -1.70
CA LEU A 55 5.92 -3.61 -2.13
C LEU A 55 5.35 -3.11 -3.45
N PHE A 56 5.55 -1.86 -3.76
CA PHE A 56 5.01 -1.32 -5.04
C PHE A 56 5.99 -0.28 -5.58
N PRO A 57 6.86 -0.69 -6.51
CA PRO A 57 7.87 0.20 -7.10
C PRO A 57 7.24 1.31 -7.94
N GLY A 58 7.73 2.52 -7.80
CA GLY A 58 7.17 3.65 -8.58
C GLY A 58 5.84 4.11 -7.99
N TYR A 59 5.24 3.35 -7.12
CA TYR A 59 3.93 3.77 -6.56
C TYR A 59 4.12 4.36 -5.16
N VAL A 60 3.55 5.51 -4.92
CA VAL A 60 3.69 6.15 -3.57
C VAL A 60 2.31 6.66 -3.13
N PHE A 61 2.04 6.65 -1.85
CA PHE A 61 0.71 7.13 -1.38
C PHE A 61 0.86 8.49 -0.68
N VAL A 62 0.17 9.48 -1.16
CA VAL A 62 0.26 10.83 -0.54
C VAL A 62 -1.14 11.33 -0.17
N GLU A 63 -1.29 11.90 1.00
CA GLU A 63 -2.62 12.41 1.41
C GLU A 63 -2.65 13.92 1.20
N MET A 64 -3.60 14.42 0.45
CA MET A 64 -3.65 15.90 0.22
C MET A 64 -5.06 16.33 -0.15
N ILE A 65 -5.26 17.61 -0.31
CA ILE A 65 -6.61 18.12 -0.68
C ILE A 65 -6.65 18.40 -2.18
N MET A 66 -7.68 17.93 -2.85
CA MET A 66 -7.76 18.14 -4.32
C MET A 66 -8.19 19.58 -4.61
N ASN A 67 -7.66 20.15 -5.67
CA ASN A 67 -8.01 21.55 -6.03
C ASN A 67 -7.17 21.97 -7.24
N ASP A 68 -7.46 23.11 -7.81
CA ASP A 68 -6.67 23.57 -8.99
C ASP A 68 -5.25 23.89 -8.56
N GLU A 69 -5.08 24.52 -7.43
CA GLU A 69 -3.72 24.86 -6.95
C GLU A 69 -2.99 23.60 -6.50
N ALA A 70 -3.69 22.70 -5.87
CA ALA A 70 -3.03 21.44 -5.40
C ALA A 70 -2.56 20.63 -6.61
N TYR A 71 -3.39 20.51 -7.61
CA TYR A 71 -2.99 19.74 -8.81
C TYR A 71 -1.75 20.37 -9.45
N ASN A 72 -1.79 21.64 -9.71
CA ASN A 72 -0.62 22.32 -10.34
C ASN A 72 0.63 22.16 -9.45
N PHE A 73 0.44 22.03 -8.16
CA PHE A 73 1.62 21.89 -7.25
C PHE A 73 2.04 20.42 -7.18
N VAL A 74 1.10 19.53 -7.05
CA VAL A 74 1.45 18.08 -6.96
C VAL A 74 1.97 17.58 -8.31
N ARG A 75 1.18 17.71 -9.35
CA ARG A 75 1.64 17.23 -10.69
C ARG A 75 2.90 17.99 -11.11
N SER A 76 3.12 19.16 -10.56
CA SER A 76 4.33 19.93 -10.94
C SER A 76 5.47 19.63 -9.96
N VAL A 77 5.28 18.70 -9.06
CA VAL A 77 6.35 18.38 -8.09
C VAL A 77 7.50 17.67 -8.82
N PRO A 78 8.74 18.16 -8.63
CA PRO A 78 9.93 17.60 -9.28
C PRO A 78 10.22 16.17 -8.80
N TYR A 79 10.60 15.31 -9.71
CA TYR A 79 10.89 13.89 -9.36
C TYR A 79 9.63 13.04 -9.52
N VAL A 80 8.50 13.67 -9.68
CA VAL A 80 7.24 12.88 -9.84
C VAL A 80 6.96 12.70 -11.33
N MET A 81 6.62 11.50 -11.74
CA MET A 81 6.34 11.26 -13.17
C MET A 81 4.86 11.53 -13.46
N GLY A 82 4.02 11.39 -12.47
CA GLY A 82 2.57 11.65 -12.69
C GLY A 82 1.76 10.98 -11.57
N PHE A 83 0.50 10.77 -11.80
CA PHE A 83 -0.35 10.14 -10.74
C PHE A 83 -1.30 9.14 -11.41
N VAL A 84 -1.74 8.14 -10.68
CA VAL A 84 -2.66 7.14 -11.26
C VAL A 84 -4.11 7.65 -11.15
N SER A 85 -4.73 7.92 -12.27
CA SER A 85 -6.13 8.42 -12.25
C SER A 85 -6.87 7.94 -13.50
N SER A 86 -8.17 8.00 -13.48
CA SER A 86 -8.95 7.54 -14.68
C SER A 86 -9.09 8.70 -15.67
N GLY A 87 -9.20 9.90 -15.17
CA GLY A 87 -9.34 11.07 -16.09
C GLY A 87 -8.29 12.13 -15.72
N GLY A 88 -8.63 13.04 -14.85
CA GLY A 88 -7.65 14.09 -14.46
C GLY A 88 -7.07 13.75 -13.08
N GLN A 89 -7.14 14.68 -12.16
CA GLN A 89 -6.59 14.44 -10.79
C GLN A 89 -6.70 12.95 -10.43
N PRO A 90 -5.80 12.47 -9.56
CA PRO A 90 -5.78 11.07 -9.13
C PRO A 90 -6.99 10.72 -8.26
N VAL A 91 -7.57 9.58 -8.48
CA VAL A 91 -8.76 9.18 -7.67
C VAL A 91 -8.30 8.78 -6.26
N PRO A 92 -9.13 9.09 -5.25
CA PRO A 92 -8.82 8.78 -3.85
C PRO A 92 -8.88 7.27 -3.58
N VAL A 93 -8.16 6.81 -2.60
CA VAL A 93 -8.18 5.35 -2.29
C VAL A 93 -9.22 5.08 -1.20
N LYS A 94 -10.10 4.14 -1.41
CA LYS A 94 -11.13 3.83 -0.39
C LYS A 94 -10.46 3.31 0.88
N ASP A 95 -10.95 3.70 2.03
CA ASP A 95 -10.34 3.23 3.30
C ASP A 95 -10.21 1.70 3.27
N ARG A 96 -11.19 1.03 2.73
CA ARG A 96 -11.11 -0.46 2.67
C ARG A 96 -9.86 -0.89 1.91
N GLU A 97 -9.51 -0.17 0.87
CA GLU A 97 -8.29 -0.53 0.09
C GLU A 97 -7.05 -0.07 0.84
N MET A 98 -7.18 0.94 1.66
CA MET A 98 -6.00 1.43 2.43
C MET A 98 -5.85 0.63 3.71
N ARG A 99 -6.93 0.02 4.16
CA ARG A 99 -6.86 -0.79 5.42
C ARG A 99 -5.51 -1.51 5.51
N PRO A 100 -5.14 -2.24 4.45
CA PRO A 100 -3.86 -2.98 4.41
C PRO A 100 -2.67 -2.04 4.30
N ILE A 101 -2.86 -0.88 3.72
CA ILE A 101 -1.72 0.08 3.59
C ILE A 101 -1.56 0.86 4.90
N LEU A 102 -2.64 1.30 5.49
CA LEU A 102 -2.54 2.06 6.75
C LEU A 102 -2.08 1.11 7.88
N ARG A 103 -2.58 -0.09 7.89
CA ARG A 103 -2.17 -1.06 8.96
C ARG A 103 -0.68 -1.36 8.80
N LEU A 104 -0.26 -1.71 7.62
CA LEU A 104 1.18 -2.02 7.39
C LEU A 104 1.98 -0.72 7.45
N ALA A 105 1.43 0.36 6.95
CA ALA A 105 2.16 1.66 6.97
C ALA A 105 2.25 2.19 8.41
N GLY A 106 1.73 1.47 9.36
CA GLY A 106 1.80 1.95 10.77
C GLY A 106 0.78 3.07 10.98
N LEU A 107 -0.07 3.31 10.01
CA LEU A 107 -1.08 4.39 10.16
C LEU A 107 -2.26 3.87 10.98
N GLU A 108 -2.43 2.58 11.03
CA GLU A 108 -3.57 2.01 11.81
C GLU A 108 -3.01 1.17 12.96
N GLU A 109 -3.66 1.21 14.10
CA GLU A 109 -3.16 0.41 15.26
C GLU A 109 -4.20 -0.66 15.62
N TYR A 110 -3.84 -1.90 15.58
CA TYR A 110 -4.80 -2.98 15.93
C TYR A 110 -4.11 -4.05 16.77
N GLU A 111 -4.85 -4.84 17.48
CA GLU A 111 -4.22 -5.90 18.33
C GLU A 111 -3.80 -7.08 17.44
N GLU A 112 -3.89 -8.28 17.93
CA GLU A 112 -3.51 -9.46 17.12
C GLU A 112 -4.62 -10.50 17.15
N LYS A 113 -4.70 -11.34 16.15
CA LYS A 113 -5.76 -12.38 16.11
C LYS A 113 -6.07 -12.86 17.54
N LYS A 114 -7.30 -13.19 17.81
CA LYS A 114 -7.67 -13.67 19.18
C LYS A 114 -7.00 -15.02 19.44
N LYS A 115 -7.02 -15.90 18.48
CA LYS A 115 -6.38 -17.23 18.69
C LYS A 115 -5.84 -17.75 17.35
N PRO A 116 -4.88 -18.68 17.41
CA PRO A 116 -4.27 -19.28 16.21
C PRO A 116 -5.25 -20.20 15.48
N VAL A 117 -5.52 -19.92 14.23
CA VAL A 117 -6.47 -20.79 13.47
C VAL A 117 -5.67 -21.78 12.61
N LYS A 118 -6.19 -22.96 12.41
CA LYS A 118 -5.47 -23.97 11.58
C LYS A 118 -5.81 -23.76 10.11
N VAL A 119 -5.12 -24.43 9.23
CA VAL A 119 -5.42 -24.26 7.77
C VAL A 119 -5.97 -25.58 7.21
N GLU A 120 -6.32 -25.59 5.96
CA GLU A 120 -6.86 -26.84 5.36
C GLU A 120 -5.76 -27.89 5.27
N LEU A 121 -4.53 -27.47 5.24
CA LEU A 121 -3.40 -28.44 5.16
C LEU A 121 -3.24 -28.91 3.71
N GLY A 122 -2.10 -29.46 3.39
CA GLY A 122 -1.87 -29.95 2.00
C GLY A 122 -2.41 -28.93 0.99
N PHE A 123 -2.10 -27.67 1.19
CA PHE A 123 -2.59 -26.63 0.24
C PHE A 123 -1.96 -26.87 -1.14
N LYS A 124 -2.30 -26.08 -2.11
CA LYS A 124 -1.71 -26.28 -3.47
C LYS A 124 -1.42 -24.91 -4.11
N VAL A 125 -0.36 -24.84 -4.89
CA VAL A 125 -0.02 -23.55 -5.55
C VAL A 125 -1.13 -23.17 -6.52
N GLY A 126 -1.43 -21.90 -6.62
CA GLY A 126 -2.52 -21.46 -7.54
C GLY A 126 -3.86 -21.54 -6.82
N ASP A 127 -3.99 -22.48 -5.92
CA ASP A 127 -5.27 -22.61 -5.17
C ASP A 127 -5.69 -21.23 -4.65
N MET A 128 -6.93 -21.08 -4.25
CA MET A 128 -7.38 -19.77 -3.73
C MET A 128 -7.39 -19.79 -2.20
N VAL A 129 -6.75 -18.84 -1.58
CA VAL A 129 -6.72 -18.82 -0.10
C VAL A 129 -7.20 -17.45 0.40
N LYS A 130 -7.94 -17.44 1.46
CA LYS A 130 -8.44 -16.14 2.00
C LYS A 130 -7.59 -15.74 3.20
N ILE A 131 -7.30 -14.47 3.35
CA ILE A 131 -6.48 -14.04 4.51
C ILE A 131 -7.40 -13.90 5.73
N ILE A 132 -6.87 -14.07 6.90
CA ILE A 132 -7.73 -13.95 8.11
C ILE A 132 -6.88 -13.46 9.29
N SER A 133 -5.61 -13.21 9.06
CA SER A 133 -4.75 -12.74 10.18
C SER A 133 -3.68 -11.79 9.63
N GLY A 134 -3.34 -10.78 10.39
CA GLY A 134 -2.30 -9.82 9.94
C GLY A 134 -2.95 -8.53 9.42
N PRO A 135 -2.16 -7.70 8.74
CA PRO A 135 -2.62 -6.41 8.19
C PRO A 135 -3.61 -6.60 7.03
N PHE A 136 -3.60 -7.72 6.38
CA PHE A 136 -4.55 -7.93 5.25
C PHE A 136 -5.66 -8.90 5.68
N GLU A 137 -5.82 -9.11 6.96
CA GLU A 137 -6.87 -10.04 7.44
C GLU A 137 -8.19 -9.72 6.73
N ASP A 138 -8.91 -10.74 6.31
CA ASP A 138 -10.21 -10.52 5.62
C ASP A 138 -9.98 -10.20 4.13
N PHE A 139 -8.86 -10.58 3.59
CA PHE A 139 -8.58 -10.29 2.15
C PHE A 139 -8.49 -11.60 1.37
N ALA A 140 -8.98 -11.61 0.16
CA ALA A 140 -8.91 -12.87 -0.66
C ALA A 140 -7.64 -12.86 -1.49
N GLY A 141 -6.93 -13.97 -1.53
CA GLY A 141 -5.68 -14.01 -2.32
C GLY A 141 -5.49 -15.41 -2.93
N VAL A 142 -4.58 -15.53 -3.86
CA VAL A 142 -4.33 -16.85 -4.49
C VAL A 142 -2.91 -17.33 -4.14
N ILE A 143 -2.76 -18.58 -3.81
CA ILE A 143 -1.41 -19.09 -3.46
C ILE A 143 -0.53 -19.11 -4.71
N LYS A 144 0.59 -18.43 -4.67
CA LYS A 144 1.48 -18.42 -5.87
C LYS A 144 2.71 -19.29 -5.60
N GLU A 145 3.17 -19.34 -4.38
CA GLU A 145 4.38 -20.17 -4.08
C GLU A 145 4.33 -20.65 -2.62
N ILE A 146 4.84 -21.82 -2.35
CA ILE A 146 4.82 -22.34 -0.96
C ILE A 146 6.25 -22.62 -0.50
N ASP A 147 6.66 -22.01 0.57
CA ASP A 147 8.05 -22.23 1.07
C ASP A 147 7.99 -23.10 2.34
N PRO A 148 8.25 -24.41 2.18
CA PRO A 148 8.24 -25.35 3.30
C PRO A 148 9.44 -25.16 4.23
N GLU A 149 9.46 -25.85 5.34
CA GLU A 149 10.60 -25.71 6.29
C GLU A 149 10.42 -24.44 7.14
N ARG A 150 9.62 -23.52 6.69
CA ARG A 150 9.41 -22.27 7.48
C ARG A 150 7.91 -22.02 7.65
N GLN A 151 7.09 -22.72 6.91
CA GLN A 151 5.62 -22.53 7.04
C GLN A 151 5.23 -21.16 6.47
N GLU A 152 5.70 -20.83 5.30
CA GLU A 152 5.34 -19.52 4.70
C GLU A 152 4.61 -19.75 3.37
N LEU A 153 3.64 -18.93 3.07
CA LEU A 153 2.90 -19.11 1.80
C LEU A 153 2.85 -17.80 1.02
N LYS A 154 3.18 -17.83 -0.24
CA LYS A 154 3.14 -16.59 -1.06
C LYS A 154 1.78 -16.50 -1.74
N VAL A 155 1.08 -15.41 -1.57
CA VAL A 155 -0.26 -15.28 -2.20
C VAL A 155 -0.33 -14.01 -3.04
N ASN A 156 -1.05 -14.05 -4.13
CA ASN A 156 -1.16 -12.84 -4.99
C ASN A 156 -2.48 -12.12 -4.70
N VAL A 157 -2.41 -10.92 -4.17
CA VAL A 157 -3.65 -10.17 -3.85
C VAL A 157 -3.97 -9.20 -4.99
N THR A 158 -5.23 -9.03 -5.29
CA THR A 158 -5.60 -8.10 -6.39
C THR A 158 -5.98 -6.73 -5.81
N ILE A 159 -5.05 -5.81 -5.77
CA ILE A 159 -5.36 -4.46 -5.22
C ILE A 159 -4.98 -3.40 -6.25
N PHE A 160 -5.70 -2.31 -6.29
CA PHE A 160 -5.39 -1.24 -7.28
C PHE A 160 -5.56 -1.80 -8.70
N GLY A 161 -6.53 -2.64 -8.89
CA GLY A 161 -6.76 -3.22 -10.25
C GLY A 161 -5.49 -3.92 -10.73
N ARG A 162 -4.58 -4.21 -9.84
CA ARG A 162 -3.32 -4.89 -10.23
C ARG A 162 -3.08 -6.09 -9.32
N GLU A 163 -2.29 -7.04 -9.76
CA GLU A 163 -2.01 -8.24 -8.92
C GLU A 163 -0.66 -8.07 -8.23
N THR A 164 -0.60 -8.33 -6.95
CA THR A 164 0.69 -8.18 -6.22
C THR A 164 0.81 -9.28 -5.16
N PRO A 165 1.90 -10.05 -5.21
CA PRO A 165 2.14 -11.14 -4.25
C PRO A 165 2.48 -10.60 -2.85
N VAL A 166 1.96 -11.22 -1.82
CA VAL A 166 2.26 -10.74 -0.45
C VAL A 166 2.84 -11.88 0.38
N VAL A 167 3.77 -11.59 1.24
CA VAL A 167 4.38 -12.65 2.09
C VAL A 167 3.62 -12.76 3.41
N LEU A 168 3.05 -13.89 3.68
CA LEU A 168 2.28 -14.04 4.95
C LEU A 168 2.52 -15.42 5.57
N HIS A 169 2.13 -15.58 6.81
CA HIS A 169 2.32 -16.88 7.50
C HIS A 169 1.21 -17.84 7.08
N VAL A 170 1.51 -19.11 6.98
CA VAL A 170 0.46 -20.09 6.58
C VAL A 170 -0.67 -20.05 7.61
N SER A 171 -0.34 -19.83 8.85
CA SER A 171 -1.40 -19.77 9.91
C SER A 171 -2.11 -18.43 9.83
N GLU A 172 -1.64 -17.54 9.00
CA GLU A 172 -2.31 -16.22 8.88
C GLU A 172 -3.26 -16.24 7.69
N VAL A 173 -3.44 -17.38 7.07
CA VAL A 173 -4.35 -17.47 5.91
C VAL A 173 -4.98 -18.86 5.88
N GLU A 174 -5.98 -19.08 5.07
CA GLU A 174 -6.62 -20.42 5.01
C GLU A 174 -6.91 -20.79 3.56
N LYS A 175 -7.25 -22.01 3.29
CA LYS A 175 -7.53 -22.42 1.89
C LYS A 175 -9.03 -22.29 1.62
N ILE A 176 -9.71 -21.47 2.37
CA ILE A 176 -11.17 -21.28 2.16
C ILE A 176 -11.83 -22.64 1.89
N GLU A 177 -11.97 -23.00 0.65
CA GLU A 177 -12.61 -24.32 0.32
C GLU A 177 -11.68 -25.45 0.77
N GLY A 1 -15.25 20.92 2.10
CA GLY A 1 -14.69 20.23 3.29
C GLY A 1 -13.18 20.12 3.15
N ALA A 2 -12.50 21.22 3.07
CA ALA A 2 -11.01 21.18 2.91
C ALA A 2 -10.40 20.53 4.16
N MET A 3 -11.10 20.56 5.27
CA MET A 3 -10.55 19.94 6.51
C MET A 3 -10.41 18.44 6.30
N LYS A 4 -11.06 17.89 5.32
CA LYS A 4 -10.96 16.43 5.07
C LYS A 4 -10.18 16.19 3.78
N LYS A 5 -9.07 15.50 3.86
CA LYS A 5 -8.26 15.23 2.64
C LYS A 5 -8.40 13.76 2.26
N LYS A 6 -7.84 13.38 1.13
CA LYS A 6 -7.95 11.96 0.70
C LYS A 6 -6.56 11.43 0.37
N TRP A 7 -6.45 10.17 0.05
CA TRP A 7 -5.11 9.59 -0.28
C TRP A 7 -5.08 9.21 -1.77
N TYR A 8 -4.13 9.73 -2.49
CA TYR A 8 -4.05 9.41 -3.95
C TYR A 8 -2.75 8.67 -4.23
N ILE A 9 -2.59 8.13 -5.42
CA ILE A 9 -1.34 7.40 -5.74
C ILE A 9 -0.49 8.25 -6.70
N VAL A 10 0.67 8.66 -6.27
CA VAL A 10 1.54 9.48 -7.16
C VAL A 10 2.51 8.57 -7.91
N LEU A 11 2.74 8.83 -9.17
CA LEU A 11 3.66 7.98 -9.95
C LEU A 11 5.10 8.50 -9.78
N THR A 12 6.06 7.62 -9.79
CA THR A 12 7.47 8.06 -9.62
C THR A 12 8.40 6.99 -10.18
N MET A 13 9.69 7.18 -10.04
CA MET A 13 10.66 6.18 -10.57
C MET A 13 11.18 5.32 -9.42
N SER A 14 10.96 4.03 -9.49
CA SER A 14 11.43 3.13 -8.40
C SER A 14 12.86 3.54 -8.00
N GLY A 15 13.10 3.74 -6.73
CA GLY A 15 14.46 4.14 -6.28
C GLY A 15 14.48 5.65 -6.00
N TYR A 16 13.54 6.36 -6.55
CA TYR A 16 13.50 7.84 -6.32
C TYR A 16 12.32 8.19 -5.43
N GLU A 17 11.67 7.21 -4.87
CA GLU A 17 10.51 7.48 -3.98
C GLU A 17 10.96 8.34 -2.80
N GLU A 18 12.06 8.01 -2.19
CA GLU A 18 12.55 8.81 -1.04
C GLU A 18 12.76 10.27 -1.48
N LYS A 19 13.20 10.46 -2.70
CA LYS A 19 13.43 11.85 -3.20
C LYS A 19 12.08 12.52 -3.45
N VAL A 20 11.09 11.78 -3.87
CA VAL A 20 9.76 12.37 -4.13
C VAL A 20 9.09 12.71 -2.80
N LYS A 21 8.99 11.76 -1.91
CA LYS A 21 8.34 12.03 -0.59
C LYS A 21 9.07 13.19 0.11
N GLU A 22 10.37 13.12 0.18
CA GLU A 22 11.14 14.21 0.86
C GLU A 22 10.94 15.50 0.07
N ASN A 23 10.87 15.41 -1.23
CA ASN A 23 10.68 16.63 -2.06
C ASN A 23 9.34 17.28 -1.72
N ILE A 24 8.29 16.52 -1.66
CA ILE A 24 6.96 17.10 -1.33
C ILE A 24 7.05 17.84 0.01
N GLU A 25 7.70 17.27 0.99
CA GLU A 25 7.81 17.94 2.31
C GLU A 25 8.46 19.31 2.15
N LYS A 26 9.55 19.38 1.42
CA LYS A 26 10.22 20.70 1.24
C LYS A 26 9.43 21.56 0.25
N LYS A 27 8.88 20.96 -0.76
CA LYS A 27 8.10 21.76 -1.76
C LYS A 27 6.99 22.53 -1.03
N VAL A 28 6.52 22.00 0.06
CA VAL A 28 5.44 22.69 0.83
C VAL A 28 6.07 23.75 1.74
N GLU A 29 7.30 23.55 2.13
CA GLU A 29 7.96 24.54 3.03
C GLU A 29 8.19 25.84 2.26
N ALA A 30 8.79 25.77 1.10
CA ALA A 30 9.03 27.00 0.32
C ALA A 30 7.74 27.82 0.21
N THR A 31 6.64 27.16 -0.06
CA THR A 31 5.35 27.89 -0.16
C THR A 31 4.69 27.98 1.21
N GLY A 32 5.23 27.30 2.19
CA GLY A 32 4.63 27.35 3.54
C GLY A 32 3.15 26.94 3.47
N ILE A 33 2.79 26.22 2.44
CA ILE A 33 1.37 25.80 2.31
C ILE A 33 1.13 24.52 3.11
N LYS A 34 0.56 24.63 4.28
CA LYS A 34 0.30 23.42 5.11
C LYS A 34 -1.18 23.06 5.02
N ASN A 35 -1.79 23.25 3.88
CA ASN A 35 -3.23 22.91 3.75
C ASN A 35 -3.47 22.19 2.42
N LEU A 36 -2.43 21.84 1.73
CA LEU A 36 -2.60 21.14 0.42
C LEU A 36 -2.07 19.71 0.54
N VAL A 37 -0.94 19.53 1.17
CA VAL A 37 -0.37 18.17 1.33
C VAL A 37 -0.53 17.71 2.78
N GLY A 38 -0.90 16.47 2.98
CA GLY A 38 -1.08 15.97 4.38
C GLY A 38 0.04 14.99 4.73
N ARG A 39 -0.31 13.80 5.12
CA ARG A 39 0.74 12.79 5.48
C ARG A 39 1.02 11.90 4.28
N ILE A 40 2.27 11.58 4.05
CA ILE A 40 2.61 10.69 2.91
C ILE A 40 2.87 9.27 3.42
N VAL A 41 2.35 8.28 2.75
CA VAL A 41 2.57 6.88 3.22
C VAL A 41 3.33 6.10 2.14
N ILE A 42 4.14 5.16 2.55
CA ILE A 42 4.91 4.36 1.55
C ILE A 42 4.54 2.87 1.71
N PRO A 43 4.11 2.24 0.62
CA PRO A 43 3.73 0.82 0.62
C PRO A 43 4.94 -0.10 0.79
N ILE A 44 6.12 0.46 0.80
CA ILE A 44 7.34 -0.38 0.96
C ILE A 44 7.34 -1.01 2.37
N ARG A 45 7.55 -2.29 2.45
CA ARG A 45 7.57 -2.96 3.78
C ARG A 45 8.71 -2.40 4.63
N GLY A 46 9.89 -2.32 4.07
CA GLY A 46 11.05 -1.77 4.83
C GLY A 46 10.95 -0.25 4.88
N GLY A 47 10.84 0.31 6.06
CA GLY A 47 10.74 1.79 6.17
C GLY A 47 12.14 2.40 6.17
N GLN A 48 13.14 1.62 5.84
CA GLN A 48 14.53 2.16 5.81
C GLN A 48 14.98 2.32 4.37
N ARG A 49 16.05 3.06 4.14
CA ARG A 49 16.54 3.26 2.75
C ARG A 49 16.95 1.90 2.16
N ARG A 50 17.40 1.00 2.98
CA ARG A 50 17.81 -0.35 2.46
C ARG A 50 16.87 -1.41 3.01
N LYS A 51 17.03 -2.63 2.58
CA LYS A 51 16.15 -3.73 3.09
C LYS A 51 14.68 -3.34 2.83
N SER A 52 14.43 -2.57 1.82
CA SER A 52 13.03 -2.16 1.52
C SER A 52 12.41 -3.15 0.52
N GLU A 53 11.19 -3.53 0.74
CA GLU A 53 10.53 -4.49 -0.19
C GLU A 53 9.78 -3.72 -1.28
N LYS A 54 9.00 -2.75 -0.90
CA LYS A 54 8.23 -1.96 -1.91
C LYS A 54 7.06 -2.79 -2.44
N LEU A 55 5.93 -2.73 -1.78
CA LEU A 55 4.77 -3.51 -2.25
C LEU A 55 4.39 -3.07 -3.66
N PHE A 56 4.72 -1.87 -4.02
CA PHE A 56 4.38 -1.37 -5.39
C PHE A 56 5.42 -0.33 -5.80
N PRO A 57 6.34 -0.71 -6.69
CA PRO A 57 7.39 0.19 -7.17
C PRO A 57 6.84 1.34 -8.00
N GLY A 58 7.40 2.51 -7.86
CA GLY A 58 6.90 3.68 -8.63
C GLY A 58 5.56 4.17 -8.07
N TYR A 59 4.97 3.44 -7.16
CA TYR A 59 3.66 3.89 -6.60
C TYR A 59 3.87 4.49 -5.21
N VAL A 60 3.29 5.64 -4.97
CA VAL A 60 3.45 6.29 -3.64
C VAL A 60 2.08 6.80 -3.18
N PHE A 61 1.82 6.80 -1.90
CA PHE A 61 0.49 7.27 -1.41
C PHE A 61 0.65 8.61 -0.67
N VAL A 62 -0.04 9.62 -1.11
CA VAL A 62 0.07 10.95 -0.44
C VAL A 62 -1.32 11.50 -0.14
N GLU A 63 -1.49 12.15 0.97
CA GLU A 63 -2.82 12.73 1.31
C GLU A 63 -2.82 14.22 1.01
N MET A 64 -3.75 14.70 0.22
CA MET A 64 -3.76 16.15 -0.10
C MET A 64 -5.12 16.55 -0.68
N ILE A 65 -5.25 17.79 -1.06
CA ILE A 65 -6.54 18.27 -1.63
C ILE A 65 -6.43 18.34 -3.15
N MET A 66 -7.31 17.68 -3.84
CA MET A 66 -7.26 17.70 -5.34
C MET A 66 -8.09 18.89 -5.86
N ASN A 67 -7.46 19.97 -6.20
CA ASN A 67 -8.21 21.14 -6.72
C ASN A 67 -7.44 21.76 -7.90
N ASP A 68 -7.78 22.96 -8.27
CA ASP A 68 -7.07 23.60 -9.41
C ASP A 68 -5.66 24.02 -8.99
N GLU A 69 -5.53 24.73 -7.91
CA GLU A 69 -4.18 25.16 -7.45
C GLU A 69 -3.42 23.97 -6.88
N ALA A 70 -3.95 23.33 -5.88
CA ALA A 70 -3.25 22.17 -5.28
C ALA A 70 -2.79 21.23 -6.40
N TYR A 71 -3.62 20.97 -7.36
CA TYR A 71 -3.23 20.06 -8.47
C TYR A 71 -2.03 20.65 -9.21
N ASN A 72 -2.13 21.89 -9.63
CA ASN A 72 -1.00 22.53 -10.36
C ASN A 72 0.26 22.52 -9.49
N PHE A 73 0.10 22.56 -8.19
CA PHE A 73 1.29 22.54 -7.30
C PHE A 73 1.77 21.11 -7.09
N VAL A 74 0.87 20.20 -6.88
CA VAL A 74 1.29 18.78 -6.68
C VAL A 74 1.92 18.24 -7.96
N ARG A 75 1.20 18.27 -9.04
CA ARG A 75 1.75 17.75 -10.32
C ARG A 75 3.04 18.51 -10.69
N SER A 76 3.33 19.58 -10.01
CA SER A 76 4.56 20.35 -10.33
C SER A 76 5.71 19.92 -9.42
N VAL A 77 5.49 18.92 -8.60
CA VAL A 77 6.57 18.45 -7.69
C VAL A 77 7.65 17.74 -8.52
N PRO A 78 8.91 18.14 -8.34
CA PRO A 78 10.04 17.54 -9.07
C PRO A 78 10.25 16.07 -8.71
N TYR A 79 10.56 15.26 -9.68
CA TYR A 79 10.77 13.79 -9.44
C TYR A 79 9.46 13.04 -9.63
N VAL A 80 8.35 13.73 -9.77
CA VAL A 80 7.06 13.03 -9.96
C VAL A 80 6.76 12.88 -11.46
N MET A 81 6.36 11.72 -11.88
CA MET A 81 6.04 11.50 -13.32
C MET A 81 4.59 11.90 -13.58
N GLY A 82 3.77 11.87 -12.56
CA GLY A 82 2.33 12.25 -12.75
C GLY A 82 1.49 11.56 -11.67
N PHE A 83 0.23 11.38 -11.93
CA PHE A 83 -0.65 10.72 -10.91
C PHE A 83 -1.54 9.69 -11.60
N VAL A 84 -1.79 8.58 -10.95
CA VAL A 84 -2.65 7.53 -11.57
C VAL A 84 -4.10 8.03 -11.65
N SER A 85 -4.72 7.89 -12.78
CA SER A 85 -6.12 8.35 -12.92
C SER A 85 -6.73 7.79 -14.22
N SER A 86 -8.03 7.73 -14.29
CA SER A 86 -8.68 7.19 -15.53
C SER A 86 -8.84 8.33 -16.55
N GLY A 87 -9.03 9.53 -16.09
CA GLY A 87 -9.18 10.67 -17.03
C GLY A 87 -8.26 11.82 -16.59
N GLY A 88 -8.72 12.64 -15.69
CA GLY A 88 -7.87 13.78 -15.23
C GLY A 88 -7.31 13.46 -13.83
N GLN A 89 -7.36 14.40 -12.93
CA GLN A 89 -6.82 14.17 -11.55
C GLN A 89 -6.97 12.69 -11.17
N PRO A 90 -6.06 12.21 -10.31
CA PRO A 90 -6.06 10.81 -9.85
C PRO A 90 -7.26 10.50 -8.95
N VAL A 91 -7.82 9.34 -9.09
CA VAL A 91 -8.99 8.97 -8.25
C VAL A 91 -8.50 8.58 -6.85
N PRO A 92 -9.29 8.93 -5.81
CA PRO A 92 -8.94 8.61 -4.42
C PRO A 92 -8.99 7.12 -4.14
N VAL A 93 -8.23 6.65 -3.19
CA VAL A 93 -8.24 5.20 -2.87
C VAL A 93 -9.32 4.91 -1.83
N LYS A 94 -10.10 3.88 -2.05
CA LYS A 94 -11.18 3.53 -1.07
C LYS A 94 -10.54 3.20 0.28
N ASP A 95 -11.13 3.66 1.36
CA ASP A 95 -10.56 3.36 2.70
C ASP A 95 -10.28 1.87 2.82
N ARG A 96 -11.12 1.05 2.23
CA ARG A 96 -10.90 -0.42 2.31
C ARG A 96 -9.56 -0.78 1.66
N GLU A 97 -9.14 -0.01 0.70
CA GLU A 97 -7.84 -0.30 0.02
C GLU A 97 -6.69 0.26 0.85
N MET A 98 -6.95 1.26 1.65
CA MET A 98 -5.87 1.84 2.49
C MET A 98 -5.74 1.05 3.78
N ARG A 99 -6.82 0.47 4.24
CA ARG A 99 -6.78 -0.33 5.50
C ARG A 99 -5.45 -1.07 5.60
N PRO A 100 -5.10 -1.85 4.57
CA PRO A 100 -3.85 -2.62 4.54
C PRO A 100 -2.62 -1.71 4.40
N ILE A 101 -2.79 -0.56 3.82
CA ILE A 101 -1.64 0.38 3.66
C ILE A 101 -1.45 1.17 4.96
N LEU A 102 -2.52 1.57 5.58
CA LEU A 102 -2.40 2.35 6.85
C LEU A 102 -1.95 1.40 7.96
N ARG A 103 -2.46 0.21 8.00
CA ARG A 103 -2.06 -0.75 9.05
C ARG A 103 -0.58 -1.09 8.89
N LEU A 104 -0.18 -1.42 7.69
CA LEU A 104 1.26 -1.75 7.46
C LEU A 104 2.09 -0.48 7.55
N ALA A 105 1.56 0.63 7.10
CA ALA A 105 2.31 1.91 7.16
C ALA A 105 2.43 2.40 8.60
N GLY A 106 1.91 1.66 9.55
CA GLY A 106 2.01 2.10 10.96
C GLY A 106 1.01 3.23 11.22
N LEU A 107 0.15 3.50 10.30
CA LEU A 107 -0.85 4.59 10.50
C LEU A 107 -1.95 4.10 11.44
N GLU A 108 -2.08 2.82 11.59
CA GLU A 108 -3.13 2.27 12.50
C GLU A 108 -2.48 1.66 13.74
N GLU A 109 -3.18 1.64 14.84
CA GLU A 109 -2.61 1.06 16.08
C GLU A 109 -3.27 -0.28 16.38
N TYR A 110 -2.55 -1.35 16.29
CA TYR A 110 -3.15 -2.68 16.58
C TYR A 110 -2.07 -3.61 17.13
N GLU A 111 -2.46 -4.65 17.83
CA GLU A 111 -1.45 -5.59 18.40
C GLU A 111 -1.16 -6.69 17.38
N GLU A 112 -0.82 -7.86 17.85
CA GLU A 112 -0.51 -8.98 16.91
C GLU A 112 -1.69 -9.95 16.87
N LYS A 113 -1.86 -10.65 15.79
CA LYS A 113 -3.00 -11.62 15.69
C LYS A 113 -3.08 -12.44 16.98
N LYS A 114 -1.95 -12.89 17.47
CA LYS A 114 -1.96 -13.70 18.73
C LYS A 114 -2.63 -15.06 18.45
N LYS A 115 -2.17 -15.76 17.46
CA LYS A 115 -2.77 -17.08 17.14
C LYS A 115 -1.66 -18.08 16.79
N PRO A 116 -1.00 -18.64 17.82
CA PRO A 116 0.09 -19.60 17.64
C PRO A 116 -0.43 -20.95 17.14
N VAL A 117 -1.72 -21.12 17.06
CA VAL A 117 -2.27 -22.41 16.57
C VAL A 117 -1.93 -22.59 15.09
N LYS A 118 -1.50 -23.76 14.71
CA LYS A 118 -1.14 -23.99 13.29
C LYS A 118 -2.41 -24.36 12.51
N VAL A 119 -2.44 -24.06 11.23
CA VAL A 119 -3.65 -24.39 10.43
C VAL A 119 -3.29 -25.44 9.37
N GLU A 120 -4.20 -26.33 9.07
CA GLU A 120 -3.90 -27.38 8.05
C GLU A 120 -5.00 -27.38 6.99
N LEU A 121 -4.80 -28.10 5.92
CA LEU A 121 -5.83 -28.16 4.82
C LEU A 121 -5.11 -28.31 3.48
N GLY A 122 -5.07 -29.51 2.95
CA GLY A 122 -4.39 -29.75 1.65
C GLY A 122 -4.28 -28.45 0.84
N PHE A 123 -3.19 -27.75 0.99
CA PHE A 123 -3.01 -26.48 0.23
C PHE A 123 -2.03 -26.72 -0.92
N LYS A 124 -2.27 -26.12 -2.06
CA LYS A 124 -1.36 -26.33 -3.21
C LYS A 124 -1.11 -25.00 -3.93
N VAL A 125 -0.09 -24.96 -4.75
CA VAL A 125 0.21 -23.70 -5.50
C VAL A 125 -0.96 -23.37 -6.44
N GLY A 126 -1.28 -22.11 -6.57
CA GLY A 126 -2.41 -21.72 -7.46
C GLY A 126 -3.72 -21.78 -6.68
N ASP A 127 -3.83 -22.69 -5.76
CA ASP A 127 -5.08 -22.80 -4.96
C ASP A 127 -5.50 -21.41 -4.49
N MET A 128 -6.73 -21.25 -4.10
CA MET A 128 -7.20 -19.91 -3.64
C MET A 128 -7.21 -19.89 -2.11
N VAL A 129 -6.58 -18.92 -1.53
CA VAL A 129 -6.55 -18.86 -0.03
C VAL A 129 -7.01 -17.47 0.43
N LYS A 130 -7.73 -17.41 1.51
CA LYS A 130 -8.21 -16.11 2.02
C LYS A 130 -7.32 -15.68 3.20
N ILE A 131 -7.05 -14.41 3.31
CA ILE A 131 -6.21 -13.94 4.44
C ILE A 131 -7.09 -13.83 5.68
N ILE A 132 -6.54 -14.08 6.84
CA ILE A 132 -7.36 -13.99 8.07
C ILE A 132 -6.50 -13.47 9.22
N SER A 133 -5.25 -13.17 8.95
CA SER A 133 -4.37 -12.66 10.04
C SER A 133 -3.34 -11.70 9.44
N GLY A 134 -3.02 -10.66 10.16
CA GLY A 134 -2.02 -9.67 9.66
C GLY A 134 -2.71 -8.40 9.19
N PRO A 135 -1.98 -7.54 8.46
CA PRO A 135 -2.49 -6.27 7.94
C PRO A 135 -3.56 -6.46 6.86
N PHE A 136 -3.61 -7.61 6.24
CA PHE A 136 -4.65 -7.83 5.18
C PHE A 136 -5.73 -8.77 5.70
N GLU A 137 -5.84 -8.89 7.00
CA GLU A 137 -6.88 -9.80 7.57
C GLU A 137 -8.21 -9.60 6.82
N ASP A 138 -8.90 -10.67 6.52
CA ASP A 138 -10.22 -10.54 5.83
C ASP A 138 -10.01 -10.26 4.34
N PHE A 139 -8.90 -10.67 3.77
CA PHE A 139 -8.69 -10.42 2.32
C PHE A 139 -8.65 -11.75 1.57
N ALA A 140 -8.87 -11.73 0.28
CA ALA A 140 -8.84 -12.99 -0.51
C ALA A 140 -7.59 -13.02 -1.38
N GLY A 141 -6.91 -14.13 -1.42
CA GLY A 141 -5.67 -14.20 -2.25
C GLY A 141 -5.49 -15.61 -2.83
N VAL A 142 -4.56 -15.76 -3.73
CA VAL A 142 -4.30 -17.10 -4.34
C VAL A 142 -2.88 -17.53 -4.04
N ILE A 143 -2.68 -18.77 -3.68
CA ILE A 143 -1.30 -19.25 -3.37
C ILE A 143 -0.47 -19.25 -4.65
N LYS A 144 0.55 -18.43 -4.71
CA LYS A 144 1.41 -18.40 -5.92
C LYS A 144 2.65 -19.25 -5.69
N GLU A 145 3.15 -19.26 -4.48
CA GLU A 145 4.37 -20.08 -4.19
C GLU A 145 4.31 -20.55 -2.73
N ILE A 146 4.78 -21.73 -2.46
CA ILE A 146 4.74 -22.24 -1.05
C ILE A 146 6.15 -22.68 -0.62
N ASP A 147 6.60 -22.21 0.51
CA ASP A 147 7.95 -22.59 0.99
C ASP A 147 7.82 -23.55 2.17
N PRO A 148 8.05 -24.86 1.93
CA PRO A 148 7.95 -25.89 2.97
C PRO A 148 9.11 -25.80 3.96
N GLU A 149 9.02 -26.52 5.04
CA GLU A 149 10.12 -26.49 6.06
C GLU A 149 9.98 -25.25 6.95
N ARG A 150 9.28 -24.26 6.49
CA ARG A 150 9.11 -23.03 7.33
C ARG A 150 7.62 -22.72 7.49
N GLN A 151 6.79 -23.38 6.74
CA GLN A 151 5.33 -23.14 6.86
C GLN A 151 5.00 -21.74 6.33
N GLU A 152 5.51 -21.40 5.17
CA GLU A 152 5.22 -20.05 4.60
C GLU A 152 4.54 -20.22 3.24
N LEU A 153 3.63 -19.35 2.90
CA LEU A 153 2.94 -19.48 1.59
C LEU A 153 2.76 -18.09 0.95
N LYS A 154 3.28 -17.92 -0.23
CA LYS A 154 3.13 -16.61 -0.93
C LYS A 154 1.77 -16.58 -1.63
N VAL A 155 1.03 -15.53 -1.46
CA VAL A 155 -0.31 -15.45 -2.12
C VAL A 155 -0.41 -14.17 -2.95
N ASN A 156 -1.16 -14.20 -4.01
CA ASN A 156 -1.31 -12.99 -4.86
C ASN A 156 -2.62 -12.28 -4.51
N VAL A 157 -2.53 -11.07 -4.00
CA VAL A 157 -3.77 -10.34 -3.63
C VAL A 157 -4.09 -9.29 -4.71
N THR A 158 -5.34 -9.04 -4.96
CA THR A 158 -5.70 -8.04 -5.99
C THR A 158 -5.92 -6.67 -5.33
N ILE A 159 -5.07 -5.73 -5.62
CA ILE A 159 -5.23 -4.37 -5.00
C ILE A 159 -4.78 -3.32 -6.02
N PHE A 160 -5.43 -2.18 -6.03
CA PHE A 160 -5.05 -1.11 -6.99
C PHE A 160 -5.20 -1.65 -8.42
N GLY A 161 -6.20 -2.46 -8.64
CA GLY A 161 -6.41 -3.02 -10.01
C GLY A 161 -5.16 -3.76 -10.48
N ARG A 162 -4.26 -4.06 -9.58
CA ARG A 162 -3.02 -4.78 -9.99
C ARG A 162 -2.83 -6.02 -9.12
N GLU A 163 -2.15 -7.01 -9.62
CA GLU A 163 -1.93 -8.26 -8.83
C GLU A 163 -0.56 -8.20 -8.15
N THR A 164 -0.47 -8.54 -6.90
CA THR A 164 0.83 -8.50 -6.20
C THR A 164 0.89 -9.60 -5.14
N PRO A 165 1.93 -10.44 -5.20
CA PRO A 165 2.12 -11.54 -4.24
C PRO A 165 2.50 -11.03 -2.84
N VAL A 166 2.01 -11.64 -1.81
CA VAL A 166 2.34 -11.17 -0.44
C VAL A 166 2.92 -12.33 0.38
N VAL A 167 3.88 -12.05 1.23
CA VAL A 167 4.47 -13.12 2.07
C VAL A 167 3.71 -13.22 3.39
N LEU A 168 3.10 -14.34 3.67
CA LEU A 168 2.33 -14.47 4.93
C LEU A 168 2.53 -15.86 5.54
N HIS A 169 2.14 -16.01 6.77
CA HIS A 169 2.28 -17.32 7.47
C HIS A 169 1.12 -18.24 7.06
N VAL A 170 1.38 -19.51 6.93
CA VAL A 170 0.29 -20.44 6.55
C VAL A 170 -0.83 -20.37 7.59
N SER A 171 -0.47 -20.19 8.84
CA SER A 171 -1.51 -20.10 9.90
C SER A 171 -2.17 -18.73 9.86
N GLU A 172 -1.66 -17.83 9.06
CA GLU A 172 -2.26 -16.47 8.98
C GLU A 172 -3.29 -16.45 7.84
N VAL A 173 -3.49 -17.56 7.19
CA VAL A 173 -4.48 -17.61 6.08
C VAL A 173 -5.17 -18.97 6.08
N GLU A 174 -6.16 -19.14 5.24
CA GLU A 174 -6.87 -20.46 5.19
C GLU A 174 -7.12 -20.83 3.73
N LYS A 175 -7.43 -22.06 3.46
CA LYS A 175 -7.68 -22.47 2.05
C LYS A 175 -9.18 -22.44 1.76
N ILE A 176 -9.89 -21.53 2.37
CA ILE A 176 -11.36 -21.45 2.13
C ILE A 176 -12.00 -22.81 2.41
N GLU A 177 -12.03 -23.68 1.42
CA GLU A 177 -12.62 -25.03 1.64
C GLU A 177 -11.87 -26.06 0.80
N GLY A 1 -14.57 20.65 5.61
CA GLY A 1 -14.30 21.28 4.28
C GLY A 1 -12.82 21.10 3.92
N ALA A 2 -12.04 22.14 4.05
CA ALA A 2 -10.60 22.03 3.71
C ALA A 2 -9.92 21.03 4.67
N MET A 3 -10.53 20.77 5.79
CA MET A 3 -9.93 19.81 6.76
C MET A 3 -10.17 18.38 6.27
N LYS A 4 -10.94 18.22 5.22
CA LYS A 4 -11.21 16.85 4.70
C LYS A 4 -10.28 16.56 3.52
N LYS A 5 -9.38 15.63 3.67
CA LYS A 5 -8.45 15.30 2.56
C LYS A 5 -8.53 13.80 2.25
N LYS A 6 -7.95 13.38 1.17
CA LYS A 6 -7.98 11.93 0.81
C LYS A 6 -6.57 11.45 0.49
N TRP A 7 -6.39 10.17 0.31
CA TRP A 7 -5.04 9.64 -0.02
C TRP A 7 -5.00 9.21 -1.48
N TYR A 8 -4.05 9.70 -2.24
CA TYR A 8 -3.98 9.31 -3.67
C TYR A 8 -2.66 8.57 -3.92
N ILE A 9 -2.52 7.94 -5.06
CA ILE A 9 -1.26 7.22 -5.36
C ILE A 9 -0.40 8.06 -6.31
N VAL A 10 0.77 8.44 -5.88
CA VAL A 10 1.65 9.27 -6.76
C VAL A 10 2.60 8.34 -7.52
N LEU A 11 2.80 8.60 -8.79
CA LEU A 11 3.71 7.74 -9.58
C LEU A 11 5.14 8.30 -9.49
N THR A 12 6.11 7.44 -9.40
CA THR A 12 7.52 7.92 -9.33
C THR A 12 8.46 6.84 -9.85
N MET A 13 9.74 7.02 -9.69
CA MET A 13 10.72 6.00 -10.19
C MET A 13 11.27 5.21 -9.00
N SER A 14 11.12 3.92 -9.02
CA SER A 14 11.63 3.08 -7.90
C SER A 14 13.06 3.53 -7.55
N GLY A 15 13.31 3.80 -6.30
CA GLY A 15 14.68 4.24 -5.90
C GLY A 15 14.68 5.76 -5.67
N TYR A 16 13.71 6.45 -6.21
CA TYR A 16 13.66 7.92 -6.03
C TYR A 16 12.46 8.29 -5.15
N GLU A 17 11.83 7.31 -4.54
CA GLU A 17 10.67 7.60 -3.67
C GLU A 17 11.11 8.48 -2.50
N GLU A 18 12.19 8.15 -1.87
CA GLU A 18 12.68 8.97 -0.72
C GLU A 18 12.88 10.42 -1.18
N LYS A 19 13.29 10.61 -2.40
CA LYS A 19 13.50 12.00 -2.91
C LYS A 19 12.14 12.65 -3.18
N VAL A 20 11.25 11.93 -3.82
CA VAL A 20 9.92 12.52 -4.12
C VAL A 20 9.23 12.92 -2.81
N LYS A 21 9.17 12.03 -1.86
CA LYS A 21 8.52 12.37 -0.56
C LYS A 21 9.24 13.56 0.08
N GLU A 22 10.55 13.52 0.14
CA GLU A 22 11.30 14.64 0.75
C GLU A 22 11.06 15.91 -0.06
N ASN A 23 10.91 15.78 -1.36
CA ASN A 23 10.67 16.98 -2.20
C ASN A 23 9.32 17.61 -1.83
N ILE A 24 8.34 16.78 -1.56
CA ILE A 24 7.00 17.32 -1.19
C ILE A 24 7.10 18.13 0.10
N GLU A 25 7.79 17.61 1.09
CA GLU A 25 7.91 18.35 2.38
C GLU A 25 8.53 19.73 2.13
N LYS A 26 9.57 19.81 1.37
CA LYS A 26 10.21 21.13 1.11
C LYS A 26 9.44 21.86 0.00
N LYS A 27 8.97 21.15 -0.98
CA LYS A 27 8.22 21.82 -2.08
C LYS A 27 7.05 22.61 -1.49
N VAL A 28 6.52 22.17 -0.38
CA VAL A 28 5.38 22.89 0.25
C VAL A 28 5.92 23.98 1.19
N GLU A 29 7.12 23.80 1.69
CA GLU A 29 7.70 24.82 2.59
C GLU A 29 7.94 26.12 1.81
N ALA A 30 8.57 26.03 0.67
CA ALA A 30 8.84 27.25 -0.13
C ALA A 30 7.51 27.93 -0.47
N THR A 31 6.45 27.18 -0.55
CA THR A 31 5.13 27.78 -0.87
C THR A 31 4.38 28.10 0.43
N GLY A 32 4.69 27.40 1.48
CA GLY A 32 3.99 27.67 2.77
C GLY A 32 2.57 27.13 2.71
N ILE A 33 2.33 26.16 1.88
CA ILE A 33 0.95 25.60 1.76
C ILE A 33 0.84 24.33 2.61
N LYS A 34 0.62 24.47 3.89
CA LYS A 34 0.51 23.27 4.76
C LYS A 34 -0.94 22.80 4.82
N ASN A 35 -1.84 23.55 4.23
CA ASN A 35 -3.27 23.14 4.25
C ASN A 35 -3.59 22.36 2.98
N LEU A 36 -2.66 22.26 2.08
CA LEU A 36 -2.92 21.52 0.82
C LEU A 36 -2.38 20.10 0.93
N VAL A 37 -1.12 19.96 1.26
CA VAL A 37 -0.52 18.60 1.40
C VAL A 37 -0.64 18.16 2.85
N GLY A 38 -1.05 16.93 3.09
CA GLY A 38 -1.17 16.45 4.49
C GLY A 38 -0.04 15.48 4.81
N ARG A 39 -0.37 14.29 5.22
CA ARG A 39 0.68 13.29 5.56
C ARG A 39 0.98 12.40 4.35
N ILE A 40 2.23 12.11 4.13
CA ILE A 40 2.60 11.24 2.97
C ILE A 40 3.04 9.87 3.49
N VAL A 41 2.59 8.81 2.88
CA VAL A 41 3.01 7.46 3.35
C VAL A 41 3.50 6.63 2.17
N ILE A 42 4.33 5.65 2.43
CA ILE A 42 4.87 4.81 1.33
C ILE A 42 4.65 3.34 1.69
N PRO A 43 4.16 2.55 0.72
CA PRO A 43 3.89 1.12 0.90
C PRO A 43 5.19 0.35 1.20
N ILE A 44 6.31 1.00 1.10
CA ILE A 44 7.60 0.31 1.38
C ILE A 44 7.96 0.52 2.86
N ARG A 45 8.04 -0.55 3.62
CA ARG A 45 8.39 -0.42 5.05
C ARG A 45 9.57 0.55 5.21
N GLY A 46 9.41 1.58 5.98
CA GLY A 46 10.53 2.55 6.15
C GLY A 46 10.72 2.84 7.64
N GLY A 47 11.57 3.78 7.97
CA GLY A 47 11.80 4.12 9.41
C GLY A 47 12.57 2.98 10.07
N GLN A 48 13.24 2.17 9.30
CA GLN A 48 14.01 1.04 9.88
C GLN A 48 15.48 1.15 9.48
N ARG A 49 16.37 0.58 10.25
CA ARG A 49 17.82 0.67 9.91
C ARG A 49 18.06 -0.01 8.55
N ARG A 50 17.29 -1.02 8.25
CA ARG A 50 17.48 -1.73 6.95
C ARG A 50 16.41 -1.27 5.95
N LYS A 51 16.69 -1.34 4.69
CA LYS A 51 15.70 -0.91 3.67
C LYS A 51 14.56 -1.94 3.61
N SER A 52 13.48 -1.60 2.95
CA SER A 52 12.35 -2.54 2.86
C SER A 52 12.22 -3.05 1.42
N GLU A 53 11.43 -4.07 1.21
CA GLU A 53 11.26 -4.61 -0.17
C GLU A 53 10.34 -3.69 -0.97
N LYS A 54 9.58 -2.87 -0.30
CA LYS A 54 8.66 -1.94 -1.03
C LYS A 54 7.45 -2.74 -1.54
N LEU A 55 6.32 -2.61 -0.90
CA LEU A 55 5.12 -3.36 -1.36
C LEU A 55 4.87 -3.07 -2.84
N PHE A 56 4.90 -1.82 -3.22
CA PHE A 56 4.67 -1.47 -4.66
C PHE A 56 5.70 -0.43 -5.09
N PRO A 57 6.62 -0.81 -5.98
CA PRO A 57 7.67 0.08 -6.48
C PRO A 57 7.10 1.22 -7.32
N GLY A 58 7.67 2.39 -7.19
CA GLY A 58 7.16 3.54 -8.00
C GLY A 58 5.81 4.01 -7.45
N TYR A 59 5.21 3.29 -6.54
CA TYR A 59 3.89 3.72 -6.01
C TYR A 59 4.07 4.42 -4.65
N VAL A 60 3.46 5.56 -4.48
CA VAL A 60 3.58 6.29 -3.19
C VAL A 60 2.19 6.77 -2.75
N PHE A 61 1.92 6.77 -1.48
CA PHE A 61 0.57 7.22 -1.00
C PHE A 61 0.69 8.60 -0.34
N VAL A 62 -0.05 9.56 -0.83
CA VAL A 62 0.01 10.92 -0.23
C VAL A 62 -1.41 11.45 0.00
N GLU A 63 -1.60 12.19 1.06
CA GLU A 63 -2.97 12.74 1.33
C GLU A 63 -2.95 14.25 1.13
N MET A 64 -3.85 14.78 0.36
CA MET A 64 -3.86 16.26 0.13
C MET A 64 -5.25 16.75 -0.25
N ILE A 65 -5.40 18.04 -0.38
CA ILE A 65 -6.72 18.62 -0.75
C ILE A 65 -6.78 18.82 -2.26
N MET A 66 -7.80 18.33 -2.90
CA MET A 66 -7.90 18.47 -4.38
C MET A 66 -8.35 19.88 -4.74
N ASN A 67 -7.85 20.40 -5.83
CA ASN A 67 -8.23 21.78 -6.26
C ASN A 67 -7.44 22.14 -7.52
N ASP A 68 -7.73 23.27 -8.11
CA ASP A 68 -6.99 23.67 -9.34
C ASP A 68 -5.55 24.05 -8.97
N GLU A 69 -5.38 24.75 -7.88
CA GLU A 69 -4.01 25.15 -7.47
C GLU A 69 -3.29 23.95 -6.85
N ALA A 70 -4.01 23.07 -6.23
CA ALA A 70 -3.36 21.87 -5.60
C ALA A 70 -2.85 20.94 -6.71
N TYR A 71 -3.68 20.66 -7.68
CA TYR A 71 -3.24 19.76 -8.79
C TYR A 71 -2.03 20.37 -9.50
N ASN A 72 -2.11 21.63 -9.85
CA ASN A 72 -0.97 22.28 -10.55
C ASN A 72 0.28 22.22 -9.68
N PHE A 73 0.12 22.22 -8.38
CA PHE A 73 1.32 22.18 -7.49
C PHE A 73 1.81 20.73 -7.36
N VAL A 74 0.90 19.81 -7.18
CA VAL A 74 1.30 18.38 -7.05
C VAL A 74 1.90 17.90 -8.37
N ARG A 75 1.15 18.00 -9.44
CA ARG A 75 1.67 17.55 -10.75
C ARG A 75 3.05 18.18 -11.00
N SER A 76 3.27 19.35 -10.51
CA SER A 76 4.59 20.02 -10.73
C SER A 76 5.64 19.44 -9.77
N VAL A 77 5.29 18.42 -9.03
CA VAL A 77 6.29 17.83 -8.09
C VAL A 77 7.46 17.25 -8.87
N PRO A 78 8.69 17.59 -8.46
CA PRO A 78 9.92 17.11 -9.13
C PRO A 78 10.11 15.61 -8.95
N TYR A 79 10.51 14.94 -10.01
CA TYR A 79 10.72 13.46 -9.92
C TYR A 79 9.38 12.75 -9.94
N VAL A 80 8.29 13.48 -9.91
CA VAL A 80 6.96 12.82 -9.93
C VAL A 80 6.53 12.58 -11.37
N MET A 81 6.13 11.39 -11.70
CA MET A 81 5.70 11.08 -13.09
C MET A 81 4.21 11.41 -13.25
N GLY A 82 3.54 11.71 -12.18
CA GLY A 82 2.08 12.04 -12.27
C GLY A 82 1.32 11.26 -11.19
N PHE A 83 0.09 10.94 -11.44
CA PHE A 83 -0.71 10.19 -10.43
C PHE A 83 -1.57 9.13 -11.13
N VAL A 84 -1.77 8.02 -10.49
CA VAL A 84 -2.59 6.94 -11.13
C VAL A 84 -4.05 7.40 -11.20
N SER A 85 -4.59 7.49 -12.39
CA SER A 85 -6.00 7.93 -12.54
C SER A 85 -6.57 7.36 -13.84
N SER A 86 -7.87 7.40 -13.98
CA SER A 86 -8.50 6.87 -15.23
C SER A 86 -8.62 7.99 -16.26
N GLY A 87 -8.78 9.20 -15.81
CA GLY A 87 -8.91 10.33 -16.77
C GLY A 87 -8.03 11.50 -16.31
N GLY A 88 -8.44 12.18 -15.27
CA GLY A 88 -7.63 13.32 -14.77
C GLY A 88 -7.13 13.01 -13.36
N GLN A 89 -7.27 13.94 -12.45
CA GLN A 89 -6.80 13.71 -11.05
C GLN A 89 -6.92 12.22 -10.69
N PRO A 90 -5.99 11.73 -9.87
CA PRO A 90 -5.97 10.32 -9.43
C PRO A 90 -7.14 9.99 -8.50
N VAL A 91 -7.72 8.83 -8.65
CA VAL A 91 -8.85 8.44 -7.77
C VAL A 91 -8.35 8.27 -6.34
N PRO A 92 -9.18 8.65 -5.36
CA PRO A 92 -8.83 8.54 -3.92
C PRO A 92 -8.78 7.08 -3.47
N VAL A 93 -7.92 6.77 -2.53
CA VAL A 93 -7.83 5.36 -2.05
C VAL A 93 -8.93 5.09 -1.02
N LYS A 94 -9.71 4.05 -1.22
CA LYS A 94 -10.79 3.74 -0.27
C LYS A 94 -10.19 3.26 1.05
N ASP A 95 -10.75 3.68 2.17
CA ASP A 95 -10.20 3.25 3.48
C ASP A 95 -10.01 1.72 3.48
N ARG A 96 -10.93 1.00 2.91
CA ARG A 96 -10.79 -0.49 2.87
C ARG A 96 -9.50 -0.86 2.14
N GLU A 97 -9.13 -0.10 1.15
CA GLU A 97 -7.87 -0.42 0.40
C GLU A 97 -6.66 0.09 1.20
N MET A 98 -6.85 1.09 2.02
CA MET A 98 -5.72 1.63 2.82
C MET A 98 -5.55 0.80 4.08
N ARG A 99 -6.59 0.15 4.53
CA ARG A 99 -6.50 -0.68 5.76
C ARG A 99 -5.13 -1.37 5.82
N PRO A 100 -4.76 -2.09 4.74
CA PRO A 100 -3.48 -2.79 4.67
C PRO A 100 -2.29 -1.81 4.56
N ILE A 101 -2.52 -0.66 3.99
CA ILE A 101 -1.41 0.32 3.84
C ILE A 101 -1.21 1.07 5.16
N LEU A 102 -2.29 1.46 5.80
CA LEU A 102 -2.15 2.18 7.10
C LEU A 102 -1.57 1.23 8.15
N ARG A 103 -2.00 0.00 8.15
CA ARG A 103 -1.47 -0.98 9.15
C ARG A 103 0.03 -1.15 8.92
N LEU A 104 0.42 -1.42 7.70
CA LEU A 104 1.87 -1.60 7.42
C LEU A 104 2.57 -0.24 7.47
N ALA A 105 1.89 0.80 7.05
CA ALA A 105 2.50 2.15 7.08
C ALA A 105 2.63 2.64 8.52
N GLY A 106 2.14 1.88 9.47
CA GLY A 106 2.23 2.31 10.89
C GLY A 106 1.21 3.42 11.15
N LEU A 107 0.31 3.63 10.24
CA LEU A 107 -0.71 4.70 10.42
C LEU A 107 -1.82 4.20 11.35
N GLU A 108 -1.94 2.91 11.50
CA GLU A 108 -3.00 2.36 12.40
C GLU A 108 -2.36 1.47 13.47
N GLU A 109 -3.06 1.25 14.54
CA GLU A 109 -2.49 0.38 15.62
C GLU A 109 -3.26 -0.94 15.67
N TYR A 110 -2.60 -2.04 15.45
CA TYR A 110 -3.29 -3.35 15.48
C TYR A 110 -2.55 -4.31 16.41
N GLU A 111 -2.80 -5.58 16.31
CA GLU A 111 -2.11 -6.56 17.19
C GLU A 111 -0.98 -7.23 16.40
N GLU A 112 -0.84 -8.52 16.52
CA GLU A 112 0.25 -9.23 15.79
C GLU A 112 -0.36 -10.15 14.71
N LYS A 113 -1.40 -10.86 15.06
CA LYS A 113 -2.03 -11.77 14.06
C LYS A 113 -3.32 -12.36 14.64
N LYS A 114 -4.44 -11.92 14.15
CA LYS A 114 -5.73 -12.45 14.67
C LYS A 114 -5.66 -13.98 14.77
N LYS A 115 -4.98 -14.61 13.85
CA LYS A 115 -4.87 -16.09 13.89
C LYS A 115 -3.48 -16.50 14.38
N PRO A 116 -3.26 -16.43 15.70
CA PRO A 116 -1.97 -16.78 16.31
C PRO A 116 -1.71 -18.28 16.26
N VAL A 117 -2.60 -19.04 15.66
CA VAL A 117 -2.39 -20.51 15.59
C VAL A 117 -2.32 -20.95 14.13
N LYS A 118 -1.57 -21.98 13.85
CA LYS A 118 -1.44 -22.48 12.45
C LYS A 118 -2.73 -23.22 12.07
N VAL A 119 -3.04 -23.27 10.81
CA VAL A 119 -4.27 -23.99 10.37
C VAL A 119 -3.94 -24.94 9.22
N GLU A 120 -4.77 -25.91 8.99
CA GLU A 120 -4.50 -26.88 7.88
C GLU A 120 -5.60 -26.75 6.82
N LEU A 121 -5.52 -27.54 5.78
CA LEU A 121 -6.53 -27.49 4.69
C LEU A 121 -5.86 -27.79 3.35
N GLY A 122 -5.99 -28.99 2.85
CA GLY A 122 -5.35 -29.36 1.55
C GLY A 122 -5.07 -28.10 0.72
N PHE A 123 -3.88 -27.56 0.82
CA PHE A 123 -3.56 -26.34 0.04
C PHE A 123 -2.60 -26.70 -1.09
N LYS A 124 -2.68 -26.01 -2.19
CA LYS A 124 -1.77 -26.30 -3.33
C LYS A 124 -1.52 -25.03 -4.14
N VAL A 125 -0.49 -25.00 -4.93
CA VAL A 125 -0.20 -23.79 -5.74
C VAL A 125 -1.38 -23.50 -6.67
N GLY A 126 -1.71 -22.26 -6.86
CA GLY A 126 -2.85 -21.91 -7.75
C GLY A 126 -4.16 -21.96 -6.95
N ASP A 127 -4.24 -22.85 -6.00
CA ASP A 127 -5.48 -22.96 -5.19
C ASP A 127 -5.90 -21.57 -4.73
N MET A 128 -7.12 -21.41 -4.32
CA MET A 128 -7.58 -20.07 -3.86
C MET A 128 -7.49 -20.01 -2.33
N VAL A 129 -6.81 -19.01 -1.81
CA VAL A 129 -6.69 -18.90 -0.33
C VAL A 129 -7.18 -17.53 0.11
N LYS A 130 -7.86 -17.47 1.22
CA LYS A 130 -8.36 -16.15 1.71
C LYS A 130 -7.46 -15.68 2.84
N ILE A 131 -7.21 -14.39 2.92
CA ILE A 131 -6.36 -13.87 4.01
C ILE A 131 -7.22 -13.68 5.25
N ILE A 132 -6.65 -13.78 6.42
CA ILE A 132 -7.47 -13.59 7.66
C ILE A 132 -6.59 -13.02 8.76
N SER A 133 -5.35 -12.74 8.47
CA SER A 133 -4.45 -12.17 9.51
C SER A 133 -3.42 -11.24 8.86
N GLY A 134 -3.08 -10.17 9.54
CA GLY A 134 -2.08 -9.23 8.99
C GLY A 134 -2.79 -7.99 8.40
N PRO A 135 -2.05 -7.22 7.59
CA PRO A 135 -2.57 -6.00 6.96
C PRO A 135 -3.65 -6.28 5.90
N PHE A 136 -3.68 -7.47 5.36
CA PHE A 136 -4.73 -7.76 4.33
C PHE A 136 -5.80 -8.66 4.94
N GLU A 137 -5.89 -8.69 6.25
CA GLU A 137 -6.92 -9.56 6.90
C GLU A 137 -8.24 -9.48 6.12
N ASP A 138 -8.89 -10.59 5.93
CA ASP A 138 -10.19 -10.59 5.20
C ASP A 138 -9.98 -10.29 3.71
N PHE A 139 -8.85 -10.67 3.16
CA PHE A 139 -8.62 -10.40 1.71
C PHE A 139 -8.48 -11.73 0.96
N ALA A 140 -9.23 -11.90 -0.09
CA ALA A 140 -9.14 -13.18 -0.87
C ALA A 140 -7.87 -13.18 -1.72
N GLY A 141 -7.13 -14.25 -1.70
CA GLY A 141 -5.88 -14.31 -2.52
C GLY A 141 -5.69 -15.72 -3.10
N VAL A 142 -4.77 -15.87 -3.99
CA VAL A 142 -4.53 -17.21 -4.60
C VAL A 142 -3.14 -17.71 -4.22
N ILE A 143 -3.02 -18.96 -3.85
CA ILE A 143 -1.69 -19.50 -3.48
C ILE A 143 -0.79 -19.54 -4.70
N LYS A 144 0.25 -18.75 -4.73
CA LYS A 144 1.14 -18.74 -5.92
C LYS A 144 2.37 -19.61 -5.66
N GLU A 145 2.85 -19.65 -4.44
CA GLU A 145 4.04 -20.48 -4.15
C GLU A 145 4.03 -20.89 -2.67
N ILE A 146 4.54 -22.04 -2.36
CA ILE A 146 4.57 -22.49 -0.94
C ILE A 146 6.01 -22.84 -0.53
N ASP A 147 6.48 -22.28 0.55
CA ASP A 147 7.87 -22.59 0.99
C ASP A 147 7.83 -23.41 2.28
N PRO A 148 8.06 -24.73 2.16
CA PRO A 148 8.06 -25.64 3.30
C PRO A 148 9.28 -25.43 4.20
N GLU A 149 9.31 -26.10 5.34
CA GLU A 149 10.47 -25.95 6.26
C GLU A 149 10.33 -24.66 7.08
N ARG A 150 9.56 -23.72 6.61
CA ARG A 150 9.38 -22.44 7.36
C ARG A 150 7.89 -22.16 7.55
N GLN A 151 7.06 -22.85 6.83
CA GLN A 151 5.58 -22.62 6.96
C GLN A 151 5.21 -21.26 6.36
N GLU A 152 5.68 -20.97 5.18
CA GLU A 152 5.34 -19.67 4.55
C GLU A 152 4.56 -19.93 3.26
N LEU A 153 3.59 -19.12 2.95
CA LEU A 153 2.80 -19.35 1.70
C LEU A 153 2.70 -18.05 0.90
N LYS A 154 3.32 -18.02 -0.24
CA LYS A 154 3.25 -16.79 -1.08
C LYS A 154 1.89 -16.76 -1.79
N VAL A 155 1.17 -15.68 -1.68
CA VAL A 155 -0.16 -15.62 -2.34
C VAL A 155 -0.24 -14.37 -3.23
N ASN A 156 -0.95 -14.47 -4.32
CA ASN A 156 -1.08 -13.29 -5.23
C ASN A 156 -2.37 -12.55 -4.89
N VAL A 157 -2.27 -11.34 -4.39
CA VAL A 157 -3.49 -10.57 -4.04
C VAL A 157 -3.83 -9.60 -5.17
N THR A 158 -5.10 -9.42 -5.45
CA THR A 158 -5.50 -8.50 -6.55
C THR A 158 -5.91 -7.14 -5.97
N ILE A 159 -5.01 -6.21 -5.90
CA ILE A 159 -5.36 -4.87 -5.35
C ILE A 159 -4.97 -3.79 -6.37
N PHE A 160 -5.65 -2.68 -6.37
CA PHE A 160 -5.33 -1.60 -7.35
C PHE A 160 -5.52 -2.15 -8.77
N GLY A 161 -6.53 -2.94 -8.97
CA GLY A 161 -6.77 -3.51 -10.33
C GLY A 161 -5.52 -4.23 -10.82
N ARG A 162 -4.59 -4.51 -9.94
CA ARG A 162 -3.36 -5.21 -10.36
C ARG A 162 -3.11 -6.42 -9.45
N GLU A 163 -2.38 -7.39 -9.93
CA GLU A 163 -2.10 -8.58 -9.09
C GLU A 163 -0.70 -8.46 -8.48
N THR A 164 -0.58 -8.74 -7.22
CA THR A 164 0.76 -8.64 -6.57
C THR A 164 0.89 -9.69 -5.47
N PRO A 165 1.97 -10.48 -5.51
CA PRO A 165 2.21 -11.54 -4.52
C PRO A 165 2.59 -10.95 -3.15
N VAL A 166 2.10 -11.54 -2.09
CA VAL A 166 2.43 -11.01 -0.74
C VAL A 166 3.01 -12.14 0.11
N VAL A 167 3.95 -11.82 0.96
CA VAL A 167 4.56 -12.87 1.82
C VAL A 167 3.84 -12.91 3.17
N LEU A 168 3.25 -14.02 3.50
CA LEU A 168 2.52 -14.13 4.80
C LEU A 168 2.72 -15.51 5.42
N HIS A 169 2.32 -15.64 6.65
CA HIS A 169 2.47 -16.95 7.35
C HIS A 169 1.28 -17.85 7.00
N VAL A 170 1.52 -19.12 6.85
CA VAL A 170 0.40 -20.04 6.50
C VAL A 170 -0.72 -19.87 7.53
N SER A 171 -0.37 -19.62 8.76
CA SER A 171 -1.40 -19.44 9.81
C SER A 171 -2.11 -18.09 9.64
N GLU A 172 -1.65 -17.27 8.74
CA GLU A 172 -2.29 -15.94 8.55
C GLU A 172 -3.32 -16.02 7.42
N VAL A 173 -3.53 -17.18 6.86
CA VAL A 173 -4.52 -17.29 5.75
C VAL A 173 -5.25 -18.63 5.85
N GLU A 174 -6.29 -18.81 5.09
CA GLU A 174 -7.05 -20.09 5.13
C GLU A 174 -7.45 -20.46 3.70
N LYS A 175 -7.88 -21.68 3.49
CA LYS A 175 -8.29 -22.09 2.12
C LYS A 175 -9.78 -21.79 1.92
N ILE A 176 -10.35 -21.00 2.78
CA ILE A 176 -11.80 -20.67 2.64
C ILE A 176 -12.64 -21.94 2.79
N GLU A 177 -12.63 -22.79 1.80
CA GLU A 177 -13.42 -24.05 1.90
C GLU A 177 -12.49 -25.25 1.79
N GLY A 1 -15.55 17.98 -1.05
CA GLY A 1 -15.45 18.14 0.43
C GLY A 1 -14.00 18.33 0.83
N ALA A 2 -13.47 19.50 0.64
CA ALA A 2 -12.04 19.76 1.02
C ALA A 2 -11.89 19.65 2.54
N MET A 3 -12.98 19.63 3.26
CA MET A 3 -12.90 19.53 4.74
C MET A 3 -12.17 18.23 5.11
N LYS A 4 -12.19 17.25 4.24
CA LYS A 4 -11.51 15.97 4.55
C LYS A 4 -10.54 15.63 3.41
N LYS A 5 -9.29 15.43 3.71
CA LYS A 5 -8.30 15.10 2.65
C LYS A 5 -8.45 13.63 2.25
N LYS A 6 -7.90 13.25 1.13
CA LYS A 6 -8.00 11.83 0.69
C LYS A 6 -6.61 11.30 0.37
N TRP A 7 -6.49 10.04 0.05
CA TRP A 7 -5.15 9.46 -0.26
C TRP A 7 -5.08 9.13 -1.76
N TYR A 8 -4.08 9.61 -2.44
CA TYR A 8 -3.96 9.32 -3.88
C TYR A 8 -2.62 8.63 -4.16
N ILE A 9 -2.44 8.07 -5.32
CA ILE A 9 -1.16 7.39 -5.65
C ILE A 9 -0.36 8.26 -6.62
N VAL A 10 0.80 8.71 -6.20
CA VAL A 10 1.62 9.57 -7.11
C VAL A 10 2.53 8.67 -7.96
N LEU A 11 2.73 9.02 -9.19
CA LEU A 11 3.61 8.19 -10.07
C LEU A 11 5.02 8.76 -10.05
N THR A 12 6.01 7.91 -9.99
CA THR A 12 7.42 8.40 -9.96
C THR A 12 8.35 7.32 -10.50
N MET A 13 9.64 7.50 -10.34
CA MET A 13 10.60 6.48 -10.86
C MET A 13 11.14 5.66 -9.68
N SER A 14 10.92 4.38 -9.68
CA SER A 14 11.43 3.54 -8.56
C SER A 14 12.85 3.96 -8.20
N GLY A 15 13.10 4.23 -6.94
CA GLY A 15 14.46 4.65 -6.52
C GLY A 15 14.45 6.14 -6.20
N TYR A 16 13.48 6.86 -6.69
CA TYR A 16 13.41 8.33 -6.42
C TYR A 16 12.22 8.62 -5.50
N GLU A 17 11.47 7.61 -5.14
CA GLU A 17 10.30 7.84 -4.25
C GLU A 17 10.75 8.58 -2.99
N GLU A 18 11.72 8.05 -2.29
CA GLU A 18 12.21 8.72 -1.06
C GLU A 18 12.48 10.21 -1.37
N LYS A 19 12.89 10.50 -2.57
CA LYS A 19 13.16 11.93 -2.92
C LYS A 19 11.83 12.65 -3.16
N VAL A 20 10.87 11.98 -3.73
CA VAL A 20 9.56 12.64 -3.99
C VAL A 20 8.87 12.95 -2.66
N LYS A 21 8.76 11.97 -1.80
CA LYS A 21 8.09 12.20 -0.49
C LYS A 21 8.82 13.33 0.25
N GLU A 22 10.11 13.24 0.37
CA GLU A 22 10.88 14.31 1.08
C GLU A 22 10.75 15.61 0.30
N ASN A 23 10.71 15.55 -1.01
CA ASN A 23 10.59 16.78 -1.81
C ASN A 23 9.23 17.44 -1.54
N ILE A 24 8.18 16.67 -1.51
CA ILE A 24 6.83 17.25 -1.25
C ILE A 24 6.85 17.99 0.09
N GLU A 25 7.45 17.41 1.09
CA GLU A 25 7.49 18.08 2.42
C GLU A 25 8.17 19.44 2.29
N LYS A 26 9.27 19.51 1.58
CA LYS A 26 9.97 20.83 1.43
C LYS A 26 9.24 21.69 0.40
N LYS A 27 8.73 21.09 -0.64
CA LYS A 27 8.01 21.90 -1.67
C LYS A 27 6.85 22.65 -1.01
N VAL A 28 6.32 22.12 0.06
CA VAL A 28 5.20 22.80 0.75
C VAL A 28 5.76 23.84 1.72
N GLU A 29 6.95 23.64 2.20
CA GLU A 29 7.56 24.61 3.14
C GLU A 29 7.83 25.93 2.41
N ALA A 30 8.46 25.86 1.27
CA ALA A 30 8.76 27.11 0.51
C ALA A 30 7.46 27.87 0.25
N THR A 31 6.38 27.17 0.03
CA THR A 31 5.08 27.85 -0.23
C THR A 31 4.32 28.02 1.09
N GLY A 32 4.61 27.21 2.07
CA GLY A 32 3.90 27.33 3.37
C GLY A 32 2.49 26.77 3.23
N ILE A 33 2.15 26.27 2.08
CA ILE A 33 0.78 25.71 1.87
C ILE A 33 0.64 24.41 2.68
N LYS A 34 0.38 24.53 3.96
CA LYS A 34 0.24 23.30 4.79
C LYS A 34 -1.24 22.87 4.81
N ASN A 35 -2.03 23.40 3.93
CA ASN A 35 -3.47 23.03 3.89
C ASN A 35 -3.78 22.26 2.60
N LEU A 36 -2.80 22.12 1.74
CA LEU A 36 -3.04 21.39 0.47
C LEU A 36 -2.54 19.95 0.59
N VAL A 37 -1.32 19.77 1.04
CA VAL A 37 -0.78 18.39 1.18
C VAL A 37 -0.97 17.94 2.63
N GLY A 38 -1.23 16.67 2.84
CA GLY A 38 -1.43 16.17 4.23
C GLY A 38 -0.32 15.19 4.58
N ARG A 39 -0.67 14.00 4.98
CA ARG A 39 0.36 12.99 5.35
C ARG A 39 0.72 12.14 4.13
N ILE A 40 1.96 11.79 3.98
CA ILE A 40 2.38 10.96 2.82
C ILE A 40 2.76 9.56 3.31
N VAL A 41 2.30 8.54 2.65
CA VAL A 41 2.64 7.16 3.08
C VAL A 41 3.21 6.38 1.89
N ILE A 42 4.17 5.52 2.14
CA ILE A 42 4.76 4.74 1.02
C ILE A 42 4.78 3.25 1.39
N PRO A 43 4.26 2.41 0.48
CA PRO A 43 4.21 0.95 0.69
C PRO A 43 5.62 0.34 0.72
N ILE A 44 6.62 1.16 0.50
CA ILE A 44 8.01 0.63 0.51
C ILE A 44 8.38 0.15 1.92
N ARG A 45 7.95 0.87 2.93
CA ARG A 45 8.27 0.46 4.32
C ARG A 45 8.02 -1.04 4.48
N GLY A 46 7.02 -1.56 3.82
CA GLY A 46 6.71 -3.01 3.93
C GLY A 46 7.78 -3.81 3.18
N GLY A 47 7.99 -5.04 3.56
CA GLY A 47 9.02 -5.87 2.88
C GLY A 47 10.30 -5.90 3.72
N GLN A 48 10.21 -5.52 4.96
CA GLN A 48 11.42 -5.52 5.83
C GLN A 48 11.81 -6.97 6.14
N ARG A 49 10.84 -7.85 6.23
CA ARG A 49 11.16 -9.27 6.53
C ARG A 49 12.06 -9.85 5.44
N ARG A 50 11.90 -9.39 4.23
CA ARG A 50 12.75 -9.91 3.11
C ARG A 50 13.68 -8.80 2.62
N LYS A 51 14.82 -9.16 2.11
CA LYS A 51 15.77 -8.12 1.60
C LYS A 51 15.03 -7.23 0.59
N SER A 52 14.13 -7.79 -0.16
CA SER A 52 13.38 -6.97 -1.16
C SER A 52 12.78 -5.74 -0.48
N GLU A 53 12.88 -4.60 -1.10
CA GLU A 53 12.32 -3.37 -0.49
C GLU A 53 11.36 -2.69 -1.47
N LYS A 54 10.49 -1.87 -0.98
CA LYS A 54 9.52 -1.17 -1.89
C LYS A 54 8.41 -2.15 -2.30
N LEU A 55 7.35 -2.21 -1.55
CA LEU A 55 6.25 -3.14 -1.92
C LEU A 55 5.73 -2.76 -3.31
N PHE A 56 5.58 -1.49 -3.57
CA PHE A 56 5.09 -1.05 -4.91
C PHE A 56 6.08 -0.04 -5.49
N PRO A 57 6.94 -0.49 -6.42
CA PRO A 57 7.95 0.36 -7.04
C PRO A 57 7.34 1.46 -7.90
N GLY A 58 7.86 2.65 -7.80
CA GLY A 58 7.33 3.78 -8.61
C GLY A 58 5.98 4.26 -8.05
N TYR A 59 5.37 3.52 -7.17
CA TYR A 59 4.05 3.96 -6.63
C TYR A 59 4.23 4.60 -5.26
N VAL A 60 3.63 5.74 -5.04
CA VAL A 60 3.75 6.42 -3.72
C VAL A 60 2.35 6.88 -3.27
N PHE A 61 2.07 6.80 -2.00
CA PHE A 61 0.72 7.22 -1.52
C PHE A 61 0.83 8.56 -0.79
N VAL A 62 0.08 9.54 -1.22
CA VAL A 62 0.14 10.87 -0.54
C VAL A 62 -1.28 11.36 -0.25
N GLU A 63 -1.48 11.99 0.87
CA GLU A 63 -2.83 12.50 1.21
C GLU A 63 -2.86 14.01 1.04
N MET A 64 -3.80 14.54 0.32
CA MET A 64 -3.86 16.01 0.12
C MET A 64 -5.29 16.45 -0.21
N ILE A 65 -5.49 17.72 -0.38
CA ILE A 65 -6.85 18.23 -0.72
C ILE A 65 -6.93 18.52 -2.22
N MET A 66 -7.99 18.08 -2.85
CA MET A 66 -8.10 18.31 -4.33
C MET A 66 -8.51 19.75 -4.61
N ASN A 67 -8.00 20.31 -5.67
CA ASN A 67 -8.35 21.72 -6.03
C ASN A 67 -7.54 22.13 -7.27
N ASP A 68 -7.79 23.31 -7.77
CA ASP A 68 -7.03 23.76 -8.97
C ASP A 68 -5.60 24.10 -8.57
N GLU A 69 -5.42 24.76 -7.47
CA GLU A 69 -4.04 25.12 -7.02
C GLU A 69 -3.35 23.88 -6.45
N ALA A 70 -4.10 22.96 -5.92
CA ALA A 70 -3.47 21.74 -5.34
C ALA A 70 -2.92 20.87 -6.48
N TYR A 71 -3.70 20.65 -7.50
CA TYR A 71 -3.22 19.82 -8.64
C TYR A 71 -2.00 20.49 -9.27
N ASN A 72 -2.12 21.72 -9.66
CA ASN A 72 -0.97 22.42 -10.29
C ASN A 72 0.26 22.32 -9.38
N PHE A 73 0.07 22.27 -8.09
CA PHE A 73 1.24 22.17 -7.17
C PHE A 73 1.71 20.72 -7.10
N VAL A 74 0.80 19.80 -7.01
CA VAL A 74 1.20 18.36 -6.94
C VAL A 74 1.80 17.93 -8.28
N ARG A 75 1.06 18.12 -9.35
CA ARG A 75 1.58 17.72 -10.69
C ARG A 75 2.84 18.52 -11.02
N SER A 76 3.16 19.51 -10.22
CA SER A 76 4.38 20.32 -10.50
C SER A 76 5.53 19.89 -9.57
N VAL A 77 5.30 18.90 -8.75
CA VAL A 77 6.38 18.45 -7.82
C VAL A 77 7.49 17.78 -8.66
N PRO A 78 8.75 18.12 -8.36
CA PRO A 78 9.90 17.56 -9.07
C PRO A 78 10.05 16.06 -8.84
N TYR A 79 10.37 15.32 -9.86
CA TYR A 79 10.54 13.85 -9.74
C TYR A 79 9.20 13.15 -9.96
N VAL A 80 8.13 13.89 -10.08
CA VAL A 80 6.80 13.25 -10.31
C VAL A 80 6.56 13.10 -11.80
N MET A 81 6.20 11.92 -12.24
CA MET A 81 5.93 11.71 -13.69
C MET A 81 4.44 11.90 -13.96
N GLY A 82 3.62 11.70 -12.97
CA GLY A 82 2.15 11.86 -13.15
C GLY A 82 1.41 11.22 -11.99
N PHE A 83 0.15 10.96 -12.15
CA PHE A 83 -0.63 10.32 -11.05
C PHE A 83 -1.53 9.22 -11.61
N VAL A 84 -1.82 8.22 -10.82
CA VAL A 84 -2.69 7.12 -11.33
C VAL A 84 -4.10 7.65 -11.57
N SER A 85 -4.44 7.91 -12.81
CA SER A 85 -5.80 8.42 -13.11
C SER A 85 -6.28 7.84 -14.44
N SER A 86 -7.56 7.90 -14.70
CA SER A 86 -8.09 7.35 -15.98
C SER A 86 -8.19 8.48 -17.01
N GLY A 87 -8.52 9.66 -16.57
CA GLY A 87 -8.63 10.81 -17.52
C GLY A 87 -7.81 11.98 -17.01
N GLY A 88 -8.27 12.64 -15.97
CA GLY A 88 -7.52 13.80 -15.43
C GLY A 88 -7.01 13.45 -14.02
N GLN A 89 -7.10 14.39 -13.10
CA GLN A 89 -6.62 14.13 -11.71
C GLN A 89 -6.79 12.66 -11.36
N PRO A 90 -5.89 12.14 -10.50
CA PRO A 90 -5.93 10.74 -10.07
C PRO A 90 -7.11 10.45 -9.15
N VAL A 91 -7.62 9.25 -9.19
CA VAL A 91 -8.78 8.91 -8.31
C VAL A 91 -8.28 8.60 -6.90
N PRO A 92 -9.13 8.83 -5.89
CA PRO A 92 -8.79 8.59 -4.49
C PRO A 92 -8.66 7.09 -4.18
N VAL A 93 -7.74 6.72 -3.33
CA VAL A 93 -7.58 5.28 -3.00
C VAL A 93 -8.79 4.81 -2.17
N LYS A 94 -9.24 3.61 -2.40
CA LYS A 94 -10.41 3.11 -1.63
C LYS A 94 -9.99 2.84 -0.18
N ASP A 95 -10.78 3.28 0.76
CA ASP A 95 -10.43 3.07 2.20
C ASP A 95 -10.09 1.59 2.41
N ARG A 96 -10.84 0.71 1.82
CA ARG A 96 -10.54 -0.75 1.99
C ARG A 96 -9.17 -1.07 1.40
N GLU A 97 -8.70 -0.27 0.49
CA GLU A 97 -7.37 -0.53 -0.11
C GLU A 97 -6.28 0.09 0.77
N MET A 98 -6.63 1.08 1.55
CA MET A 98 -5.62 1.72 2.44
C MET A 98 -5.50 0.93 3.74
N ARG A 99 -6.58 0.35 4.19
CA ARG A 99 -6.54 -0.44 5.45
C ARG A 99 -5.21 -1.19 5.56
N PRO A 100 -4.86 -1.96 4.52
CA PRO A 100 -3.60 -2.72 4.50
C PRO A 100 -2.39 -1.80 4.37
N ILE A 101 -2.56 -0.64 3.80
CA ILE A 101 -1.41 0.30 3.66
C ILE A 101 -1.21 1.06 4.97
N LEU A 102 -2.28 1.42 5.62
CA LEU A 102 -2.15 2.15 6.92
C LEU A 102 -1.64 1.18 7.99
N ARG A 103 -2.12 -0.03 7.99
CA ARG A 103 -1.65 -1.01 9.01
C ARG A 103 -0.16 -1.27 8.81
N LEU A 104 0.24 -1.55 7.60
CA LEU A 104 1.69 -1.80 7.32
C LEU A 104 2.44 -0.47 7.41
N ALA A 105 1.82 0.60 6.98
CA ALA A 105 2.50 1.92 7.01
C ALA A 105 2.66 2.38 8.47
N GLY A 106 2.18 1.62 9.41
CA GLY A 106 2.32 2.03 10.84
C GLY A 106 1.32 3.15 11.15
N LEU A 107 0.43 3.45 10.23
CA LEU A 107 -0.56 4.53 10.47
C LEU A 107 -1.62 4.03 11.46
N GLU A 108 -1.72 2.74 11.63
CA GLU A 108 -2.73 2.19 12.58
C GLU A 108 -2.02 1.46 13.71
N GLU A 109 -2.69 1.30 14.83
CA GLU A 109 -2.05 0.60 15.98
C GLU A 109 -2.67 -0.79 16.14
N TYR A 110 -1.92 -1.82 15.89
CA TYR A 110 -2.48 -3.20 16.03
C TYR A 110 -1.39 -4.13 16.55
N GLU A 111 -1.76 -5.16 17.27
CA GLU A 111 -0.74 -6.10 17.80
C GLU A 111 -0.44 -7.18 16.75
N GLU A 112 -0.13 -8.37 17.19
CA GLU A 112 0.18 -9.45 16.22
C GLU A 112 -0.90 -10.54 16.30
N LYS A 113 -0.99 -11.39 15.31
CA LYS A 113 -2.01 -12.46 15.34
C LYS A 113 -2.05 -13.10 16.72
N LYS A 114 -3.21 -13.17 17.33
CA LYS A 114 -3.30 -13.79 18.68
C LYS A 114 -3.96 -15.17 18.56
N LYS A 115 -4.20 -15.61 17.36
CA LYS A 115 -4.83 -16.95 17.17
C LYS A 115 -3.81 -17.93 16.59
N PRO A 116 -2.87 -18.39 17.43
CA PRO A 116 -1.83 -19.33 17.00
C PRO A 116 -2.40 -20.72 16.71
N VAL A 117 -3.07 -20.88 15.61
CA VAL A 117 -3.65 -22.21 15.28
C VAL A 117 -3.19 -22.64 13.89
N LYS A 118 -3.16 -23.92 13.63
CA LYS A 118 -2.71 -24.40 12.30
C LYS A 118 -3.93 -24.84 11.47
N VAL A 119 -3.86 -24.75 10.18
CA VAL A 119 -5.01 -25.16 9.33
C VAL A 119 -4.52 -26.10 8.23
N GLU A 120 -5.43 -26.74 7.55
CA GLU A 120 -5.02 -27.68 6.47
C GLU A 120 -5.91 -27.46 5.23
N LEU A 121 -6.62 -28.47 4.80
CA LEU A 121 -7.49 -28.30 3.61
C LEU A 121 -6.64 -28.37 2.34
N GLY A 122 -6.84 -29.40 1.54
CA GLY A 122 -6.05 -29.54 0.28
C GLY A 122 -5.46 -28.20 -0.15
N PHE A 123 -4.27 -27.89 0.29
CA PHE A 123 -3.64 -26.60 -0.10
C PHE A 123 -2.69 -26.84 -1.28
N LYS A 124 -2.86 -26.10 -2.34
CA LYS A 124 -1.98 -26.29 -3.52
C LYS A 124 -1.70 -24.94 -4.18
N VAL A 125 -0.68 -24.88 -5.01
CA VAL A 125 -0.35 -23.60 -5.69
C VAL A 125 -1.50 -23.21 -6.63
N GLY A 126 -1.80 -21.95 -6.70
CA GLY A 126 -2.92 -21.51 -7.60
C GLY A 126 -4.24 -21.57 -6.81
N ASP A 127 -4.34 -22.48 -5.89
CA ASP A 127 -5.61 -22.59 -5.10
C ASP A 127 -5.98 -21.21 -4.56
N MET A 128 -7.21 -21.05 -4.14
CA MET A 128 -7.62 -19.73 -3.60
C MET A 128 -7.48 -19.74 -2.08
N VAL A 129 -6.76 -18.80 -1.52
CA VAL A 129 -6.59 -18.77 -0.05
C VAL A 129 -7.04 -17.40 0.47
N LYS A 130 -7.69 -17.36 1.59
CA LYS A 130 -8.15 -16.06 2.14
C LYS A 130 -7.29 -15.68 3.34
N ILE A 131 -6.99 -14.41 3.49
CA ILE A 131 -6.15 -14.00 4.65
C ILE A 131 -7.05 -13.84 5.87
N ILE A 132 -6.51 -14.00 7.05
CA ILE A 132 -7.36 -13.87 8.27
C ILE A 132 -6.50 -13.34 9.42
N SER A 133 -5.24 -13.08 9.18
CA SER A 133 -4.37 -12.58 10.27
C SER A 133 -3.26 -11.68 9.70
N GLY A 134 -2.87 -10.70 10.45
CA GLY A 134 -1.77 -9.79 9.98
C GLY A 134 -2.38 -8.48 9.47
N PRO A 135 -1.57 -7.71 8.72
CA PRO A 135 -2.00 -6.42 8.15
C PRO A 135 -3.06 -6.58 7.06
N PHE A 136 -3.13 -7.73 6.44
CA PHE A 136 -4.16 -7.93 5.38
C PHE A 136 -5.24 -8.89 5.87
N GLU A 137 -5.33 -9.07 7.16
CA GLU A 137 -6.36 -9.99 7.71
C GLU A 137 -7.73 -9.69 7.08
N ASP A 138 -8.48 -10.70 6.78
CA ASP A 138 -9.83 -10.48 6.16
C ASP A 138 -9.68 -10.14 4.68
N PHE A 139 -8.65 -10.62 4.04
CA PHE A 139 -8.47 -10.31 2.58
C PHE A 139 -8.49 -11.62 1.78
N ALA A 140 -8.87 -11.55 0.54
CA ALA A 140 -8.91 -12.79 -0.29
C ALA A 140 -7.66 -12.82 -1.19
N GLY A 141 -6.99 -13.95 -1.26
CA GLY A 141 -5.77 -14.02 -2.11
C GLY A 141 -5.65 -15.42 -2.74
N VAL A 142 -4.73 -15.55 -3.66
CA VAL A 142 -4.53 -16.88 -4.32
C VAL A 142 -3.14 -17.41 -3.98
N ILE A 143 -3.05 -18.68 -3.69
CA ILE A 143 -1.72 -19.27 -3.33
C ILE A 143 -0.82 -19.28 -4.56
N LYS A 144 0.25 -18.53 -4.55
CA LYS A 144 1.16 -18.52 -5.73
C LYS A 144 2.34 -19.45 -5.47
N GLU A 145 2.79 -19.55 -4.25
CA GLU A 145 3.94 -20.43 -3.94
C GLU A 145 3.85 -20.91 -2.49
N ILE A 146 4.30 -22.10 -2.21
CA ILE A 146 4.24 -22.62 -0.82
C ILE A 146 5.62 -23.09 -0.37
N ASP A 147 6.08 -22.65 0.77
CA ASP A 147 7.41 -23.07 1.26
C ASP A 147 7.26 -24.00 2.46
N PRO A 148 7.44 -25.31 2.24
CA PRO A 148 7.32 -26.32 3.30
C PRO A 148 8.51 -26.24 4.27
N GLU A 149 8.43 -26.98 5.35
CA GLU A 149 9.53 -26.95 6.36
C GLU A 149 9.40 -25.73 7.25
N ARG A 150 8.68 -24.73 6.82
CA ARG A 150 8.52 -23.51 7.66
C ARG A 150 7.02 -23.18 7.80
N GLN A 151 6.19 -23.81 7.01
CA GLN A 151 4.73 -23.53 7.09
C GLN A 151 4.43 -22.12 6.57
N GLU A 152 4.94 -21.77 5.43
CA GLU A 152 4.68 -20.42 4.87
C GLU A 152 3.97 -20.56 3.52
N LEU A 153 3.07 -19.67 3.21
CA LEU A 153 2.35 -19.77 1.90
C LEU A 153 2.30 -18.41 1.21
N LYS A 154 2.93 -18.29 0.07
CA LYS A 154 2.92 -16.99 -0.66
C LYS A 154 1.57 -16.86 -1.37
N VAL A 155 0.93 -15.72 -1.24
CA VAL A 155 -0.38 -15.54 -1.92
C VAL A 155 -0.39 -14.23 -2.72
N ASN A 156 -1.09 -14.20 -3.81
CA ASN A 156 -1.15 -12.95 -4.64
C ASN A 156 -2.42 -12.19 -4.30
N VAL A 157 -2.30 -11.01 -3.75
CA VAL A 157 -3.52 -10.23 -3.39
C VAL A 157 -3.82 -9.21 -4.49
N THR A 158 -5.07 -8.99 -4.77
CA THR A 158 -5.43 -8.00 -5.83
C THR A 158 -5.63 -6.62 -5.23
N ILE A 159 -4.76 -5.70 -5.53
CA ILE A 159 -4.89 -4.32 -4.96
C ILE A 159 -4.44 -3.30 -6.00
N PHE A 160 -5.09 -2.16 -6.04
CA PHE A 160 -4.70 -1.12 -7.04
C PHE A 160 -4.88 -1.67 -8.45
N GLY A 161 -5.89 -2.49 -8.65
CA GLY A 161 -6.12 -3.07 -10.00
C GLY A 161 -4.87 -3.81 -10.48
N ARG A 162 -3.97 -4.12 -9.58
CA ARG A 162 -2.74 -4.85 -9.99
C ARG A 162 -2.54 -6.07 -9.09
N GLU A 163 -1.91 -7.09 -9.59
CA GLU A 163 -1.70 -8.32 -8.77
C GLU A 163 -0.32 -8.24 -8.09
N THR A 164 -0.25 -8.56 -6.83
CA THR A 164 1.06 -8.49 -6.12
C THR A 164 1.14 -9.63 -5.10
N PRO A 165 2.22 -10.44 -5.17
CA PRO A 165 2.43 -11.55 -4.26
C PRO A 165 2.78 -11.06 -2.85
N VAL A 166 2.26 -11.69 -1.83
CA VAL A 166 2.57 -11.23 -0.45
C VAL A 166 3.10 -12.41 0.38
N VAL A 167 4.03 -12.15 1.26
CA VAL A 167 4.59 -13.23 2.11
C VAL A 167 3.78 -13.30 3.41
N LEU A 168 3.12 -14.40 3.65
CA LEU A 168 2.31 -14.52 4.89
C LEU A 168 2.47 -15.91 5.50
N HIS A 169 2.03 -16.07 6.73
CA HIS A 169 2.13 -17.40 7.39
C HIS A 169 0.93 -18.25 6.99
N VAL A 170 1.14 -19.52 6.79
CA VAL A 170 0.02 -20.40 6.40
C VAL A 170 -1.08 -20.31 7.45
N SER A 171 -0.73 -20.20 8.70
CA SER A 171 -1.76 -20.11 9.77
C SER A 171 -2.35 -18.70 9.80
N GLU A 172 -1.78 -17.79 9.05
CA GLU A 172 -2.34 -16.40 9.04
C GLU A 172 -3.42 -16.30 7.96
N VAL A 173 -3.61 -17.34 7.19
CA VAL A 173 -4.65 -17.29 6.13
C VAL A 173 -5.44 -18.59 6.10
N GLU A 174 -6.43 -18.67 5.27
CA GLU A 174 -7.25 -19.91 5.17
C GLU A 174 -7.40 -20.29 3.70
N LYS A 175 -7.64 -21.54 3.42
CA LYS A 175 -7.77 -21.95 1.99
C LYS A 175 -9.23 -22.29 1.69
N ILE A 176 -10.14 -21.57 2.29
CA ILE A 176 -11.59 -21.85 2.04
C ILE A 176 -11.82 -23.36 1.93
N GLU A 177 -12.56 -23.80 0.96
CA GLU A 177 -12.81 -25.26 0.82
C GLU A 177 -12.74 -25.65 -0.66
N GLY A 1 -11.07 17.95 -1.05
CA GLY A 1 -11.14 19.43 -0.88
C GLY A 1 -10.50 19.82 0.45
N ALA A 2 -10.36 21.10 0.70
CA ALA A 2 -9.75 21.54 1.98
C ALA A 2 -10.64 21.11 3.15
N MET A 3 -11.91 20.98 2.92
CA MET A 3 -12.84 20.57 4.02
C MET A 3 -12.51 19.12 4.43
N LYS A 4 -12.00 18.34 3.52
CA LYS A 4 -11.66 16.93 3.87
C LYS A 4 -10.43 16.49 3.09
N LYS A 5 -9.47 15.91 3.74
CA LYS A 5 -8.24 15.46 3.03
C LYS A 5 -8.36 13.98 2.69
N LYS A 6 -7.80 13.57 1.58
CA LYS A 6 -7.89 12.13 1.19
C LYS A 6 -6.49 11.62 0.83
N TRP A 7 -6.35 10.35 0.58
CA TRP A 7 -5.01 9.81 0.23
C TRP A 7 -5.00 9.43 -1.26
N TYR A 8 -4.03 9.91 -1.99
CA TYR A 8 -3.96 9.58 -3.44
C TYR A 8 -2.69 8.78 -3.72
N ILE A 9 -2.58 8.22 -4.89
CA ILE A 9 -1.36 7.42 -5.21
C ILE A 9 -0.52 8.18 -6.25
N VAL A 10 0.64 8.63 -5.88
CA VAL A 10 1.49 9.37 -6.84
C VAL A 10 2.37 8.39 -7.62
N LEU A 11 2.55 8.61 -8.89
CA LEU A 11 3.39 7.69 -9.70
C LEU A 11 4.81 8.23 -9.78
N THR A 12 5.78 7.37 -9.82
CA THR A 12 7.20 7.83 -9.90
C THR A 12 8.07 6.68 -10.41
N MET A 13 9.37 6.80 -10.24
CA MET A 13 10.27 5.71 -10.70
C MET A 13 10.79 4.92 -9.50
N SER A 14 10.58 3.63 -9.51
CA SER A 14 11.06 2.80 -8.36
C SER A 14 12.49 3.21 -8.00
N GLY A 15 12.76 3.45 -6.74
CA GLY A 15 14.13 3.86 -6.33
C GLY A 15 14.15 5.37 -6.07
N TYR A 16 13.19 6.08 -6.59
CA TYR A 16 13.15 7.55 -6.37
C TYR A 16 12.01 7.90 -5.43
N GLU A 17 11.36 6.92 -4.88
CA GLU A 17 10.22 7.20 -3.94
C GLU A 17 10.75 7.95 -2.73
N GLU A 18 11.75 7.43 -2.08
CA GLU A 18 12.31 8.12 -0.88
C GLU A 18 12.60 9.58 -1.21
N LYS A 19 13.02 9.86 -2.41
CA LYS A 19 13.32 11.27 -2.79
C LYS A 19 12.01 12.03 -2.99
N VAL A 20 11.09 11.47 -3.72
CA VAL A 20 9.78 12.16 -3.94
C VAL A 20 9.16 12.53 -2.60
N LYS A 21 9.10 11.61 -1.68
CA LYS A 21 8.49 11.91 -0.35
C LYS A 21 9.24 13.08 0.29
N GLU A 22 10.55 13.02 0.34
CA GLU A 22 11.33 14.12 0.95
C GLU A 22 11.15 15.40 0.12
N ASN A 23 11.13 15.28 -1.18
CA ASN A 23 10.96 16.47 -2.04
C ASN A 23 9.61 17.13 -1.75
N ILE A 24 8.56 16.34 -1.64
CA ILE A 24 7.23 16.92 -1.36
C ILE A 24 7.27 17.71 -0.05
N GLU A 25 7.90 17.18 0.96
CA GLU A 25 7.98 17.90 2.26
C GLU A 25 8.61 19.27 2.05
N LYS A 26 9.67 19.35 1.29
CA LYS A 26 10.32 20.67 1.06
C LYS A 26 9.48 21.48 0.07
N LYS A 27 8.88 20.84 -0.89
CA LYS A 27 8.04 21.57 -1.88
C LYS A 27 6.97 22.37 -1.14
N VAL A 28 6.48 21.84 -0.05
CA VAL A 28 5.42 22.56 0.72
C VAL A 28 6.07 23.58 1.65
N GLU A 29 7.30 23.34 2.04
CA GLU A 29 7.99 24.29 2.95
C GLU A 29 8.30 25.59 2.21
N ALA A 30 8.97 25.50 1.09
CA ALA A 30 9.30 26.73 0.32
C ALA A 30 8.02 27.46 -0.08
N THR A 31 6.96 26.73 -0.34
CA THR A 31 5.69 27.39 -0.73
C THR A 31 4.94 27.82 0.53
N GLY A 32 5.01 27.05 1.58
CA GLY A 32 4.30 27.42 2.83
C GLY A 32 2.86 26.93 2.77
N ILE A 33 2.57 26.01 1.87
CA ILE A 33 1.18 25.50 1.76
C ILE A 33 1.04 24.21 2.57
N LYS A 34 0.91 24.33 3.87
CA LYS A 34 0.78 23.12 4.72
C LYS A 34 -0.70 22.69 4.77
N ASN A 35 -1.54 23.34 4.01
CA ASN A 35 -2.98 22.98 4.02
C ASN A 35 -3.30 22.14 2.78
N LEU A 36 -2.37 22.01 1.88
CA LEU A 36 -2.62 21.23 0.66
C LEU A 36 -2.07 19.81 0.83
N VAL A 37 -0.81 19.69 1.17
CA VAL A 37 -0.22 18.34 1.36
C VAL A 37 -0.38 17.91 2.82
N GLY A 38 -0.81 16.70 3.05
CA GLY A 38 -0.99 16.23 4.44
C GLY A 38 0.16 15.28 4.82
N ARG A 39 -0.17 14.11 5.30
CA ARG A 39 0.89 13.15 5.69
C ARG A 39 1.20 12.21 4.53
N ILE A 40 2.45 11.89 4.32
CA ILE A 40 2.82 10.97 3.20
C ILE A 40 3.13 9.58 3.78
N VAL A 41 2.61 8.56 3.18
CA VAL A 41 2.88 7.18 3.69
C VAL A 41 3.47 6.32 2.57
N ILE A 42 4.34 5.40 2.92
CA ILE A 42 4.95 4.52 1.89
C ILE A 42 4.58 3.07 2.16
N PRO A 43 4.06 2.37 1.15
CA PRO A 43 3.65 0.96 1.27
C PRO A 43 4.85 0.04 1.51
N ILE A 44 6.04 0.57 1.46
CA ILE A 44 7.24 -0.27 1.70
C ILE A 44 7.13 -0.94 3.07
N ARG A 45 7.47 -2.20 3.15
CA ARG A 45 7.38 -2.91 4.46
C ARG A 45 8.14 -2.11 5.52
N GLY A 46 9.34 -1.71 5.23
CA GLY A 46 10.12 -0.93 6.23
C GLY A 46 10.66 -1.87 7.31
N GLY A 47 11.72 -1.50 7.97
CA GLY A 47 12.28 -2.38 9.03
C GLY A 47 13.34 -3.30 8.42
N GLN A 48 13.63 -3.12 7.16
CA GLN A 48 14.67 -3.99 6.51
C GLN A 48 14.45 -5.44 6.94
N ARG A 49 13.25 -5.81 7.27
CA ARG A 49 12.99 -7.21 7.70
C ARG A 49 13.37 -8.16 6.57
N ARG A 50 13.10 -7.80 5.35
CA ARG A 50 13.45 -8.69 4.21
C ARG A 50 14.12 -7.87 3.11
N LYS A 51 14.97 -8.48 2.33
CA LYS A 51 15.66 -7.74 1.24
C LYS A 51 14.63 -7.02 0.38
N SER A 52 13.51 -7.64 0.13
CA SER A 52 12.45 -6.98 -0.70
C SER A 52 11.85 -5.81 0.07
N GLU A 53 11.51 -4.75 -0.60
CA GLU A 53 10.91 -3.58 0.10
C GLU A 53 9.98 -2.83 -0.86
N LYS A 54 9.12 -2.00 -0.34
CA LYS A 54 8.19 -1.24 -1.22
C LYS A 54 7.06 -2.17 -1.68
N LEU A 55 5.95 -2.17 -0.99
CA LEU A 55 4.83 -3.06 -1.40
C LEU A 55 4.49 -2.78 -2.87
N PHE A 56 4.40 -1.53 -3.24
CA PHE A 56 4.10 -1.18 -4.65
C PHE A 56 5.20 -0.28 -5.19
N PRO A 57 6.03 -0.79 -6.11
CA PRO A 57 7.13 -0.03 -6.71
C PRO A 57 6.63 1.13 -7.57
N GLY A 58 7.26 2.26 -7.46
CA GLY A 58 6.83 3.43 -8.28
C GLY A 58 5.51 3.99 -7.73
N TYR A 59 4.90 3.33 -6.78
CA TYR A 59 3.61 3.84 -6.24
C TYR A 59 3.82 4.38 -4.82
N VAL A 60 3.27 5.54 -4.54
CA VAL A 60 3.42 6.13 -3.18
C VAL A 60 2.06 6.65 -2.73
N PHE A 61 1.79 6.66 -1.45
CA PHE A 61 0.47 7.15 -0.96
C PHE A 61 0.65 8.51 -0.27
N VAL A 62 -0.06 9.50 -0.72
CA VAL A 62 0.06 10.85 -0.10
C VAL A 62 -1.33 11.41 0.18
N GLU A 63 -1.49 12.12 1.25
CA GLU A 63 -2.82 12.70 1.58
C GLU A 63 -2.80 14.20 1.30
N MET A 64 -3.72 14.70 0.52
CA MET A 64 -3.71 16.15 0.20
C MET A 64 -5.11 16.62 -0.20
N ILE A 65 -5.28 17.89 -0.40
CA ILE A 65 -6.60 18.43 -0.80
C ILE A 65 -6.64 18.61 -2.32
N MET A 66 -7.64 18.09 -2.96
CA MET A 66 -7.72 18.21 -4.45
C MET A 66 -8.15 19.63 -4.82
N ASN A 67 -7.65 20.13 -5.91
CA ASN A 67 -8.01 21.51 -6.36
C ASN A 67 -7.20 21.86 -7.60
N ASP A 68 -7.59 22.87 -8.33
CA ASP A 68 -6.84 23.26 -9.54
C ASP A 68 -5.39 23.61 -9.16
N GLU A 69 -5.22 24.29 -8.07
CA GLU A 69 -3.84 24.68 -7.64
C GLU A 69 -3.09 23.44 -7.14
N ALA A 70 -3.73 22.63 -6.35
CA ALA A 70 -3.05 21.41 -5.82
C ALA A 70 -2.52 20.57 -6.99
N TYR A 71 -3.33 20.38 -8.01
CA TYR A 71 -2.87 19.57 -9.17
C TYR A 71 -1.64 20.25 -9.79
N ASN A 72 -1.79 21.44 -10.28
CA ASN A 72 -0.64 22.15 -10.90
C ASN A 72 0.61 21.96 -10.04
N PHE A 73 0.45 21.84 -8.75
CA PHE A 73 1.63 21.67 -7.86
C PHE A 73 2.06 20.20 -7.84
N VAL A 74 1.11 19.29 -7.77
CA VAL A 74 1.47 17.85 -7.74
C VAL A 74 2.01 17.43 -9.11
N ARG A 75 1.24 17.65 -10.15
CA ARG A 75 1.70 17.27 -11.51
C ARG A 75 3.02 17.97 -11.81
N SER A 76 3.38 18.96 -11.03
CA SER A 76 4.67 19.68 -11.27
C SER A 76 5.69 19.27 -10.21
N VAL A 77 5.34 18.36 -9.35
CA VAL A 77 6.31 17.92 -8.30
C VAL A 77 7.46 17.15 -8.98
N PRO A 78 8.66 17.20 -8.39
CA PRO A 78 9.84 16.52 -8.94
C PRO A 78 9.73 15.00 -8.85
N TYR A 79 9.87 14.32 -9.95
CA TYR A 79 9.80 12.82 -9.97
C TYR A 79 8.35 12.35 -10.15
N VAL A 80 7.41 13.25 -10.28
CA VAL A 80 5.99 12.81 -10.47
C VAL A 80 5.75 12.52 -11.95
N MET A 81 5.53 11.28 -12.29
CA MET A 81 5.27 10.93 -13.73
C MET A 81 3.78 11.08 -14.02
N GLY A 82 2.95 10.85 -13.04
CA GLY A 82 1.48 10.98 -13.25
C GLY A 82 0.75 10.52 -11.98
N PHE A 83 -0.54 10.36 -12.07
CA PHE A 83 -1.30 9.92 -10.86
C PHE A 83 -2.16 8.69 -11.21
N VAL A 84 -2.36 7.82 -10.27
CA VAL A 84 -3.18 6.60 -10.56
C VAL A 84 -4.63 7.01 -10.81
N SER A 85 -4.91 7.54 -11.97
CA SER A 85 -6.31 7.97 -12.28
C SER A 85 -6.77 7.34 -13.60
N SER A 86 -8.05 7.33 -13.83
CA SER A 86 -8.56 6.72 -15.10
C SER A 86 -8.76 7.82 -16.13
N GLY A 87 -9.14 9.00 -15.71
CA GLY A 87 -9.35 10.11 -16.67
C GLY A 87 -8.58 11.35 -16.21
N GLY A 88 -9.09 12.05 -15.23
CA GLY A 88 -8.38 13.26 -14.74
C GLY A 88 -7.73 12.96 -13.39
N GLN A 89 -7.69 13.94 -12.52
CA GLN A 89 -7.06 13.74 -11.18
C GLN A 89 -7.28 12.30 -10.71
N PRO A 90 -6.38 11.81 -9.84
CA PRO A 90 -6.46 10.45 -9.31
C PRO A 90 -7.62 10.29 -8.32
N VAL A 91 -7.94 9.09 -7.96
CA VAL A 91 -9.05 8.86 -6.99
C VAL A 91 -8.48 8.65 -5.59
N PRO A 92 -9.23 9.07 -4.56
CA PRO A 92 -8.80 8.94 -3.16
C PRO A 92 -8.77 7.47 -2.72
N VAL A 93 -7.90 7.14 -1.79
CA VAL A 93 -7.83 5.72 -1.32
C VAL A 93 -8.95 5.46 -0.32
N LYS A 94 -9.75 4.44 -0.54
CA LYS A 94 -10.85 4.13 0.40
C LYS A 94 -10.26 3.57 1.69
N ASP A 95 -10.76 4.01 2.83
CA ASP A 95 -10.23 3.48 4.12
C ASP A 95 -10.04 1.97 4.01
N ARG A 96 -10.98 1.28 3.41
CA ARG A 96 -10.86 -0.19 3.28
C ARG A 96 -9.56 -0.54 2.56
N GLU A 97 -9.11 0.32 1.69
CA GLU A 97 -7.84 0.03 0.95
C GLU A 97 -6.65 0.51 1.77
N MET A 98 -6.84 1.52 2.59
CA MET A 98 -5.71 2.04 3.42
C MET A 98 -5.52 1.13 4.63
N ARG A 99 -6.56 0.44 5.03
CA ARG A 99 -6.45 -0.47 6.22
C ARG A 99 -5.07 -1.14 6.23
N PRO A 100 -4.70 -1.79 5.11
CA PRO A 100 -3.41 -2.49 4.99
C PRO A 100 -2.24 -1.51 4.93
N ILE A 101 -2.47 -0.33 4.41
CA ILE A 101 -1.36 0.67 4.32
C ILE A 101 -1.17 1.31 5.69
N LEU A 102 -2.25 1.66 6.36
CA LEU A 102 -2.12 2.29 7.70
C LEU A 102 -1.47 1.28 8.66
N ARG A 103 -1.85 0.04 8.58
CA ARG A 103 -1.24 -0.98 9.48
C ARG A 103 0.26 -1.02 9.23
N LEU A 104 0.67 -1.05 7.98
CA LEU A 104 2.12 -1.07 7.68
C LEU A 104 2.74 0.27 8.07
N ALA A 105 2.00 1.34 7.92
CA ALA A 105 2.52 2.67 8.30
C ALA A 105 2.18 2.96 9.76
N GLY A 106 1.85 1.93 10.50
CA GLY A 106 1.50 2.13 11.94
C GLY A 106 0.59 3.35 12.09
N LEU A 107 -0.18 3.65 11.07
CA LEU A 107 -1.10 4.82 11.15
C LEU A 107 -2.45 4.39 11.72
N GLU A 108 -2.80 3.14 11.55
CA GLU A 108 -4.10 2.65 12.07
C GLU A 108 -3.86 1.73 13.28
N GLU A 109 -4.73 1.78 14.24
CA GLU A 109 -4.56 0.91 15.43
C GLU A 109 -5.65 -0.17 15.45
N TYR A 110 -5.26 -1.41 15.41
CA TYR A 110 -6.27 -2.51 15.41
C TYR A 110 -5.96 -3.49 16.54
N GLU A 111 -6.58 -4.64 16.53
CA GLU A 111 -6.32 -5.64 17.61
C GLU A 111 -5.19 -6.56 17.17
N GLU A 112 -5.25 -7.81 17.56
CA GLU A 112 -4.17 -8.77 17.16
C GLU A 112 -4.71 -9.72 16.08
N LYS A 113 -5.74 -10.45 16.39
CA LYS A 113 -6.31 -11.40 15.38
C LYS A 113 -7.75 -11.72 15.74
N LYS A 114 -8.67 -11.51 14.83
CA LYS A 114 -10.09 -11.80 15.12
C LYS A 114 -10.25 -13.28 15.48
N LYS A 115 -9.68 -14.16 14.70
CA LYS A 115 -9.80 -15.62 15.01
C LYS A 115 -8.52 -16.34 14.56
N PRO A 116 -7.75 -16.85 15.52
CA PRO A 116 -6.50 -17.56 15.25
C PRO A 116 -6.75 -18.96 14.66
N VAL A 117 -6.90 -19.06 13.37
CA VAL A 117 -7.14 -20.40 12.76
C VAL A 117 -5.83 -20.93 12.18
N LYS A 118 -5.77 -22.19 11.86
CA LYS A 118 -4.51 -22.75 11.30
C LYS A 118 -4.81 -23.43 9.95
N VAL A 119 -4.00 -23.19 8.96
CA VAL A 119 -4.23 -23.81 7.64
C VAL A 119 -4.46 -25.32 7.82
N GLU A 120 -4.88 -25.99 6.78
CA GLU A 120 -5.12 -27.46 6.91
C GLU A 120 -5.04 -28.13 5.54
N LEU A 121 -4.24 -29.16 5.42
CA LEU A 121 -4.09 -29.88 4.12
C LEU A 121 -3.23 -29.07 3.16
N GLY A 122 -1.95 -29.36 3.13
CA GLY A 122 -1.02 -28.63 2.20
C GLY A 122 -1.77 -28.17 0.95
N PHE A 123 -2.23 -26.95 0.93
CA PHE A 123 -2.96 -26.47 -0.28
C PHE A 123 -2.07 -26.64 -1.51
N LYS A 124 -2.57 -26.30 -2.67
CA LYS A 124 -1.74 -26.46 -3.90
C LYS A 124 -1.42 -25.08 -4.50
N VAL A 125 -0.37 -25.01 -5.26
CA VAL A 125 0.02 -23.71 -5.90
C VAL A 125 -1.07 -23.27 -6.87
N GLY A 126 -1.31 -21.99 -6.98
CA GLY A 126 -2.37 -21.50 -7.91
C GLY A 126 -3.73 -21.56 -7.21
N ASP A 127 -3.88 -22.46 -6.28
CA ASP A 127 -5.17 -22.57 -5.55
C ASP A 127 -5.57 -21.18 -5.04
N MET A 128 -6.79 -21.02 -4.60
CA MET A 128 -7.22 -19.69 -4.09
C MET A 128 -7.13 -19.69 -2.56
N VAL A 129 -6.45 -18.74 -2.00
CA VAL A 129 -6.33 -18.67 -0.52
C VAL A 129 -6.80 -17.30 -0.04
N LYS A 130 -7.47 -17.24 1.07
CA LYS A 130 -7.94 -15.93 1.59
C LYS A 130 -7.07 -15.50 2.75
N ILE A 131 -6.79 -14.23 2.87
CA ILE A 131 -5.95 -13.75 3.99
C ILE A 131 -6.83 -13.57 5.22
N ILE A 132 -6.29 -13.69 6.40
CA ILE A 132 -7.11 -13.52 7.62
C ILE A 132 -6.24 -12.98 8.75
N SER A 133 -5.00 -12.70 8.48
CA SER A 133 -4.10 -12.16 9.55
C SER A 133 -3.09 -11.20 8.93
N GLY A 134 -2.77 -10.14 9.63
CA GLY A 134 -1.77 -9.18 9.11
C GLY A 134 -2.48 -7.94 8.53
N PRO A 135 -1.73 -7.13 7.78
CA PRO A 135 -2.24 -5.89 7.16
C PRO A 135 -3.27 -6.15 6.06
N PHE A 136 -3.29 -7.33 5.49
CA PHE A 136 -4.28 -7.59 4.40
C PHE A 136 -5.40 -8.49 4.94
N GLU A 137 -5.51 -8.61 6.23
CA GLU A 137 -6.58 -9.47 6.82
C GLU A 137 -7.89 -9.28 6.05
N ASP A 138 -8.59 -10.34 5.76
CA ASP A 138 -9.88 -10.22 5.04
C ASP A 138 -9.64 -9.93 3.55
N PHE A 139 -8.51 -10.33 3.02
CA PHE A 139 -8.25 -10.07 1.57
C PHE A 139 -8.13 -11.41 0.83
N ALA A 140 -8.76 -11.52 -0.30
CA ALA A 140 -8.68 -12.80 -1.07
C ALA A 140 -7.41 -12.80 -1.92
N GLY A 141 -6.69 -13.89 -1.92
CA GLY A 141 -5.44 -13.94 -2.73
C GLY A 141 -5.26 -15.34 -3.33
N VAL A 142 -4.33 -15.49 -4.23
CA VAL A 142 -4.10 -16.83 -4.85
C VAL A 142 -2.70 -17.33 -4.46
N ILE A 143 -2.59 -18.58 -4.11
CA ILE A 143 -1.26 -19.13 -3.73
C ILE A 143 -0.35 -19.17 -4.96
N LYS A 144 0.73 -18.45 -4.94
CA LYS A 144 1.66 -18.46 -6.11
C LYS A 144 2.83 -19.40 -5.83
N GLU A 145 3.27 -19.48 -4.60
CA GLU A 145 4.41 -20.38 -4.28
C GLU A 145 4.33 -20.81 -2.81
N ILE A 146 4.80 -21.98 -2.51
CA ILE A 146 4.76 -22.47 -1.10
C ILE A 146 6.17 -22.85 -0.64
N ASP A 147 6.62 -22.31 0.46
CA ASP A 147 7.98 -22.64 0.95
C ASP A 147 7.88 -23.53 2.18
N PRO A 148 8.10 -24.85 2.00
CA PRO A 148 8.04 -25.83 3.08
C PRO A 148 9.23 -25.69 4.04
N GLU A 149 9.19 -26.37 5.16
CA GLU A 149 10.32 -26.28 6.12
C GLU A 149 10.18 -25.00 6.97
N ARG A 150 9.44 -24.05 6.50
CA ARG A 150 9.27 -22.78 7.28
C ARG A 150 7.78 -22.47 7.44
N GLN A 151 6.95 -23.13 6.69
CA GLN A 151 5.48 -22.87 6.81
C GLN A 151 5.17 -21.48 6.26
N GLU A 152 5.67 -21.16 5.09
CA GLU A 152 5.38 -19.82 4.50
C GLU A 152 4.65 -20.02 3.18
N LEU A 153 3.71 -19.16 2.86
CA LEU A 153 2.95 -19.33 1.59
C LEU A 153 2.91 -18.01 0.82
N LYS A 154 3.49 -17.99 -0.35
CA LYS A 154 3.47 -16.74 -1.16
C LYS A 154 2.11 -16.63 -1.84
N VAL A 155 1.47 -15.49 -1.73
CA VAL A 155 0.12 -15.34 -2.37
C VAL A 155 0.09 -14.03 -3.17
N ASN A 156 -0.65 -14.01 -4.24
CA ASN A 156 -0.73 -12.77 -5.07
C ASN A 156 -2.03 -12.03 -4.74
N VAL A 157 -1.93 -10.82 -4.25
CA VAL A 157 -3.15 -10.05 -3.91
C VAL A 157 -3.46 -9.06 -5.03
N THR A 158 -4.71 -8.83 -5.31
CA THR A 158 -5.07 -7.88 -6.41
C THR A 158 -5.38 -6.50 -5.80
N ILE A 159 -4.43 -5.61 -5.81
CA ILE A 159 -4.68 -4.24 -5.25
C ILE A 159 -4.50 -3.21 -6.35
N PHE A 160 -5.35 -2.23 -6.39
CA PHE A 160 -5.23 -1.18 -7.44
C PHE A 160 -5.33 -1.83 -8.82
N GLY A 161 -6.23 -2.76 -8.97
CA GLY A 161 -6.41 -3.45 -10.28
C GLY A 161 -5.07 -4.03 -10.75
N ARG A 162 -4.12 -4.16 -9.87
CA ARG A 162 -2.81 -4.71 -10.28
C ARG A 162 -2.53 -6.00 -9.49
N GLU A 163 -1.84 -6.94 -10.08
CA GLU A 163 -1.54 -8.20 -9.37
C GLU A 163 -0.14 -8.13 -8.75
N THR A 164 -0.02 -8.45 -7.50
CA THR A 164 1.32 -8.38 -6.83
C THR A 164 1.43 -9.49 -5.78
N PRO A 165 2.51 -10.29 -5.86
CA PRO A 165 2.76 -11.38 -4.92
C PRO A 165 3.12 -10.84 -3.52
N VAL A 166 2.60 -11.44 -2.49
CA VAL A 166 2.92 -10.95 -1.11
C VAL A 166 3.54 -12.08 -0.29
N VAL A 167 4.09 -11.75 0.84
CA VAL A 167 4.71 -12.78 1.72
C VAL A 167 3.95 -12.86 3.04
N LEU A 168 3.36 -13.98 3.33
CA LEU A 168 2.59 -14.11 4.60
C LEU A 168 2.81 -15.48 5.24
N HIS A 169 2.43 -15.60 6.48
CA HIS A 169 2.59 -16.90 7.19
C HIS A 169 1.45 -17.84 6.79
N VAL A 170 1.74 -19.11 6.67
CA VAL A 170 0.67 -20.07 6.29
C VAL A 170 -0.45 -19.99 7.33
N SER A 171 -0.10 -19.81 8.57
CA SER A 171 -1.13 -19.72 9.64
C SER A 171 -1.80 -18.34 9.59
N GLU A 172 -1.27 -17.45 8.78
CA GLU A 172 -1.87 -16.09 8.71
C GLU A 172 -2.84 -16.04 7.52
N VAL A 173 -2.95 -17.11 6.78
CA VAL A 173 -3.88 -17.12 5.61
C VAL A 173 -4.80 -18.33 5.71
N GLU A 174 -5.86 -18.34 4.96
CA GLU A 174 -6.80 -19.49 5.00
C GLU A 174 -7.17 -19.90 3.58
N LYS A 175 -7.52 -21.13 3.37
CA LYS A 175 -7.89 -21.58 2.00
C LYS A 175 -9.41 -21.44 1.80
N ILE A 176 -10.04 -20.64 2.59
CA ILE A 176 -11.52 -20.47 2.45
C ILE A 176 -12.21 -21.80 2.72
N GLU A 177 -12.17 -22.69 1.77
CA GLU A 177 -12.84 -24.01 1.96
C GLU A 177 -12.12 -25.07 1.10
N GLY A 1 -15.12 19.56 -1.10
CA GLY A 1 -14.21 18.39 -1.22
C GLY A 1 -12.80 18.78 -0.78
N ALA A 2 -12.33 19.92 -1.19
CA ALA A 2 -10.96 20.36 -0.79
C ALA A 2 -10.91 20.52 0.73
N MET A 3 -12.01 20.87 1.34
CA MET A 3 -12.02 21.05 2.83
C MET A 3 -11.52 19.77 3.49
N LYS A 4 -11.93 18.62 2.99
CA LYS A 4 -11.47 17.35 3.60
C LYS A 4 -10.23 16.84 2.87
N LYS A 5 -9.31 16.25 3.57
CA LYS A 5 -8.08 15.75 2.91
C LYS A 5 -8.25 14.27 2.58
N LYS A 6 -7.69 13.83 1.46
CA LYS A 6 -7.84 12.40 1.07
C LYS A 6 -6.46 11.84 0.71
N TRP A 7 -6.40 10.57 0.41
CA TRP A 7 -5.08 9.96 0.05
C TRP A 7 -5.11 9.55 -1.41
N TYR A 8 -4.18 10.01 -2.19
CA TYR A 8 -4.15 9.64 -3.64
C TYR A 8 -2.89 8.82 -3.92
N ILE A 9 -2.80 8.24 -5.08
CA ILE A 9 -1.58 7.45 -5.41
C ILE A 9 -0.83 8.14 -6.55
N VAL A 10 0.18 8.91 -6.23
CA VAL A 10 0.94 9.61 -7.29
C VAL A 10 1.95 8.65 -7.91
N LEU A 11 2.28 8.84 -9.16
CA LEU A 11 3.25 7.94 -9.82
C LEU A 11 4.67 8.52 -9.73
N THR A 12 5.65 7.67 -9.55
CA THR A 12 7.05 8.17 -9.46
C THR A 12 7.98 7.14 -10.11
N MET A 13 9.26 7.32 -9.98
CA MET A 13 10.22 6.35 -10.60
C MET A 13 10.76 5.42 -9.53
N SER A 14 10.52 4.13 -9.66
CA SER A 14 11.03 3.17 -8.65
C SER A 14 12.46 3.55 -8.27
N GLY A 15 12.71 3.80 -7.01
CA GLY A 15 14.08 4.19 -6.59
C GLY A 15 14.10 5.67 -6.22
N TYR A 16 13.10 6.41 -6.66
CA TYR A 16 13.06 7.86 -6.34
C TYR A 16 11.92 8.12 -5.33
N GLU A 17 11.06 7.17 -5.14
CA GLU A 17 9.94 7.36 -4.18
C GLU A 17 10.47 8.06 -2.92
N GLU A 18 11.47 7.48 -2.29
CA GLU A 18 12.02 8.12 -1.06
C GLU A 18 12.40 9.56 -1.36
N LYS A 19 12.89 9.82 -2.55
CA LYS A 19 13.28 11.22 -2.91
C LYS A 19 12.01 12.07 -3.06
N VAL A 20 10.97 11.49 -3.60
CA VAL A 20 9.70 12.25 -3.78
C VAL A 20 9.15 12.64 -2.41
N LYS A 21 9.09 11.70 -1.50
CA LYS A 21 8.55 12.02 -0.15
C LYS A 21 9.33 13.21 0.45
N GLU A 22 10.63 13.13 0.44
CA GLU A 22 11.44 14.25 1.00
C GLU A 22 11.22 15.50 0.16
N ASN A 23 11.18 15.35 -1.15
CA ASN A 23 10.98 16.54 -2.02
C ASN A 23 9.65 17.23 -1.65
N ILE A 24 8.64 16.46 -1.36
CA ILE A 24 7.33 17.07 -0.99
C ILE A 24 7.49 17.88 0.29
N GLU A 25 8.16 17.35 1.27
CA GLU A 25 8.35 18.10 2.54
C GLU A 25 8.94 19.48 2.25
N LYS A 26 9.94 19.54 1.41
CA LYS A 26 10.55 20.85 1.09
C LYS A 26 9.69 21.58 0.05
N LYS A 27 9.05 20.85 -0.81
CA LYS A 27 8.19 21.51 -1.84
C LYS A 27 7.14 22.37 -1.15
N VAL A 28 6.62 21.92 -0.05
CA VAL A 28 5.58 22.71 0.67
C VAL A 28 6.27 23.74 1.58
N GLU A 29 7.51 23.49 1.94
CA GLU A 29 8.23 24.45 2.81
C GLU A 29 8.52 25.73 2.04
N ALA A 30 9.14 25.62 0.89
CA ALA A 30 9.45 26.83 0.09
C ALA A 30 8.17 27.63 -0.17
N THR A 31 7.06 26.95 -0.31
CA THR A 31 5.78 27.66 -0.56
C THR A 31 5.08 27.96 0.76
N GLY A 32 5.43 27.25 1.80
CA GLY A 32 4.79 27.48 3.12
C GLY A 32 3.33 27.04 3.07
N ILE A 33 2.94 26.35 2.01
CA ILE A 33 1.54 25.89 1.90
C ILE A 33 1.36 24.62 2.74
N LYS A 34 1.03 24.76 4.00
CA LYS A 34 0.84 23.56 4.85
C LYS A 34 -0.64 23.14 4.82
N ASN A 35 -1.41 23.73 3.96
CA ASN A 35 -2.85 23.37 3.88
C ASN A 35 -3.12 22.63 2.57
N LEU A 36 -2.10 22.28 1.84
CA LEU A 36 -2.31 21.56 0.56
C LEU A 36 -1.83 20.11 0.71
N VAL A 37 -0.60 19.93 1.12
CA VAL A 37 -0.08 18.54 1.29
C VAL A 37 -0.27 18.11 2.74
N GLY A 38 -0.81 16.94 2.97
CA GLY A 38 -1.01 16.47 4.37
C GLY A 38 0.04 15.42 4.71
N ARG A 39 -0.38 14.25 5.11
CA ARG A 39 0.60 13.18 5.46
C ARG A 39 0.95 12.36 4.22
N ILE A 40 2.15 11.86 4.16
CA ILE A 40 2.56 11.05 2.99
C ILE A 40 2.86 9.62 3.45
N VAL A 41 2.35 8.64 2.76
CA VAL A 41 2.61 7.23 3.19
C VAL A 41 3.18 6.45 2.01
N ILE A 42 3.80 5.33 2.26
CA ILE A 42 4.39 4.54 1.15
C ILE A 42 4.17 3.04 1.40
N PRO A 43 3.60 2.34 0.42
CA PRO A 43 3.34 0.90 0.52
C PRO A 43 4.64 0.10 0.56
N ILE A 44 5.76 0.77 0.45
CA ILE A 44 7.06 0.05 0.49
C ILE A 44 7.46 -0.24 1.93
N ARG A 45 6.75 0.32 2.88
CA ARG A 45 7.08 0.08 4.30
C ARG A 45 7.22 -1.42 4.54
N GLY A 46 6.59 -2.22 3.72
CA GLY A 46 6.69 -3.70 3.90
C GLY A 46 7.69 -4.27 2.89
N GLY A 47 7.72 -5.57 2.75
CA GLY A 47 8.67 -6.19 1.79
C GLY A 47 10.10 -5.83 2.18
N GLN A 48 10.42 -5.91 3.45
CA GLN A 48 11.80 -5.57 3.90
C GLN A 48 12.76 -6.64 3.38
N ARG A 49 12.31 -7.84 3.20
CA ARG A 49 13.21 -8.92 2.70
C ARG A 49 13.87 -8.45 1.41
N ARG A 50 15.13 -8.77 1.23
CA ARG A 50 15.84 -8.35 -0.01
C ARG A 50 15.16 -9.00 -1.23
N LYS A 51 14.50 -10.10 -1.03
CA LYS A 51 13.83 -10.79 -2.17
C LYS A 51 12.80 -9.83 -2.79
N SER A 52 12.27 -8.92 -2.02
CA SER A 52 11.27 -7.97 -2.57
C SER A 52 11.41 -6.62 -1.88
N GLU A 53 11.20 -5.55 -2.59
CA GLU A 53 11.33 -4.20 -1.97
C GLU A 53 10.20 -3.29 -2.48
N LYS A 54 9.47 -2.67 -1.60
CA LYS A 54 8.37 -1.77 -2.03
C LYS A 54 7.18 -2.61 -2.51
N LEU A 55 6.06 -2.53 -1.84
CA LEU A 55 4.89 -3.34 -2.27
C LEU A 55 4.54 -2.99 -3.72
N PHE A 56 4.51 -1.73 -4.04
CA PHE A 56 4.18 -1.32 -5.44
C PHE A 56 5.22 -0.31 -5.92
N PRO A 57 6.10 -0.71 -6.84
CA PRO A 57 7.15 0.17 -7.37
C PRO A 57 6.56 1.34 -8.16
N GLY A 58 7.12 2.51 -7.98
CA GLY A 58 6.61 3.69 -8.74
C GLY A 58 5.31 4.21 -8.11
N TYR A 59 4.66 3.41 -7.28
CA TYR A 59 3.39 3.88 -6.68
C TYR A 59 3.63 4.40 -5.26
N VAL A 60 3.17 5.58 -4.96
CA VAL A 60 3.34 6.14 -3.59
C VAL A 60 2.02 6.79 -3.16
N PHE A 61 1.74 6.84 -1.88
CA PHE A 61 0.45 7.44 -1.43
C PHE A 61 0.70 8.76 -0.71
N VAL A 62 0.02 9.79 -1.15
CA VAL A 62 0.19 11.13 -0.50
C VAL A 62 -1.19 11.71 -0.16
N GLU A 63 -1.33 12.32 0.98
CA GLU A 63 -2.64 12.90 1.37
C GLU A 63 -2.61 14.41 1.13
N MET A 64 -3.56 14.94 0.41
CA MET A 64 -3.56 16.41 0.13
C MET A 64 -4.97 16.88 -0.22
N ILE A 65 -5.12 18.16 -0.44
CA ILE A 65 -6.47 18.70 -0.79
C ILE A 65 -6.54 18.91 -2.30
N MET A 66 -7.59 18.45 -2.92
CA MET A 66 -7.71 18.61 -4.40
C MET A 66 -8.12 20.03 -4.75
N ASN A 67 -7.64 20.53 -5.85
CA ASN A 67 -7.98 21.93 -6.26
C ASN A 67 -7.22 22.27 -7.54
N ASP A 68 -7.51 23.40 -8.15
CA ASP A 68 -6.79 23.79 -9.39
C ASP A 68 -5.33 24.13 -9.04
N GLU A 69 -5.12 24.85 -7.97
CA GLU A 69 -3.73 25.22 -7.59
C GLU A 69 -3.02 23.99 -7.01
N ALA A 70 -3.74 23.11 -6.38
CA ALA A 70 -3.10 21.90 -5.80
C ALA A 70 -2.67 20.96 -6.93
N TYR A 71 -3.54 20.75 -7.89
CA TYR A 71 -3.18 19.84 -9.02
C TYR A 71 -1.97 20.40 -9.76
N ASN A 72 -1.96 21.66 -10.07
CA ASN A 72 -0.80 22.25 -10.81
C ASN A 72 0.46 22.18 -9.94
N PHE A 73 0.31 22.19 -8.64
CA PHE A 73 1.51 22.12 -7.75
C PHE A 73 1.93 20.67 -7.55
N VAL A 74 1.00 19.79 -7.35
CA VAL A 74 1.36 18.36 -7.13
C VAL A 74 1.94 17.77 -8.43
N ARG A 75 1.20 17.82 -9.51
CA ARG A 75 1.71 17.26 -10.78
C ARG A 75 2.95 18.05 -11.22
N SER A 76 3.23 19.15 -10.59
CA SER A 76 4.42 19.96 -10.98
C SER A 76 5.59 19.65 -10.04
N VAL A 77 5.40 18.76 -9.10
CA VAL A 77 6.52 18.44 -8.16
C VAL A 77 7.61 17.67 -8.92
N PRO A 78 8.88 17.98 -8.62
CA PRO A 78 10.02 17.32 -9.27
C PRO A 78 10.11 15.83 -8.90
N TYR A 79 10.35 15.00 -9.88
CA TYR A 79 10.44 13.53 -9.63
C TYR A 79 9.07 12.88 -9.83
N VAL A 80 8.04 13.68 -9.95
CA VAL A 80 6.68 13.09 -10.15
C VAL A 80 6.46 12.82 -11.65
N MET A 81 6.21 11.60 -12.01
CA MET A 81 5.99 11.27 -13.45
C MET A 81 4.51 11.45 -13.79
N GLY A 82 3.63 11.18 -12.87
CA GLY A 82 2.17 11.32 -13.14
C GLY A 82 1.37 10.75 -11.98
N PHE A 83 0.08 10.59 -12.15
CA PHE A 83 -0.76 10.04 -11.05
C PHE A 83 -1.70 8.97 -11.62
N VAL A 84 -2.00 7.96 -10.85
CA VAL A 84 -2.91 6.89 -11.35
C VAL A 84 -4.37 7.36 -11.19
N SER A 85 -5.06 7.55 -12.27
CA SER A 85 -6.47 8.01 -12.18
C SER A 85 -7.24 7.55 -13.43
N SER A 86 -8.55 7.61 -13.38
CA SER A 86 -9.35 7.18 -14.56
C SER A 86 -9.47 8.36 -15.53
N GLY A 87 -9.48 9.56 -15.02
CA GLY A 87 -9.60 10.74 -15.92
C GLY A 87 -8.50 11.76 -15.56
N GLY A 88 -8.86 12.81 -14.87
CA GLY A 88 -7.86 13.83 -14.48
C GLY A 88 -7.29 13.50 -13.10
N GLN A 89 -7.28 14.46 -12.21
CA GLN A 89 -6.73 14.22 -10.84
C GLN A 89 -6.92 12.76 -10.44
N PRO A 90 -6.01 12.25 -9.58
CA PRO A 90 -6.06 10.86 -9.11
C PRO A 90 -7.26 10.60 -8.21
N VAL A 91 -7.85 9.44 -8.31
CA VAL A 91 -9.03 9.13 -7.46
C VAL A 91 -8.56 8.86 -6.02
N PRO A 92 -9.39 9.22 -5.04
CA PRO A 92 -9.08 9.02 -3.61
C PRO A 92 -9.08 7.54 -3.24
N VAL A 93 -8.22 7.15 -2.34
CA VAL A 93 -8.17 5.71 -1.92
C VAL A 93 -9.44 5.40 -1.11
N LYS A 94 -10.06 4.28 -1.39
CA LYS A 94 -11.30 3.92 -0.64
C LYS A 94 -10.93 3.52 0.80
N ASP A 95 -11.67 3.99 1.76
CA ASP A 95 -11.36 3.65 3.18
C ASP A 95 -11.09 2.14 3.28
N ARG A 96 -11.99 1.34 2.79
CA ARG A 96 -11.78 -0.13 2.86
C ARG A 96 -10.50 -0.52 2.12
N GLU A 97 -10.01 0.37 1.29
CA GLU A 97 -8.77 0.06 0.53
C GLU A 97 -7.55 0.48 1.35
N MET A 98 -7.70 1.47 2.19
CA MET A 98 -6.56 1.93 3.02
C MET A 98 -6.32 0.94 4.16
N ARG A 99 -7.36 0.26 4.60
CA ARG A 99 -7.20 -0.71 5.72
C ARG A 99 -5.84 -1.41 5.62
N PRO A 100 -5.53 -2.00 4.45
CA PRO A 100 -4.27 -2.71 4.22
C PRO A 100 -3.07 -1.74 4.19
N ILE A 101 -3.26 -0.56 3.67
CA ILE A 101 -2.13 0.41 3.61
C ILE A 101 -1.93 1.05 4.99
N LEU A 102 -3.00 1.45 5.63
CA LEU A 102 -2.87 2.08 6.97
C LEU A 102 -2.27 1.05 7.94
N ARG A 103 -2.69 -0.18 7.85
CA ARG A 103 -2.13 -1.22 8.75
C ARG A 103 -0.63 -1.34 8.49
N LEU A 104 -0.24 -1.34 7.25
CA LEU A 104 1.22 -1.44 6.93
C LEU A 104 1.92 -0.14 7.35
N ALA A 105 1.25 0.97 7.19
CA ALA A 105 1.87 2.27 7.59
C ALA A 105 1.58 2.55 9.06
N GLY A 106 1.26 1.53 9.80
CA GLY A 106 0.97 1.71 11.25
C GLY A 106 0.01 2.89 11.43
N LEU A 107 -0.81 3.16 10.45
CA LEU A 107 -1.77 4.29 10.58
C LEU A 107 -2.97 3.85 11.42
N GLU A 108 -3.22 2.57 11.48
CA GLU A 108 -4.37 2.07 12.28
C GLU A 108 -3.84 1.27 13.48
N GLU A 109 -4.57 1.28 14.56
CA GLU A 109 -4.11 0.53 15.77
C GLU A 109 -4.74 -0.87 15.77
N TYR A 110 -3.93 -1.89 15.83
CA TYR A 110 -4.48 -3.28 15.83
C TYR A 110 -3.62 -4.15 16.74
N GLU A 111 -4.15 -5.27 17.17
CA GLU A 111 -3.36 -6.17 18.06
C GLU A 111 -2.22 -6.80 17.26
N GLU A 112 -1.84 -8.01 17.58
CA GLU A 112 -0.73 -8.67 16.83
C GLU A 112 -1.32 -9.65 15.82
N LYS A 113 -2.24 -10.47 16.24
CA LYS A 113 -2.84 -11.46 15.30
C LYS A 113 -3.76 -12.40 16.07
N LYS A 114 -4.42 -13.31 15.41
CA LYS A 114 -5.32 -14.25 16.12
C LYS A 114 -4.48 -15.23 16.94
N LYS A 115 -3.70 -16.05 16.28
CA LYS A 115 -2.86 -17.02 17.01
C LYS A 115 -2.35 -18.08 16.03
N PRO A 116 -1.14 -18.62 16.28
CA PRO A 116 -0.52 -19.64 15.43
C PRO A 116 -1.28 -20.98 15.51
N VAL A 117 -2.57 -20.95 15.28
CA VAL A 117 -3.36 -22.21 15.34
C VAL A 117 -3.01 -23.09 14.14
N LYS A 118 -2.21 -22.60 13.24
CA LYS A 118 -1.84 -23.41 12.05
C LYS A 118 -3.06 -23.60 11.16
N VAL A 119 -2.95 -23.25 9.90
CA VAL A 119 -4.11 -23.42 8.98
C VAL A 119 -3.67 -24.18 7.74
N GLU A 120 -4.32 -25.28 7.44
CA GLU A 120 -3.94 -26.08 6.24
C GLU A 120 -5.15 -26.86 5.74
N LEU A 121 -5.04 -27.46 4.58
CA LEU A 121 -6.17 -28.25 4.00
C LEU A 121 -6.16 -28.10 2.49
N GLY A 122 -5.89 -29.17 1.77
CA GLY A 122 -5.87 -29.10 0.29
C GLY A 122 -5.18 -27.81 -0.15
N PHE A 123 -3.96 -27.60 0.25
CA PHE A 123 -3.23 -26.36 -0.15
C PHE A 123 -2.24 -26.69 -1.26
N LYS A 124 -2.36 -26.05 -2.40
CA LYS A 124 -1.42 -26.32 -3.51
C LYS A 124 -1.09 -25.02 -4.23
N VAL A 125 -0.05 -25.02 -5.03
CA VAL A 125 0.32 -23.78 -5.76
C VAL A 125 -0.76 -23.42 -6.78
N GLY A 126 -1.27 -22.23 -6.72
CA GLY A 126 -2.34 -21.82 -7.68
C GLY A 126 -3.69 -21.83 -6.95
N ASP A 127 -3.84 -22.73 -6.01
CA ASP A 127 -5.13 -22.79 -5.27
C ASP A 127 -5.50 -21.39 -4.80
N MET A 128 -6.73 -21.18 -4.39
CA MET A 128 -7.13 -19.83 -3.92
C MET A 128 -7.04 -19.78 -2.41
N VAL A 129 -6.34 -18.81 -1.87
CA VAL A 129 -6.22 -18.72 -0.39
C VAL A 129 -6.67 -17.34 0.07
N LYS A 130 -7.33 -17.26 1.19
CA LYS A 130 -7.79 -15.94 1.70
C LYS A 130 -6.93 -15.55 2.90
N ILE A 131 -6.63 -14.29 3.04
CA ILE A 131 -5.80 -13.86 4.21
C ILE A 131 -6.70 -13.65 5.42
N ILE A 132 -6.18 -13.76 6.60
CA ILE A 132 -7.03 -13.55 7.80
C ILE A 132 -6.16 -13.01 8.95
N SER A 133 -4.91 -12.75 8.69
CA SER A 133 -4.03 -12.23 9.78
C SER A 133 -2.96 -11.31 9.19
N GLY A 134 -2.59 -10.29 9.91
CA GLY A 134 -1.54 -9.35 9.41
C GLY A 134 -2.16 -8.04 8.95
N PRO A 135 -1.35 -7.18 8.31
CA PRO A 135 -1.80 -5.88 7.81
C PRO A 135 -2.79 -5.99 6.65
N PHE A 136 -2.83 -7.12 5.99
CA PHE A 136 -3.77 -7.28 4.85
C PHE A 136 -4.83 -8.32 5.21
N GLU A 137 -4.92 -8.67 6.46
CA GLU A 137 -5.93 -9.69 6.88
C GLU A 137 -7.27 -9.40 6.18
N ASP A 138 -8.06 -10.41 5.97
CA ASP A 138 -9.38 -10.22 5.30
C ASP A 138 -9.18 -9.93 3.81
N PHE A 139 -8.13 -10.41 3.23
CA PHE A 139 -7.88 -10.16 1.78
C PHE A 139 -7.82 -11.49 1.03
N ALA A 140 -8.44 -11.59 -0.12
CA ALA A 140 -8.42 -12.86 -0.89
C ALA A 140 -7.16 -12.91 -1.75
N GLY A 141 -6.47 -14.02 -1.74
CA GLY A 141 -5.22 -14.13 -2.56
C GLY A 141 -5.08 -15.53 -3.13
N VAL A 142 -4.15 -15.73 -4.03
CA VAL A 142 -3.96 -17.08 -4.63
C VAL A 142 -2.57 -17.61 -4.25
N ILE A 143 -2.49 -18.86 -3.87
CA ILE A 143 -1.18 -19.45 -3.49
C ILE A 143 -0.26 -19.47 -4.71
N LYS A 144 0.82 -18.73 -4.68
CA LYS A 144 1.74 -18.72 -5.85
C LYS A 144 2.94 -19.63 -5.55
N GLU A 145 3.39 -19.66 -4.33
CA GLU A 145 4.55 -20.52 -3.99
C GLU A 145 4.44 -20.99 -2.54
N ILE A 146 4.84 -22.19 -2.25
CA ILE A 146 4.76 -22.69 -0.85
C ILE A 146 6.15 -23.12 -0.37
N ASP A 147 6.60 -22.60 0.74
CA ASP A 147 7.94 -22.98 1.25
C ASP A 147 7.79 -23.87 2.49
N PRO A 148 7.97 -25.18 2.31
CA PRO A 148 7.86 -26.15 3.40
C PRO A 148 9.05 -26.06 4.36
N GLU A 149 8.99 -26.75 5.47
CA GLU A 149 10.11 -26.70 6.45
C GLU A 149 10.01 -25.43 7.30
N ARG A 150 9.30 -24.43 6.83
CA ARG A 150 9.17 -23.18 7.62
C ARG A 150 7.69 -22.83 7.78
N GLN A 151 6.84 -23.48 7.03
CA GLN A 151 5.38 -23.20 7.14
C GLN A 151 5.08 -21.81 6.58
N GLU A 152 5.58 -21.51 5.41
CA GLU A 152 5.31 -20.17 4.80
C GLU A 152 4.59 -20.36 3.47
N LEU A 153 3.68 -19.49 3.14
CA LEU A 153 2.95 -19.64 1.86
C LEU A 153 2.81 -18.29 1.16
N LYS A 154 3.47 -18.12 0.05
CA LYS A 154 3.37 -16.83 -0.69
C LYS A 154 2.06 -16.84 -1.48
N VAL A 155 1.29 -15.79 -1.37
CA VAL A 155 -0.01 -15.75 -2.12
C VAL A 155 -0.16 -14.41 -2.82
N ASN A 156 -0.43 -14.43 -4.11
CA ASN A 156 -0.59 -13.15 -4.85
C ASN A 156 -1.92 -12.49 -4.48
N VAL A 157 -1.90 -11.21 -4.25
CA VAL A 157 -3.17 -10.51 -3.89
C VAL A 157 -3.49 -9.47 -4.97
N THR A 158 -4.75 -9.20 -5.19
CA THR A 158 -5.13 -8.21 -6.23
C THR A 158 -5.35 -6.84 -5.58
N ILE A 159 -4.40 -5.95 -5.72
CA ILE A 159 -4.56 -4.60 -5.12
C ILE A 159 -4.25 -3.54 -6.17
N PHE A 160 -4.99 -2.47 -6.19
CA PHE A 160 -4.74 -1.41 -7.20
C PHE A 160 -4.91 -2.00 -8.60
N GLY A 161 -5.90 -2.84 -8.78
CA GLY A 161 -6.13 -3.46 -10.11
C GLY A 161 -4.86 -4.20 -10.56
N ARG A 162 -3.96 -4.46 -9.65
CA ARG A 162 -2.71 -5.17 -10.04
C ARG A 162 -2.50 -6.36 -9.11
N GLU A 163 -1.76 -7.35 -9.55
CA GLU A 163 -1.52 -8.55 -8.69
C GLU A 163 -0.13 -8.44 -8.05
N THR A 164 -0.04 -8.69 -6.77
CA THR A 164 1.29 -8.60 -6.09
C THR A 164 1.41 -9.73 -5.07
N PRO A 165 2.52 -10.49 -5.14
CA PRO A 165 2.78 -11.60 -4.23
C PRO A 165 3.10 -11.10 -2.81
N VAL A 166 2.51 -11.68 -1.81
CA VAL A 166 2.79 -11.22 -0.42
C VAL A 166 3.30 -12.39 0.41
N VAL A 167 4.24 -12.15 1.28
CA VAL A 167 4.80 -13.24 2.12
C VAL A 167 4.04 -13.29 3.46
N LEU A 168 3.40 -14.39 3.75
CA LEU A 168 2.64 -14.49 5.03
C LEU A 168 2.78 -15.88 5.64
N HIS A 169 2.38 -16.02 6.87
CA HIS A 169 2.46 -17.34 7.55
C HIS A 169 1.27 -18.20 7.13
N VAL A 170 1.48 -19.47 6.94
CA VAL A 170 0.35 -20.36 6.55
C VAL A 170 -0.78 -20.22 7.57
N SER A 171 -0.44 -20.06 8.82
CA SER A 171 -1.48 -19.93 9.87
C SER A 171 -2.09 -18.52 9.81
N GLU A 172 -1.55 -17.66 8.99
CA GLU A 172 -2.11 -16.28 8.90
C GLU A 172 -3.17 -16.23 7.80
N VAL A 173 -3.41 -17.33 7.14
CA VAL A 173 -4.44 -17.33 6.06
C VAL A 173 -5.12 -18.70 6.01
N GLU A 174 -6.08 -18.87 5.14
CA GLU A 174 -6.79 -20.18 5.05
C GLU A 174 -6.97 -20.55 3.57
N LYS A 175 -7.26 -21.78 3.29
CA LYS A 175 -7.46 -22.20 1.87
C LYS A 175 -8.95 -22.14 1.53
N ILE A 176 -9.72 -21.45 2.31
CA ILE A 176 -11.19 -21.36 2.02
C ILE A 176 -11.80 -22.76 2.05
N GLU A 177 -11.65 -23.51 0.99
CA GLU A 177 -12.23 -24.87 0.97
C GLU A 177 -11.22 -25.85 0.35
N GLY A 1 -14.94 18.00 -0.74
CA GLY A 1 -14.25 18.92 -1.69
C GLY A 1 -12.88 19.32 -1.11
N ALA A 2 -12.48 20.55 -1.32
CA ALA A 2 -11.16 21.00 -0.78
C ALA A 2 -11.21 21.03 0.75
N MET A 3 -12.39 21.15 1.30
CA MET A 3 -12.52 21.19 2.79
C MET A 3 -12.11 19.83 3.37
N LYS A 4 -12.22 18.79 2.60
CA LYS A 4 -11.85 17.44 3.12
C LYS A 4 -10.60 16.95 2.37
N LYS A 5 -9.63 16.45 3.10
CA LYS A 5 -8.39 15.96 2.43
C LYS A 5 -8.57 14.47 2.09
N LYS A 6 -7.98 14.04 1.00
CA LYS A 6 -8.12 12.61 0.60
C LYS A 6 -6.74 12.02 0.33
N TRP A 7 -6.67 10.74 0.06
CA TRP A 7 -5.35 10.11 -0.21
C TRP A 7 -5.29 9.70 -1.68
N TYR A 8 -4.30 10.16 -2.40
CA TYR A 8 -4.20 9.79 -3.83
C TYR A 8 -2.91 9.01 -4.07
N ILE A 9 -2.77 8.42 -5.22
CA ILE A 9 -1.52 7.65 -5.51
C ILE A 9 -0.66 8.42 -6.51
N VAL A 10 0.50 8.86 -6.11
CA VAL A 10 1.37 9.62 -7.05
C VAL A 10 2.33 8.65 -7.73
N LEU A 11 2.59 8.86 -8.99
CA LEU A 11 3.51 7.94 -9.72
C LEU A 11 4.95 8.45 -9.61
N THR A 12 5.89 7.56 -9.49
CA THR A 12 7.31 7.99 -9.38
C THR A 12 8.22 6.88 -9.92
N MET A 13 9.50 6.96 -9.65
CA MET A 13 10.44 5.91 -10.15
C MET A 13 10.90 5.04 -8.98
N SER A 14 10.83 3.75 -9.14
CA SER A 14 11.27 2.84 -8.04
C SER A 14 12.69 3.20 -7.63
N GLY A 15 12.92 3.40 -6.36
CA GLY A 15 14.30 3.75 -5.90
C GLY A 15 14.36 5.25 -5.61
N TYR A 16 13.46 6.00 -6.18
CA TYR A 16 13.46 7.48 -5.95
C TYR A 16 12.35 7.85 -4.97
N GLU A 17 11.68 6.87 -4.41
CA GLU A 17 10.58 7.17 -3.45
C GLU A 17 11.10 8.09 -2.35
N GLU A 18 12.06 7.63 -1.59
CA GLU A 18 12.60 8.48 -0.49
C GLU A 18 12.78 9.92 -0.99
N LYS A 19 13.15 10.08 -2.23
CA LYS A 19 13.36 11.46 -2.78
C LYS A 19 11.99 12.10 -3.02
N VAL A 20 11.06 11.38 -3.59
CA VAL A 20 9.72 11.96 -3.85
C VAL A 20 9.10 12.42 -2.52
N LYS A 21 9.05 11.55 -1.54
CA LYS A 21 8.46 11.94 -0.23
C LYS A 21 9.23 13.14 0.34
N GLU A 22 10.54 13.07 0.32
CA GLU A 22 11.35 14.20 0.85
C GLU A 22 11.09 15.45 0.02
N ASN A 23 11.00 15.31 -1.27
CA ASN A 23 10.76 16.49 -2.15
C ASN A 23 9.42 17.14 -1.75
N ILE A 24 8.42 16.36 -1.50
CA ILE A 24 7.09 16.93 -1.12
C ILE A 24 7.24 17.72 0.19
N GLU A 25 7.90 17.15 1.16
CA GLU A 25 8.07 17.87 2.46
C GLU A 25 8.70 19.23 2.21
N LYS A 26 9.73 19.29 1.41
CA LYS A 26 10.39 20.60 1.12
C LYS A 26 9.53 21.39 0.15
N LYS A 27 8.89 20.74 -0.77
CA LYS A 27 8.03 21.46 -1.74
C LYS A 27 6.99 22.29 -1.00
N VAL A 28 6.53 21.79 0.12
CA VAL A 28 5.50 22.55 0.90
C VAL A 28 6.21 23.54 1.82
N GLU A 29 7.44 23.26 2.18
CA GLU A 29 8.18 24.19 3.08
C GLU A 29 8.50 25.49 2.33
N ALA A 30 9.13 25.39 1.19
CA ALA A 30 9.47 26.60 0.40
C ALA A 30 8.18 27.30 -0.05
N THR A 31 7.11 26.56 -0.15
CA THR A 31 5.83 27.19 -0.59
C THR A 31 4.99 27.56 0.65
N GLY A 32 5.27 26.94 1.76
CA GLY A 32 4.49 27.27 3.00
C GLY A 32 3.03 26.89 2.80
N ILE A 33 2.75 26.02 1.87
CA ILE A 33 1.34 25.61 1.64
C ILE A 33 1.03 24.34 2.43
N LYS A 34 0.53 24.48 3.62
CA LYS A 34 0.20 23.29 4.44
C LYS A 34 -1.30 23.00 4.35
N ASN A 35 -1.99 23.66 3.45
CA ASN A 35 -3.45 23.42 3.31
C ASN A 35 -3.72 22.66 2.01
N LEU A 36 -2.67 22.26 1.32
CA LEU A 36 -2.87 21.52 0.05
C LEU A 36 -2.26 20.12 0.18
N VAL A 37 -1.24 19.98 0.96
CA VAL A 37 -0.60 18.64 1.13
C VAL A 37 -0.78 18.19 2.58
N GLY A 38 -1.27 16.99 2.78
CA GLY A 38 -1.47 16.49 4.17
C GLY A 38 -0.31 15.56 4.55
N ARG A 39 -0.62 14.40 5.05
CA ARG A 39 0.46 13.44 5.45
C ARG A 39 0.80 12.54 4.26
N ILE A 40 2.03 12.13 4.16
CA ILE A 40 2.44 11.23 3.04
C ILE A 40 2.82 9.86 3.58
N VAL A 41 2.38 8.80 2.94
CA VAL A 41 2.73 7.45 3.44
C VAL A 41 3.27 6.60 2.27
N ILE A 42 4.00 5.57 2.58
CA ILE A 42 4.57 4.71 1.50
C ILE A 42 4.30 3.24 1.83
N PRO A 43 3.74 2.50 0.86
CA PRO A 43 3.42 1.08 1.03
C PRO A 43 4.69 0.23 1.15
N ILE A 44 5.84 0.84 1.00
CA ILE A 44 7.11 0.07 1.12
C ILE A 44 7.43 -0.17 2.59
N ARG A 45 6.82 0.57 3.47
CA ARG A 45 7.09 0.38 4.92
C ARG A 45 6.85 -1.08 5.30
N GLY A 46 7.55 -1.57 6.28
CA GLY A 46 7.36 -2.99 6.69
C GLY A 46 8.67 -3.53 7.28
N GLY A 47 8.61 -4.59 8.02
CA GLY A 47 9.85 -5.16 8.61
C GLY A 47 10.59 -4.08 9.40
N GLN A 48 11.80 -3.78 9.00
CA GLN A 48 12.57 -2.72 9.72
C GLN A 48 12.59 -1.45 8.89
N ARG A 49 12.59 -0.30 9.52
CA ARG A 49 12.60 0.98 8.76
C ARG A 49 13.82 1.01 7.84
N ARG A 50 14.91 0.41 8.25
CA ARG A 50 16.13 0.41 7.39
C ARG A 50 15.87 -0.42 6.15
N LYS A 51 15.07 -1.45 6.26
CA LYS A 51 14.77 -2.30 5.07
C LYS A 51 13.40 -1.93 4.52
N SER A 52 13.21 -2.06 3.23
CA SER A 52 11.89 -1.71 2.62
C SER A 52 11.62 -2.64 1.45
N GLU A 53 10.59 -3.45 1.55
CA GLU A 53 10.27 -4.39 0.43
C GLU A 53 9.57 -3.62 -0.69
N LYS A 54 8.82 -2.61 -0.35
CA LYS A 54 8.11 -1.81 -1.39
C LYS A 54 6.90 -2.62 -1.90
N LEU A 55 5.79 -2.51 -1.23
CA LEU A 55 4.59 -3.28 -1.68
C LEU A 55 4.19 -2.81 -3.08
N PHE A 56 4.51 -1.60 -3.43
CA PHE A 56 4.15 -1.10 -4.79
C PHE A 56 5.24 -0.15 -5.28
N PRO A 57 6.09 -0.63 -6.19
CA PRO A 57 7.20 0.17 -6.74
C PRO A 57 6.69 1.34 -7.60
N GLY A 58 7.28 2.49 -7.46
CA GLY A 58 6.84 3.65 -8.26
C GLY A 58 5.50 4.18 -7.75
N TYR A 59 4.84 3.47 -6.86
CA TYR A 59 3.52 3.93 -6.35
C TYR A 59 3.70 4.52 -4.94
N VAL A 60 3.14 5.68 -4.70
CA VAL A 60 3.25 6.30 -3.35
C VAL A 60 1.88 6.85 -2.94
N PHE A 61 1.58 6.84 -1.67
CA PHE A 61 0.26 7.35 -1.22
C PHE A 61 0.44 8.71 -0.52
N VAL A 62 -0.20 9.72 -1.01
CA VAL A 62 -0.07 11.07 -0.37
C VAL A 62 -1.47 11.64 -0.11
N GLU A 63 -1.64 12.31 1.00
CA GLU A 63 -2.96 12.91 1.32
C GLU A 63 -2.94 14.39 0.92
N MET A 64 -3.87 14.80 0.10
CA MET A 64 -3.88 16.24 -0.32
C MET A 64 -5.27 16.62 -0.81
N ILE A 65 -5.45 17.84 -1.21
CA ILE A 65 -6.78 18.28 -1.73
C ILE A 65 -6.73 18.33 -3.25
N MET A 66 -7.67 17.72 -3.91
CA MET A 66 -7.66 17.73 -5.39
C MET A 66 -8.34 18.99 -5.90
N ASN A 67 -7.59 20.01 -6.22
CA ASN A 67 -8.18 21.27 -6.73
C ASN A 67 -7.31 21.81 -7.85
N ASP A 68 -7.75 22.80 -8.55
CA ASP A 68 -6.92 23.35 -9.66
C ASP A 68 -5.52 23.70 -9.15
N GLU A 69 -5.43 24.39 -8.04
CA GLU A 69 -4.10 24.76 -7.50
C GLU A 69 -3.32 23.51 -7.10
N ALA A 70 -3.80 22.79 -6.12
CA ALA A 70 -3.09 21.55 -5.68
C ALA A 70 -2.53 20.80 -6.89
N TYR A 71 -3.28 20.76 -7.96
CA TYR A 71 -2.78 20.04 -9.17
C TYR A 71 -1.49 20.71 -9.66
N ASN A 72 -1.56 21.95 -10.04
CA ASN A 72 -0.35 22.65 -10.54
C ASN A 72 0.84 22.39 -9.61
N PHE A 73 0.61 22.27 -8.34
CA PHE A 73 1.75 22.01 -7.40
C PHE A 73 2.11 20.53 -7.40
N VAL A 74 1.13 19.66 -7.36
CA VAL A 74 1.43 18.20 -7.35
C VAL A 74 2.11 17.81 -8.66
N ARG A 75 1.45 18.04 -9.76
CA ARG A 75 2.04 17.67 -11.08
C ARG A 75 3.48 18.20 -11.18
N SER A 76 3.74 19.35 -10.61
CA SER A 76 5.13 19.91 -10.69
C SER A 76 6.05 19.22 -9.69
N VAL A 77 5.56 18.21 -9.01
CA VAL A 77 6.44 17.51 -8.03
C VAL A 77 7.60 16.84 -8.77
N PRO A 78 8.83 17.01 -8.25
CA PRO A 78 10.03 16.43 -8.85
C PRO A 78 10.05 14.91 -8.75
N TYR A 79 10.39 14.23 -9.82
CA TYR A 79 10.43 12.75 -9.80
C TYR A 79 9.02 12.18 -9.89
N VAL A 80 8.02 13.03 -9.94
CA VAL A 80 6.63 12.52 -10.04
C VAL A 80 6.26 12.35 -11.51
N MET A 81 5.79 11.19 -11.88
CA MET A 81 5.42 10.96 -13.31
C MET A 81 3.94 11.32 -13.52
N GLY A 82 3.18 11.40 -12.46
CA GLY A 82 1.74 11.75 -12.60
C GLY A 82 0.95 11.12 -11.46
N PHE A 83 -0.32 10.90 -11.66
CA PHE A 83 -1.15 10.30 -10.58
C PHE A 83 -2.12 9.28 -11.18
N VAL A 84 -2.51 8.30 -10.42
CA VAL A 84 -3.46 7.27 -10.95
C VAL A 84 -4.87 7.86 -10.97
N SER A 85 -5.48 7.94 -12.13
CA SER A 85 -6.85 8.50 -12.21
C SER A 85 -7.55 7.98 -13.47
N SER A 86 -8.85 8.07 -13.52
CA SER A 86 -9.58 7.58 -14.72
C SER A 86 -9.76 8.73 -15.72
N GLY A 87 -9.93 9.93 -15.23
CA GLY A 87 -10.11 11.09 -16.14
C GLY A 87 -9.03 12.14 -15.86
N GLY A 88 -9.28 13.01 -14.92
CA GLY A 88 -8.27 14.05 -14.59
C GLY A 88 -7.62 13.73 -13.24
N GLN A 89 -7.56 14.68 -12.35
CA GLN A 89 -6.93 14.43 -11.02
C GLN A 89 -7.18 12.99 -10.58
N PRO A 90 -6.32 12.47 -9.70
CA PRO A 90 -6.43 11.10 -9.19
C PRO A 90 -7.65 10.93 -8.27
N VAL A 91 -8.12 9.72 -8.12
CA VAL A 91 -9.30 9.49 -7.23
C VAL A 91 -8.81 9.21 -5.81
N PRO A 92 -9.66 9.50 -4.81
CA PRO A 92 -9.33 9.27 -3.40
C PRO A 92 -9.28 7.78 -3.06
N VAL A 93 -8.41 7.40 -2.17
CA VAL A 93 -8.31 5.96 -1.80
C VAL A 93 -9.35 5.65 -0.72
N LYS A 94 -10.13 4.63 -0.91
CA LYS A 94 -11.16 4.28 0.11
C LYS A 94 -10.48 3.73 1.37
N ASP A 95 -10.86 4.21 2.52
CA ASP A 95 -10.23 3.72 3.77
C ASP A 95 -10.12 2.20 3.73
N ARG A 96 -11.12 1.54 3.22
CA ARG A 96 -11.07 0.05 3.14
C ARG A 96 -9.79 -0.38 2.42
N GLU A 97 -9.36 0.38 1.45
CA GLU A 97 -8.11 0.01 0.72
C GLU A 97 -6.91 0.55 1.48
N MET A 98 -7.08 1.61 2.22
CA MET A 98 -5.94 2.18 2.99
C MET A 98 -5.80 1.46 4.33
N ARG A 99 -6.79 0.67 4.69
CA ARG A 99 -6.72 -0.06 5.98
C ARG A 99 -5.39 -0.83 6.07
N PRO A 100 -5.04 -1.57 5.01
CA PRO A 100 -3.79 -2.35 4.97
C PRO A 100 -2.56 -1.45 4.86
N ILE A 101 -2.71 -0.28 4.29
CA ILE A 101 -1.53 0.63 4.17
C ILE A 101 -1.33 1.38 5.48
N LEU A 102 -2.39 1.88 6.07
CA LEU A 102 -2.25 2.63 7.35
C LEU A 102 -1.78 1.66 8.45
N ARG A 103 -2.28 0.46 8.44
CA ARG A 103 -1.87 -0.53 9.47
C ARG A 103 -0.39 -0.86 9.30
N LEU A 104 0.02 -1.19 8.10
CA LEU A 104 1.44 -1.52 7.86
C LEU A 104 2.27 -0.24 7.91
N ALA A 105 1.73 0.85 7.43
CA ALA A 105 2.48 2.13 7.46
C ALA A 105 2.54 2.67 8.88
N GLY A 106 1.94 1.99 9.82
CA GLY A 106 1.96 2.48 11.23
C GLY A 106 1.03 3.68 11.39
N LEU A 107 0.21 3.94 10.41
CA LEU A 107 -0.72 5.10 10.50
C LEU A 107 -1.99 4.67 11.24
N GLU A 108 -2.29 3.40 11.22
CA GLU A 108 -3.52 2.92 11.92
C GLU A 108 -3.12 1.96 13.05
N GLU A 109 -4.00 1.75 13.99
CA GLU A 109 -3.67 0.82 15.12
C GLU A 109 -4.31 -0.54 14.86
N TYR A 110 -3.53 -1.57 14.77
CA TYR A 110 -4.10 -2.93 14.53
C TYR A 110 -3.48 -3.93 15.49
N GLU A 111 -4.02 -5.11 15.57
CA GLU A 111 -3.46 -6.13 16.50
C GLU A 111 -2.23 -6.78 15.86
N GLU A 112 -2.00 -8.04 16.14
CA GLU A 112 -0.81 -8.72 15.55
C GLU A 112 -1.29 -9.78 14.55
N LYS A 113 -2.22 -10.61 14.96
CA LYS A 113 -2.73 -11.67 14.03
C LYS A 113 -4.17 -12.00 14.40
N LYS A 114 -5.00 -12.23 13.42
CA LYS A 114 -6.43 -12.56 13.71
C LYS A 114 -6.52 -14.00 14.21
N LYS A 115 -6.00 -14.94 13.47
CA LYS A 115 -6.06 -16.36 13.90
C LYS A 115 -4.70 -16.80 14.44
N PRO A 116 -4.54 -16.75 15.77
CA PRO A 116 -3.29 -17.14 16.44
C PRO A 116 -3.09 -18.65 16.43
N VAL A 117 -4.05 -19.38 15.95
CA VAL A 117 -3.92 -20.86 15.92
C VAL A 117 -3.47 -21.31 14.52
N LYS A 118 -2.63 -22.30 14.44
CA LYS A 118 -2.16 -22.77 13.10
C LYS A 118 -3.37 -23.02 12.20
N VAL A 119 -3.18 -22.98 10.91
CA VAL A 119 -4.31 -23.22 9.98
C VAL A 119 -4.00 -24.42 9.09
N GLU A 120 -4.99 -25.20 8.76
CA GLU A 120 -4.75 -26.39 7.89
C GLU A 120 -5.75 -26.38 6.73
N LEU A 121 -5.54 -27.23 5.75
CA LEU A 121 -6.47 -27.29 4.58
C LEU A 121 -5.67 -27.61 3.31
N GLY A 122 -5.69 -28.85 2.89
CA GLY A 122 -4.93 -29.25 1.67
C GLY A 122 -4.67 -28.03 0.77
N PHE A 123 -3.52 -27.41 0.94
CA PHE A 123 -3.19 -26.22 0.11
C PHE A 123 -2.33 -26.66 -1.08
N LYS A 124 -2.45 -25.97 -2.19
CA LYS A 124 -1.63 -26.34 -3.37
C LYS A 124 -1.32 -25.08 -4.20
N VAL A 125 -0.28 -25.11 -4.98
CA VAL A 125 0.08 -23.92 -5.80
C VAL A 125 -1.08 -23.59 -6.75
N GLY A 126 -1.38 -22.33 -6.92
CA GLY A 126 -2.50 -21.94 -7.83
C GLY A 126 -3.80 -21.91 -7.04
N ASP A 127 -3.94 -22.79 -6.08
CA ASP A 127 -5.19 -22.82 -5.27
C ASP A 127 -5.53 -21.41 -4.80
N MET A 128 -6.77 -21.16 -4.47
CA MET A 128 -7.16 -19.80 -4.01
C MET A 128 -7.16 -19.78 -2.47
N VAL A 129 -6.47 -18.86 -1.88
CA VAL A 129 -6.43 -18.79 -0.39
C VAL A 129 -6.83 -17.40 0.06
N LYS A 130 -7.57 -17.32 1.14
CA LYS A 130 -8.00 -15.99 1.65
C LYS A 130 -7.12 -15.60 2.84
N ILE A 131 -6.78 -14.34 2.96
CA ILE A 131 -5.93 -13.92 4.09
C ILE A 131 -6.82 -13.71 5.33
N ILE A 132 -6.29 -13.89 6.50
CA ILE A 132 -7.13 -13.70 7.72
C ILE A 132 -6.24 -13.20 8.86
N SER A 133 -4.98 -12.97 8.61
CA SER A 133 -4.07 -12.50 9.69
C SER A 133 -3.02 -11.56 9.11
N GLY A 134 -2.68 -10.53 9.83
CA GLY A 134 -1.65 -9.57 9.32
C GLY A 134 -2.32 -8.27 8.90
N PRO A 135 -1.54 -7.39 8.25
CA PRO A 135 -2.01 -6.08 7.77
C PRO A 135 -3.02 -6.20 6.62
N PHE A 136 -3.06 -7.31 5.95
CA PHE A 136 -4.03 -7.46 4.82
C PHE A 136 -5.14 -8.44 5.23
N GLU A 137 -5.31 -8.65 6.50
CA GLU A 137 -6.37 -9.59 6.96
C GLU A 137 -7.65 -9.39 6.14
N ASP A 138 -8.34 -10.45 5.83
CA ASP A 138 -9.61 -10.33 5.05
C ASP A 138 -9.32 -10.05 3.57
N PHE A 139 -8.16 -10.43 3.09
CA PHE A 139 -7.85 -10.17 1.65
C PHE A 139 -7.79 -11.50 0.89
N ALA A 140 -8.49 -11.61 -0.21
CA ALA A 140 -8.46 -12.88 -1.00
C ALA A 140 -7.16 -12.96 -1.77
N GLY A 141 -6.51 -14.09 -1.76
CA GLY A 141 -5.23 -14.23 -2.50
C GLY A 141 -5.12 -15.63 -3.12
N VAL A 142 -4.18 -15.81 -4.01
CA VAL A 142 -4.02 -17.14 -4.65
C VAL A 142 -2.63 -17.71 -4.28
N ILE A 143 -2.57 -18.97 -3.96
CA ILE A 143 -1.26 -19.58 -3.58
C ILE A 143 -0.38 -19.67 -4.84
N LYS A 144 0.76 -19.05 -4.82
CA LYS A 144 1.65 -19.11 -6.01
C LYS A 144 2.81 -20.07 -5.74
N GLU A 145 3.26 -20.16 -4.52
CA GLU A 145 4.39 -21.08 -4.21
C GLU A 145 4.27 -21.58 -2.77
N ILE A 146 4.67 -22.80 -2.51
CA ILE A 146 4.59 -23.33 -1.12
C ILE A 146 6.01 -23.62 -0.62
N ASP A 147 6.43 -22.95 0.42
CA ASP A 147 7.81 -23.19 0.95
C ASP A 147 7.74 -23.98 2.25
N PRO A 148 7.94 -25.31 2.17
CA PRO A 148 7.91 -26.19 3.34
C PRO A 148 9.14 -26.00 4.22
N GLU A 149 9.16 -26.63 5.37
CA GLU A 149 10.33 -26.50 6.28
C GLU A 149 10.26 -25.17 7.05
N ARG A 150 9.53 -24.22 6.54
CA ARG A 150 9.41 -22.91 7.24
C ARG A 150 7.93 -22.58 7.44
N GLN A 151 7.06 -23.24 6.71
CA GLN A 151 5.61 -22.95 6.86
C GLN A 151 5.29 -21.59 6.26
N GLU A 152 5.78 -21.31 5.08
CA GLU A 152 5.50 -19.99 4.43
C GLU A 152 4.68 -20.22 3.17
N LEU A 153 3.71 -19.40 2.90
CA LEU A 153 2.89 -19.58 1.68
C LEU A 153 2.91 -18.31 0.83
N LYS A 154 3.52 -18.36 -0.32
CA LYS A 154 3.55 -17.15 -1.20
C LYS A 154 2.20 -17.05 -1.90
N VAL A 155 1.51 -15.94 -1.75
CA VAL A 155 0.18 -15.81 -2.41
C VAL A 155 0.14 -14.52 -3.23
N ASN A 156 -0.60 -14.53 -4.29
CA ASN A 156 -0.70 -13.30 -5.15
C ASN A 156 -1.96 -12.52 -4.79
N VAL A 157 -1.82 -11.38 -4.18
CA VAL A 157 -3.00 -10.57 -3.81
C VAL A 157 -3.26 -9.52 -4.89
N THR A 158 -4.50 -9.22 -5.17
CA THR A 158 -4.80 -8.21 -6.22
C THR A 158 -5.20 -6.89 -5.58
N ILE A 159 -4.38 -5.88 -5.72
CA ILE A 159 -4.70 -4.55 -5.13
C ILE A 159 -4.45 -3.46 -6.18
N PHE A 160 -5.28 -2.45 -6.19
CA PHE A 160 -5.10 -1.37 -7.20
C PHE A 160 -5.25 -1.95 -8.60
N GLY A 161 -6.22 -2.79 -8.80
CA GLY A 161 -6.45 -3.39 -10.15
C GLY A 161 -5.16 -4.06 -10.62
N ARG A 162 -4.22 -4.31 -9.74
CA ARG A 162 -2.95 -4.97 -10.16
C ARG A 162 -2.70 -6.20 -9.29
N GLU A 163 -1.88 -7.10 -9.75
CA GLU A 163 -1.58 -8.32 -8.94
C GLU A 163 -0.24 -8.17 -8.24
N THR A 164 -0.21 -8.38 -6.95
CA THR A 164 1.08 -8.25 -6.20
C THR A 164 1.22 -9.40 -5.21
N PRO A 165 2.29 -10.20 -5.35
CA PRO A 165 2.56 -11.33 -4.46
C PRO A 165 2.96 -10.88 -3.06
N VAL A 166 2.42 -11.52 -2.05
CA VAL A 166 2.77 -11.11 -0.65
C VAL A 166 3.27 -12.31 0.14
N VAL A 167 4.22 -12.09 1.01
CA VAL A 167 4.78 -13.19 1.83
C VAL A 167 4.06 -13.24 3.19
N LEU A 168 3.43 -14.33 3.49
CA LEU A 168 2.70 -14.42 4.80
C LEU A 168 2.87 -15.82 5.41
N HIS A 169 2.48 -15.96 6.65
CA HIS A 169 2.58 -17.27 7.33
C HIS A 169 1.42 -18.15 6.90
N VAL A 170 1.64 -19.43 6.77
CA VAL A 170 0.53 -20.33 6.36
C VAL A 170 -0.60 -20.22 7.37
N SER A 171 -0.27 -20.04 8.63
CA SER A 171 -1.32 -19.91 9.66
C SER A 171 -1.94 -18.52 9.57
N GLU A 172 -1.40 -17.67 8.75
CA GLU A 172 -1.96 -16.30 8.61
C GLU A 172 -3.04 -16.29 7.54
N VAL A 173 -3.34 -17.43 6.97
CA VAL A 173 -4.39 -17.50 5.92
C VAL A 173 -5.04 -18.88 5.93
N GLU A 174 -6.03 -19.09 5.11
CA GLU A 174 -6.70 -20.42 5.07
C GLU A 174 -7.04 -20.76 3.62
N LYS A 175 -7.51 -21.95 3.36
CA LYS A 175 -7.86 -22.33 1.97
C LYS A 175 -9.33 -21.98 1.71
N ILE A 176 -9.99 -21.38 2.67
CA ILE A 176 -11.42 -21.01 2.47
C ILE A 176 -12.26 -22.29 2.40
N GLU A 177 -12.07 -23.08 1.38
CA GLU A 177 -12.86 -24.33 1.25
C GLU A 177 -12.05 -25.51 1.79
N GLY A 1 -15.43 21.24 -0.57
CA GLY A 1 -14.72 20.26 -1.44
C GLY A 1 -13.24 20.20 -1.05
N ALA A 2 -12.55 21.31 -1.14
CA ALA A 2 -11.11 21.31 -0.78
C ALA A 2 -10.96 21.09 0.73
N MET A 3 -11.96 21.43 1.49
CA MET A 3 -11.88 21.25 2.96
C MET A 3 -11.74 19.76 3.28
N LYS A 4 -12.10 18.91 2.37
CA LYS A 4 -11.99 17.45 2.61
C LYS A 4 -10.67 16.93 2.03
N LYS A 5 -9.85 16.31 2.83
CA LYS A 5 -8.56 15.79 2.32
C LYS A 5 -8.72 14.32 1.91
N LYS A 6 -8.16 13.95 0.79
CA LYS A 6 -8.28 12.53 0.33
C LYS A 6 -6.90 11.96 0.06
N TRP A 7 -6.81 10.70 -0.27
CA TRP A 7 -5.48 10.08 -0.56
C TRP A 7 -5.38 9.77 -2.04
N TYR A 8 -4.34 10.23 -2.69
CA TYR A 8 -4.19 9.95 -4.14
C TYR A 8 -2.94 9.10 -4.36
N ILE A 9 -2.82 8.50 -5.52
CA ILE A 9 -1.63 7.66 -5.81
C ILE A 9 -0.70 8.41 -6.76
N VAL A 10 0.48 8.75 -6.32
CA VAL A 10 1.42 9.48 -7.20
C VAL A 10 2.32 8.48 -7.93
N LEU A 11 2.56 8.71 -9.20
CA LEU A 11 3.44 7.78 -9.96
C LEU A 11 4.88 8.29 -9.91
N THR A 12 5.84 7.40 -9.90
CA THR A 12 7.26 7.84 -9.85
C THR A 12 8.15 6.72 -10.40
N MET A 13 9.44 6.93 -10.40
CA MET A 13 10.36 5.88 -10.92
C MET A 13 10.89 5.04 -9.75
N SER A 14 10.82 3.74 -9.87
CA SER A 14 11.32 2.87 -8.76
C SER A 14 12.75 3.30 -8.39
N GLY A 15 13.00 3.51 -7.12
CA GLY A 15 14.36 3.92 -6.69
C GLY A 15 14.35 5.41 -6.32
N TYR A 16 13.38 6.14 -6.79
CA TYR A 16 13.31 7.60 -6.47
C TYR A 16 12.15 7.85 -5.51
N GLU A 17 11.37 6.85 -5.23
CA GLU A 17 10.22 7.03 -4.30
C GLU A 17 10.68 7.81 -3.07
N GLU A 18 11.72 7.35 -2.42
CA GLU A 18 12.22 8.07 -1.21
C GLU A 18 12.49 9.54 -1.56
N LYS A 19 12.98 9.79 -2.75
CA LYS A 19 13.26 11.19 -3.15
C LYS A 19 11.95 11.92 -3.44
N VAL A 20 10.96 11.20 -3.91
CA VAL A 20 9.65 11.85 -4.21
C VAL A 20 9.00 12.30 -2.90
N LYS A 21 8.94 11.42 -1.93
CA LYS A 21 8.31 11.80 -0.63
C LYS A 21 9.06 12.99 -0.03
N GLU A 22 10.37 12.96 -0.07
CA GLU A 22 11.14 14.10 0.49
C GLU A 22 10.87 15.35 -0.34
N ASN A 23 10.89 15.22 -1.64
CA ASN A 23 10.64 16.41 -2.51
C ASN A 23 9.34 17.09 -2.08
N ILE A 24 8.35 16.32 -1.72
CA ILE A 24 7.05 16.91 -1.29
C ILE A 24 7.23 17.63 0.05
N GLU A 25 7.91 17.02 0.98
CA GLU A 25 8.10 17.66 2.30
C GLU A 25 8.73 19.05 2.12
N LYS A 26 9.78 19.15 1.36
CA LYS A 26 10.42 20.47 1.14
C LYS A 26 9.57 21.31 0.18
N LYS A 27 8.95 20.68 -0.76
CA LYS A 27 8.09 21.45 -1.72
C LYS A 27 7.06 22.25 -0.93
N VAL A 28 6.55 21.70 0.14
CA VAL A 28 5.55 22.43 0.95
C VAL A 28 6.24 23.40 1.90
N GLU A 29 7.48 23.13 2.23
CA GLU A 29 8.21 24.05 3.15
C GLU A 29 8.50 25.37 2.44
N ALA A 30 9.13 25.32 1.30
CA ALA A 30 9.45 26.58 0.56
C ALA A 30 8.17 27.41 0.43
N THR A 31 7.05 26.77 0.20
CA THR A 31 5.78 27.54 0.06
C THR A 31 5.01 27.50 1.37
N GLY A 32 5.55 26.84 2.37
CA GLY A 32 4.84 26.77 3.69
C GLY A 32 3.38 26.41 3.44
N ILE A 33 3.11 25.59 2.45
CA ILE A 33 1.70 25.21 2.18
C ILE A 33 1.37 23.91 2.90
N LYS A 34 1.17 23.98 4.19
CA LYS A 34 0.84 22.75 4.96
C LYS A 34 -0.69 22.57 4.99
N ASN A 35 -1.37 23.13 4.02
CA ASN A 35 -2.85 23.00 3.98
C ASN A 35 -3.26 22.23 2.73
N LEU A 36 -2.45 22.24 1.72
CA LEU A 36 -2.80 21.52 0.47
C LEU A 36 -2.22 20.10 0.52
N VAL A 37 -1.12 19.93 1.21
CA VAL A 37 -0.51 18.57 1.31
C VAL A 37 -0.68 18.05 2.74
N GLY A 38 -1.18 16.85 2.91
CA GLY A 38 -1.37 16.31 4.26
C GLY A 38 -0.25 15.30 4.58
N ARG A 39 -0.62 14.10 4.95
CA ARG A 39 0.42 13.08 5.28
C ARG A 39 0.78 12.27 4.03
N ILE A 40 2.00 11.85 3.92
CA ILE A 40 2.41 11.05 2.73
C ILE A 40 2.77 9.62 3.18
N VAL A 41 2.31 8.63 2.47
CA VAL A 41 2.62 7.23 2.87
C VAL A 41 3.18 6.47 1.67
N ILE A 42 3.89 5.40 1.91
CA ILE A 42 4.46 4.61 0.79
C ILE A 42 4.42 3.12 1.14
N PRO A 43 3.87 2.30 0.24
CA PRO A 43 3.76 0.85 0.45
C PRO A 43 5.15 0.19 0.47
N ILE A 44 6.17 0.93 0.19
CA ILE A 44 7.55 0.37 0.20
C ILE A 44 7.74 -0.48 1.46
N ARG A 45 7.36 0.03 2.60
CA ARG A 45 7.51 -0.75 3.86
C ARG A 45 7.09 -2.20 3.62
N GLY A 46 7.52 -3.09 4.47
CA GLY A 46 7.15 -4.53 4.29
C GLY A 46 8.40 -5.35 3.96
N GLY A 47 8.58 -6.46 4.61
CA GLY A 47 9.78 -7.30 4.33
C GLY A 47 10.86 -7.01 5.38
N GLN A 48 12.11 -7.14 5.02
CA GLN A 48 13.20 -6.88 6.00
C GLN A 48 13.70 -5.44 5.83
N ARG A 49 14.17 -4.84 6.89
CA ARG A 49 14.68 -3.44 6.78
C ARG A 49 15.87 -3.40 5.84
N ARG A 50 16.70 -4.41 5.87
CA ARG A 50 17.89 -4.43 4.97
C ARG A 50 17.44 -4.26 3.51
N LYS A 51 16.39 -4.94 3.13
CA LYS A 51 15.89 -4.81 1.73
C LYS A 51 14.36 -4.78 1.73
N SER A 52 13.79 -3.66 1.34
CA SER A 52 12.31 -3.56 1.32
C SER A 52 11.78 -4.12 0.00
N GLU A 53 10.58 -4.64 0.00
CA GLU A 53 10.01 -5.19 -1.27
C GLU A 53 9.05 -4.17 -1.90
N LYS A 54 8.29 -3.49 -1.09
CA LYS A 54 7.34 -2.49 -1.64
C LYS A 54 6.16 -3.20 -2.31
N LEU A 55 4.99 -3.05 -1.76
CA LEU A 55 3.81 -3.72 -2.37
C LEU A 55 3.73 -3.38 -3.86
N PHE A 56 3.86 -2.12 -4.20
CA PHE A 56 3.80 -1.71 -5.62
C PHE A 56 4.86 -0.65 -5.91
N PRO A 57 5.87 -1.00 -6.72
CA PRO A 57 6.96 -0.08 -7.07
C PRO A 57 6.45 1.10 -7.89
N GLY A 58 7.03 2.25 -7.71
CA GLY A 58 6.58 3.45 -8.48
C GLY A 58 5.23 3.94 -7.95
N TYR A 59 4.55 3.16 -7.15
CA TYR A 59 3.23 3.61 -6.62
C TYR A 59 3.41 4.27 -5.26
N VAL A 60 2.86 5.45 -5.10
CA VAL A 60 2.99 6.15 -3.79
C VAL A 60 1.62 6.72 -3.38
N PHE A 61 1.31 6.69 -2.11
CA PHE A 61 -0.01 7.22 -1.67
C PHE A 61 0.18 8.55 -0.93
N VAL A 62 -0.49 9.58 -1.37
CA VAL A 62 -0.35 10.90 -0.69
C VAL A 62 -1.74 11.49 -0.39
N GLU A 63 -1.88 12.13 0.74
CA GLU A 63 -3.20 12.73 1.09
C GLU A 63 -3.12 14.24 0.86
N MET A 64 -4.01 14.78 0.06
CA MET A 64 -3.96 16.25 -0.20
C MET A 64 -5.35 16.78 -0.55
N ILE A 65 -5.47 18.08 -0.59
CA ILE A 65 -6.79 18.70 -0.94
C ILE A 65 -6.82 19.02 -2.43
N MET A 66 -7.85 18.61 -3.11
CA MET A 66 -7.92 18.87 -4.57
C MET A 66 -8.30 20.33 -4.84
N ASN A 67 -7.76 20.90 -5.88
CA ASN A 67 -8.07 22.31 -6.21
C ASN A 67 -7.23 22.75 -7.42
N ASP A 68 -7.50 23.91 -7.95
CA ASP A 68 -6.72 24.37 -9.12
C ASP A 68 -5.29 24.69 -8.70
N GLU A 69 -5.12 25.33 -7.57
CA GLU A 69 -3.74 25.66 -7.10
C GLU A 69 -3.07 24.41 -6.55
N ALA A 70 -3.84 23.49 -6.02
CA ALA A 70 -3.23 22.25 -5.46
C ALA A 70 -2.81 21.32 -6.61
N TYR A 71 -3.67 21.13 -7.57
CA TYR A 71 -3.33 20.24 -8.72
C TYR A 71 -2.10 20.80 -9.44
N ASN A 72 -2.09 22.07 -9.71
CA ASN A 72 -0.93 22.68 -10.41
C ASN A 72 0.30 22.66 -9.52
N PHE A 73 0.12 22.65 -8.22
CA PHE A 73 1.28 22.64 -7.30
C PHE A 73 1.78 21.21 -7.11
N VAL A 74 0.89 20.28 -6.95
CA VAL A 74 1.30 18.87 -6.75
C VAL A 74 1.94 18.33 -8.04
N ARG A 75 1.23 18.40 -9.14
CA ARG A 75 1.80 17.89 -10.42
C ARG A 75 3.10 18.64 -10.73
N SER A 76 3.40 19.69 -10.02
CA SER A 76 4.65 20.44 -10.28
C SER A 76 5.78 19.92 -9.39
N VAL A 77 5.53 18.88 -8.64
CA VAL A 77 6.61 18.33 -7.76
C VAL A 77 7.65 17.60 -8.61
N PRO A 78 8.93 17.97 -8.45
CA PRO A 78 10.02 17.35 -9.22
C PRO A 78 10.20 15.87 -8.86
N TYR A 79 10.52 15.07 -9.85
CA TYR A 79 10.71 13.61 -9.61
C TYR A 79 9.36 12.89 -9.78
N VAL A 80 8.28 13.62 -9.84
CA VAL A 80 6.96 12.96 -10.03
C VAL A 80 6.66 12.83 -11.53
N MET A 81 6.29 11.66 -11.96
CA MET A 81 5.98 11.45 -13.40
C MET A 81 4.53 11.87 -13.67
N GLY A 82 3.68 11.78 -12.69
CA GLY A 82 2.27 12.18 -12.88
C GLY A 82 1.41 11.56 -11.78
N PHE A 83 0.13 11.47 -11.99
CA PHE A 83 -0.77 10.88 -10.95
C PHE A 83 -1.76 9.93 -11.61
N VAL A 84 -2.03 8.82 -10.99
CA VAL A 84 -2.99 7.84 -11.59
C VAL A 84 -4.39 8.47 -11.62
N SER A 85 -5.01 8.52 -12.78
CA SER A 85 -6.38 9.11 -12.87
C SER A 85 -7.02 8.69 -14.18
N SER A 86 -8.33 8.76 -14.26
CA SER A 86 -9.03 8.36 -15.52
C SER A 86 -9.08 9.57 -16.46
N GLY A 87 -9.21 10.76 -15.91
CA GLY A 87 -9.27 11.97 -16.77
C GLY A 87 -8.18 12.95 -16.34
N GLY A 88 -8.49 13.80 -15.38
CA GLY A 88 -7.49 14.78 -14.91
C GLY A 88 -7.02 14.39 -13.50
N GLN A 89 -7.10 15.30 -12.57
CA GLN A 89 -6.66 15.00 -11.17
C GLN A 89 -6.88 13.52 -10.86
N PRO A 90 -6.01 12.94 -10.03
CA PRO A 90 -6.09 11.52 -9.64
C PRO A 90 -7.30 11.24 -8.75
N VAL A 91 -7.79 10.02 -8.75
CA VAL A 91 -8.96 9.69 -7.91
C VAL A 91 -8.47 9.28 -6.51
N PRO A 92 -9.27 9.57 -5.47
CA PRO A 92 -8.93 9.24 -4.09
C PRO A 92 -8.96 7.72 -3.85
N VAL A 93 -8.16 7.25 -2.93
CA VAL A 93 -8.14 5.79 -2.63
C VAL A 93 -9.27 5.44 -1.66
N LYS A 94 -9.99 4.39 -1.92
CA LYS A 94 -11.10 4.00 -1.00
C LYS A 94 -10.52 3.43 0.29
N ASP A 95 -11.04 3.82 1.42
CA ASP A 95 -10.52 3.30 2.71
C ASP A 95 -10.38 1.77 2.64
N ARG A 96 -11.29 1.12 1.97
CA ARG A 96 -11.21 -0.36 1.86
C ARG A 96 -9.87 -0.76 1.25
N GLU A 97 -9.38 0.01 0.31
CA GLU A 97 -8.07 -0.32 -0.33
C GLU A 97 -6.93 0.20 0.55
N MET A 98 -7.18 1.21 1.34
CA MET A 98 -6.11 1.76 2.21
C MET A 98 -6.01 0.95 3.50
N ARG A 99 -7.11 0.37 3.93
CA ARG A 99 -7.09 -0.44 5.18
C ARG A 99 -5.78 -1.22 5.28
N PRO A 100 -5.44 -2.00 4.24
CA PRO A 100 -4.21 -2.79 4.20
C PRO A 100 -2.96 -1.90 4.12
N ILE A 101 -3.09 -0.75 3.54
CA ILE A 101 -1.92 0.16 3.44
C ILE A 101 -1.72 0.90 4.76
N LEU A 102 -2.79 1.34 5.37
CA LEU A 102 -2.66 2.06 6.66
C LEU A 102 -2.21 1.08 7.74
N ARG A 103 -2.73 -0.12 7.73
CA ARG A 103 -2.32 -1.13 8.75
C ARG A 103 -0.85 -1.46 8.56
N LEU A 104 -0.45 -1.78 7.36
CA LEU A 104 0.99 -2.11 7.12
C LEU A 104 1.82 -0.83 7.21
N ALA A 105 1.29 0.26 6.75
CA ALA A 105 2.06 1.54 6.80
C ALA A 105 2.13 2.04 8.24
N GLY A 106 1.57 1.32 9.18
CA GLY A 106 1.61 1.77 10.60
C GLY A 106 0.60 2.89 10.82
N LEU A 107 -0.23 3.16 9.86
CA LEU A 107 -1.24 4.25 10.03
C LEU A 107 -2.42 3.73 10.84
N GLU A 108 -2.61 2.44 10.87
CA GLU A 108 -3.74 1.88 11.66
C GLU A 108 -3.20 1.18 12.91
N GLU A 109 -3.92 1.27 14.00
CA GLU A 109 -3.45 0.61 15.26
C GLU A 109 -4.12 -0.74 15.41
N TYR A 110 -3.35 -1.80 15.46
CA TYR A 110 -3.95 -3.16 15.60
C TYR A 110 -2.97 -4.07 16.35
N GLU A 111 -3.39 -5.27 16.66
CA GLU A 111 -2.49 -6.21 17.38
C GLU A 111 -1.90 -7.21 16.40
N GLU A 112 -2.55 -8.33 16.22
CA GLU A 112 -2.03 -9.36 15.27
C GLU A 112 -2.72 -10.71 15.55
N LYS A 113 -2.67 -11.61 14.61
CA LYS A 113 -3.32 -12.94 14.83
C LYS A 113 -2.28 -14.05 14.73
N LYS A 114 -2.29 -14.96 15.66
CA LYS A 114 -1.29 -16.07 15.61
C LYS A 114 -1.80 -17.25 16.45
N LYS A 115 -2.28 -18.28 15.81
CA LYS A 115 -2.79 -19.46 16.55
C LYS A 115 -1.63 -20.40 16.88
N PRO A 116 -1.67 -21.03 18.06
CA PRO A 116 -0.61 -21.96 18.50
C PRO A 116 -0.63 -23.26 17.69
N VAL A 117 -1.56 -23.39 16.78
CA VAL A 117 -1.62 -24.64 15.96
C VAL A 117 -1.14 -24.33 14.53
N LYS A 118 -0.17 -25.05 14.06
CA LYS A 118 0.34 -24.79 12.68
C LYS A 118 -0.73 -25.21 11.67
N VAL A 119 -1.06 -24.34 10.75
CA VAL A 119 -2.10 -24.68 9.74
C VAL A 119 -1.43 -25.07 8.43
N GLU A 120 -1.79 -26.20 7.88
CA GLU A 120 -1.18 -26.65 6.59
C GLU A 120 -2.10 -27.66 5.93
N LEU A 121 -1.62 -28.35 4.94
CA LEU A 121 -2.46 -29.36 4.24
C LEU A 121 -3.44 -28.68 3.28
N GLY A 122 -3.99 -29.41 2.36
CA GLY A 122 -4.95 -28.82 1.38
C GLY A 122 -4.41 -27.49 0.85
N PHE A 123 -3.12 -27.32 0.84
CA PHE A 123 -2.54 -26.05 0.32
C PHE A 123 -1.72 -26.37 -0.94
N LYS A 124 -2.11 -25.86 -2.07
CA LYS A 124 -1.35 -26.14 -3.32
C LYS A 124 -1.07 -24.84 -4.07
N VAL A 125 -0.02 -24.81 -4.84
CA VAL A 125 0.31 -23.58 -5.61
C VAL A 125 -0.83 -23.25 -6.57
N GLY A 126 -1.11 -21.99 -6.77
CA GLY A 126 -2.21 -21.59 -7.69
C GLY A 126 -3.54 -21.63 -6.95
N ASP A 127 -3.68 -22.52 -6.02
CA ASP A 127 -4.96 -22.60 -5.25
C ASP A 127 -5.33 -21.22 -4.73
N MET A 128 -6.57 -21.02 -4.38
CA MET A 128 -6.99 -19.69 -3.85
C MET A 128 -6.94 -19.73 -2.32
N VAL A 129 -6.26 -18.80 -1.72
CA VAL A 129 -6.18 -18.80 -0.24
C VAL A 129 -6.63 -17.43 0.29
N LYS A 130 -7.33 -17.41 1.38
CA LYS A 130 -7.79 -16.11 1.94
C LYS A 130 -6.94 -15.76 3.15
N ILE A 131 -6.63 -14.51 3.34
CA ILE A 131 -5.80 -14.12 4.52
C ILE A 131 -6.73 -14.00 5.72
N ILE A 132 -6.21 -14.19 6.91
CA ILE A 132 -7.08 -14.08 8.11
C ILE A 132 -6.25 -13.57 9.29
N SER A 133 -4.99 -13.30 9.08
CA SER A 133 -4.14 -12.80 10.20
C SER A 133 -3.11 -11.81 9.68
N GLY A 134 -2.82 -10.80 10.45
CA GLY A 134 -1.80 -9.79 10.01
C GLY A 134 -2.49 -8.50 9.58
N PRO A 135 -1.71 -7.59 8.97
CA PRO A 135 -2.21 -6.29 8.49
C PRO A 135 -3.18 -6.42 7.33
N PHE A 136 -3.21 -7.54 6.65
CA PHE A 136 -4.15 -7.70 5.51
C PHE A 136 -5.21 -8.74 5.87
N GLU A 137 -5.32 -9.09 7.12
CA GLU A 137 -6.34 -10.10 7.52
C GLU A 137 -7.66 -9.82 6.77
N ASP A 138 -8.40 -10.86 6.48
CA ASP A 138 -9.71 -10.67 5.77
C ASP A 138 -9.45 -10.32 4.30
N PHE A 139 -8.35 -10.74 3.74
CA PHE A 139 -8.06 -10.41 2.32
C PHE A 139 -7.99 -11.71 1.50
N ALA A 140 -8.67 -11.76 0.38
CA ALA A 140 -8.63 -13.00 -0.45
C ALA A 140 -7.37 -12.99 -1.32
N GLY A 141 -6.67 -14.10 -1.37
CA GLY A 141 -5.44 -14.14 -2.19
C GLY A 141 -5.28 -15.52 -2.83
N VAL A 142 -4.31 -15.68 -3.70
CA VAL A 142 -4.08 -16.99 -4.36
C VAL A 142 -2.70 -17.52 -3.97
N ILE A 143 -2.60 -18.78 -3.66
CA ILE A 143 -1.28 -19.36 -3.27
C ILE A 143 -0.36 -19.34 -4.49
N LYS A 144 0.71 -18.59 -4.44
CA LYS A 144 1.63 -18.53 -5.59
C LYS A 144 2.84 -19.43 -5.34
N GLU A 145 3.29 -19.51 -4.11
CA GLU A 145 4.46 -20.37 -3.81
C GLU A 145 4.39 -20.84 -2.35
N ILE A 146 4.88 -22.02 -2.08
CA ILE A 146 4.84 -22.53 -0.69
C ILE A 146 6.25 -22.92 -0.24
N ASP A 147 6.71 -22.41 0.86
CA ASP A 147 8.07 -22.74 1.34
C ASP A 147 7.99 -23.67 2.56
N PRO A 148 8.16 -24.99 2.34
CA PRO A 148 8.10 -25.98 3.41
C PRO A 148 9.31 -25.88 4.35
N GLU A 149 9.29 -26.61 5.43
CA GLU A 149 10.43 -26.56 6.39
C GLU A 149 10.30 -25.33 7.30
N ARG A 150 9.55 -24.34 6.88
CA ARG A 150 9.39 -23.13 7.72
C ARG A 150 7.91 -22.80 7.89
N GLN A 151 7.06 -23.43 7.10
CA GLN A 151 5.60 -23.16 7.22
C GLN A 151 5.29 -21.76 6.69
N GLU A 152 5.80 -21.41 5.54
CA GLU A 152 5.50 -20.07 4.97
C GLU A 152 4.76 -20.24 3.65
N LEU A 153 3.80 -19.40 3.38
CA LEU A 153 3.05 -19.53 2.10
C LEU A 153 2.93 -18.17 1.43
N LYS A 154 3.57 -18.00 0.30
CA LYS A 154 3.48 -16.69 -0.41
C LYS A 154 2.18 -16.68 -1.21
N VAL A 155 1.40 -15.63 -1.08
CA VAL A 155 0.11 -15.59 -1.83
C VAL A 155 0.07 -14.31 -2.68
N ASN A 156 -0.65 -14.35 -3.76
CA ASN A 156 -0.75 -13.14 -4.63
C ASN A 156 -2.01 -12.36 -4.28
N VAL A 157 -1.87 -11.22 -3.67
CA VAL A 157 -3.06 -10.40 -3.30
C VAL A 157 -3.35 -9.41 -4.44
N THR A 158 -4.61 -9.21 -4.75
CA THR A 158 -4.95 -8.26 -5.85
C THR A 158 -5.37 -6.92 -5.25
N ILE A 159 -4.48 -5.97 -5.22
CA ILE A 159 -4.83 -4.63 -4.67
C ILE A 159 -4.58 -3.57 -5.74
N PHE A 160 -5.41 -2.56 -5.80
CA PHE A 160 -5.23 -1.51 -6.82
C PHE A 160 -5.35 -2.12 -8.21
N GLY A 161 -6.26 -3.03 -8.39
CA GLY A 161 -6.43 -3.68 -9.72
C GLY A 161 -5.12 -4.32 -10.16
N ARG A 162 -4.22 -4.55 -9.23
CA ARG A 162 -2.92 -5.18 -9.60
C ARG A 162 -2.67 -6.40 -8.71
N GLU A 163 -1.86 -7.33 -9.17
CA GLU A 163 -1.58 -8.53 -8.34
C GLU A 163 -0.23 -8.37 -7.64
N THR A 164 -0.17 -8.61 -6.36
CA THR A 164 1.10 -8.46 -5.62
C THR A 164 1.25 -9.59 -4.59
N PRO A 165 2.33 -10.38 -4.71
CA PRO A 165 2.59 -11.49 -3.79
C PRO A 165 2.97 -10.99 -2.39
N VAL A 166 2.46 -11.63 -1.37
CA VAL A 166 2.80 -11.17 0.01
C VAL A 166 3.32 -12.36 0.83
N VAL A 167 4.24 -12.10 1.72
CA VAL A 167 4.79 -13.21 2.54
C VAL A 167 3.99 -13.31 3.85
N LEU A 168 3.37 -14.44 4.09
CA LEU A 168 2.57 -14.58 5.34
C LEU A 168 2.75 -15.97 5.94
N HIS A 169 2.35 -16.14 7.17
CA HIS A 169 2.49 -17.46 7.84
C HIS A 169 1.37 -18.39 7.38
N VAL A 170 1.65 -19.66 7.29
CA VAL A 170 0.60 -20.63 6.84
C VAL A 170 -0.53 -20.61 7.87
N SER A 171 -0.20 -20.44 9.12
CA SER A 171 -1.26 -20.41 10.17
C SER A 171 -1.96 -19.05 10.14
N GLU A 172 -1.46 -18.13 9.36
CA GLU A 172 -2.09 -16.78 9.29
C GLU A 172 -2.92 -16.68 8.00
N VAL A 173 -3.02 -17.75 7.26
CA VAL A 173 -3.80 -17.71 6.00
C VAL A 173 -4.80 -18.87 5.96
N GLU A 174 -5.81 -18.77 5.15
CA GLU A 174 -6.82 -19.88 5.07
C GLU A 174 -7.09 -20.20 3.59
N LYS A 175 -7.42 -21.42 3.28
CA LYS A 175 -7.71 -21.77 1.87
C LYS A 175 -9.20 -21.63 1.59
N ILE A 176 -9.89 -20.85 2.38
CA ILE A 176 -11.35 -20.67 2.16
C ILE A 176 -12.04 -22.03 2.12
N GLU A 177 -13.35 -22.05 2.13
CA GLU A 177 -14.09 -23.34 2.10
C GLU A 177 -13.79 -24.07 0.78
N GLY A 1 -13.91 24.44 -1.51
CA GLY A 1 -13.59 24.38 -0.07
C GLY A 1 -12.51 23.31 0.18
N ALA A 2 -12.55 22.24 -0.57
CA ALA A 2 -11.53 21.17 -0.40
C ALA A 2 -11.39 20.85 1.10
N MET A 3 -12.47 20.91 1.83
CA MET A 3 -12.41 20.61 3.28
C MET A 3 -12.25 19.10 3.49
N LYS A 4 -12.40 18.34 2.44
CA LYS A 4 -12.26 16.86 2.57
C LYS A 4 -10.95 16.41 1.92
N LYS A 5 -10.10 15.77 2.67
CA LYS A 5 -8.80 15.30 2.10
C LYS A 5 -8.89 13.81 1.78
N LYS A 6 -8.27 13.39 0.70
CA LYS A 6 -8.33 11.96 0.33
C LYS A 6 -6.92 11.45 0.05
N TRP A 7 -6.77 10.17 -0.19
CA TRP A 7 -5.41 9.62 -0.48
C TRP A 7 -5.30 9.31 -1.97
N TYR A 8 -4.31 9.85 -2.63
CA TYR A 8 -4.17 9.58 -4.09
C TYR A 8 -2.87 8.82 -4.33
N ILE A 9 -2.70 8.26 -5.50
CA ILE A 9 -1.46 7.50 -5.80
C ILE A 9 -0.63 8.27 -6.82
N VAL A 10 0.51 8.78 -6.43
CA VAL A 10 1.34 9.54 -7.39
C VAL A 10 2.31 8.59 -8.09
N LEU A 11 2.54 8.79 -9.36
CA LEU A 11 3.47 7.91 -10.11
C LEU A 11 4.91 8.41 -9.95
N THR A 12 5.86 7.54 -9.89
CA THR A 12 7.27 7.98 -9.73
C THR A 12 8.21 6.97 -10.40
N MET A 13 9.49 7.14 -10.25
CA MET A 13 10.45 6.19 -10.88
C MET A 13 11.09 5.31 -9.81
N SER A 14 11.07 4.02 -10.00
CA SER A 14 11.68 3.11 -8.99
C SER A 14 13.06 3.63 -8.61
N GLY A 15 13.28 3.95 -7.37
CA GLY A 15 14.62 4.47 -6.95
C GLY A 15 14.50 5.95 -6.60
N TYR A 16 13.49 6.60 -7.08
CA TYR A 16 13.34 8.06 -6.78
C TYR A 16 12.22 8.25 -5.75
N GLU A 17 11.39 7.26 -5.57
CA GLU A 17 10.29 7.39 -4.58
C GLU A 17 10.82 8.04 -3.30
N GLU A 18 11.76 7.40 -2.64
CA GLU A 18 12.32 7.97 -1.39
C GLU A 18 12.71 9.43 -1.66
N LYS A 19 13.25 9.72 -2.81
CA LYS A 19 13.65 11.11 -3.13
C LYS A 19 12.38 11.98 -3.22
N VAL A 20 11.30 11.41 -3.68
CA VAL A 20 10.04 12.19 -3.80
C VAL A 20 9.47 12.45 -2.40
N LYS A 21 9.43 11.45 -1.58
CA LYS A 21 8.89 11.63 -0.20
C LYS A 21 9.60 12.83 0.46
N GLU A 22 10.90 12.79 0.53
CA GLU A 22 11.64 13.92 1.15
C GLU A 22 11.38 15.20 0.35
N ASN A 23 11.25 15.07 -0.95
CA ASN A 23 10.99 16.27 -1.79
C ASN A 23 9.63 16.87 -1.43
N ILE A 24 8.67 16.04 -1.14
CA ILE A 24 7.31 16.55 -0.79
C ILE A 24 7.38 17.31 0.53
N GLU A 25 8.03 16.76 1.52
CA GLU A 25 8.11 17.47 2.83
C GLU A 25 8.74 18.85 2.64
N LYS A 26 9.82 18.94 1.92
CA LYS A 26 10.46 20.26 1.70
C LYS A 26 9.67 21.05 0.66
N LYS A 27 9.16 20.39 -0.34
CA LYS A 27 8.37 21.12 -1.37
C LYS A 27 7.23 21.89 -0.70
N VAL A 28 6.72 21.37 0.39
CA VAL A 28 5.61 22.07 1.10
C VAL A 28 6.20 23.12 2.04
N GLU A 29 7.41 22.92 2.48
CA GLU A 29 8.03 23.92 3.40
C GLU A 29 8.28 25.23 2.64
N ALA A 30 8.94 25.14 1.51
CA ALA A 30 9.21 26.38 0.72
C ALA A 30 7.89 27.08 0.41
N THR A 31 6.84 26.34 0.23
CA THR A 31 5.52 26.96 -0.08
C THR A 31 4.73 27.16 1.22
N GLY A 32 5.18 26.57 2.29
CA GLY A 32 4.46 26.73 3.59
C GLY A 32 3.00 26.30 3.41
N ILE A 33 2.73 25.46 2.44
CA ILE A 33 1.33 25.02 2.23
C ILE A 33 1.03 23.81 3.12
N LYS A 34 0.11 23.95 4.04
CA LYS A 34 -0.21 22.81 4.94
C LYS A 34 -1.69 22.45 4.81
N ASN A 35 -2.45 23.29 4.14
CA ASN A 35 -3.90 23.01 3.97
C ASN A 35 -4.14 22.38 2.60
N LEU A 36 -3.09 21.94 1.95
CA LEU A 36 -3.26 21.33 0.61
C LEU A 36 -2.72 19.90 0.65
N VAL A 37 -1.50 19.74 1.09
CA VAL A 37 -0.91 18.37 1.16
C VAL A 37 -0.97 17.88 2.61
N GLY A 38 -1.48 16.70 2.82
CA GLY A 38 -1.57 16.18 4.22
C GLY A 38 -0.40 15.22 4.49
N ARG A 39 -0.70 14.00 4.84
CA ARG A 39 0.39 13.04 5.13
C ARG A 39 0.65 12.15 3.91
N ILE A 40 1.86 11.73 3.73
CA ILE A 40 2.18 10.85 2.56
C ILE A 40 2.73 9.52 3.09
N VAL A 41 2.40 8.44 2.44
CA VAL A 41 2.91 7.12 2.91
C VAL A 41 3.54 6.35 1.74
N ILE A 42 4.45 5.46 2.04
CA ILE A 42 5.10 4.68 0.96
C ILE A 42 5.00 3.19 1.28
N PRO A 43 4.52 2.40 0.32
CA PRO A 43 4.35 0.95 0.48
C PRO A 43 5.71 0.23 0.62
N ILE A 44 6.78 0.97 0.48
CA ILE A 44 8.13 0.34 0.61
C ILE A 44 8.38 -0.05 2.06
N ARG A 45 8.17 0.86 2.97
CA ARG A 45 8.40 0.54 4.41
C ARG A 45 9.87 0.20 4.63
N GLY A 46 10.42 0.57 5.76
CA GLY A 46 11.85 0.27 6.02
C GLY A 46 12.01 -1.23 6.28
N GLY A 47 13.17 -1.77 6.01
CA GLY A 47 13.39 -3.23 6.23
C GLY A 47 14.80 -3.61 5.77
N GLN A 48 15.16 -4.86 5.88
CA GLN A 48 16.51 -5.28 5.45
C GLN A 48 16.54 -5.46 3.93
N ARG A 49 17.66 -5.19 3.31
CA ARG A 49 17.75 -5.34 1.84
C ARG A 49 17.45 -6.80 1.46
N ARG A 50 17.87 -7.73 2.26
CA ARG A 50 17.62 -9.16 1.95
C ARG A 50 16.11 -9.36 1.73
N LYS A 51 15.29 -8.70 2.48
CA LYS A 51 13.82 -8.85 2.32
C LYS A 51 13.35 -7.99 1.13
N SER A 52 12.23 -8.34 0.55
CA SER A 52 11.73 -7.54 -0.61
C SER A 52 11.28 -6.16 -0.11
N GLU A 53 11.58 -5.13 -0.87
CA GLU A 53 11.16 -3.76 -0.44
C GLU A 53 10.34 -3.11 -1.55
N LYS A 54 9.48 -2.18 -1.19
CA LYS A 54 8.63 -1.52 -2.22
C LYS A 54 7.54 -2.47 -2.69
N LEU A 55 6.42 -2.49 -1.99
CA LEU A 55 5.32 -3.40 -2.41
C LEU A 55 4.81 -2.98 -3.78
N PHE A 56 5.04 -1.76 -4.16
CA PHE A 56 4.58 -1.28 -5.50
C PHE A 56 5.55 -0.22 -6.01
N PRO A 57 6.45 -0.62 -6.94
CA PRO A 57 7.44 0.28 -7.51
C PRO A 57 6.80 1.41 -8.33
N GLY A 58 7.29 2.61 -8.16
CA GLY A 58 6.72 3.75 -8.93
C GLY A 58 5.39 4.19 -8.32
N TYR A 59 4.79 3.39 -7.48
CA TYR A 59 3.48 3.80 -6.89
C TYR A 59 3.68 4.36 -5.49
N VAL A 60 3.13 5.52 -5.22
CA VAL A 60 3.27 6.12 -3.86
C VAL A 60 1.89 6.60 -3.40
N PHE A 61 1.62 6.58 -2.13
CA PHE A 61 0.28 7.04 -1.65
C PHE A 61 0.39 8.37 -0.91
N VAL A 62 -0.34 9.36 -1.34
CA VAL A 62 -0.29 10.69 -0.66
C VAL A 62 -1.71 11.21 -0.43
N GLU A 63 -1.93 11.89 0.66
CA GLU A 63 -3.29 12.43 0.94
C GLU A 63 -3.24 13.96 0.85
N MET A 64 -4.12 14.55 0.08
CA MET A 64 -4.08 16.03 -0.04
C MET A 64 -5.47 16.58 -0.40
N ILE A 65 -5.61 17.87 -0.31
CA ILE A 65 -6.93 18.50 -0.64
C ILE A 65 -6.95 18.84 -2.13
N MET A 66 -8.00 18.46 -2.81
CA MET A 66 -8.07 18.73 -4.28
C MET A 66 -8.40 20.20 -4.53
N ASN A 67 -7.79 20.77 -5.53
CA ASN A 67 -8.03 22.20 -5.86
C ASN A 67 -7.18 22.59 -7.07
N ASP A 68 -7.46 23.71 -7.67
CA ASP A 68 -6.66 24.14 -8.85
C ASP A 68 -5.22 24.44 -8.41
N GLU A 69 -5.06 25.08 -7.28
CA GLU A 69 -3.69 25.41 -6.80
C GLU A 69 -3.02 24.15 -6.23
N ALA A 70 -3.79 23.27 -5.65
CA ALA A 70 -3.20 22.04 -5.07
C ALA A 70 -2.67 21.14 -6.20
N TYR A 71 -3.47 20.90 -7.20
CA TYR A 71 -3.01 20.02 -8.33
C TYR A 71 -1.78 20.65 -8.99
N ASN A 72 -1.86 21.91 -9.35
CA ASN A 72 -0.70 22.57 -10.01
C ASN A 72 0.54 22.47 -9.13
N PHE A 73 0.37 22.44 -7.83
CA PHE A 73 1.54 22.35 -6.92
C PHE A 73 2.03 20.91 -6.84
N VAL A 74 1.12 19.97 -6.75
CA VAL A 74 1.52 18.54 -6.67
C VAL A 74 2.10 18.09 -8.00
N ARG A 75 1.37 18.25 -9.07
CA ARG A 75 1.87 17.82 -10.40
C ARG A 75 3.14 18.61 -10.76
N SER A 76 3.42 19.66 -10.04
CA SER A 76 4.65 20.45 -10.35
C SER A 76 5.79 20.02 -9.43
N VAL A 77 5.59 19.02 -8.62
CA VAL A 77 6.68 18.57 -7.72
C VAL A 77 7.74 17.80 -8.53
N PRO A 78 9.03 18.06 -8.26
CA PRO A 78 10.13 17.41 -8.96
C PRO A 78 10.20 15.92 -8.66
N TYR A 79 10.43 15.11 -9.67
CA TYR A 79 10.51 13.64 -9.48
C TYR A 79 9.14 13.01 -9.71
N VAL A 80 8.09 13.81 -9.76
CA VAL A 80 6.74 13.22 -10.00
C VAL A 80 6.54 13.00 -11.50
N MET A 81 6.26 11.79 -11.90
CA MET A 81 6.05 11.50 -13.34
C MET A 81 4.58 11.73 -13.70
N GLY A 82 3.70 11.52 -12.76
CA GLY A 82 2.25 11.73 -13.05
C GLY A 82 1.41 11.13 -11.91
N PHE A 83 0.14 10.97 -12.13
CA PHE A 83 -0.73 10.40 -11.06
C PHE A 83 -1.70 9.39 -11.69
N VAL A 84 -1.93 8.29 -11.03
CA VAL A 84 -2.88 7.28 -11.59
C VAL A 84 -4.29 7.86 -11.62
N SER A 85 -4.92 7.85 -12.75
CA SER A 85 -6.30 8.41 -12.84
C SER A 85 -7.00 7.86 -14.09
N SER A 86 -8.30 7.90 -14.12
CA SER A 86 -9.04 7.39 -15.30
C SER A 86 -9.09 8.48 -16.37
N GLY A 87 -9.22 9.71 -15.96
CA GLY A 87 -9.28 10.83 -16.95
C GLY A 87 -8.25 11.90 -16.57
N GLY A 88 -8.63 12.82 -15.72
CA GLY A 88 -7.67 13.89 -15.30
C GLY A 88 -7.13 13.58 -13.91
N GLN A 89 -7.22 14.53 -13.01
CA GLN A 89 -6.70 14.30 -11.63
C GLN A 89 -6.90 12.85 -11.21
N PRO A 90 -6.03 12.34 -10.32
CA PRO A 90 -6.11 10.95 -9.84
C PRO A 90 -7.33 10.72 -8.95
N VAL A 91 -7.75 9.50 -8.81
CA VAL A 91 -8.93 9.21 -7.95
C VAL A 91 -8.46 8.86 -6.54
N PRO A 92 -9.33 9.08 -5.54
CA PRO A 92 -9.01 8.80 -4.14
C PRO A 92 -8.94 7.30 -3.86
N VAL A 93 -8.09 6.89 -2.96
CA VAL A 93 -7.97 5.44 -2.65
C VAL A 93 -9.04 5.04 -1.64
N LYS A 94 -9.64 3.90 -1.82
CA LYS A 94 -10.70 3.45 -0.86
C LYS A 94 -10.06 3.04 0.47
N ASP A 95 -10.57 3.55 1.56
CA ASP A 95 -9.99 3.18 2.88
C ASP A 95 -9.78 1.67 2.95
N ARG A 96 -10.70 0.92 2.42
CA ARG A 96 -10.55 -0.57 2.45
C ARG A 96 -9.27 -0.97 1.71
N GLU A 97 -8.88 -0.21 0.71
CA GLU A 97 -7.65 -0.56 -0.04
C GLU A 97 -6.42 -0.08 0.74
N MET A 98 -6.57 0.93 1.55
CA MET A 98 -5.41 1.43 2.34
C MET A 98 -5.30 0.61 3.63
N ARG A 99 -6.37 -0.01 4.05
CA ARG A 99 -6.34 -0.81 5.30
C ARG A 99 -4.98 -1.51 5.43
N PRO A 100 -4.56 -2.24 4.40
CA PRO A 100 -3.29 -2.95 4.40
C PRO A 100 -2.10 -1.99 4.30
N ILE A 101 -2.29 -0.85 3.71
CA ILE A 101 -1.17 0.13 3.58
C ILE A 101 -1.03 0.92 4.88
N LEU A 102 -2.12 1.35 5.46
CA LEU A 102 -2.04 2.13 6.72
C LEU A 102 -1.54 1.22 7.85
N ARG A 103 -2.01 0.00 7.89
CA ARG A 103 -1.57 -0.93 8.96
C ARG A 103 -0.08 -1.24 8.78
N LEU A 104 0.32 -1.59 7.59
CA LEU A 104 1.76 -1.89 7.35
C LEU A 104 2.57 -0.60 7.40
N ALA A 105 2.02 0.48 6.89
CA ALA A 105 2.75 1.77 6.91
C ALA A 105 2.77 2.35 8.33
N GLY A 106 2.19 1.65 9.28
CA GLY A 106 2.18 2.17 10.67
C GLY A 106 1.14 3.29 10.81
N LEU A 107 0.31 3.46 9.81
CA LEU A 107 -0.73 4.53 9.89
C LEU A 107 -1.92 4.02 10.70
N GLU A 108 -2.12 2.72 10.75
CA GLU A 108 -3.26 2.18 11.53
C GLU A 108 -2.75 1.16 12.56
N GLU A 109 -3.20 1.25 13.78
CA GLU A 109 -2.75 0.29 14.82
C GLU A 109 -3.96 -0.46 15.37
N TYR A 110 -3.93 -1.77 15.31
CA TYR A 110 -5.09 -2.56 15.84
C TYR A 110 -4.57 -3.79 16.57
N GLU A 111 -5.45 -4.57 17.12
CA GLU A 111 -5.01 -5.80 17.85
C GLU A 111 -4.44 -6.81 16.84
N GLU A 112 -4.57 -8.08 17.11
CA GLU A 112 -4.05 -9.10 16.17
C GLU A 112 -4.81 -10.41 16.36
N LYS A 113 -4.70 -11.32 15.44
CA LYS A 113 -5.42 -12.61 15.59
C LYS A 113 -5.25 -13.14 17.01
N LYS A 114 -6.27 -13.76 17.54
CA LYS A 114 -6.18 -14.29 18.93
C LYS A 114 -6.00 -15.81 18.89
N LYS A 115 -5.75 -16.36 17.73
CA LYS A 115 -5.58 -17.83 17.62
C LYS A 115 -4.29 -18.13 16.87
N PRO A 116 -3.14 -17.92 17.52
CA PRO A 116 -1.82 -18.17 16.91
C PRO A 116 -1.54 -19.66 16.79
N VAL A 117 -2.07 -20.30 15.78
CA VAL A 117 -1.83 -21.76 15.61
C VAL A 117 -1.45 -22.05 14.15
N LYS A 118 -0.59 -23.01 13.94
CA LYS A 118 -0.18 -23.34 12.54
C LYS A 118 -1.40 -23.81 11.75
N VAL A 119 -1.52 -23.41 10.52
CA VAL A 119 -2.69 -23.85 9.71
C VAL A 119 -2.21 -24.42 8.37
N GLU A 120 -2.49 -25.67 8.12
CA GLU A 120 -2.05 -26.29 6.84
C GLU A 120 -3.09 -27.33 6.40
N LEU A 121 -3.26 -27.51 5.11
CA LEU A 121 -4.25 -28.50 4.59
C LEU A 121 -4.86 -27.97 3.30
N GLY A 122 -5.17 -28.84 2.38
CA GLY A 122 -5.77 -28.40 1.09
C GLY A 122 -5.08 -27.13 0.58
N PHE A 123 -3.80 -27.01 0.84
CA PHE A 123 -3.07 -25.80 0.35
C PHE A 123 -2.15 -26.18 -0.81
N LYS A 124 -2.42 -25.67 -1.99
CA LYS A 124 -1.57 -26.01 -3.16
C LYS A 124 -1.32 -24.75 -4.00
N VAL A 125 -0.26 -24.74 -4.75
CA VAL A 125 0.03 -23.55 -5.60
C VAL A 125 -1.15 -23.27 -6.53
N GLY A 126 -1.52 -22.03 -6.68
CA GLY A 126 -2.65 -21.69 -7.58
C GLY A 126 -3.96 -21.73 -6.78
N ASP A 127 -4.06 -22.63 -5.83
CA ASP A 127 -5.30 -22.72 -5.02
C ASP A 127 -5.71 -21.33 -4.55
N MET A 128 -6.95 -21.16 -4.16
CA MET A 128 -7.39 -19.82 -3.68
C MET A 128 -7.42 -19.83 -2.15
N VAL A 129 -6.79 -18.87 -1.53
CA VAL A 129 -6.80 -18.82 -0.05
C VAL A 129 -7.22 -17.43 0.41
N LYS A 130 -7.92 -17.37 1.51
CA LYS A 130 -8.37 -16.05 2.04
C LYS A 130 -7.47 -15.66 3.21
N ILE A 131 -7.10 -14.42 3.31
CA ILE A 131 -6.24 -14.00 4.45
C ILE A 131 -7.13 -13.83 5.68
N ILE A 132 -6.60 -13.99 6.85
CA ILE A 132 -7.43 -13.85 8.07
C ILE A 132 -6.58 -13.31 9.21
N SER A 133 -5.32 -13.04 8.97
CA SER A 133 -4.47 -12.53 10.06
C SER A 133 -3.39 -11.59 9.49
N GLY A 134 -3.06 -10.56 10.21
CA GLY A 134 -2.02 -9.60 9.73
C GLY A 134 -2.69 -8.34 9.17
N PRO A 135 -1.91 -7.54 8.43
CA PRO A 135 -2.40 -6.30 7.84
C PRO A 135 -3.43 -6.53 6.72
N PHE A 136 -3.44 -7.70 6.13
CA PHE A 136 -4.43 -7.96 5.05
C PHE A 136 -5.50 -8.92 5.57
N GLU A 137 -5.62 -9.05 6.86
CA GLU A 137 -6.66 -9.97 7.41
C GLU A 137 -7.99 -9.76 6.67
N ASP A 138 -8.69 -10.82 6.38
CA ASP A 138 -10.00 -10.70 5.68
C ASP A 138 -9.78 -10.35 4.20
N PHE A 139 -8.68 -10.73 3.63
CA PHE A 139 -8.43 -10.40 2.20
C PHE A 139 -8.32 -11.70 1.38
N ALA A 140 -9.01 -11.79 0.28
CA ALA A 140 -8.95 -13.03 -0.54
C ALA A 140 -7.65 -13.04 -1.36
N GLY A 141 -6.95 -14.13 -1.35
CA GLY A 141 -5.67 -14.20 -2.11
C GLY A 141 -5.50 -15.59 -2.73
N VAL A 142 -4.56 -15.73 -3.63
CA VAL A 142 -4.34 -17.06 -4.27
C VAL A 142 -2.92 -17.54 -3.93
N ILE A 143 -2.77 -18.80 -3.63
CA ILE A 143 -1.42 -19.33 -3.30
C ILE A 143 -0.54 -19.33 -4.55
N LYS A 144 0.53 -18.57 -4.54
CA LYS A 144 1.42 -18.52 -5.73
C LYS A 144 2.66 -19.38 -5.45
N GLU A 145 3.13 -19.39 -4.24
CA GLU A 145 4.34 -20.21 -3.91
C GLU A 145 4.31 -20.60 -2.45
N ILE A 146 4.85 -21.75 -2.12
CA ILE A 146 4.85 -22.20 -0.69
C ILE A 146 6.29 -22.48 -0.26
N ASP A 147 6.73 -21.87 0.81
CA ASP A 147 8.12 -22.11 1.28
C ASP A 147 8.10 -22.97 2.54
N PRO A 148 8.35 -24.28 2.38
CA PRO A 148 8.37 -25.22 3.51
C PRO A 148 9.59 -25.01 4.41
N GLU A 149 9.62 -25.67 5.54
CA GLU A 149 10.77 -25.50 6.47
C GLU A 149 10.59 -24.23 7.31
N ARG A 150 9.78 -23.32 6.86
CA ARG A 150 9.57 -22.06 7.63
C ARG A 150 8.06 -21.82 7.81
N GLN A 151 7.24 -22.54 7.10
CA GLN A 151 5.77 -22.34 7.24
C GLN A 151 5.37 -21.00 6.63
N GLU A 152 5.82 -20.71 5.44
CA GLU A 152 5.45 -19.42 4.80
C GLU A 152 4.69 -19.71 3.49
N LEU A 153 3.71 -18.91 3.19
CA LEU A 153 2.94 -19.16 1.94
C LEU A 153 2.83 -17.87 1.13
N LYS A 154 3.46 -17.81 -0.02
CA LYS A 154 3.38 -16.59 -0.85
C LYS A 154 2.05 -16.62 -1.62
N VAL A 155 1.27 -15.57 -1.52
CA VAL A 155 -0.02 -15.56 -2.24
C VAL A 155 -0.16 -14.28 -3.07
N ASN A 156 -0.92 -14.33 -4.13
CA ASN A 156 -1.08 -13.12 -4.98
C ASN A 156 -2.41 -12.43 -4.62
N VAL A 157 -2.33 -11.25 -4.06
CA VAL A 157 -3.58 -10.53 -3.69
C VAL A 157 -3.90 -9.47 -4.75
N THR A 158 -5.15 -9.22 -4.97
CA THR A 158 -5.55 -8.21 -6.00
C THR A 158 -5.75 -6.84 -5.33
N ILE A 159 -4.96 -5.87 -5.71
CA ILE A 159 -5.10 -4.52 -5.11
C ILE A 159 -4.77 -3.45 -6.16
N PHE A 160 -5.53 -2.39 -6.21
CA PHE A 160 -5.27 -1.33 -7.21
C PHE A 160 -5.44 -1.91 -8.62
N GLY A 161 -6.43 -2.75 -8.81
CA GLY A 161 -6.64 -3.34 -10.16
C GLY A 161 -5.42 -4.18 -10.56
N ARG A 162 -4.59 -4.53 -9.61
CA ARG A 162 -3.38 -5.33 -9.95
C ARG A 162 -3.19 -6.42 -8.88
N GLU A 163 -2.78 -7.58 -9.28
CA GLU A 163 -2.57 -8.69 -8.30
C GLU A 163 -1.09 -8.76 -7.93
N THR A 164 -0.74 -8.40 -6.73
CA THR A 164 0.70 -8.46 -6.31
C THR A 164 0.87 -9.53 -5.24
N PRO A 165 1.98 -10.30 -5.31
CA PRO A 165 2.27 -11.36 -4.34
C PRO A 165 2.60 -10.80 -2.96
N VAL A 166 2.09 -11.39 -1.92
CA VAL A 166 2.38 -10.88 -0.55
C VAL A 166 2.99 -12.00 0.30
N VAL A 167 3.94 -11.67 1.13
CA VAL A 167 4.59 -12.70 1.99
C VAL A 167 3.86 -12.76 3.34
N LEU A 168 3.30 -13.89 3.66
CA LEU A 168 2.57 -14.02 4.97
C LEU A 168 2.83 -15.38 5.60
N HIS A 169 2.46 -15.52 6.84
CA HIS A 169 2.65 -16.82 7.55
C HIS A 169 1.55 -17.79 7.13
N VAL A 170 1.87 -19.05 7.04
CA VAL A 170 0.84 -20.04 6.63
C VAL A 170 -0.31 -20.00 7.64
N SER A 171 0.02 -19.79 8.89
CA SER A 171 -1.05 -19.72 9.93
C SER A 171 -1.79 -18.39 9.82
N GLU A 172 -1.31 -17.50 8.98
CA GLU A 172 -1.98 -16.19 8.83
C GLU A 172 -3.03 -16.27 7.72
N VAL A 173 -3.24 -17.43 7.16
CA VAL A 173 -4.25 -17.55 6.07
C VAL A 173 -5.01 -18.88 6.22
N GLU A 174 -6.08 -19.03 5.51
CA GLU A 174 -6.86 -20.31 5.59
C GLU A 174 -7.39 -20.66 4.20
N LYS A 175 -7.90 -21.85 4.02
CA LYS A 175 -8.43 -22.23 2.69
C LYS A 175 -9.93 -21.89 2.62
N ILE A 176 -10.33 -20.85 3.28
CA ILE A 176 -11.77 -20.47 3.25
C ILE A 176 -12.64 -21.72 3.44
N GLU A 177 -12.70 -22.25 4.63
CA GLU A 177 -13.51 -23.46 4.87
C GLU A 177 -14.99 -23.15 4.60
N GLY A 1 -12.79 18.96 -1.75
CA GLY A 1 -12.99 20.09 -0.79
C GLY A 1 -11.75 20.22 0.10
N ALA A 2 -11.29 21.42 0.31
CA ALA A 2 -10.08 21.61 1.17
C ALA A 2 -10.44 21.24 2.61
N MET A 3 -11.69 21.30 2.97
CA MET A 3 -12.09 20.94 4.36
C MET A 3 -11.81 19.46 4.62
N LYS A 4 -11.89 18.64 3.59
CA LYS A 4 -11.63 17.19 3.77
C LYS A 4 -10.45 16.77 2.90
N LYS A 5 -9.55 15.98 3.43
CA LYS A 5 -8.38 15.54 2.62
C LYS A 5 -8.51 14.05 2.29
N LYS A 6 -7.85 13.62 1.24
CA LYS A 6 -7.94 12.19 0.85
C LYS A 6 -6.56 11.65 0.50
N TRP A 7 -6.47 10.37 0.23
CA TRP A 7 -5.15 9.78 -0.13
C TRP A 7 -5.14 9.42 -1.61
N TYR A 8 -4.17 9.89 -2.34
CA TYR A 8 -4.12 9.58 -3.80
C TYR A 8 -2.84 8.77 -4.09
N ILE A 9 -2.71 8.26 -5.28
CA ILE A 9 -1.50 7.48 -5.63
C ILE A 9 -0.67 8.28 -6.64
N VAL A 10 0.47 8.77 -6.23
CA VAL A 10 1.32 9.55 -7.17
C VAL A 10 2.26 8.61 -7.91
N LEU A 11 2.51 8.88 -9.17
CA LEU A 11 3.42 8.00 -9.96
C LEU A 11 4.86 8.48 -9.80
N THR A 12 5.80 7.57 -9.71
CA THR A 12 7.22 7.97 -9.55
C THR A 12 8.12 6.86 -10.09
N MET A 13 9.40 6.95 -9.84
CA MET A 13 10.32 5.89 -10.33
C MET A 13 10.81 5.05 -9.16
N SER A 14 10.53 3.76 -9.18
CA SER A 14 10.97 2.89 -8.06
C SER A 14 12.40 3.25 -7.67
N GLY A 15 12.64 3.49 -6.41
CA GLY A 15 14.02 3.85 -5.95
C GLY A 15 14.05 5.34 -5.60
N TYR A 16 13.11 6.10 -6.08
CA TYR A 16 13.08 7.56 -5.77
C TYR A 16 11.91 7.86 -4.84
N GLU A 17 11.07 6.90 -4.57
CA GLU A 17 9.90 7.15 -3.68
C GLU A 17 10.36 7.95 -2.46
N GLU A 18 11.19 7.37 -1.63
CA GLU A 18 11.67 8.11 -0.43
C GLU A 18 12.03 9.55 -0.82
N LYS A 19 12.50 9.74 -2.02
CA LYS A 19 12.86 11.13 -2.45
C LYS A 19 11.58 11.88 -2.81
N VAL A 20 10.66 11.23 -3.47
CA VAL A 20 9.39 11.91 -3.85
C VAL A 20 8.68 12.40 -2.58
N LYS A 21 8.54 11.55 -1.61
CA LYS A 21 7.87 11.96 -0.34
C LYS A 21 8.64 13.12 0.28
N GLU A 22 9.94 13.04 0.29
CA GLU A 22 10.75 14.14 0.88
C GLU A 22 10.55 15.41 0.05
N ASN A 23 10.53 15.29 -1.25
CA ASN A 23 10.32 16.48 -2.10
C ASN A 23 9.01 17.17 -1.72
N ILE A 24 7.93 16.44 -1.68
CA ILE A 24 6.62 17.06 -1.31
C ILE A 24 6.79 17.86 -0.01
N GLU A 25 7.47 17.30 0.95
CA GLU A 25 7.67 18.02 2.24
C GLU A 25 8.29 19.39 1.97
N LYS A 26 9.28 19.47 1.13
CA LYS A 26 9.93 20.77 0.84
C LYS A 26 9.08 21.57 -0.16
N LYS A 27 8.44 20.90 -1.08
CA LYS A 27 7.60 21.63 -2.07
C LYS A 27 6.54 22.46 -1.33
N VAL A 28 6.05 21.96 -0.23
CA VAL A 28 5.02 22.70 0.55
C VAL A 28 5.70 23.74 1.44
N GLU A 29 6.92 23.49 1.82
CA GLU A 29 7.64 24.46 2.70
C GLU A 29 7.88 25.77 1.93
N ALA A 30 8.42 25.68 0.75
CA ALA A 30 8.69 26.91 -0.03
C ALA A 30 7.37 27.62 -0.35
N THR A 31 6.30 26.89 -0.44
CA THR A 31 4.99 27.52 -0.75
C THR A 31 4.31 27.97 0.54
N GLY A 32 4.80 27.52 1.66
CA GLY A 32 4.18 27.91 2.95
C GLY A 32 2.75 27.37 3.03
N ILE A 33 2.42 26.45 2.16
CA ILE A 33 1.04 25.88 2.16
C ILE A 33 1.02 24.60 3.00
N LYS A 34 0.84 24.72 4.28
CA LYS A 34 0.81 23.51 5.15
C LYS A 34 -0.61 22.95 5.17
N ASN A 35 -1.47 23.48 4.36
CA ASN A 35 -2.88 22.98 4.32
C ASN A 35 -3.14 22.28 2.99
N LEU A 36 -2.10 21.90 2.29
CA LEU A 36 -2.29 21.21 0.99
C LEU A 36 -1.85 19.75 1.11
N VAL A 37 -0.65 19.52 1.58
CA VAL A 37 -0.15 18.13 1.73
C VAL A 37 -0.36 17.66 3.17
N GLY A 38 -0.82 16.45 3.36
CA GLY A 38 -1.04 15.94 4.73
C GLY A 38 0.03 14.90 5.07
N ARG A 39 -0.38 13.72 5.45
CA ARG A 39 0.62 12.67 5.80
C ARG A 39 0.92 11.82 4.55
N ILE A 40 2.16 11.49 4.34
CA ILE A 40 2.52 10.66 3.16
C ILE A 40 2.83 9.24 3.62
N VAL A 41 2.35 8.25 2.90
CA VAL A 41 2.62 6.84 3.31
C VAL A 41 3.27 6.09 2.15
N ILE A 42 4.08 5.12 2.45
CA ILE A 42 4.75 4.35 1.37
C ILE A 42 4.52 2.85 1.58
N PRO A 43 4.00 2.16 0.56
CA PRO A 43 3.72 0.72 0.63
C PRO A 43 5.02 -0.11 0.69
N ILE A 44 6.15 0.54 0.61
CA ILE A 44 7.44 -0.20 0.66
C ILE A 44 7.73 -0.62 2.10
N ARG A 45 8.10 -1.85 2.30
CA ARG A 45 8.41 -2.33 3.68
C ARG A 45 9.72 -1.71 4.15
N GLY A 46 10.60 -1.40 3.24
CA GLY A 46 11.91 -0.80 3.64
C GLY A 46 12.76 -1.85 4.36
N GLY A 47 12.69 -3.08 3.94
CA GLY A 47 13.50 -4.15 4.59
C GLY A 47 14.05 -5.10 3.52
N GLN A 48 15.28 -5.51 3.68
CA GLN A 48 15.87 -6.45 2.68
C GLN A 48 15.57 -7.89 3.07
N ARG A 49 14.68 -8.08 4.01
CA ARG A 49 14.35 -9.47 4.44
C ARG A 49 13.90 -10.28 3.22
N ARG A 50 13.17 -9.68 2.32
CA ARG A 50 12.71 -10.42 1.12
C ARG A 50 13.54 -9.97 -0.10
N LYS A 51 13.67 -10.82 -1.08
CA LYS A 51 14.47 -10.45 -2.28
C LYS A 51 13.82 -9.26 -2.98
N SER A 52 12.54 -9.08 -2.79
CA SER A 52 11.84 -7.93 -3.44
C SER A 52 11.74 -6.76 -2.46
N GLU A 53 11.60 -5.56 -2.97
CA GLU A 53 11.49 -4.38 -2.07
C GLU A 53 10.38 -3.46 -2.57
N LYS A 54 9.69 -2.81 -1.67
CA LYS A 54 8.59 -1.90 -2.11
C LYS A 54 7.39 -2.74 -2.55
N LEU A 55 6.30 -2.71 -1.81
CA LEU A 55 5.11 -3.51 -2.21
C LEU A 55 4.55 -2.97 -3.52
N PHE A 56 4.77 -1.71 -3.80
CA PHE A 56 4.24 -1.12 -5.06
C PHE A 56 5.28 -0.15 -5.61
N PRO A 57 6.08 -0.62 -6.58
CA PRO A 57 7.13 0.18 -7.21
C PRO A 57 6.57 1.35 -8.02
N GLY A 58 7.13 2.51 -7.85
CA GLY A 58 6.65 3.70 -8.61
C GLY A 58 5.33 4.21 -8.02
N TYR A 59 4.70 3.45 -7.17
CA TYR A 59 3.40 3.92 -6.60
C TYR A 59 3.62 4.48 -5.18
N VAL A 60 3.10 5.65 -4.92
CA VAL A 60 3.26 6.24 -3.56
C VAL A 60 1.91 6.82 -3.11
N PHE A 61 1.64 6.81 -1.84
CA PHE A 61 0.33 7.34 -1.36
C PHE A 61 0.54 8.65 -0.59
N VAL A 62 -0.11 9.70 -1.01
CA VAL A 62 0.06 11.01 -0.30
C VAL A 62 -1.31 11.59 0.02
N GLU A 63 -1.45 12.22 1.16
CA GLU A 63 -2.75 12.83 1.54
C GLU A 63 -2.71 14.33 1.25
N MET A 64 -3.64 14.83 0.49
CA MET A 64 -3.63 16.29 0.19
C MET A 64 -4.98 16.72 -0.39
N ILE A 65 -5.09 17.96 -0.79
CA ILE A 65 -6.37 18.45 -1.38
C ILE A 65 -6.23 18.54 -2.90
N MET A 66 -7.14 17.95 -3.61
CA MET A 66 -7.06 17.99 -5.10
C MET A 66 -7.81 19.21 -5.64
N ASN A 67 -7.11 20.25 -6.00
CA ASN A 67 -7.79 21.46 -6.53
C ASN A 67 -7.00 21.99 -7.73
N ASP A 68 -7.24 23.21 -8.12
CA ASP A 68 -6.50 23.77 -9.29
C ASP A 68 -5.06 24.12 -8.90
N GLU A 69 -4.88 24.83 -7.82
CA GLU A 69 -3.51 25.19 -7.39
C GLU A 69 -2.73 23.93 -7.01
N ALA A 70 -3.27 23.15 -6.12
CA ALA A 70 -2.56 21.90 -5.70
C ALA A 70 -2.20 21.07 -6.94
N TYR A 71 -3.06 21.03 -7.92
CA TYR A 71 -2.77 20.25 -9.14
C TYR A 71 -1.50 20.79 -9.82
N ASN A 72 -1.42 22.07 -10.04
CA ASN A 72 -0.21 22.65 -10.69
C ASN A 72 1.01 22.48 -9.80
N PHE A 73 0.83 22.44 -8.51
CA PHE A 73 2.01 22.28 -7.60
C PHE A 73 2.40 20.81 -7.50
N VAL A 74 1.45 19.94 -7.38
CA VAL A 74 1.78 18.48 -7.27
C VAL A 74 2.41 18.00 -8.58
N ARG A 75 1.71 18.16 -9.67
CA ARG A 75 2.25 17.70 -10.98
C ARG A 75 3.64 18.32 -11.21
N SER A 76 3.81 19.57 -10.87
CA SER A 76 5.12 20.23 -11.08
C SER A 76 6.12 19.77 -10.02
N VAL A 77 5.74 18.86 -9.17
CA VAL A 77 6.69 18.37 -8.12
C VAL A 77 7.75 17.50 -8.79
N PRO A 78 9.03 17.79 -8.49
CA PRO A 78 10.17 17.06 -9.08
C PRO A 78 10.22 15.59 -8.61
N TYR A 79 10.40 14.68 -9.54
CA TYR A 79 10.47 13.23 -9.21
C TYR A 79 9.09 12.59 -9.40
N VAL A 80 8.07 13.37 -9.62
CA VAL A 80 6.71 12.77 -9.80
C VAL A 80 6.40 12.69 -11.30
N MET A 81 5.90 11.56 -11.74
CA MET A 81 5.57 11.41 -13.19
C MET A 81 4.11 11.78 -13.41
N GLY A 82 3.32 11.78 -12.37
CA GLY A 82 1.88 12.13 -12.52
C GLY A 82 1.06 11.40 -11.47
N PHE A 83 -0.20 11.16 -11.73
CA PHE A 83 -1.05 10.44 -10.75
C PHE A 83 -1.92 9.42 -11.46
N VAL A 84 -2.24 8.33 -10.81
CA VAL A 84 -3.09 7.29 -11.45
C VAL A 84 -4.54 7.78 -11.50
N SER A 85 -5.16 7.72 -12.65
CA SER A 85 -6.57 8.18 -12.75
C SER A 85 -7.20 7.63 -14.03
N SER A 86 -8.50 7.70 -14.14
CA SER A 86 -9.17 7.19 -15.37
C SER A 86 -9.35 8.34 -16.36
N GLY A 87 -9.52 9.54 -15.87
CA GLY A 87 -9.69 10.71 -16.78
C GLY A 87 -8.71 11.80 -16.38
N GLY A 88 -9.09 12.66 -15.48
CA GLY A 88 -8.17 13.75 -15.05
C GLY A 88 -7.55 13.41 -13.70
N GLN A 89 -7.50 14.36 -12.79
CA GLN A 89 -6.91 14.10 -11.45
C GLN A 89 -7.17 12.65 -11.03
N PRO A 90 -6.29 12.11 -10.16
CA PRO A 90 -6.39 10.73 -9.68
C PRO A 90 -7.62 10.53 -8.79
N VAL A 91 -8.16 9.34 -8.75
CA VAL A 91 -9.34 9.08 -7.89
C VAL A 91 -8.88 8.77 -6.47
N PRO A 92 -9.75 9.01 -5.48
CA PRO A 92 -9.44 8.76 -4.07
C PRO A 92 -9.36 7.26 -3.77
N VAL A 93 -8.42 6.86 -2.94
CA VAL A 93 -8.30 5.41 -2.60
C VAL A 93 -9.47 4.99 -1.72
N LYS A 94 -9.99 3.82 -1.93
CA LYS A 94 -11.13 3.35 -1.08
C LYS A 94 -10.61 2.94 0.30
N ASP A 95 -11.23 3.43 1.34
CA ASP A 95 -10.78 3.07 2.71
C ASP A 95 -10.53 1.57 2.78
N ARG A 96 -11.36 0.78 2.16
CA ARG A 96 -11.16 -0.69 2.19
C ARG A 96 -9.81 -1.05 1.57
N GLU A 97 -9.31 -0.20 0.71
CA GLU A 97 -7.99 -0.49 0.07
C GLU A 97 -6.86 0.09 0.94
N MET A 98 -7.15 1.10 1.70
CA MET A 98 -6.09 1.71 2.57
C MET A 98 -5.96 0.89 3.85
N ARG A 99 -7.04 0.30 4.30
CA ARG A 99 -6.98 -0.50 5.56
C ARG A 99 -5.67 -1.29 5.61
N PRO A 100 -5.35 -2.03 4.53
CA PRO A 100 -4.12 -2.83 4.47
C PRO A 100 -2.87 -1.95 4.38
N ILE A 101 -3.00 -0.77 3.83
CA ILE A 101 -1.82 0.13 3.72
C ILE A 101 -1.60 0.86 5.05
N LEU A 102 -2.66 1.31 5.67
CA LEU A 102 -2.53 2.01 6.97
C LEU A 102 -2.05 1.01 8.03
N ARG A 103 -2.57 -0.18 8.00
CA ARG A 103 -2.14 -1.20 9.00
C ARG A 103 -0.65 -1.50 8.81
N LEU A 104 -0.26 -1.76 7.59
CA LEU A 104 1.18 -2.05 7.33
C LEU A 104 1.98 -0.75 7.45
N ALA A 105 1.40 0.34 7.03
CA ALA A 105 2.12 1.64 7.11
C ALA A 105 2.17 2.12 8.57
N GLY A 106 1.55 1.39 9.47
CA GLY A 106 1.57 1.82 10.90
C GLY A 106 0.60 2.98 11.10
N LEU A 107 -0.28 3.21 10.16
CA LEU A 107 -1.25 4.32 10.30
C LEU A 107 -2.43 3.86 11.16
N GLU A 108 -2.68 2.58 11.22
CA GLU A 108 -3.81 2.07 12.05
C GLU A 108 -3.28 1.50 13.36
N GLU A 109 -3.95 1.76 14.44
CA GLU A 109 -3.49 1.22 15.75
C GLU A 109 -4.17 -0.12 16.03
N TYR A 110 -3.45 -1.20 15.92
CA TYR A 110 -4.07 -2.54 16.17
C TYR A 110 -3.04 -3.44 16.85
N GLU A 111 -3.50 -4.41 17.60
CA GLU A 111 -2.55 -5.34 18.28
C GLU A 111 -2.32 -6.57 17.41
N GLU A 112 -2.07 -7.70 18.01
CA GLU A 112 -1.85 -8.93 17.20
C GLU A 112 -3.13 -9.75 17.14
N LYS A 113 -3.35 -10.46 16.06
CA LYS A 113 -4.60 -11.27 15.93
C LYS A 113 -4.96 -11.88 17.29
N LYS A 114 -6.16 -11.68 17.74
CA LYS A 114 -6.57 -12.24 19.06
C LYS A 114 -6.92 -13.72 18.89
N LYS A 115 -7.63 -14.06 17.85
CA LYS A 115 -7.99 -15.48 17.63
C LYS A 115 -7.12 -16.07 16.51
N PRO A 116 -6.18 -16.94 16.87
CA PRO A 116 -5.27 -17.59 15.91
C PRO A 116 -6.00 -18.60 15.02
N VAL A 117 -5.78 -18.54 13.74
CA VAL A 117 -6.47 -19.49 12.83
C VAL A 117 -5.45 -20.53 12.33
N LYS A 118 -5.84 -21.78 12.29
CA LYS A 118 -4.91 -22.83 11.82
C LYS A 118 -5.08 -23.03 10.31
N VAL A 119 -4.01 -23.19 9.59
CA VAL A 119 -4.12 -23.38 8.11
C VAL A 119 -5.19 -24.44 7.81
N GLU A 120 -5.87 -24.31 6.71
CA GLU A 120 -6.92 -25.30 6.36
C GLU A 120 -6.26 -26.63 5.97
N LEU A 121 -4.97 -26.62 5.75
CA LEU A 121 -4.26 -27.88 5.38
C LEU A 121 -4.47 -28.18 3.89
N GLY A 122 -3.67 -29.04 3.34
CA GLY A 122 -3.81 -29.40 1.89
C GLY A 122 -3.93 -28.13 1.04
N PHE A 123 -2.91 -27.33 0.98
CA PHE A 123 -2.96 -26.10 0.15
C PHE A 123 -2.22 -26.36 -1.17
N LYS A 124 -2.70 -25.84 -2.26
CA LYS A 124 -2.02 -26.09 -3.56
C LYS A 124 -1.68 -24.76 -4.24
N VAL A 125 -0.66 -24.75 -5.08
CA VAL A 125 -0.28 -23.49 -5.78
C VAL A 125 -1.41 -23.07 -6.70
N GLY A 126 -1.67 -21.79 -6.81
CA GLY A 126 -2.77 -21.32 -7.69
C GLY A 126 -4.07 -21.30 -6.90
N ASP A 127 -4.22 -22.19 -5.96
CA ASP A 127 -5.47 -22.23 -5.15
C ASP A 127 -5.77 -20.82 -4.63
N MET A 128 -6.99 -20.56 -4.28
CA MET A 128 -7.35 -19.21 -3.76
C MET A 128 -7.37 -19.26 -2.23
N VAL A 129 -6.67 -18.37 -1.59
CA VAL A 129 -6.65 -18.37 -0.10
C VAL A 129 -6.99 -16.97 0.41
N LYS A 130 -7.71 -16.90 1.49
CA LYS A 130 -8.07 -15.57 2.05
C LYS A 130 -7.14 -15.26 3.23
N ILE A 131 -6.69 -14.04 3.34
CA ILE A 131 -5.79 -13.70 4.47
C ILE A 131 -6.64 -13.50 5.71
N ILE A 132 -6.11 -13.72 6.88
CA ILE A 132 -6.93 -13.52 8.11
C ILE A 132 -6.02 -13.08 9.27
N SER A 133 -4.75 -12.90 9.02
CA SER A 133 -3.84 -12.46 10.11
C SER A 133 -2.72 -11.57 9.56
N GLY A 134 -2.32 -10.59 10.32
CA GLY A 134 -1.24 -9.69 9.86
C GLY A 134 -1.84 -8.35 9.41
N PRO A 135 -1.03 -7.53 8.73
CA PRO A 135 -1.45 -6.21 8.22
C PRO A 135 -2.49 -6.32 7.11
N PHE A 136 -2.57 -7.44 6.45
CA PHE A 136 -3.58 -7.58 5.36
C PHE A 136 -4.70 -8.51 5.82
N GLU A 137 -4.84 -8.68 7.11
CA GLU A 137 -5.91 -9.57 7.63
C GLU A 137 -7.23 -9.30 6.87
N ASP A 138 -7.96 -10.34 6.56
CA ASP A 138 -9.26 -10.16 5.84
C ASP A 138 -9.02 -9.77 4.38
N PHE A 139 -7.94 -10.23 3.79
CA PHE A 139 -7.68 -9.87 2.36
C PHE A 139 -7.69 -11.15 1.52
N ALA A 140 -8.45 -11.17 0.45
CA ALA A 140 -8.48 -12.38 -0.42
C ALA A 140 -7.19 -12.47 -1.23
N GLY A 141 -6.59 -13.63 -1.28
CA GLY A 141 -5.32 -13.77 -2.05
C GLY A 141 -5.25 -15.14 -2.72
N VAL A 142 -4.30 -15.31 -3.60
CA VAL A 142 -4.17 -16.62 -4.30
C VAL A 142 -2.81 -17.23 -3.98
N ILE A 143 -2.75 -18.51 -3.71
CA ILE A 143 -1.45 -19.15 -3.39
C ILE A 143 -0.57 -19.20 -4.64
N LYS A 144 0.53 -18.51 -4.63
CA LYS A 144 1.42 -18.52 -5.84
C LYS A 144 2.56 -19.52 -5.61
N GLU A 145 3.02 -19.65 -4.39
CA GLU A 145 4.14 -20.60 -4.13
C GLU A 145 4.08 -21.06 -2.67
N ILE A 146 4.53 -22.26 -2.40
CA ILE A 146 4.51 -22.77 -1.00
C ILE A 146 5.91 -23.24 -0.60
N ASP A 147 6.41 -22.78 0.51
CA ASP A 147 7.77 -23.20 0.94
C ASP A 147 7.66 -24.08 2.18
N PRO A 148 7.79 -25.41 1.99
CA PRO A 148 7.70 -26.37 3.10
C PRO A 148 8.93 -26.30 4.01
N GLU A 149 8.90 -27.00 5.11
CA GLU A 149 10.07 -26.97 6.06
C GLU A 149 9.99 -25.72 6.92
N ARG A 150 9.28 -24.71 6.49
CA ARG A 150 9.18 -23.46 7.30
C ARG A 150 7.71 -23.08 7.49
N GLN A 151 6.83 -23.68 6.73
CA GLN A 151 5.38 -23.37 6.86
C GLN A 151 5.11 -21.95 6.33
N GLU A 152 5.60 -21.64 5.16
CA GLU A 152 5.35 -20.28 4.59
C GLU A 152 4.55 -20.42 3.30
N LEU A 153 3.63 -19.52 3.06
CA LEU A 153 2.83 -19.62 1.80
C LEU A 153 2.80 -18.27 1.08
N LYS A 154 3.40 -18.20 -0.07
CA LYS A 154 3.40 -16.93 -0.84
C LYS A 154 2.04 -16.77 -1.53
N VAL A 155 1.39 -15.65 -1.36
CA VAL A 155 0.06 -15.46 -2.00
C VAL A 155 0.07 -14.19 -2.86
N ASN A 156 -0.63 -14.21 -3.95
CA ASN A 156 -0.67 -13.01 -4.84
C ASN A 156 -1.94 -12.20 -4.55
N VAL A 157 -1.79 -11.04 -3.98
CA VAL A 157 -2.98 -10.20 -3.66
C VAL A 157 -3.20 -9.20 -4.80
N THR A 158 -4.45 -8.94 -5.13
CA THR A 158 -4.74 -7.98 -6.23
C THR A 158 -5.12 -6.63 -5.64
N ILE A 159 -4.20 -5.70 -5.60
CA ILE A 159 -4.52 -4.35 -5.03
C ILE A 159 -4.21 -3.28 -6.08
N PHE A 160 -4.97 -2.22 -6.10
CA PHE A 160 -4.71 -1.14 -7.11
C PHE A 160 -4.90 -1.71 -8.51
N GLY A 161 -5.87 -2.57 -8.69
CA GLY A 161 -6.12 -3.16 -10.03
C GLY A 161 -4.84 -3.84 -10.53
N ARG A 162 -3.90 -4.11 -9.67
CA ARG A 162 -2.64 -4.76 -10.10
C ARG A 162 -2.40 -6.03 -9.28
N GLU A 163 -1.61 -6.94 -9.78
CA GLU A 163 -1.34 -8.19 -9.02
C GLU A 163 0.02 -8.09 -8.33
N THR A 164 0.07 -8.35 -7.06
CA THR A 164 1.37 -8.27 -6.33
C THR A 164 1.49 -9.44 -5.35
N PRO A 165 2.58 -10.21 -5.44
CA PRO A 165 2.83 -11.36 -4.55
C PRO A 165 3.18 -10.91 -3.14
N VAL A 166 2.60 -11.52 -2.14
CA VAL A 166 2.90 -11.11 -0.74
C VAL A 166 3.54 -12.27 0.02
N VAL A 167 4.16 -11.98 1.14
CA VAL A 167 4.81 -13.06 1.94
C VAL A 167 4.12 -13.15 3.31
N LEU A 168 3.50 -14.27 3.60
CA LEU A 168 2.81 -14.40 4.91
C LEU A 168 2.95 -15.81 5.46
N HIS A 169 2.58 -15.98 6.70
CA HIS A 169 2.66 -17.33 7.35
C HIS A 169 1.48 -18.18 6.89
N VAL A 170 1.69 -19.45 6.71
CA VAL A 170 0.56 -20.33 6.27
C VAL A 170 -0.57 -20.23 7.30
N SER A 171 -0.23 -20.10 8.55
CA SER A 171 -1.28 -19.99 9.60
C SER A 171 -1.88 -18.58 9.58
N GLU A 172 -1.31 -17.69 8.79
CA GLU A 172 -1.85 -16.31 8.73
C GLU A 172 -2.92 -16.23 7.65
N VAL A 173 -3.18 -17.32 6.97
CA VAL A 173 -4.21 -17.30 5.90
C VAL A 173 -4.96 -18.63 5.90
N GLU A 174 -5.98 -18.76 5.10
CA GLU A 174 -6.74 -20.05 5.05
C GLU A 174 -7.09 -20.37 3.59
N LYS A 175 -7.55 -21.56 3.32
CA LYS A 175 -7.91 -21.91 1.92
C LYS A 175 -9.37 -21.55 1.66
N ILE A 176 -9.96 -20.76 2.52
CA ILE A 176 -11.38 -20.37 2.32
C ILE A 176 -12.24 -21.62 2.15
N GLU A 177 -12.39 -22.10 0.96
CA GLU A 177 -13.22 -23.32 0.74
C GLU A 177 -12.56 -24.51 1.44
N GLY A 1 -14.79 18.26 1.14
CA GLY A 1 -14.32 19.67 1.22
C GLY A 1 -12.82 19.69 1.56
N ALA A 2 -12.26 20.86 1.68
CA ALA A 2 -10.80 20.94 2.02
C ALA A 2 -10.57 20.35 3.40
N MET A 3 -11.54 20.43 4.27
CA MET A 3 -11.37 19.87 5.64
C MET A 3 -11.21 18.34 5.55
N LYS A 4 -11.66 17.76 4.47
CA LYS A 4 -11.53 16.28 4.32
C LYS A 4 -10.43 15.96 3.30
N LYS A 5 -9.42 15.25 3.72
CA LYS A 5 -8.32 14.91 2.77
C LYS A 5 -8.42 13.44 2.38
N LYS A 6 -7.82 13.07 1.29
CA LYS A 6 -7.88 11.64 0.84
C LYS A 6 -6.48 11.17 0.48
N TRP A 7 -6.33 9.90 0.14
CA TRP A 7 -4.98 9.39 -0.23
C TRP A 7 -4.98 9.02 -1.72
N TYR A 8 -4.08 9.58 -2.48
CA TYR A 8 -4.02 9.26 -3.94
C TYR A 8 -2.73 8.50 -4.23
N ILE A 9 -2.51 8.13 -5.47
CA ILE A 9 -1.27 7.39 -5.82
C ILE A 9 -0.47 8.19 -6.85
N VAL A 10 0.62 8.78 -6.44
CA VAL A 10 1.44 9.58 -7.39
C VAL A 10 2.41 8.66 -8.13
N LEU A 11 2.67 8.93 -9.38
CA LEU A 11 3.61 8.07 -10.15
C LEU A 11 5.02 8.67 -10.10
N THR A 12 6.03 7.84 -10.05
CA THR A 12 7.42 8.36 -10.01
C THR A 12 8.36 7.34 -10.65
N MET A 13 9.63 7.51 -10.49
CA MET A 13 10.60 6.55 -11.09
C MET A 13 11.21 5.69 -9.98
N SER A 14 11.30 4.40 -10.20
CA SER A 14 11.89 3.52 -9.15
C SER A 14 13.27 4.02 -8.77
N GLY A 15 13.49 4.30 -7.51
CA GLY A 15 14.83 4.79 -7.07
C GLY A 15 14.73 6.28 -6.72
N TYR A 16 13.71 6.95 -7.19
CA TYR A 16 13.56 8.40 -6.88
C TYR A 16 12.41 8.59 -5.91
N GLU A 17 11.61 7.58 -5.69
CA GLU A 17 10.47 7.71 -4.75
C GLU A 17 10.94 8.40 -3.47
N GLU A 18 11.86 7.80 -2.77
CA GLU A 18 12.36 8.41 -1.51
C GLU A 18 12.69 9.88 -1.77
N LYS A 19 13.21 10.20 -2.93
CA LYS A 19 13.55 11.61 -3.24
C LYS A 19 12.26 12.41 -3.45
N VAL A 20 11.34 11.88 -4.19
CA VAL A 20 10.06 12.60 -4.43
C VAL A 20 9.39 12.90 -3.08
N LYS A 21 9.30 11.93 -2.21
CA LYS A 21 8.67 12.16 -0.88
C LYS A 21 9.36 13.32 -0.18
N GLU A 22 10.67 13.27 -0.08
CA GLU A 22 11.40 14.37 0.60
C GLU A 22 11.19 15.68 -0.17
N ASN A 23 11.09 15.59 -1.47
CA ASN A 23 10.88 16.82 -2.28
C ASN A 23 9.52 17.42 -1.96
N ILE A 24 8.51 16.61 -1.81
CA ILE A 24 7.16 17.14 -1.49
C ILE A 24 7.21 17.89 -0.16
N GLU A 25 7.84 17.32 0.83
CA GLU A 25 7.93 18.00 2.16
C GLU A 25 8.53 19.40 1.98
N LYS A 26 9.61 19.50 1.26
CA LYS A 26 10.23 20.84 1.05
C LYS A 26 9.32 21.69 0.15
N LYS A 27 8.67 21.07 -0.79
CA LYS A 27 7.77 21.84 -1.70
C LYS A 27 6.73 22.59 -0.87
N VAL A 28 6.27 21.99 0.20
CA VAL A 28 5.24 22.67 1.05
C VAL A 28 5.93 23.68 1.97
N GLU A 29 7.18 23.45 2.29
CA GLU A 29 7.89 24.40 3.20
C GLU A 29 8.16 25.71 2.46
N ALA A 30 8.83 25.65 1.34
CA ALA A 30 9.12 26.90 0.58
C ALA A 30 7.81 27.64 0.28
N THR A 31 6.72 26.93 0.21
CA THR A 31 5.42 27.59 -0.08
C THR A 31 4.66 27.84 1.23
N GLY A 32 4.88 27.01 2.22
CA GLY A 32 4.18 27.20 3.52
C GLY A 32 2.74 26.70 3.39
N ILE A 33 2.48 25.85 2.43
CA ILE A 33 1.09 25.34 2.25
C ILE A 33 0.93 24.06 3.08
N LYS A 34 0.41 24.17 4.27
CA LYS A 34 0.22 22.96 5.12
C LYS A 34 -1.23 22.48 5.01
N ASN A 35 -2.00 23.11 4.16
CA ASN A 35 -3.42 22.68 4.00
C ASN A 35 -3.61 22.02 2.64
N LEU A 36 -2.54 21.68 1.98
CA LEU A 36 -2.66 21.04 0.65
C LEU A 36 -2.08 19.62 0.73
N VAL A 37 -0.86 19.50 1.18
CA VAL A 37 -0.24 18.14 1.29
C VAL A 37 -0.35 17.65 2.73
N GLY A 38 -0.84 16.45 2.93
CA GLY A 38 -0.97 15.92 4.32
C GLY A 38 0.22 14.99 4.62
N ARG A 39 -0.07 13.78 5.01
CA ARG A 39 1.03 12.82 5.32
C ARG A 39 1.30 11.94 4.10
N ILE A 40 2.54 11.62 3.85
CA ILE A 40 2.87 10.77 2.68
C ILE A 40 3.14 9.34 3.17
N VAL A 41 2.64 8.36 2.46
CA VAL A 41 2.88 6.95 2.87
C VAL A 41 3.47 6.16 1.71
N ILE A 42 4.46 5.34 1.97
CA ILE A 42 5.07 4.56 0.87
C ILE A 42 5.10 3.08 1.23
N PRO A 43 4.58 2.22 0.34
CA PRO A 43 4.54 0.76 0.56
C PRO A 43 5.94 0.16 0.55
N ILE A 44 6.94 0.96 0.27
CA ILE A 44 8.33 0.43 0.25
C ILE A 44 8.84 0.23 1.67
N ARG A 45 8.07 0.64 2.65
CA ARG A 45 8.51 0.47 4.06
C ARG A 45 9.08 -0.94 4.25
N GLY A 46 8.55 -1.91 3.55
CA GLY A 46 9.07 -3.30 3.69
C GLY A 46 8.58 -3.89 5.02
N GLY A 47 9.28 -4.87 5.53
CA GLY A 47 8.85 -5.48 6.81
C GLY A 47 10.01 -6.31 7.39
N GLN A 48 9.70 -7.26 8.24
CA GLN A 48 10.77 -8.09 8.83
C GLN A 48 11.64 -8.68 7.72
N ARG A 49 11.06 -8.91 6.57
CA ARG A 49 11.85 -9.48 5.44
C ARG A 49 13.12 -8.64 5.23
N ARG A 50 14.14 -9.24 4.69
CA ARG A 50 15.41 -8.48 4.46
C ARG A 50 15.83 -8.63 2.99
N LYS A 51 16.67 -7.74 2.52
CA LYS A 51 17.12 -7.83 1.10
C LYS A 51 15.91 -7.66 0.17
N SER A 52 14.91 -6.94 0.60
CA SER A 52 13.71 -6.75 -0.26
C SER A 52 12.91 -5.55 0.25
N GLU A 53 12.64 -4.60 -0.60
CA GLU A 53 11.86 -3.41 -0.18
C GLU A 53 11.09 -2.84 -1.36
N LYS A 54 10.19 -1.92 -1.11
CA LYS A 54 9.39 -1.32 -2.22
C LYS A 54 8.33 -2.32 -2.68
N LEU A 55 7.22 -2.38 -2.00
CA LEU A 55 6.15 -3.33 -2.41
C LEU A 55 5.50 -2.83 -3.70
N PHE A 56 5.61 -1.58 -3.99
CA PHE A 56 5.01 -1.03 -5.24
C PHE A 56 5.93 0.06 -5.80
N PRO A 57 6.82 -0.34 -6.71
CA PRO A 57 7.78 0.59 -7.33
C PRO A 57 7.09 1.67 -8.16
N GLY A 58 7.52 2.89 -8.03
CA GLY A 58 6.91 3.99 -8.81
C GLY A 58 5.58 4.43 -8.19
N TYR A 59 4.96 3.59 -7.39
CA TYR A 59 3.66 3.98 -6.79
C TYR A 59 3.85 4.55 -5.38
N VAL A 60 3.33 5.72 -5.12
CA VAL A 60 3.46 6.32 -3.77
C VAL A 60 2.11 6.90 -3.35
N PHE A 61 1.82 6.94 -2.08
CA PHE A 61 0.49 7.46 -1.63
C PHE A 61 0.67 8.82 -0.97
N VAL A 62 0.00 9.83 -1.47
CA VAL A 62 0.11 11.18 -0.87
C VAL A 62 -1.26 11.69 -0.43
N GLU A 63 -1.39 12.11 0.80
CA GLU A 63 -2.70 12.62 1.29
C GLU A 63 -2.80 14.11 1.03
N MET A 64 -3.79 14.55 0.29
CA MET A 64 -3.91 16.01 0.01
C MET A 64 -5.36 16.38 -0.27
N ILE A 65 -5.62 17.65 -0.42
CA ILE A 65 -7.01 18.12 -0.71
C ILE A 65 -7.15 18.41 -2.20
N MET A 66 -8.21 17.97 -2.82
CA MET A 66 -8.37 18.20 -4.28
C MET A 66 -8.86 19.62 -4.56
N ASN A 67 -8.36 20.19 -5.63
CA ASN A 67 -8.79 21.56 -6.01
C ASN A 67 -7.89 22.05 -7.17
N ASP A 68 -8.04 23.28 -7.57
CA ASP A 68 -7.21 23.80 -8.69
C ASP A 68 -5.79 24.10 -8.20
N GLU A 69 -5.66 24.70 -7.05
CA GLU A 69 -4.31 25.02 -6.52
C GLU A 69 -3.54 23.74 -6.19
N ALA A 70 -4.22 22.70 -5.80
CA ALA A 70 -3.49 21.43 -5.47
C ALA A 70 -3.09 20.72 -6.76
N TYR A 71 -3.96 20.70 -7.73
CA TYR A 71 -3.62 20.01 -9.01
C TYR A 71 -2.36 20.63 -9.61
N ASN A 72 -2.33 21.93 -9.75
CA ASN A 72 -1.13 22.59 -10.34
C ASN A 72 0.07 22.51 -9.38
N PHE A 73 -0.17 22.43 -8.10
CA PHE A 73 0.97 22.35 -7.14
C PHE A 73 1.56 20.94 -7.12
N VAL A 74 0.72 19.94 -7.15
CA VAL A 74 1.24 18.55 -7.12
C VAL A 74 1.99 18.27 -8.42
N ARG A 75 1.38 18.53 -9.54
CA ARG A 75 2.05 18.29 -10.84
C ARG A 75 3.23 19.26 -11.02
N SER A 76 3.44 20.13 -10.07
CA SER A 76 4.57 21.11 -10.19
C SER A 76 5.76 20.64 -9.35
N VAL A 77 5.62 19.59 -8.60
CA VAL A 77 6.75 19.12 -7.75
C VAL A 77 7.72 18.31 -8.63
N PRO A 78 9.03 18.53 -8.43
CA PRO A 78 10.07 17.84 -9.20
C PRO A 78 10.10 16.34 -8.92
N TYR A 79 10.32 15.56 -9.94
CA TYR A 79 10.36 14.07 -9.76
C TYR A 79 8.95 13.49 -9.93
N VAL A 80 7.94 14.33 -9.94
CA VAL A 80 6.56 13.80 -10.11
C VAL A 80 6.28 13.55 -11.59
N MET A 81 6.01 12.33 -11.96
CA MET A 81 5.72 12.02 -13.38
C MET A 81 4.24 12.21 -13.67
N GLY A 82 3.40 12.05 -12.67
CA GLY A 82 1.94 12.22 -12.87
C GLY A 82 1.18 11.46 -11.80
N PHE A 83 -0.06 11.12 -12.04
CA PHE A 83 -0.85 10.38 -11.03
C PHE A 83 -1.69 9.30 -11.72
N VAL A 84 -2.08 8.28 -11.01
CA VAL A 84 -2.91 7.21 -11.63
C VAL A 84 -4.39 7.57 -11.49
N SER A 85 -5.07 7.72 -12.60
CA SER A 85 -6.52 8.08 -12.53
C SER A 85 -7.22 7.65 -13.82
N SER A 86 -8.52 7.64 -13.83
CA SER A 86 -9.26 7.25 -15.05
C SER A 86 -9.45 8.46 -15.95
N GLY A 87 -9.54 9.63 -15.37
CA GLY A 87 -9.73 10.86 -16.21
C GLY A 87 -8.64 11.88 -15.86
N GLY A 88 -8.97 12.88 -15.10
CA GLY A 88 -7.95 13.91 -14.73
C GLY A 88 -7.42 13.61 -13.33
N GLN A 89 -7.50 14.57 -12.44
CA GLN A 89 -7.00 14.36 -11.04
C GLN A 89 -7.11 12.89 -10.66
N PRO A 90 -6.16 12.41 -9.85
CA PRO A 90 -6.14 11.00 -9.40
C PRO A 90 -7.29 10.69 -8.44
N VAL A 91 -7.70 9.46 -8.38
CA VAL A 91 -8.81 9.09 -7.46
C VAL A 91 -8.24 8.70 -6.10
N PRO A 92 -9.01 8.94 -5.02
CA PRO A 92 -8.58 8.61 -3.65
C PRO A 92 -8.52 7.10 -3.42
N VAL A 93 -7.68 6.66 -2.53
CA VAL A 93 -7.58 5.20 -2.25
C VAL A 93 -8.73 4.79 -1.33
N LYS A 94 -9.30 3.63 -1.56
CA LYS A 94 -10.43 3.17 -0.69
C LYS A 94 -9.86 2.62 0.62
N ASP A 95 -10.37 3.06 1.73
CA ASP A 95 -9.87 2.55 3.04
C ASP A 95 -9.65 1.04 2.95
N ARG A 96 -10.57 0.34 2.34
CA ARG A 96 -10.42 -1.14 2.22
C ARG A 96 -9.09 -1.46 1.54
N GLU A 97 -8.63 -0.59 0.68
CA GLU A 97 -7.34 -0.85 -0.02
C GLU A 97 -6.17 -0.32 0.82
N MET A 98 -6.42 0.70 1.60
CA MET A 98 -5.33 1.26 2.45
C MET A 98 -5.20 0.43 3.73
N ARG A 99 -6.25 -0.22 4.14
CA ARG A 99 -6.20 -1.05 5.38
C ARG A 99 -4.82 -1.70 5.51
N PRO A 100 -4.39 -2.43 4.47
CA PRO A 100 -3.08 -3.11 4.47
C PRO A 100 -1.91 -2.11 4.39
N ILE A 101 -2.13 -0.98 3.80
CA ILE A 101 -1.02 0.02 3.69
C ILE A 101 -0.88 0.78 5.01
N LEU A 102 -1.98 1.17 5.61
CA LEU A 102 -1.91 1.91 6.90
C LEU A 102 -1.37 0.98 7.99
N ARG A 103 -1.80 -0.25 8.00
CA ARG A 103 -1.31 -1.20 9.04
C ARG A 103 0.19 -1.43 8.83
N LEU A 104 0.60 -1.74 7.63
CA LEU A 104 2.05 -1.96 7.37
C LEU A 104 2.79 -0.62 7.42
N ALA A 105 2.17 0.41 6.93
CA ALA A 105 2.83 1.75 6.94
C ALA A 105 2.90 2.28 8.38
N GLY A 106 2.38 1.54 9.33
CA GLY A 106 2.43 2.02 10.74
C GLY A 106 1.37 3.10 10.96
N LEU A 107 0.51 3.31 10.00
CA LEU A 107 -0.54 4.34 10.15
C LEU A 107 -1.67 3.81 11.03
N GLU A 108 -1.79 2.51 11.14
CA GLU A 108 -2.87 1.93 11.99
C GLU A 108 -2.25 0.98 13.02
N GLU A 109 -2.67 1.07 14.25
CA GLU A 109 -2.12 0.19 15.30
C GLU A 109 -3.23 -0.64 15.92
N TYR A 110 -3.27 -1.92 15.64
CA TYR A 110 -4.34 -2.77 16.21
C TYR A 110 -3.74 -4.12 16.65
N GLU A 111 -4.45 -4.87 17.44
CA GLU A 111 -3.92 -6.18 17.91
C GLU A 111 -3.70 -7.09 16.70
N GLU A 112 -3.99 -8.37 16.86
CA GLU A 112 -3.79 -9.31 15.72
C GLU A 112 -4.60 -10.59 15.98
N LYS A 113 -4.67 -11.46 15.01
CA LYS A 113 -5.44 -12.72 15.20
C LYS A 113 -4.73 -13.60 16.23
N LYS A 114 -3.49 -13.92 15.99
CA LYS A 114 -2.74 -14.78 16.95
C LYS A 114 -3.57 -16.04 17.26
N LYS A 115 -4.45 -16.40 16.38
CA LYS A 115 -5.29 -17.61 16.63
C LYS A 115 -4.73 -18.79 15.83
N PRO A 116 -4.04 -19.72 16.50
CA PRO A 116 -3.46 -20.90 15.86
C PRO A 116 -4.54 -21.89 15.41
N VAL A 117 -4.64 -22.15 14.13
CA VAL A 117 -5.66 -23.10 13.63
C VAL A 117 -5.00 -24.12 12.71
N LYS A 118 -5.24 -25.39 12.93
CA LYS A 118 -4.62 -26.43 12.07
C LYS A 118 -5.18 -26.31 10.65
N VAL A 119 -4.37 -26.61 9.66
CA VAL A 119 -4.86 -26.52 8.26
C VAL A 119 -4.91 -27.92 7.64
N GLU A 120 -5.53 -28.05 6.50
CA GLU A 120 -5.61 -29.38 5.84
C GLU A 120 -4.21 -29.90 5.55
N LEU A 121 -3.31 -29.00 5.20
CA LEU A 121 -1.90 -29.41 4.88
C LEU A 121 -1.36 -28.51 3.77
N GLY A 122 -0.07 -28.35 3.70
CA GLY A 122 0.55 -27.50 2.65
C GLY A 122 -0.41 -27.34 1.45
N PHE A 123 -1.20 -26.30 1.45
CA PHE A 123 -2.14 -26.08 0.32
C PHE A 123 -1.42 -26.29 -1.01
N LYS A 124 -2.10 -26.16 -2.11
CA LYS A 124 -1.45 -26.35 -3.44
C LYS A 124 -1.17 -24.98 -4.07
N VAL A 125 -0.13 -24.89 -4.84
CA VAL A 125 0.20 -23.59 -5.51
C VAL A 125 -0.91 -23.23 -6.49
N GLY A 126 -1.22 -21.97 -6.61
CA GLY A 126 -2.29 -21.56 -7.55
C GLY A 126 -3.65 -21.65 -6.85
N ASP A 127 -3.78 -22.55 -5.91
CA ASP A 127 -5.07 -22.68 -5.17
C ASP A 127 -5.54 -21.29 -4.72
N MET A 128 -6.77 -21.17 -4.33
CA MET A 128 -7.28 -19.85 -3.87
C MET A 128 -7.35 -19.84 -2.34
N VAL A 129 -6.77 -18.85 -1.73
CA VAL A 129 -6.82 -18.79 -0.23
C VAL A 129 -7.29 -17.41 0.22
N LYS A 130 -8.01 -17.37 1.30
CA LYS A 130 -8.52 -16.06 1.81
C LYS A 130 -7.65 -15.63 3.00
N ILE A 131 -7.38 -14.37 3.12
CA ILE A 131 -6.55 -13.91 4.28
C ILE A 131 -7.47 -13.74 5.48
N ILE A 132 -6.95 -13.84 6.67
CA ILE A 132 -7.81 -13.68 7.86
C ILE A 132 -6.98 -13.15 9.04
N SER A 133 -5.71 -12.88 8.82
CA SER A 133 -4.87 -12.37 9.93
C SER A 133 -3.79 -11.42 9.40
N GLY A 134 -3.48 -10.41 10.15
CA GLY A 134 -2.43 -9.45 9.71
C GLY A 134 -3.06 -8.19 9.11
N PRO A 135 -2.25 -7.42 8.36
CA PRO A 135 -2.70 -6.17 7.71
C PRO A 135 -3.70 -6.42 6.59
N PHE A 136 -3.70 -7.59 6.01
CA PHE A 136 -4.65 -7.87 4.91
C PHE A 136 -5.79 -8.75 5.42
N GLU A 137 -5.96 -8.82 6.71
CA GLU A 137 -7.06 -9.67 7.27
C GLU A 137 -8.34 -9.45 6.46
N ASP A 138 -9.01 -10.52 6.10
CA ASP A 138 -10.27 -10.38 5.32
C ASP A 138 -9.96 -10.11 3.84
N PHE A 139 -8.78 -10.41 3.39
CA PHE A 139 -8.44 -10.16 1.96
C PHE A 139 -8.32 -11.49 1.22
N ALA A 140 -8.98 -11.63 0.10
CA ALA A 140 -8.90 -12.90 -0.66
C ALA A 140 -7.64 -12.90 -1.53
N GLY A 141 -6.93 -14.01 -1.57
CA GLY A 141 -5.70 -14.06 -2.40
C GLY A 141 -5.49 -15.46 -2.98
N VAL A 142 -4.49 -15.61 -3.79
CA VAL A 142 -4.22 -16.93 -4.42
C VAL A 142 -2.83 -17.41 -3.98
N ILE A 143 -2.71 -18.67 -3.65
CA ILE A 143 -1.39 -19.22 -3.23
C ILE A 143 -0.43 -19.21 -4.42
N LYS A 144 0.60 -18.43 -4.36
CA LYS A 144 1.56 -18.40 -5.50
C LYS A 144 2.76 -19.30 -5.18
N GLU A 145 3.15 -19.36 -3.94
CA GLU A 145 4.31 -20.22 -3.57
C GLU A 145 4.14 -20.71 -2.12
N ILE A 146 4.58 -21.91 -1.84
CA ILE A 146 4.44 -22.44 -0.45
C ILE A 146 5.81 -22.83 0.10
N ASP A 147 6.18 -22.32 1.23
CA ASP A 147 7.50 -22.66 1.82
C ASP A 147 7.32 -23.59 3.01
N PRO A 148 7.54 -24.90 2.81
CA PRO A 148 7.41 -25.92 3.86
C PRO A 148 8.52 -25.81 4.91
N GLU A 149 8.40 -26.53 5.99
CA GLU A 149 9.45 -26.49 7.05
C GLU A 149 9.26 -25.25 7.91
N ARG A 150 8.58 -24.26 7.42
CA ARG A 150 8.36 -23.01 8.22
C ARG A 150 6.87 -22.72 8.30
N GLN A 151 6.07 -23.38 7.49
CA GLN A 151 4.61 -23.13 7.54
C GLN A 151 4.30 -21.73 7.01
N GLU A 152 4.84 -21.38 5.87
CA GLU A 152 4.57 -20.03 5.31
C GLU A 152 3.94 -20.19 3.93
N LEU A 153 3.03 -19.32 3.56
CA LEU A 153 2.38 -19.44 2.23
C LEU A 153 2.31 -18.08 1.54
N LYS A 154 3.03 -17.90 0.47
CA LYS A 154 2.99 -16.60 -0.26
C LYS A 154 1.72 -16.57 -1.12
N VAL A 155 0.98 -15.50 -1.08
CA VAL A 155 -0.27 -15.43 -1.89
C VAL A 155 -0.25 -14.18 -2.77
N ASN A 156 -0.90 -14.24 -3.90
CA ASN A 156 -0.93 -13.06 -4.82
C ASN A 156 -2.23 -12.28 -4.59
N VAL A 157 -2.15 -11.08 -4.09
CA VAL A 157 -3.38 -10.29 -3.86
C VAL A 157 -3.64 -9.37 -5.05
N THR A 158 -4.88 -9.23 -5.44
CA THR A 158 -5.21 -8.34 -6.59
C THR A 158 -5.55 -6.94 -6.09
N ILE A 159 -4.59 -6.06 -6.07
CA ILE A 159 -4.85 -4.68 -5.59
C ILE A 159 -4.31 -3.66 -6.60
N PHE A 160 -4.93 -2.52 -6.69
CA PHE A 160 -4.45 -1.48 -7.66
C PHE A 160 -4.59 -2.04 -9.08
N GLY A 161 -5.59 -2.84 -9.32
CA GLY A 161 -5.78 -3.40 -10.70
C GLY A 161 -4.55 -4.23 -11.09
N ARG A 162 -3.74 -4.59 -10.13
CA ARG A 162 -2.54 -5.41 -10.45
C ARG A 162 -2.39 -6.54 -9.43
N GLU A 163 -1.67 -7.57 -9.76
CA GLU A 163 -1.50 -8.71 -8.82
C GLU A 163 -0.14 -8.58 -8.13
N THR A 164 -0.08 -8.89 -6.85
CA THR A 164 1.21 -8.80 -6.12
C THR A 164 1.25 -9.88 -5.02
N PRO A 165 2.33 -10.67 -5.00
CA PRO A 165 2.50 -11.74 -4.01
C PRO A 165 2.77 -11.18 -2.61
N VAL A 166 2.19 -11.76 -1.60
CA VAL A 166 2.41 -11.25 -0.22
C VAL A 166 3.02 -12.36 0.64
N VAL A 167 3.49 -12.01 1.81
CA VAL A 167 4.09 -13.04 2.71
C VAL A 167 3.30 -13.11 4.01
N LEU A 168 2.67 -14.23 4.26
CA LEU A 168 1.87 -14.38 5.51
C LEU A 168 2.09 -15.76 6.11
N HIS A 169 1.68 -15.93 7.33
CA HIS A 169 1.83 -17.26 8.00
C HIS A 169 0.72 -18.18 7.51
N VAL A 170 1.02 -19.42 7.27
CA VAL A 170 -0.05 -20.35 6.79
C VAL A 170 -1.24 -20.26 7.75
N SER A 171 -0.97 -20.11 9.01
CA SER A 171 -2.07 -20.00 10.01
C SER A 171 -2.71 -18.62 9.93
N GLU A 172 -2.18 -17.74 9.11
CA GLU A 172 -2.77 -16.38 9.00
C GLU A 172 -3.78 -16.34 7.86
N VAL A 173 -3.88 -17.39 7.10
CA VAL A 173 -4.85 -17.41 5.98
C VAL A 173 -5.58 -18.75 5.93
N GLU A 174 -6.54 -18.89 5.06
CA GLU A 174 -7.28 -20.17 4.97
C GLU A 174 -7.54 -20.51 3.50
N LYS A 175 -7.90 -21.72 3.20
CA LYS A 175 -8.16 -22.10 1.78
C LYS A 175 -9.64 -21.86 1.46
N ILE A 176 -10.30 -21.06 2.25
CA ILE A 176 -11.75 -20.79 1.99
C ILE A 176 -12.51 -22.11 1.92
N GLU A 177 -13.81 -22.06 2.01
CA GLU A 177 -14.61 -23.32 1.95
C GLU A 177 -15.95 -23.04 1.26
N GLY A 1 -14.33 21.89 1.17
CA GLY A 1 -13.33 21.41 0.19
C GLY A 1 -11.98 21.19 0.89
N ALA A 2 -11.31 22.25 1.23
CA ALA A 2 -9.99 22.12 1.92
C ALA A 2 -10.18 21.40 3.25
N MET A 3 -11.36 21.47 3.82
CA MET A 3 -11.60 20.79 5.12
C MET A 3 -11.67 19.27 4.91
N LYS A 4 -11.74 18.85 3.68
CA LYS A 4 -11.80 17.38 3.40
C LYS A 4 -10.52 16.93 2.71
N LYS A 5 -9.81 16.01 3.30
CA LYS A 5 -8.55 15.53 2.68
C LYS A 5 -8.69 14.04 2.30
N LYS A 6 -8.11 13.65 1.21
CA LYS A 6 -8.22 12.22 0.79
C LYS A 6 -6.83 11.69 0.45
N TRP A 7 -6.71 10.42 0.17
CA TRP A 7 -5.38 9.85 -0.18
C TRP A 7 -5.35 9.52 -1.67
N TYR A 8 -4.40 10.04 -2.39
CA TYR A 8 -4.33 9.75 -3.85
C TYR A 8 -3.11 8.87 -4.14
N ILE A 9 -2.96 8.43 -5.36
CA ILE A 9 -1.79 7.58 -5.70
C ILE A 9 -0.93 8.30 -6.73
N VAL A 10 0.23 8.77 -6.35
CA VAL A 10 1.10 9.49 -7.32
C VAL A 10 2.03 8.49 -8.00
N LEU A 11 2.31 8.69 -9.27
CA LEU A 11 3.22 7.77 -9.99
C LEU A 11 4.66 8.25 -9.86
N THR A 12 5.61 7.35 -9.96
CA THR A 12 7.04 7.76 -9.85
C THR A 12 7.93 6.66 -10.40
N MET A 13 9.22 6.79 -10.26
CA MET A 13 10.14 5.74 -10.79
C MET A 13 10.65 4.87 -9.63
N SER A 14 10.62 3.57 -9.80
CA SER A 14 11.10 2.68 -8.71
C SER A 14 12.53 3.07 -8.32
N GLY A 15 12.76 3.29 -7.05
CA GLY A 15 14.13 3.70 -6.61
C GLY A 15 14.14 5.18 -6.27
N TYR A 16 13.19 5.91 -6.78
CA TYR A 16 13.14 7.38 -6.50
C TYR A 16 11.98 7.66 -5.54
N GLU A 17 11.24 6.66 -5.16
CA GLU A 17 10.11 6.88 -4.23
C GLU A 17 10.61 7.58 -2.96
N GLU A 18 11.53 6.96 -2.26
CA GLU A 18 12.06 7.58 -1.03
C GLU A 18 12.41 9.04 -1.30
N LYS A 19 12.91 9.33 -2.46
CA LYS A 19 13.26 10.74 -2.80
C LYS A 19 11.99 11.56 -3.00
N VAL A 20 11.05 11.04 -3.74
CA VAL A 20 9.78 11.78 -3.97
C VAL A 20 9.16 12.14 -2.63
N LYS A 21 9.07 11.19 -1.72
CA LYS A 21 8.47 11.48 -0.39
C LYS A 21 9.21 12.65 0.26
N GLU A 22 10.52 12.57 0.32
CA GLU A 22 11.30 13.68 0.95
C GLU A 22 11.10 14.97 0.14
N ASN A 23 11.03 14.86 -1.15
CA ASN A 23 10.83 16.08 -1.98
C ASN A 23 9.50 16.74 -1.62
N ILE A 24 8.44 15.98 -1.57
CA ILE A 24 7.12 16.58 -1.23
C ILE A 24 7.24 17.34 0.09
N GLU A 25 7.89 16.76 1.07
CA GLU A 25 8.03 17.43 2.38
C GLU A 25 8.69 18.81 2.20
N LYS A 26 9.76 18.87 1.46
CA LYS A 26 10.44 20.18 1.25
C LYS A 26 9.62 21.05 0.30
N LYS A 27 9.02 20.46 -0.69
CA LYS A 27 8.20 21.27 -1.65
C LYS A 27 7.14 22.05 -0.88
N VAL A 28 6.63 21.48 0.18
CA VAL A 28 5.58 22.18 0.97
C VAL A 28 6.25 23.08 2.02
N GLU A 29 7.44 22.74 2.42
CA GLU A 29 8.15 23.58 3.43
C GLU A 29 8.59 24.90 2.79
N ALA A 30 9.36 24.82 1.75
CA ALA A 30 9.83 26.07 1.07
C ALA A 30 8.61 26.95 0.76
N THR A 31 7.54 26.35 0.33
CA THR A 31 6.31 27.15 0.01
C THR A 31 5.53 27.40 1.30
N GLY A 32 5.66 26.54 2.27
CA GLY A 32 4.93 26.74 3.54
C GLY A 32 3.46 26.32 3.35
N ILE A 33 3.21 25.45 2.42
CA ILE A 33 1.81 25.00 2.19
C ILE A 33 1.55 23.71 2.98
N LYS A 34 1.05 23.83 4.18
CA LYS A 34 0.77 22.62 5.00
C LYS A 34 -0.73 22.36 5.04
N ASN A 35 -1.52 23.30 4.63
CA ASN A 35 -2.99 23.11 4.64
C ASN A 35 -3.43 22.42 3.35
N LEU A 36 -2.62 22.47 2.34
CA LEU A 36 -2.97 21.82 1.05
C LEU A 36 -2.47 20.37 1.06
N VAL A 37 -1.23 20.16 1.37
CA VAL A 37 -0.68 18.78 1.41
C VAL A 37 -0.78 18.24 2.84
N GLY A 38 -1.19 17.01 3.01
CA GLY A 38 -1.31 16.46 4.39
C GLY A 38 -0.19 15.44 4.63
N ARG A 39 -0.54 14.22 4.94
CA ARG A 39 0.50 13.19 5.20
C ARG A 39 0.60 12.24 4.00
N ILE A 40 1.80 11.86 3.65
CA ILE A 40 1.98 10.92 2.50
C ILE A 40 2.50 9.59 3.02
N VAL A 41 2.14 8.50 2.37
CA VAL A 41 2.62 7.18 2.85
C VAL A 41 3.17 6.37 1.66
N ILE A 42 3.95 5.37 1.95
CA ILE A 42 4.52 4.52 0.85
C ILE A 42 4.38 3.05 1.21
N PRO A 43 3.87 2.24 0.28
CA PRO A 43 3.67 0.80 0.49
C PRO A 43 5.00 0.06 0.66
N ILE A 44 6.10 0.76 0.53
CA ILE A 44 7.43 0.10 0.70
C ILE A 44 7.58 -0.38 2.14
N ARG A 45 7.21 0.43 3.09
CA ARG A 45 7.33 0.02 4.52
C ARG A 45 6.78 -1.39 4.69
N GLY A 46 7.35 -2.17 5.58
CA GLY A 46 6.84 -3.55 5.79
C GLY A 46 7.91 -4.55 5.35
N GLY A 47 8.68 -5.06 6.27
CA GLY A 47 9.74 -6.04 5.90
C GLY A 47 10.98 -5.28 5.41
N GLN A 48 11.15 -4.06 5.83
CA GLN A 48 12.34 -3.28 5.37
C GLN A 48 13.60 -4.09 5.63
N ARG A 49 13.69 -4.77 6.74
CA ARG A 49 14.91 -5.57 7.04
C ARG A 49 15.14 -6.57 5.91
N ARG A 50 14.07 -7.12 5.36
CA ARG A 50 14.23 -8.10 4.25
C ARG A 50 14.81 -7.40 3.02
N LYS A 51 15.48 -8.13 2.16
CA LYS A 51 16.07 -7.51 0.95
C LYS A 51 14.94 -7.01 0.04
N SER A 52 13.83 -7.69 0.03
CA SER A 52 12.70 -7.26 -0.85
C SER A 52 11.93 -6.12 -0.18
N GLU A 53 11.55 -5.14 -0.94
CA GLU A 53 10.79 -3.99 -0.34
C GLU A 53 9.95 -3.31 -1.42
N LYS A 54 9.12 -2.39 -1.06
CA LYS A 54 8.27 -1.69 -2.06
C LYS A 54 7.15 -2.62 -2.52
N LEU A 55 6.04 -2.63 -1.83
CA LEU A 55 4.92 -3.52 -2.25
C LEU A 55 4.35 -3.03 -3.57
N PHE A 56 4.57 -1.77 -3.89
CA PHE A 56 4.04 -1.22 -5.17
C PHE A 56 5.07 -0.24 -5.74
N PRO A 57 5.87 -0.70 -6.70
CA PRO A 57 6.91 0.12 -7.34
C PRO A 57 6.31 1.28 -8.14
N GLY A 58 6.84 2.46 -7.96
CA GLY A 58 6.32 3.62 -8.74
C GLY A 58 4.99 4.11 -8.14
N TYR A 59 4.35 3.33 -7.32
CA TYR A 59 3.04 3.77 -6.74
C TYR A 59 3.25 4.35 -5.34
N VAL A 60 2.72 5.52 -5.10
CA VAL A 60 2.88 6.15 -3.75
C VAL A 60 1.53 6.76 -3.35
N PHE A 61 1.24 6.81 -2.09
CA PHE A 61 -0.07 7.39 -1.65
C PHE A 61 0.16 8.73 -0.94
N VAL A 62 -0.49 9.77 -1.42
CA VAL A 62 -0.32 11.10 -0.78
C VAL A 62 -1.69 11.65 -0.36
N GLU A 63 -1.79 12.20 0.82
CA GLU A 63 -3.10 12.74 1.28
C GLU A 63 -3.06 14.27 1.22
N MET A 64 -3.96 14.87 0.49
CA MET A 64 -3.95 16.37 0.40
C MET A 64 -5.34 16.88 0.01
N ILE A 65 -5.47 18.17 -0.10
CA ILE A 65 -6.78 18.77 -0.49
C ILE A 65 -6.79 19.01 -2.01
N MET A 66 -7.80 18.54 -2.68
CA MET A 66 -7.87 18.70 -4.16
C MET A 66 -8.29 20.13 -4.50
N ASN A 67 -7.78 20.66 -5.58
CA ASN A 67 -8.12 22.04 -6.00
C ASN A 67 -7.31 22.42 -7.25
N ASP A 68 -7.53 23.59 -7.78
CA ASP A 68 -6.77 24.00 -8.99
C ASP A 68 -5.33 24.33 -8.60
N GLU A 69 -5.15 25.01 -7.50
CA GLU A 69 -3.78 25.37 -7.05
C GLU A 69 -3.10 24.14 -6.43
N ALA A 70 -3.88 23.25 -5.88
CA ALA A 70 -3.28 22.02 -5.26
C ALA A 70 -2.83 21.06 -6.36
N TYR A 71 -3.67 20.81 -7.32
CA TYR A 71 -3.30 19.88 -8.42
C TYR A 71 -2.08 20.43 -9.16
N ASN A 72 -2.08 21.69 -9.47
CA ASN A 72 -0.92 22.29 -10.20
C ASN A 72 0.32 22.29 -9.30
N PHE A 73 0.14 22.33 -8.01
CA PHE A 73 1.31 22.35 -7.08
C PHE A 73 1.82 20.93 -6.88
N VAL A 74 0.94 19.98 -6.73
CA VAL A 74 1.38 18.58 -6.52
C VAL A 74 2.01 18.04 -7.81
N ARG A 75 1.30 18.12 -8.91
CA ARG A 75 1.86 17.61 -10.19
C ARG A 75 3.14 18.37 -10.56
N SER A 76 3.41 19.45 -9.86
CA SER A 76 4.64 20.23 -10.18
C SER A 76 5.80 19.76 -9.31
N VAL A 77 5.60 18.73 -8.52
CA VAL A 77 6.70 18.25 -7.65
C VAL A 77 7.70 17.44 -8.50
N PRO A 78 9.00 17.68 -8.30
CA PRO A 78 10.07 17.00 -9.04
C PRO A 78 10.09 15.50 -8.73
N TYR A 79 10.33 14.69 -9.74
CA TYR A 79 10.39 13.22 -9.54
C TYR A 79 8.99 12.62 -9.73
N VAL A 80 7.98 13.44 -9.83
CA VAL A 80 6.60 12.90 -10.02
C VAL A 80 6.33 12.72 -11.52
N MET A 81 5.97 11.53 -11.92
CA MET A 81 5.67 11.30 -13.37
C MET A 81 4.23 11.70 -13.66
N GLY A 82 3.38 11.64 -12.67
CA GLY A 82 1.95 12.01 -12.88
C GLY A 82 1.09 11.34 -11.81
N PHE A 83 -0.17 11.17 -12.07
CA PHE A 83 -1.06 10.52 -11.05
C PHE A 83 -1.91 9.46 -11.74
N VAL A 84 -2.25 8.42 -11.03
CA VAL A 84 -3.09 7.34 -11.64
C VAL A 84 -4.52 7.82 -11.79
N SER A 85 -5.00 7.94 -12.99
CA SER A 85 -6.39 8.42 -13.20
C SER A 85 -6.93 7.86 -14.52
N SER A 86 -8.22 7.94 -14.74
CA SER A 86 -8.80 7.42 -16.01
C SER A 86 -8.95 8.56 -17.01
N GLY A 87 -9.16 9.76 -16.53
CA GLY A 87 -9.30 10.91 -17.46
C GLY A 87 -8.39 12.05 -16.99
N GLY A 88 -8.81 12.81 -16.01
CA GLY A 88 -7.97 13.94 -15.52
C GLY A 88 -7.44 13.60 -14.13
N GLN A 89 -7.48 14.55 -13.22
CA GLN A 89 -6.99 14.30 -11.84
C GLN A 89 -7.20 12.84 -11.44
N PRO A 90 -6.33 12.32 -10.57
CA PRO A 90 -6.40 10.92 -10.11
C PRO A 90 -7.61 10.70 -9.19
N VAL A 91 -8.04 9.47 -9.05
CA VAL A 91 -9.20 9.19 -8.17
C VAL A 91 -8.71 8.94 -6.74
N PRO A 92 -9.56 9.24 -5.75
CA PRO A 92 -9.21 9.06 -4.33
C PRO A 92 -9.15 7.58 -3.96
N VAL A 93 -8.27 7.22 -3.06
CA VAL A 93 -8.17 5.80 -2.65
C VAL A 93 -9.28 5.48 -1.64
N LYS A 94 -10.02 4.42 -1.86
CA LYS A 94 -11.11 4.07 -0.92
C LYS A 94 -10.51 3.49 0.36
N ASP A 95 -10.98 3.92 1.50
CA ASP A 95 -10.44 3.40 2.78
C ASP A 95 -10.27 1.88 2.67
N ARG A 96 -11.21 1.21 2.09
CA ARG A 96 -11.10 -0.28 1.95
C ARG A 96 -9.77 -0.62 1.27
N GLU A 97 -9.27 0.26 0.44
CA GLU A 97 -7.99 -0.02 -0.26
C GLU A 97 -6.82 0.48 0.60
N MET A 98 -7.05 1.49 1.39
CA MET A 98 -5.96 2.03 2.24
C MET A 98 -5.87 1.21 3.54
N ARG A 99 -6.97 0.65 3.96
CA ARG A 99 -6.95 -0.17 5.21
C ARG A 99 -5.63 -0.93 5.31
N PRO A 100 -5.28 -1.70 4.28
CA PRO A 100 -4.04 -2.48 4.24
C PRO A 100 -2.80 -1.58 4.15
N ILE A 101 -2.94 -0.43 3.56
CA ILE A 101 -1.78 0.50 3.44
C ILE A 101 -1.60 1.25 4.75
N LEU A 102 -2.67 1.71 5.35
CA LEU A 102 -2.56 2.44 6.63
C LEU A 102 -2.08 1.48 7.73
N ARG A 103 -2.59 0.28 7.72
CA ARG A 103 -2.18 -0.71 8.75
C ARG A 103 -0.68 -1.01 8.59
N LEU A 104 -0.26 -1.33 7.40
CA LEU A 104 1.16 -1.63 7.16
C LEU A 104 1.97 -0.33 7.24
N ALA A 105 1.41 0.75 6.76
CA ALA A 105 2.14 2.05 6.80
C ALA A 105 2.24 2.55 8.25
N GLY A 106 1.71 1.82 9.19
CA GLY A 106 1.78 2.27 10.61
C GLY A 106 0.76 3.38 10.85
N LEU A 107 -0.10 3.62 9.91
CA LEU A 107 -1.13 4.69 10.09
C LEU A 107 -2.21 4.21 11.04
N GLU A 108 -2.32 2.92 11.23
CA GLU A 108 -3.36 2.39 12.15
C GLU A 108 -2.72 1.38 13.12
N GLU A 109 -3.16 1.37 14.35
CA GLU A 109 -2.58 0.43 15.33
C GLU A 109 -3.65 -0.58 15.77
N TYR A 110 -3.39 -1.85 15.59
CA TYR A 110 -4.39 -2.88 16.00
C TYR A 110 -3.67 -4.17 16.37
N GLU A 111 -4.33 -5.05 17.07
CA GLU A 111 -3.68 -6.33 17.47
C GLU A 111 -4.17 -7.46 16.56
N GLU A 112 -5.18 -8.17 16.97
CA GLU A 112 -5.69 -9.28 16.13
C GLU A 112 -4.53 -10.12 15.60
N LYS A 113 -4.07 -11.07 16.37
CA LYS A 113 -2.94 -11.93 15.91
C LYS A 113 -2.45 -12.78 17.07
N LYS A 114 -2.60 -12.32 18.28
CA LYS A 114 -2.14 -13.12 19.45
C LYS A 114 -2.99 -14.39 19.56
N LYS A 115 -4.15 -14.40 18.95
CA LYS A 115 -5.02 -15.61 19.02
C LYS A 115 -4.50 -16.67 18.05
N PRO A 116 -3.99 -17.79 18.61
CA PRO A 116 -3.46 -18.90 17.80
C PRO A 116 -4.57 -19.65 17.06
N VAL A 117 -4.38 -19.92 15.80
CA VAL A 117 -5.43 -20.64 15.02
C VAL A 117 -4.78 -21.60 14.03
N LYS A 118 -5.19 -22.84 14.04
CA LYS A 118 -4.60 -23.84 13.10
C LYS A 118 -5.71 -24.42 12.23
N VAL A 119 -5.50 -24.46 10.94
CA VAL A 119 -6.54 -25.00 10.01
C VAL A 119 -5.86 -25.87 8.95
N GLU A 120 -6.55 -26.14 7.88
CA GLU A 120 -5.93 -26.98 6.81
C GLU A 120 -4.50 -26.50 6.57
N LEU A 121 -4.34 -25.37 5.92
CA LEU A 121 -2.97 -24.84 5.67
C LEU A 121 -2.29 -25.62 4.55
N GLY A 122 -1.18 -25.12 4.07
CA GLY A 122 -0.45 -25.82 2.97
C GLY A 122 -1.39 -26.15 1.82
N PHE A 123 -1.96 -25.15 1.20
CA PHE A 123 -2.86 -25.41 0.05
C PHE A 123 -2.01 -25.73 -1.18
N LYS A 124 -2.61 -25.88 -2.33
CA LYS A 124 -1.81 -26.20 -3.54
C LYS A 124 -1.54 -24.92 -4.32
N VAL A 125 -0.50 -24.91 -5.12
CA VAL A 125 -0.17 -23.69 -5.91
C VAL A 125 -1.35 -23.31 -6.81
N GLY A 126 -1.65 -22.05 -6.92
CA GLY A 126 -2.78 -21.62 -7.78
C GLY A 126 -4.08 -21.62 -6.98
N ASP A 127 -4.20 -22.50 -6.03
CA ASP A 127 -5.45 -22.55 -5.21
C ASP A 127 -5.80 -21.15 -4.72
N MET A 128 -7.03 -20.94 -4.34
CA MET A 128 -7.44 -19.60 -3.86
C MET A 128 -7.40 -19.59 -2.33
N VAL A 129 -6.72 -18.65 -1.74
CA VAL A 129 -6.65 -18.61 -0.25
C VAL A 129 -7.03 -17.21 0.24
N LYS A 130 -7.66 -17.13 1.37
CA LYS A 130 -8.05 -15.81 1.92
C LYS A 130 -7.19 -15.52 3.16
N ILE A 131 -6.76 -14.31 3.33
CA ILE A 131 -5.94 -13.98 4.53
C ILE A 131 -6.87 -13.81 5.73
N ILE A 132 -6.37 -13.95 6.92
CA ILE A 132 -7.23 -13.79 8.11
C ILE A 132 -6.40 -13.25 9.28
N SER A 133 -5.14 -13.00 9.07
CA SER A 133 -4.29 -12.50 10.18
C SER A 133 -3.17 -11.60 9.63
N GLY A 134 -2.81 -10.60 10.38
CA GLY A 134 -1.72 -9.67 9.93
C GLY A 134 -2.32 -8.37 9.41
N PRO A 135 -1.49 -7.56 8.73
CA PRO A 135 -1.91 -6.26 8.18
C PRO A 135 -2.91 -6.40 7.03
N PHE A 136 -2.95 -7.54 6.38
CA PHE A 136 -3.90 -7.72 5.27
C PHE A 136 -5.00 -8.71 5.67
N GLU A 137 -5.13 -8.96 6.94
CA GLU A 137 -6.19 -9.91 7.41
C GLU A 137 -7.48 -9.65 6.65
N ASP A 138 -8.23 -10.68 6.34
CA ASP A 138 -9.52 -10.50 5.62
C ASP A 138 -9.27 -10.12 4.16
N PHE A 139 -8.15 -10.54 3.60
CA PHE A 139 -7.85 -10.20 2.18
C PHE A 139 -7.77 -11.49 1.36
N ALA A 140 -8.47 -11.57 0.27
CA ALA A 140 -8.43 -12.80 -0.57
C ALA A 140 -7.13 -12.82 -1.37
N GLY A 141 -6.43 -13.92 -1.37
CA GLY A 141 -5.15 -14.01 -2.13
C GLY A 141 -5.03 -15.38 -2.80
N VAL A 142 -4.12 -15.51 -3.73
CA VAL A 142 -3.95 -16.81 -4.43
C VAL A 142 -2.59 -17.40 -4.07
N ILE A 143 -2.53 -18.68 -3.81
CA ILE A 143 -1.24 -19.31 -3.44
C ILE A 143 -0.30 -19.32 -4.65
N LYS A 144 0.78 -18.58 -4.59
CA LYS A 144 1.71 -18.56 -5.74
C LYS A 144 2.91 -19.46 -5.44
N GLU A 145 3.35 -19.50 -4.20
CA GLU A 145 4.52 -20.36 -3.87
C GLU A 145 4.46 -20.77 -2.39
N ILE A 146 4.98 -21.93 -2.08
CA ILE A 146 4.96 -22.38 -0.65
C ILE A 146 6.38 -22.76 -0.23
N ASP A 147 6.84 -22.22 0.88
CA ASP A 147 8.22 -22.55 1.34
C ASP A 147 8.14 -23.41 2.60
N PRO A 148 8.35 -24.72 2.46
CA PRO A 148 8.31 -25.66 3.59
C PRO A 148 9.53 -25.49 4.51
N GLU A 149 9.53 -26.17 5.63
CA GLU A 149 10.68 -26.05 6.58
C GLU A 149 10.51 -24.81 7.45
N ARG A 150 9.71 -23.87 7.01
CA ARG A 150 9.52 -22.63 7.83
C ARG A 150 8.02 -22.35 7.97
N GLN A 151 7.20 -23.04 7.22
CA GLN A 151 5.73 -22.81 7.33
C GLN A 151 5.38 -21.44 6.74
N GLU A 152 5.88 -21.13 5.57
CA GLU A 152 5.57 -19.81 4.95
C GLU A 152 4.89 -20.02 3.61
N LEU A 153 3.97 -19.18 3.26
CA LEU A 153 3.26 -19.35 1.96
C LEU A 153 3.09 -17.99 1.29
N LYS A 154 3.76 -17.77 0.19
CA LYS A 154 3.62 -16.46 -0.51
C LYS A 154 2.31 -16.47 -1.31
N VAL A 155 1.52 -15.44 -1.19
CA VAL A 155 0.24 -15.40 -1.94
C VAL A 155 0.19 -14.15 -2.81
N ASN A 156 -0.53 -14.21 -3.90
CA ASN A 156 -0.61 -13.02 -4.80
C ASN A 156 -1.89 -12.24 -4.50
N VAL A 157 -1.77 -11.05 -3.97
CA VAL A 157 -2.99 -10.24 -3.68
C VAL A 157 -3.29 -9.33 -4.86
N THR A 158 -4.54 -9.18 -5.20
CA THR A 158 -4.89 -8.30 -6.36
C THR A 158 -5.32 -6.92 -5.84
N ILE A 159 -4.39 -6.02 -5.66
CA ILE A 159 -4.75 -4.66 -5.18
C ILE A 159 -4.46 -3.63 -6.28
N PHE A 160 -5.26 -2.61 -6.36
CA PHE A 160 -5.05 -1.57 -7.41
C PHE A 160 -5.18 -2.22 -8.79
N GLY A 161 -6.11 -3.12 -8.94
CA GLY A 161 -6.30 -3.78 -10.26
C GLY A 161 -4.99 -4.46 -10.69
N ARG A 162 -4.10 -4.69 -9.77
CA ARG A 162 -2.81 -5.34 -10.13
C ARG A 162 -2.54 -6.51 -9.18
N GLU A 163 -1.76 -7.46 -9.59
CA GLU A 163 -1.46 -8.62 -8.71
C GLU A 163 -0.12 -8.39 -7.99
N THR A 164 -0.09 -8.56 -6.70
CA THR A 164 1.18 -8.33 -5.94
C THR A 164 1.36 -9.44 -4.91
N PRO A 165 2.46 -10.21 -5.02
CA PRO A 165 2.77 -11.30 -4.09
C PRO A 165 3.18 -10.78 -2.71
N VAL A 166 2.68 -11.38 -1.67
CA VAL A 166 3.04 -10.90 -0.30
C VAL A 166 3.54 -12.08 0.54
N VAL A 167 4.47 -11.82 1.44
CA VAL A 167 5.00 -12.91 2.30
C VAL A 167 4.20 -12.97 3.60
N LEU A 168 3.58 -14.08 3.87
CA LEU A 168 2.77 -14.20 5.13
C LEU A 168 2.93 -15.59 5.74
N HIS A 169 2.50 -15.74 6.97
CA HIS A 169 2.60 -17.05 7.65
C HIS A 169 1.45 -17.96 7.17
N VAL A 170 1.72 -19.22 7.01
CA VAL A 170 0.65 -20.14 6.55
C VAL A 170 -0.51 -20.10 7.55
N SER A 171 -0.20 -19.98 8.81
CA SER A 171 -1.28 -19.93 9.84
C SER A 171 -1.94 -18.55 9.82
N GLU A 172 -1.39 -17.64 9.06
CA GLU A 172 -1.99 -16.28 8.98
C GLU A 172 -3.01 -16.23 7.84
N VAL A 173 -3.27 -17.36 7.23
CA VAL A 173 -4.25 -17.38 6.11
C VAL A 173 -5.00 -18.72 6.11
N GLU A 174 -5.99 -18.85 5.28
CA GLU A 174 -6.75 -20.14 5.22
C GLU A 174 -7.13 -20.43 3.76
N LYS A 175 -7.59 -21.62 3.50
CA LYS A 175 -7.96 -21.97 2.09
C LYS A 175 -9.41 -21.56 1.81
N ILE A 176 -9.93 -20.65 2.58
CA ILE A 176 -11.34 -20.20 2.36
C ILE A 176 -12.28 -21.40 2.52
N GLU A 177 -13.47 -21.17 3.01
CA GLU A 177 -14.44 -22.30 3.18
C GLU A 177 -13.72 -23.50 3.78
N GLY A 1 -12.76 21.03 -0.18
CA GLY A 1 -12.59 19.77 0.58
C GLY A 1 -11.46 19.92 1.60
N ALA A 2 -11.06 21.13 1.87
CA ALA A 2 -9.95 21.34 2.84
C ALA A 2 -10.35 20.77 4.21
N MET A 3 -11.62 20.76 4.51
CA MET A 3 -12.07 20.21 5.82
C MET A 3 -11.67 18.74 5.93
N LYS A 4 -11.58 18.06 4.82
CA LYS A 4 -11.18 16.61 4.87
C LYS A 4 -10.26 16.30 3.69
N LYS A 5 -9.06 15.86 3.97
CA LYS A 5 -8.11 15.54 2.86
C LYS A 5 -8.33 14.10 2.41
N LYS A 6 -7.77 13.72 1.29
CA LYS A 6 -7.94 12.34 0.80
C LYS A 6 -6.57 11.74 0.48
N TRP A 7 -6.51 10.50 0.12
CA TRP A 7 -5.20 9.87 -0.20
C TRP A 7 -5.16 9.53 -1.69
N TYR A 8 -4.18 10.02 -2.39
CA TYR A 8 -4.08 9.73 -3.85
C TYR A 8 -2.79 8.95 -4.13
N ILE A 9 -2.66 8.42 -5.30
CA ILE A 9 -1.42 7.65 -5.62
C ILE A 9 -0.61 8.44 -6.65
N VAL A 10 0.51 8.98 -6.25
CA VAL A 10 1.34 9.76 -7.21
C VAL A 10 2.28 8.81 -7.97
N LEU A 11 2.51 9.08 -9.22
CA LEU A 11 3.40 8.21 -10.03
C LEU A 11 4.84 8.71 -9.91
N THR A 12 5.79 7.82 -9.86
CA THR A 12 7.21 8.25 -9.76
C THR A 12 8.12 7.16 -10.35
N MET A 13 9.40 7.41 -10.42
CA MET A 13 10.32 6.41 -10.99
C MET A 13 10.87 5.52 -9.87
N SER A 14 10.63 4.25 -9.93
CA SER A 14 11.13 3.34 -8.85
C SER A 14 12.56 3.74 -8.48
N GLY A 15 12.80 3.96 -7.21
CA GLY A 15 14.17 4.36 -6.76
C GLY A 15 14.17 5.84 -6.38
N TYR A 16 13.19 6.58 -6.86
CA TYR A 16 13.14 8.03 -6.53
C TYR A 16 12.00 8.29 -5.55
N GLU A 17 11.13 7.34 -5.37
CA GLU A 17 10.00 7.53 -4.42
C GLU A 17 10.51 8.20 -3.13
N GLU A 18 11.42 7.56 -2.45
CA GLU A 18 11.96 8.15 -1.19
C GLU A 18 12.34 9.62 -1.45
N LYS A 19 12.81 9.93 -2.62
CA LYS A 19 13.20 11.33 -2.93
C LYS A 19 11.94 12.16 -3.17
N VAL A 20 11.02 11.66 -3.96
CA VAL A 20 9.77 12.42 -4.24
C VAL A 20 9.09 12.77 -2.91
N LYS A 21 8.96 11.82 -2.02
CA LYS A 21 8.31 12.11 -0.72
C LYS A 21 9.08 13.20 0.01
N GLU A 22 10.39 13.07 0.09
CA GLU A 22 11.19 14.11 0.78
C GLU A 22 11.07 15.44 0.04
N ASN A 23 10.97 15.39 -1.26
CA ASN A 23 10.86 16.65 -2.04
C ASN A 23 9.53 17.34 -1.73
N ILE A 24 8.45 16.60 -1.75
CA ILE A 24 7.12 17.22 -1.44
C ILE A 24 7.17 17.91 -0.07
N GLU A 25 7.75 17.28 0.90
CA GLU A 25 7.83 17.90 2.25
C GLU A 25 8.54 19.24 2.17
N LYS A 26 9.64 19.31 1.47
CA LYS A 26 10.39 20.59 1.36
C LYS A 26 9.66 21.54 0.41
N LYS A 27 9.07 21.02 -0.63
CA LYS A 27 8.33 21.89 -1.58
C LYS A 27 7.22 22.63 -0.84
N VAL A 28 6.67 22.03 0.18
CA VAL A 28 5.58 22.70 0.94
C VAL A 28 6.18 23.73 1.90
N GLU A 29 7.38 23.48 2.37
CA GLU A 29 8.01 24.44 3.30
C GLU A 29 8.29 25.75 2.58
N ALA A 30 8.88 25.69 1.42
CA ALA A 30 9.18 26.95 0.67
C ALA A 30 7.87 27.70 0.36
N THR A 31 6.81 26.99 0.11
CA THR A 31 5.51 27.67 -0.19
C THR A 31 4.72 27.86 1.11
N GLY A 32 5.01 27.07 2.11
CA GLY A 32 4.26 27.20 3.40
C GLY A 32 2.82 26.75 3.19
N ILE A 33 2.59 25.80 2.33
CA ILE A 33 1.20 25.32 2.09
C ILE A 33 0.96 24.03 2.86
N LYS A 34 0.46 24.13 4.06
CA LYS A 34 0.21 22.90 4.87
C LYS A 34 -1.27 22.52 4.78
N ASN A 35 -2.03 23.26 4.00
CA ASN A 35 -3.48 22.95 3.87
C ASN A 35 -3.74 22.29 2.51
N LEU A 36 -2.70 21.93 1.82
CA LEU A 36 -2.88 21.29 0.48
C LEU A 36 -2.38 19.85 0.53
N VAL A 37 -1.21 19.63 1.09
CA VAL A 37 -0.68 18.25 1.17
C VAL A 37 -0.79 17.74 2.61
N GLY A 38 -1.25 16.53 2.79
CA GLY A 38 -1.39 15.99 4.17
C GLY A 38 -0.19 15.09 4.48
N ARG A 39 -0.43 13.91 4.98
CA ARG A 39 0.70 12.99 5.32
C ARG A 39 0.98 12.09 4.11
N ILE A 40 2.23 11.81 3.86
CA ILE A 40 2.59 10.94 2.71
C ILE A 40 2.83 9.51 3.21
N VAL A 41 2.27 8.53 2.55
CA VAL A 41 2.48 7.12 2.99
C VAL A 41 3.24 6.35 1.91
N ILE A 42 3.92 5.31 2.29
CA ILE A 42 4.68 4.51 1.29
C ILE A 42 4.41 3.02 1.50
N PRO A 43 3.99 2.33 0.43
CA PRO A 43 3.68 0.90 0.48
C PRO A 43 4.94 0.06 0.70
N ILE A 44 6.09 0.69 0.73
CA ILE A 44 7.35 -0.07 0.95
C ILE A 44 7.51 -0.36 2.44
N ARG A 45 7.89 -1.56 2.78
CA ARG A 45 8.07 -1.91 4.21
C ARG A 45 9.55 -2.17 4.50
N GLY A 46 10.38 -2.11 3.50
CA GLY A 46 11.84 -2.35 3.71
C GLY A 46 12.07 -3.85 3.96
N GLY A 47 11.29 -4.69 3.34
CA GLY A 47 11.46 -6.16 3.55
C GLY A 47 12.96 -6.50 3.47
N GLN A 48 13.44 -7.31 4.38
CA GLN A 48 14.88 -7.68 4.35
C GLN A 48 15.19 -8.41 3.04
N ARG A 49 14.25 -9.13 2.51
CA ARG A 49 14.50 -9.86 1.24
C ARG A 49 14.57 -8.86 0.08
N ARG A 50 15.69 -8.79 -0.58
CA ARG A 50 15.82 -7.84 -1.73
C ARG A 50 14.78 -8.18 -2.79
N LYS A 51 14.44 -9.43 -2.93
CA LYS A 51 13.43 -9.83 -3.95
C LYS A 51 12.05 -9.29 -3.55
N SER A 52 11.89 -8.92 -2.31
CA SER A 52 10.57 -8.40 -1.85
C SER A 52 10.76 -7.01 -1.24
N GLU A 53 10.68 -5.98 -2.05
CA GLU A 53 10.86 -4.60 -1.51
C GLU A 53 9.86 -3.67 -2.18
N LYS A 54 9.11 -2.92 -1.41
CA LYS A 54 8.11 -1.99 -2.02
C LYS A 54 6.92 -2.79 -2.53
N LEU A 55 5.81 -2.73 -1.86
CA LEU A 55 4.62 -3.50 -2.31
C LEU A 55 4.20 -3.02 -3.71
N PHE A 56 4.55 -1.81 -4.06
CA PHE A 56 4.17 -1.29 -5.40
C PHE A 56 5.23 -0.27 -5.85
N PRO A 57 6.15 -0.70 -6.72
CA PRO A 57 7.22 0.16 -7.23
C PRO A 57 6.68 1.29 -8.10
N GLY A 58 7.26 2.46 -8.00
CA GLY A 58 6.79 3.61 -8.81
C GLY A 58 5.47 4.15 -8.24
N TYR A 59 4.84 3.43 -7.34
CA TYR A 59 3.55 3.93 -6.78
C TYR A 59 3.78 4.49 -5.37
N VAL A 60 3.28 5.67 -5.11
CA VAL A 60 3.46 6.27 -3.76
C VAL A 60 2.09 6.81 -3.29
N PHE A 61 1.82 6.76 -2.02
CA PHE A 61 0.50 7.25 -1.53
C PHE A 61 0.68 8.58 -0.79
N VAL A 62 0.01 9.60 -1.23
CA VAL A 62 0.14 10.93 -0.57
C VAL A 62 -1.26 11.48 -0.25
N GLU A 63 -1.43 12.09 0.88
CA GLU A 63 -2.77 12.66 1.24
C GLU A 63 -2.82 14.09 0.72
N MET A 64 -3.81 14.41 -0.08
CA MET A 64 -3.89 15.79 -0.62
C MET A 64 -5.34 16.23 -0.80
N ILE A 65 -5.56 17.51 -0.90
CA ILE A 65 -6.95 18.02 -1.09
C ILE A 65 -7.10 18.46 -2.55
N MET A 66 -8.22 18.19 -3.17
CA MET A 66 -8.39 18.56 -4.58
C MET A 66 -8.59 20.08 -4.72
N ASN A 67 -7.94 20.67 -5.67
CA ASN A 67 -8.08 22.15 -5.88
C ASN A 67 -7.23 22.56 -7.09
N ASP A 68 -7.57 23.65 -7.71
CA ASP A 68 -6.78 24.09 -8.90
C ASP A 68 -5.34 24.40 -8.48
N GLU A 69 -5.17 25.05 -7.36
CA GLU A 69 -3.79 25.38 -6.90
C GLU A 69 -3.11 24.13 -6.34
N ALA A 70 -3.87 23.19 -5.87
CA ALA A 70 -3.27 21.95 -5.31
C ALA A 70 -2.83 21.02 -6.45
N TYR A 71 -3.68 20.81 -7.42
CA TYR A 71 -3.31 19.93 -8.55
C TYR A 71 -2.11 20.50 -9.30
N ASN A 72 -2.11 21.78 -9.57
CA ASN A 72 -0.96 22.39 -10.31
C ASN A 72 0.28 22.43 -9.42
N PHE A 73 0.11 22.52 -8.13
CA PHE A 73 1.30 22.58 -7.23
C PHE A 73 1.88 21.16 -7.07
N VAL A 74 1.04 20.18 -6.98
CA VAL A 74 1.55 18.78 -6.83
C VAL A 74 2.07 18.28 -8.17
N ARG A 75 1.30 18.44 -9.22
CA ARG A 75 1.76 17.96 -10.56
C ARG A 75 3.07 18.64 -10.94
N SER A 76 3.37 19.76 -10.33
CA SER A 76 4.65 20.47 -10.67
C SER A 76 5.73 20.08 -9.67
N VAL A 77 5.45 19.15 -8.79
CA VAL A 77 6.48 18.75 -7.79
C VAL A 77 7.62 18.02 -8.50
N PRO A 78 8.87 18.39 -8.20
CA PRO A 78 10.05 17.79 -8.81
C PRO A 78 10.22 16.31 -8.44
N TYR A 79 10.54 15.49 -9.41
CA TYR A 79 10.73 14.03 -9.16
C TYR A 79 9.40 13.29 -9.37
N VAL A 80 8.32 14.01 -9.59
CA VAL A 80 7.02 13.33 -9.81
C VAL A 80 6.74 13.24 -11.32
N MET A 81 6.29 12.11 -11.77
CA MET A 81 6.01 11.96 -13.23
C MET A 81 4.52 12.19 -13.49
N GLY A 82 3.69 11.99 -12.51
CA GLY A 82 2.23 12.21 -12.71
C GLY A 82 1.44 11.46 -11.64
N PHE A 83 0.18 11.21 -11.87
CA PHE A 83 -0.63 10.47 -10.86
C PHE A 83 -1.51 9.44 -11.57
N VAL A 84 -1.79 8.34 -10.92
CA VAL A 84 -2.63 7.29 -11.56
C VAL A 84 -4.08 7.77 -11.61
N SER A 85 -4.69 7.72 -12.76
CA SER A 85 -6.11 8.17 -12.88
C SER A 85 -6.74 7.59 -14.14
N SER A 86 -8.04 7.65 -14.25
CA SER A 86 -8.71 7.11 -15.47
C SER A 86 -8.84 8.22 -16.51
N GLY A 87 -8.97 9.45 -16.07
CA GLY A 87 -9.10 10.57 -17.04
C GLY A 87 -8.17 11.72 -16.61
N GLY A 88 -8.62 12.54 -15.70
CA GLY A 88 -7.76 13.68 -15.25
C GLY A 88 -7.15 13.34 -13.89
N GLN A 89 -7.12 14.30 -12.99
CA GLN A 89 -6.54 14.05 -11.64
C GLN A 89 -6.77 12.59 -11.22
N PRO A 90 -5.91 12.08 -10.33
CA PRO A 90 -6.00 10.70 -9.84
C PRO A 90 -7.24 10.49 -8.96
N VAL A 91 -7.76 9.30 -8.93
CA VAL A 91 -8.96 9.02 -8.11
C VAL A 91 -8.53 8.75 -6.66
N PRO A 92 -9.42 9.05 -5.70
CA PRO A 92 -9.14 8.84 -4.28
C PRO A 92 -9.12 7.36 -3.92
N VAL A 93 -8.26 6.97 -3.01
CA VAL A 93 -8.20 5.54 -2.62
C VAL A 93 -9.30 5.24 -1.60
N LYS A 94 -10.10 4.25 -1.84
CA LYS A 94 -11.19 3.91 -0.89
C LYS A 94 -10.59 3.38 0.41
N ASP A 95 -11.13 3.75 1.53
CA ASP A 95 -10.59 3.27 2.83
C ASP A 95 -10.42 1.75 2.78
N ARG A 96 -11.36 1.06 2.21
CA ARG A 96 -11.26 -0.43 2.13
C ARG A 96 -9.96 -0.81 1.41
N GLU A 97 -9.50 0.01 0.50
CA GLU A 97 -8.25 -0.32 -0.24
C GLU A 97 -7.05 0.18 0.57
N MET A 98 -7.23 1.19 1.36
CA MET A 98 -6.09 1.71 2.18
C MET A 98 -5.95 0.87 3.44
N ARG A 99 -7.01 0.26 3.88
CA ARG A 99 -6.95 -0.58 5.10
C ARG A 99 -5.62 -1.33 5.16
N PRO A 100 -5.27 -2.05 4.08
CA PRO A 100 -4.02 -2.81 4.00
C PRO A 100 -2.80 -1.89 3.92
N ILE A 101 -2.95 -0.72 3.37
CA ILE A 101 -1.79 0.21 3.26
C ILE A 101 -1.60 0.94 4.59
N LEU A 102 -2.67 1.39 5.19
CA LEU A 102 -2.54 2.11 6.49
C LEU A 102 -2.05 1.14 7.56
N ARG A 103 -2.53 -0.07 7.54
CA ARG A 103 -2.08 -1.07 8.56
C ARG A 103 -0.60 -1.35 8.36
N LEU A 104 -0.20 -1.63 7.15
CA LEU A 104 1.24 -1.91 6.89
C LEU A 104 2.03 -0.60 6.99
N ALA A 105 1.44 0.48 6.56
CA ALA A 105 2.15 1.79 6.62
C ALA A 105 2.27 2.25 8.07
N GLY A 106 1.74 1.50 8.99
CA GLY A 106 1.83 1.91 10.43
C GLY A 106 0.85 3.05 10.70
N LEU A 107 -0.02 3.33 9.78
CA LEU A 107 -1.01 4.43 9.99
C LEU A 107 -2.13 3.94 10.91
N GLU A 108 -2.33 2.65 10.99
CA GLU A 108 -3.40 2.11 11.86
C GLU A 108 -2.79 1.29 13.00
N GLU A 109 -3.51 1.12 14.08
CA GLU A 109 -2.97 0.32 15.22
C GLU A 109 -3.60 -1.07 15.20
N TYR A 110 -2.80 -2.09 15.10
CA TYR A 110 -3.35 -3.47 15.09
C TYR A 110 -2.34 -4.44 15.71
N GLU A 111 -2.78 -5.61 16.09
CA GLU A 111 -1.83 -6.58 16.71
C GLU A 111 -1.44 -7.63 15.66
N GLU A 112 -1.19 -8.84 16.08
CA GLU A 112 -0.80 -9.91 15.11
C GLU A 112 -1.74 -11.10 15.27
N LYS A 113 -1.92 -11.86 14.22
CA LYS A 113 -2.81 -13.06 14.28
C LYS A 113 -3.81 -12.93 15.44
N LYS A 114 -4.98 -12.41 15.18
CA LYS A 114 -5.99 -12.26 16.27
C LYS A 114 -6.20 -13.62 16.94
N LYS A 115 -6.08 -14.69 16.20
CA LYS A 115 -6.28 -16.04 16.79
C LYS A 115 -4.96 -16.80 16.75
N PRO A 116 -4.39 -17.12 17.93
CA PRO A 116 -3.13 -17.86 18.03
C PRO A 116 -3.29 -19.32 17.60
N VAL A 117 -4.48 -19.73 17.30
CA VAL A 117 -4.69 -21.15 16.87
C VAL A 117 -4.15 -21.34 15.46
N LYS A 118 -3.40 -22.38 15.22
CA LYS A 118 -2.86 -22.62 13.86
C LYS A 118 -3.99 -23.03 12.92
N VAL A 119 -3.79 -22.90 11.64
CA VAL A 119 -4.86 -23.28 10.67
C VAL A 119 -4.25 -24.13 9.55
N GLU A 120 -5.03 -25.02 8.99
CA GLU A 120 -4.50 -25.89 7.90
C GLU A 120 -5.59 -26.11 6.85
N LEU A 121 -5.35 -26.97 5.90
CA LEU A 121 -6.35 -27.24 4.83
C LEU A 121 -5.63 -27.53 3.51
N GLY A 122 -5.64 -28.76 3.06
CA GLY A 122 -4.95 -29.13 1.78
C GLY A 122 -4.76 -27.88 0.91
N PHE A 123 -3.63 -27.25 0.99
CA PHE A 123 -3.38 -26.04 0.16
C PHE A 123 -2.40 -26.37 -0.96
N LYS A 124 -2.56 -25.77 -2.10
CA LYS A 124 -1.64 -26.05 -3.24
C LYS A 124 -1.34 -24.75 -3.99
N VAL A 125 -0.31 -24.73 -4.79
CA VAL A 125 0.03 -23.50 -5.54
C VAL A 125 -1.12 -23.14 -6.49
N GLY A 126 -1.40 -21.89 -6.64
CA GLY A 126 -2.52 -21.46 -7.54
C GLY A 126 -3.83 -21.49 -6.78
N ASP A 127 -3.98 -22.39 -5.86
CA ASP A 127 -5.25 -22.47 -5.07
C ASP A 127 -5.61 -21.07 -4.58
N MET A 128 -6.85 -20.85 -4.25
CA MET A 128 -7.26 -19.50 -3.76
C MET A 128 -7.37 -19.55 -2.24
N VAL A 129 -6.74 -18.65 -1.56
CA VAL A 129 -6.81 -18.66 -0.07
C VAL A 129 -7.20 -17.27 0.44
N LYS A 130 -7.95 -17.21 1.49
CA LYS A 130 -8.36 -15.90 2.05
C LYS A 130 -7.44 -15.56 3.22
N ILE A 131 -7.05 -14.33 3.35
CA ILE A 131 -6.16 -13.95 4.48
C ILE A 131 -7.02 -13.78 5.73
N ILE A 132 -6.47 -13.97 6.89
CA ILE A 132 -7.30 -13.81 8.12
C ILE A 132 -6.42 -13.33 9.28
N SER A 133 -5.17 -13.08 9.03
CA SER A 133 -4.28 -12.60 10.13
C SER A 133 -3.19 -11.69 9.57
N GLY A 134 -2.80 -10.70 10.33
CA GLY A 134 -1.74 -9.77 9.87
C GLY A 134 -2.35 -8.44 9.41
N PRO A 135 -1.55 -7.62 8.71
CA PRO A 135 -1.98 -6.31 8.21
C PRO A 135 -3.01 -6.43 7.09
N PHE A 136 -3.08 -7.56 6.42
CA PHE A 136 -4.08 -7.71 5.32
C PHE A 136 -5.19 -8.67 5.78
N GLU A 137 -5.32 -8.87 7.06
CA GLU A 137 -6.38 -9.78 7.57
C GLU A 137 -7.69 -9.53 6.80
N ASP A 138 -8.40 -10.57 6.48
CA ASP A 138 -9.70 -10.42 5.75
C ASP A 138 -9.44 -10.04 4.29
N PHE A 139 -8.35 -10.46 3.72
CA PHE A 139 -8.08 -10.11 2.29
C PHE A 139 -8.01 -11.39 1.46
N ALA A 140 -8.66 -11.42 0.33
CA ALA A 140 -8.63 -12.65 -0.53
C ALA A 140 -7.33 -12.70 -1.31
N GLY A 141 -6.68 -13.84 -1.35
CA GLY A 141 -5.40 -13.94 -2.10
C GLY A 141 -5.26 -15.32 -2.74
N VAL A 142 -4.29 -15.48 -3.60
CA VAL A 142 -4.10 -16.80 -4.27
C VAL A 142 -2.71 -17.34 -3.92
N ILE A 143 -2.62 -18.60 -3.61
CA ILE A 143 -1.29 -19.19 -3.25
C ILE A 143 -0.40 -19.23 -4.49
N LYS A 144 0.72 -18.56 -4.45
CA LYS A 144 1.63 -18.57 -5.62
C LYS A 144 2.76 -19.58 -5.40
N GLU A 145 3.18 -19.74 -4.17
CA GLU A 145 4.29 -20.70 -3.89
C GLU A 145 4.20 -21.19 -2.44
N ILE A 146 4.62 -22.40 -2.19
CA ILE A 146 4.56 -22.94 -0.80
C ILE A 146 5.95 -23.38 -0.36
N ASP A 147 6.41 -22.90 0.76
CA ASP A 147 7.76 -23.29 1.25
C ASP A 147 7.62 -24.22 2.45
N PRO A 148 7.80 -25.53 2.24
CA PRO A 148 7.71 -26.54 3.30
C PRO A 148 8.90 -26.46 4.26
N GLU A 149 8.83 -27.19 5.35
CA GLU A 149 9.96 -27.17 6.34
C GLU A 149 9.87 -25.90 7.21
N ARG A 150 9.19 -24.89 6.74
CA ARG A 150 9.08 -23.65 7.56
C ARG A 150 7.61 -23.29 7.73
N GLN A 151 6.74 -23.88 6.96
CA GLN A 151 5.29 -23.58 7.09
C GLN A 151 5.01 -22.15 6.59
N GLU A 152 5.52 -21.80 5.45
CA GLU A 152 5.28 -20.43 4.91
C GLU A 152 4.52 -20.53 3.59
N LEU A 153 3.62 -19.63 3.33
CA LEU A 153 2.86 -19.70 2.04
C LEU A 153 2.90 -18.36 1.32
N LYS A 154 3.30 -18.37 0.08
CA LYS A 154 3.36 -17.10 -0.70
C LYS A 154 2.02 -16.92 -1.42
N VAL A 155 1.41 -15.77 -1.28
CA VAL A 155 0.09 -15.57 -1.96
C VAL A 155 0.11 -14.23 -2.70
N ASN A 156 -0.60 -14.15 -3.81
CA ASN A 156 -0.63 -12.87 -4.58
C ASN A 156 -1.92 -12.13 -4.28
N VAL A 157 -1.83 -10.90 -3.86
CA VAL A 157 -3.05 -10.11 -3.55
C VAL A 157 -3.29 -9.08 -4.66
N THR A 158 -4.53 -8.82 -4.97
CA THR A 158 -4.83 -7.83 -6.05
C THR A 158 -5.14 -6.47 -5.43
N ILE A 159 -4.15 -5.63 -5.29
CA ILE A 159 -4.39 -4.29 -4.70
C ILE A 159 -4.09 -3.22 -5.75
N PHE A 160 -4.85 -2.15 -5.77
CA PHE A 160 -4.61 -1.09 -6.79
C PHE A 160 -4.79 -1.67 -8.18
N GLY A 161 -5.73 -2.56 -8.35
CA GLY A 161 -5.97 -3.16 -9.69
C GLY A 161 -4.70 -3.86 -10.17
N ARG A 162 -3.79 -4.15 -9.28
CA ARG A 162 -2.53 -4.83 -9.69
C ARG A 162 -2.32 -6.08 -8.84
N GLU A 163 -1.55 -7.03 -9.32
CA GLU A 163 -1.32 -8.26 -8.53
C GLU A 163 0.06 -8.20 -7.86
N THR A 164 0.11 -8.50 -6.59
CA THR A 164 1.43 -8.45 -5.87
C THR A 164 1.51 -9.60 -4.87
N PRO A 165 2.59 -10.38 -4.94
CA PRO A 165 2.82 -11.52 -4.04
C PRO A 165 3.14 -11.07 -2.62
N VAL A 166 2.56 -11.69 -1.63
CA VAL A 166 2.85 -11.28 -0.23
C VAL A 166 3.46 -12.44 0.54
N VAL A 167 4.05 -12.17 1.68
CA VAL A 167 4.66 -13.27 2.48
C VAL A 167 3.96 -13.37 3.83
N LEU A 168 3.34 -14.49 4.10
CA LEU A 168 2.63 -14.64 5.41
C LEU A 168 2.80 -16.06 5.93
N HIS A 169 2.45 -16.26 7.18
CA HIS A 169 2.58 -17.62 7.78
C HIS A 169 1.35 -18.45 7.40
N VAL A 170 1.53 -19.72 7.23
CA VAL A 170 0.39 -20.60 6.85
C VAL A 170 -0.72 -20.44 7.89
N SER A 171 -0.37 -20.22 9.12
CA SER A 171 -1.40 -20.06 10.18
C SER A 171 -2.04 -18.68 10.09
N GLU A 172 -1.52 -17.83 9.25
CA GLU A 172 -2.10 -16.46 9.12
C GLU A 172 -3.08 -16.43 7.95
N VAL A 173 -3.30 -17.56 7.31
CA VAL A 173 -4.25 -17.59 6.16
C VAL A 173 -5.08 -18.88 6.23
N GLU A 174 -6.15 -18.94 5.50
CA GLU A 174 -7.00 -20.17 5.51
C GLU A 174 -7.49 -20.45 4.09
N LYS A 175 -8.03 -21.62 3.86
CA LYS A 175 -8.53 -21.93 2.49
C LYS A 175 -10.03 -21.60 2.40
N ILE A 176 -10.48 -20.64 3.16
CA ILE A 176 -11.92 -20.28 3.12
C ILE A 176 -12.78 -21.54 3.21
N GLU A 177 -13.23 -21.88 4.39
CA GLU A 177 -14.07 -23.10 4.54
C GLU A 177 -15.21 -23.07 3.52
N GLY A 1 -14.89 19.17 1.61
CA GLY A 1 -14.13 20.02 0.65
C GLY A 1 -12.67 20.12 1.10
N ALA A 2 -12.11 21.30 1.09
CA ALA A 2 -10.70 21.45 1.52
C ALA A 2 -10.54 20.95 2.97
N MET A 3 -11.54 21.15 3.78
CA MET A 3 -11.45 20.68 5.20
C MET A 3 -11.23 19.17 5.22
N LYS A 4 -11.68 18.49 4.20
CA LYS A 4 -11.49 17.00 4.16
C LYS A 4 -10.47 16.64 3.07
N LYS A 5 -9.48 15.87 3.41
CA LYS A 5 -8.46 15.49 2.40
C LYS A 5 -8.57 14.00 2.08
N LYS A 6 -8.00 13.57 0.99
CA LYS A 6 -8.08 12.12 0.63
C LYS A 6 -6.69 11.63 0.25
N TRP A 7 -6.53 10.34 0.10
CA TRP A 7 -5.20 9.79 -0.26
C TRP A 7 -5.20 9.40 -1.74
N TYR A 8 -4.23 9.85 -2.49
CA TYR A 8 -4.18 9.50 -3.93
C TYR A 8 -2.90 8.72 -4.22
N ILE A 9 -2.78 8.15 -5.40
CA ILE A 9 -1.55 7.38 -5.72
C ILE A 9 -0.66 8.22 -6.65
N VAL A 10 0.48 8.64 -6.17
CA VAL A 10 1.39 9.46 -7.02
C VAL A 10 2.27 8.54 -7.86
N LEU A 11 2.53 8.91 -9.08
CA LEU A 11 3.39 8.06 -9.95
C LEU A 11 4.84 8.51 -9.85
N THR A 12 5.77 7.60 -9.85
CA THR A 12 7.20 8.00 -9.75
C THR A 12 8.08 6.85 -10.25
N MET A 13 9.37 6.97 -10.11
CA MET A 13 10.27 5.88 -10.58
C MET A 13 10.88 5.17 -9.37
N SER A 14 10.68 3.88 -9.27
CA SER A 14 11.26 3.13 -8.11
C SER A 14 12.70 3.58 -7.87
N GLY A 15 13.06 3.84 -6.65
CA GLY A 15 14.45 4.28 -6.35
C GLY A 15 14.45 5.79 -6.05
N TYR A 16 13.44 6.48 -6.51
CA TYR A 16 13.39 7.95 -6.25
C TYR A 16 12.22 8.26 -5.31
N GLU A 17 11.40 7.29 -5.04
CA GLU A 17 10.24 7.53 -4.13
C GLU A 17 10.72 8.26 -2.87
N GLU A 18 11.62 7.67 -2.13
CA GLU A 18 12.12 8.34 -0.90
C GLU A 18 12.44 9.80 -1.21
N LYS A 19 12.90 10.08 -2.39
CA LYS A 19 13.22 11.48 -2.76
C LYS A 19 11.92 12.27 -2.98
N VAL A 20 10.98 11.68 -3.67
CA VAL A 20 9.70 12.38 -3.92
C VAL A 20 9.06 12.77 -2.58
N LYS A 21 8.96 11.86 -1.66
CA LYS A 21 8.36 12.20 -0.34
C LYS A 21 9.13 13.37 0.28
N GLU A 22 10.43 13.30 0.27
CA GLU A 22 11.24 14.40 0.85
C GLU A 22 11.03 15.67 0.03
N ASN A 23 10.95 15.55 -1.27
CA ASN A 23 10.75 16.75 -2.11
C ASN A 23 9.42 17.43 -1.77
N ILE A 24 8.38 16.66 -1.60
CA ILE A 24 7.06 17.27 -1.27
C ILE A 24 7.13 17.96 0.09
N GLU A 25 7.72 17.32 1.07
CA GLU A 25 7.80 17.94 2.42
C GLU A 25 8.56 19.27 2.33
N LYS A 26 9.68 19.30 1.65
CA LYS A 26 10.45 20.57 1.55
C LYS A 26 9.86 21.43 0.44
N LYS A 27 9.42 20.84 -0.64
CA LYS A 27 8.84 21.63 -1.75
C LYS A 27 7.67 22.46 -1.21
N VAL A 28 6.99 21.97 -0.22
CA VAL A 28 5.83 22.73 0.34
C VAL A 28 6.34 23.72 1.39
N GLU A 29 7.45 23.45 2.00
CA GLU A 29 7.99 24.39 3.02
C GLU A 29 8.43 25.69 2.35
N ALA A 30 9.16 25.61 1.28
CA ALA A 30 9.61 26.85 0.59
C ALA A 30 8.39 27.69 0.19
N THR A 31 7.29 27.05 -0.09
CA THR A 31 6.07 27.82 -0.48
C THR A 31 5.25 28.15 0.77
N GLY A 32 5.45 27.42 1.83
CA GLY A 32 4.68 27.69 3.08
C GLY A 32 3.26 27.13 2.94
N ILE A 33 2.94 26.58 1.81
CA ILE A 33 1.57 26.02 1.61
C ILE A 33 1.44 24.72 2.40
N LYS A 34 1.38 24.81 3.70
CA LYS A 34 1.26 23.58 4.54
C LYS A 34 -0.21 23.20 4.66
N ASN A 35 -1.06 23.78 3.85
CA ASN A 35 -2.50 23.45 3.93
C ASN A 35 -2.91 22.67 2.68
N LEU A 36 -2.04 22.59 1.71
CA LEU A 36 -2.37 21.84 0.46
C LEU A 36 -1.90 20.39 0.61
N VAL A 37 -0.66 20.20 0.97
CA VAL A 37 -0.13 18.81 1.14
C VAL A 37 -0.32 18.38 2.59
N GLY A 38 -0.66 17.14 2.82
CA GLY A 38 -0.85 16.68 4.22
C GLY A 38 0.15 15.57 4.55
N ARG A 39 -0.33 14.40 4.88
CA ARG A 39 0.61 13.28 5.22
C ARG A 39 0.83 12.39 4.00
N ILE A 40 2.04 11.95 3.80
CA ILE A 40 2.33 11.06 2.64
C ILE A 40 2.68 9.65 3.16
N VAL A 41 2.12 8.63 2.57
CA VAL A 41 2.44 7.25 3.04
C VAL A 41 2.97 6.43 1.87
N ILE A 42 3.84 5.50 2.15
CA ILE A 42 4.41 4.66 1.05
C ILE A 42 4.29 3.19 1.41
N PRO A 43 3.80 2.38 0.47
CA PRO A 43 3.62 0.93 0.67
C PRO A 43 4.97 0.23 0.85
N ILE A 44 6.04 0.97 0.71
CA ILE A 44 7.40 0.36 0.89
C ILE A 44 7.60 -0.03 2.36
N ARG A 45 7.18 0.80 3.27
CA ARG A 45 7.36 0.48 4.71
C ARG A 45 6.99 -0.98 4.96
N GLY A 46 7.61 -1.61 5.91
CA GLY A 46 7.30 -3.04 6.20
C GLY A 46 8.01 -3.47 7.48
N GLY A 47 8.19 -4.75 7.68
CA GLY A 47 8.87 -5.22 8.90
C GLY A 47 10.31 -4.70 8.94
N GLN A 48 10.72 -4.13 10.04
CA GLN A 48 12.11 -3.60 10.12
C GLN A 48 13.10 -4.72 9.86
N ARG A 49 12.70 -5.95 10.05
CA ARG A 49 13.62 -7.09 9.81
C ARG A 49 14.08 -7.06 8.35
N ARG A 50 13.31 -6.47 7.48
CA ARG A 50 13.69 -6.41 6.04
C ARG A 50 13.77 -4.96 5.60
N LYS A 51 14.79 -4.60 4.87
CA LYS A 51 14.91 -3.19 4.40
C LYS A 51 13.69 -2.82 3.55
N SER A 52 13.52 -1.56 3.25
CA SER A 52 12.36 -1.15 2.43
C SER A 52 12.24 -2.05 1.20
N GLU A 53 11.28 -2.93 1.18
CA GLU A 53 11.12 -3.84 0.01
C GLU A 53 10.27 -3.15 -1.06
N LYS A 54 9.39 -2.28 -0.67
CA LYS A 54 8.54 -1.57 -1.68
C LYS A 54 7.42 -2.50 -2.13
N LEU A 55 6.30 -2.49 -1.45
CA LEU A 55 5.17 -3.37 -1.86
C LEU A 55 4.83 -3.10 -3.32
N PHE A 56 4.70 -1.85 -3.69
CA PHE A 56 4.37 -1.51 -5.11
C PHE A 56 5.35 -0.44 -5.58
N PRO A 57 6.31 -0.82 -6.43
CA PRO A 57 7.31 0.10 -6.96
C PRO A 57 6.69 1.19 -7.82
N GLY A 58 7.23 2.38 -7.77
CA GLY A 58 6.69 3.49 -8.59
C GLY A 58 5.39 4.03 -7.98
N TYR A 59 4.72 3.27 -7.15
CA TYR A 59 3.44 3.76 -6.58
C TYR A 59 3.66 4.34 -5.17
N VAL A 60 3.18 5.53 -4.94
CA VAL A 60 3.34 6.17 -3.60
C VAL A 60 1.97 6.71 -3.15
N PHE A 61 1.66 6.62 -1.89
CA PHE A 61 0.34 7.12 -1.42
C PHE A 61 0.50 8.46 -0.71
N VAL A 62 -0.28 9.43 -1.09
CA VAL A 62 -0.18 10.77 -0.44
C VAL A 62 -1.57 11.35 -0.22
N GLU A 63 -1.75 12.13 0.82
CA GLU A 63 -3.07 12.75 1.09
C GLU A 63 -2.96 14.26 0.90
N MET A 64 -3.85 14.86 0.15
CA MET A 64 -3.74 16.33 -0.06
C MET A 64 -5.11 16.96 -0.30
N ILE A 65 -5.19 18.24 -0.11
CA ILE A 65 -6.48 18.96 -0.34
C ILE A 65 -6.64 19.22 -1.84
N MET A 66 -7.73 18.80 -2.41
CA MET A 66 -7.93 19.00 -3.88
C MET A 66 -8.32 20.45 -4.16
N ASN A 67 -7.83 20.99 -5.25
CA ASN A 67 -8.15 22.39 -5.60
C ASN A 67 -7.37 22.79 -6.86
N ASP A 68 -7.69 23.90 -7.46
CA ASP A 68 -6.97 24.32 -8.69
C ASP A 68 -5.51 24.63 -8.34
N GLU A 69 -5.29 25.28 -7.23
CA GLU A 69 -3.88 25.61 -6.84
C GLU A 69 -3.18 24.35 -6.31
N ALA A 70 -3.89 23.49 -5.66
CA ALA A 70 -3.25 22.25 -5.12
C ALA A 70 -2.92 21.30 -6.27
N TYR A 71 -3.85 21.07 -7.15
CA TYR A 71 -3.59 20.14 -8.28
C TYR A 71 -2.44 20.69 -9.14
N ASN A 72 -2.45 21.96 -9.44
CA ASN A 72 -1.37 22.54 -10.28
C ASN A 72 -0.05 22.55 -9.49
N PHE A 73 -0.11 22.59 -8.19
CA PHE A 73 1.14 22.62 -7.38
C PHE A 73 1.70 21.20 -7.26
N VAL A 74 0.85 20.22 -7.16
CA VAL A 74 1.34 18.82 -7.02
C VAL A 74 2.02 18.38 -8.32
N ARG A 75 1.33 18.45 -9.43
CA ARG A 75 1.93 18.02 -10.71
C ARG A 75 3.33 18.63 -10.87
N SER A 76 3.51 19.84 -10.43
CA SER A 76 4.86 20.49 -10.58
C SER A 76 5.86 19.83 -9.62
N VAL A 77 5.47 18.82 -8.90
CA VAL A 77 6.43 18.16 -7.97
C VAL A 77 7.56 17.53 -8.78
N PRO A 78 8.81 17.72 -8.32
CA PRO A 78 9.99 17.18 -9.00
C PRO A 78 10.05 15.65 -8.91
N TYR A 79 10.36 15.00 -9.99
CA TYR A 79 10.44 13.51 -9.96
C TYR A 79 9.04 12.91 -10.03
N VAL A 80 8.02 13.75 -9.97
CA VAL A 80 6.63 13.21 -10.03
C VAL A 80 6.22 13.02 -11.49
N MET A 81 5.82 11.84 -11.85
CA MET A 81 5.41 11.58 -13.26
C MET A 81 3.96 12.02 -13.45
N GLY A 82 3.16 11.95 -12.42
CA GLY A 82 1.74 12.36 -12.54
C GLY A 82 0.91 11.68 -11.45
N PHE A 83 -0.37 11.55 -11.65
CA PHE A 83 -1.22 10.89 -10.63
C PHE A 83 -2.15 9.88 -11.31
N VAL A 84 -2.31 8.72 -10.74
CA VAL A 84 -3.20 7.70 -11.36
C VAL A 84 -4.62 8.25 -11.46
N SER A 85 -5.24 8.13 -12.60
CA SER A 85 -6.63 8.66 -12.77
C SER A 85 -7.22 8.15 -14.09
N SER A 86 -8.51 8.17 -14.21
CA SER A 86 -9.15 7.69 -15.48
C SER A 86 -9.27 8.86 -16.45
N GLY A 87 -9.52 10.04 -15.95
CA GLY A 87 -9.65 11.22 -16.85
C GLY A 87 -8.68 12.32 -16.38
N GLY A 88 -9.10 13.12 -15.44
CA GLY A 88 -8.22 14.20 -14.94
C GLY A 88 -7.74 13.86 -13.52
N GLN A 89 -7.80 14.81 -12.62
CA GLN A 89 -7.35 14.56 -11.22
C GLN A 89 -7.49 13.08 -10.86
N PRO A 90 -6.56 12.57 -10.06
CA PRO A 90 -6.56 11.16 -9.63
C PRO A 90 -7.71 10.85 -8.68
N VAL A 91 -8.24 9.65 -8.74
CA VAL A 91 -9.36 9.28 -7.83
C VAL A 91 -8.81 8.91 -6.47
N PRO A 92 -9.58 9.17 -5.40
CA PRO A 92 -9.17 8.85 -4.03
C PRO A 92 -9.14 7.34 -3.77
N VAL A 93 -8.23 6.89 -2.96
CA VAL A 93 -8.14 5.44 -2.67
C VAL A 93 -9.40 4.98 -1.93
N LYS A 94 -9.86 3.80 -2.19
CA LYS A 94 -11.08 3.30 -1.50
C LYS A 94 -10.70 2.76 -0.12
N ASP A 95 -11.43 3.13 0.90
CA ASP A 95 -11.11 2.64 2.27
C ASP A 95 -10.86 1.13 2.20
N ARG A 96 -11.68 0.40 1.52
CA ARG A 96 -11.50 -1.07 1.42
C ARG A 96 -10.13 -1.37 0.82
N GLU A 97 -9.52 -0.42 0.17
CA GLU A 97 -8.18 -0.65 -0.43
C GLU A 97 -7.09 -0.06 0.48
N MET A 98 -7.43 0.94 1.24
CA MET A 98 -6.42 1.55 2.15
C MET A 98 -6.24 0.67 3.39
N ARG A 99 -7.30 0.04 3.83
CA ARG A 99 -7.21 -0.84 5.03
C ARG A 99 -5.83 -1.52 5.08
N PRO A 100 -5.45 -2.22 4.00
CA PRO A 100 -4.16 -2.92 3.93
C PRO A 100 -2.98 -1.96 3.86
N ILE A 101 -3.17 -0.80 3.29
CA ILE A 101 -2.04 0.18 3.19
C ILE A 101 -1.83 0.88 4.54
N LEU A 102 -2.89 1.30 5.17
CA LEU A 102 -2.75 2.00 6.48
C LEU A 102 -2.14 1.04 7.51
N ARG A 103 -2.59 -0.19 7.52
CA ARG A 103 -2.04 -1.16 8.50
C ARG A 103 -0.55 -1.37 8.23
N LEU A 104 -0.21 -1.68 7.00
CA LEU A 104 1.24 -1.90 6.67
C LEU A 104 1.96 -0.55 6.68
N ALA A 105 1.30 0.49 6.22
CA ALA A 105 1.95 1.83 6.19
C ALA A 105 2.16 2.33 7.63
N GLY A 106 1.70 1.61 8.61
CA GLY A 106 1.88 2.06 10.01
C GLY A 106 0.85 3.15 10.34
N LEU A 107 -0.03 3.43 9.42
CA LEU A 107 -1.06 4.48 9.67
C LEU A 107 -2.07 3.98 10.71
N GLU A 108 -2.15 2.70 10.91
CA GLU A 108 -3.12 2.16 11.91
C GLU A 108 -2.39 1.21 12.86
N GLU A 109 -2.90 1.05 14.06
CA GLU A 109 -2.24 0.13 15.02
C GLU A 109 -3.13 -1.09 15.28
N TYR A 110 -2.67 -2.25 14.91
CA TYR A 110 -3.50 -3.48 15.12
C TYR A 110 -2.60 -4.60 15.65
N GLU A 111 -3.18 -5.60 16.25
CA GLU A 111 -2.36 -6.72 16.78
C GLU A 111 -2.41 -7.89 15.80
N GLU A 112 -2.33 -9.10 16.29
CA GLU A 112 -2.37 -10.28 15.37
C GLU A 112 -3.54 -11.18 15.76
N LYS A 113 -4.17 -11.80 14.79
CA LYS A 113 -5.32 -12.70 15.12
C LYS A 113 -4.81 -13.92 15.91
N LYS A 114 -5.56 -14.36 16.87
CA LYS A 114 -5.13 -15.53 17.67
C LYS A 114 -5.09 -16.78 16.77
N LYS A 115 -6.01 -16.87 15.84
CA LYS A 115 -6.03 -18.06 14.94
C LYS A 115 -6.32 -19.31 15.76
N PRO A 116 -7.55 -19.43 16.27
CA PRO A 116 -7.97 -20.59 17.08
C PRO A 116 -8.12 -21.85 16.23
N VAL A 117 -7.97 -21.73 14.94
CA VAL A 117 -8.10 -22.93 14.05
C VAL A 117 -6.85 -23.08 13.20
N LYS A 118 -6.49 -24.28 12.86
CA LYS A 118 -5.28 -24.49 12.03
C LYS A 118 -5.70 -24.77 10.58
N VAL A 119 -5.00 -24.23 9.63
CA VAL A 119 -5.37 -24.47 8.21
C VAL A 119 -5.70 -25.94 7.99
N GLU A 120 -6.27 -26.28 6.87
CA GLU A 120 -6.62 -27.70 6.60
C GLU A 120 -6.76 -27.93 5.09
N LEU A 121 -6.69 -29.16 4.67
CA LEU A 121 -6.83 -29.46 3.22
C LEU A 121 -5.49 -29.20 2.52
N GLY A 122 -4.69 -30.23 2.33
CA GLY A 122 -3.38 -30.07 1.65
C GLY A 122 -3.41 -28.87 0.70
N PHE A 123 -2.98 -27.72 1.15
CA PHE A 123 -2.98 -26.53 0.25
C PHE A 123 -2.09 -26.81 -0.96
N LYS A 124 -2.43 -26.30 -2.11
CA LYS A 124 -1.60 -26.54 -3.32
C LYS A 124 -1.30 -25.21 -4.02
N VAL A 125 -0.25 -25.16 -4.79
CA VAL A 125 0.09 -23.89 -5.51
C VAL A 125 -1.05 -23.54 -6.47
N GLY A 126 -1.25 -22.27 -6.70
CA GLY A 126 -2.35 -21.85 -7.62
C GLY A 126 -3.68 -21.83 -6.87
N ASP A 127 -3.83 -22.69 -5.90
CA ASP A 127 -5.11 -22.72 -5.13
C ASP A 127 -5.46 -21.31 -4.67
N MET A 128 -6.69 -21.09 -4.27
CA MET A 128 -7.09 -19.74 -3.81
C MET A 128 -7.07 -19.69 -2.28
N VAL A 129 -6.41 -18.72 -1.72
CA VAL A 129 -6.35 -18.64 -0.23
C VAL A 129 -6.77 -17.24 0.22
N LYS A 130 -7.42 -17.16 1.36
CA LYS A 130 -7.86 -15.84 1.87
C LYS A 130 -7.04 -15.51 3.12
N ILE A 131 -6.72 -14.26 3.32
CA ILE A 131 -5.94 -13.89 4.53
C ILE A 131 -6.87 -13.87 5.74
N ILE A 132 -6.34 -14.03 6.92
CA ILE A 132 -7.21 -14.01 8.13
C ILE A 132 -6.40 -13.44 9.30
N SER A 133 -5.14 -13.17 9.09
CA SER A 133 -4.31 -12.63 10.20
C SER A 133 -3.23 -11.71 9.63
N GLY A 134 -2.88 -10.68 10.36
CA GLY A 134 -1.82 -9.74 9.89
C GLY A 134 -2.45 -8.44 9.41
N PRO A 135 -1.63 -7.59 8.77
CA PRO A 135 -2.08 -6.28 8.25
C PRO A 135 -3.03 -6.42 7.06
N PHE A 136 -3.02 -7.56 6.40
CA PHE A 136 -3.92 -7.73 5.23
C PHE A 136 -5.05 -8.70 5.58
N GLU A 137 -5.17 -9.06 6.83
CA GLU A 137 -6.25 -10.01 7.23
C GLU A 137 -7.56 -9.60 6.55
N ASP A 138 -8.37 -10.55 6.18
CA ASP A 138 -9.67 -10.23 5.51
C ASP A 138 -9.45 -9.97 4.02
N PHE A 139 -8.35 -10.44 3.48
CA PHE A 139 -8.09 -10.21 2.03
C PHE A 139 -8.08 -11.56 1.30
N ALA A 140 -8.24 -11.54 0.00
CA ALA A 140 -8.24 -12.83 -0.76
C ALA A 140 -7.03 -12.87 -1.70
N GLY A 141 -6.35 -13.97 -1.74
CA GLY A 141 -5.15 -14.06 -2.63
C GLY A 141 -4.99 -15.48 -3.16
N VAL A 142 -4.10 -15.65 -4.11
CA VAL A 142 -3.89 -17.02 -4.68
C VAL A 142 -2.52 -17.54 -4.24
N ILE A 143 -2.45 -18.77 -3.81
CA ILE A 143 -1.14 -19.33 -3.38
C ILE A 143 -0.17 -19.35 -4.56
N LYS A 144 0.91 -18.62 -4.48
CA LYS A 144 1.87 -18.61 -5.61
C LYS A 144 3.02 -19.59 -5.30
N GLU A 145 3.42 -19.68 -4.07
CA GLU A 145 4.54 -20.62 -3.72
C GLU A 145 4.37 -21.10 -2.28
N ILE A 146 4.76 -22.31 -2.01
CA ILE A 146 4.63 -22.84 -0.62
C ILE A 146 5.99 -23.28 -0.11
N ASP A 147 6.41 -22.78 1.02
CA ASP A 147 7.74 -23.17 1.58
C ASP A 147 7.54 -24.08 2.80
N PRO A 148 7.73 -25.39 2.61
CA PRO A 148 7.58 -26.37 3.68
C PRO A 148 8.74 -26.32 4.68
N GLU A 149 8.64 -27.04 5.76
CA GLU A 149 9.74 -27.03 6.77
C GLU A 149 9.64 -25.79 7.66
N ARG A 150 8.97 -24.76 7.19
CA ARG A 150 8.83 -23.52 8.02
C ARG A 150 7.35 -23.17 8.14
N GLN A 151 6.51 -23.79 7.36
CA GLN A 151 5.06 -23.49 7.43
C GLN A 151 4.80 -22.06 6.92
N GLU A 152 5.31 -21.73 5.78
CA GLU A 152 5.09 -20.37 5.23
C GLU A 152 4.44 -20.49 3.85
N LEU A 153 3.58 -19.57 3.49
CA LEU A 153 2.93 -19.67 2.15
C LEU A 153 2.76 -18.29 1.52
N LYS A 154 3.44 -18.04 0.44
CA LYS A 154 3.31 -16.72 -0.23
C LYS A 154 2.10 -16.79 -1.17
N VAL A 155 1.29 -15.76 -1.19
CA VAL A 155 0.09 -15.79 -2.07
C VAL A 155 -0.07 -14.45 -2.79
N ASN A 156 -0.30 -14.48 -4.07
CA ASN A 156 -0.47 -13.22 -4.84
C ASN A 156 -1.76 -12.51 -4.40
N VAL A 157 -1.66 -11.27 -4.00
CA VAL A 157 -2.88 -10.53 -3.57
C VAL A 157 -3.24 -9.50 -4.64
N THR A 158 -4.51 -9.23 -4.80
CA THR A 158 -4.92 -8.24 -5.84
C THR A 158 -5.15 -6.87 -5.20
N ILE A 159 -4.32 -5.92 -5.52
CA ILE A 159 -4.48 -4.55 -4.95
C ILE A 159 -4.24 -3.52 -6.04
N PHE A 160 -5.05 -2.51 -6.10
CA PHE A 160 -4.86 -1.47 -7.16
C PHE A 160 -5.00 -2.12 -8.53
N GLY A 161 -5.96 -2.99 -8.68
CA GLY A 161 -6.17 -3.68 -9.98
C GLY A 161 -4.87 -4.39 -10.39
N ARG A 162 -3.97 -4.60 -9.46
CA ARG A 162 -2.69 -5.28 -9.79
C ARG A 162 -2.48 -6.47 -8.85
N GLU A 163 -1.86 -7.51 -9.32
CA GLU A 163 -1.62 -8.70 -8.46
C GLU A 163 -0.20 -8.64 -7.88
N THR A 164 -0.05 -8.93 -6.62
CA THR A 164 1.31 -8.88 -6.01
C THR A 164 1.45 -10.01 -4.98
N PRO A 165 2.56 -10.76 -5.05
CA PRO A 165 2.83 -11.86 -4.13
C PRO A 165 3.11 -11.35 -2.71
N VAL A 166 2.47 -11.92 -1.73
CA VAL A 166 2.70 -11.45 -0.33
C VAL A 166 3.32 -12.57 0.49
N VAL A 167 3.89 -12.25 1.61
CA VAL A 167 4.54 -13.29 2.46
C VAL A 167 3.83 -13.35 3.82
N LEU A 168 3.26 -14.47 4.14
CA LEU A 168 2.56 -14.59 5.45
C LEU A 168 2.74 -15.99 6.04
N HIS A 169 2.37 -16.15 7.27
CA HIS A 169 2.49 -17.47 7.94
C HIS A 169 1.32 -18.35 7.52
N VAL A 170 1.57 -19.62 7.28
CA VAL A 170 0.46 -20.52 6.87
C VAL A 170 -0.66 -20.43 7.90
N SER A 171 -0.31 -20.25 9.15
CA SER A 171 -1.35 -20.16 10.21
C SER A 171 -2.03 -18.79 10.15
N GLU A 172 -1.57 -17.92 9.28
CA GLU A 172 -2.19 -16.57 9.17
C GLU A 172 -3.08 -16.50 7.93
N VAL A 173 -3.18 -17.59 7.20
CA VAL A 173 -4.02 -17.57 5.97
C VAL A 173 -4.95 -18.79 5.97
N GLU A 174 -5.97 -18.76 5.16
CA GLU A 174 -6.91 -19.92 5.11
C GLU A 174 -7.31 -20.18 3.66
N LYS A 175 -7.77 -21.37 3.37
CA LYS A 175 -8.18 -21.69 1.97
C LYS A 175 -9.66 -21.36 1.79
N ILE A 176 -10.14 -20.34 2.43
CA ILE A 176 -11.58 -19.98 2.30
C ILE A 176 -12.43 -21.25 2.35
N GLU A 177 -12.65 -21.79 3.52
CA GLU A 177 -13.47 -23.02 3.64
C GLU A 177 -14.83 -22.68 4.24
N GLY A 1 -13.13 21.74 1.70
CA GLY A 1 -12.12 20.99 0.88
C GLY A 1 -10.91 20.66 1.74
N ALA A 2 -10.21 21.67 2.20
CA ALA A 2 -9.00 21.43 3.04
C ALA A 2 -9.42 20.70 4.32
N MET A 3 -10.59 21.00 4.84
CA MET A 3 -11.05 20.33 6.08
C MET A 3 -10.99 18.81 5.90
N LYS A 4 -11.32 18.33 4.72
CA LYS A 4 -11.28 16.86 4.48
C LYS A 4 -10.22 16.55 3.42
N LYS A 5 -9.36 15.61 3.70
CA LYS A 5 -8.30 15.25 2.71
C LYS A 5 -8.41 13.77 2.34
N LYS A 6 -7.83 13.38 1.24
CA LYS A 6 -7.91 11.95 0.83
C LYS A 6 -6.51 11.44 0.50
N TRP A 7 -6.38 10.18 0.19
CA TRP A 7 -5.04 9.64 -0.16
C TRP A 7 -5.00 9.31 -1.66
N TYR A 8 -4.06 9.86 -2.37
CA TYR A 8 -3.98 9.57 -3.82
C TYR A 8 -2.70 8.79 -4.11
N ILE A 9 -2.54 8.30 -5.32
CA ILE A 9 -1.31 7.54 -5.65
C ILE A 9 -0.58 8.24 -6.80
N VAL A 10 0.52 8.88 -6.50
CA VAL A 10 1.28 9.58 -7.57
C VAL A 10 2.38 8.65 -8.10
N LEU A 11 2.71 8.76 -9.36
CA LEU A 11 3.76 7.88 -9.95
C LEU A 11 5.10 8.60 -9.92
N THR A 12 6.17 7.87 -9.73
CA THR A 12 7.52 8.50 -9.70
C THR A 12 8.54 7.52 -10.26
N MET A 13 9.80 7.89 -10.27
CA MET A 13 10.85 6.98 -10.80
C MET A 13 11.38 6.09 -9.67
N SER A 14 11.19 4.80 -9.76
CA SER A 14 11.69 3.90 -8.68
C SER A 14 13.10 4.34 -8.27
N GLY A 15 13.31 4.58 -7.01
CA GLY A 15 14.65 5.02 -6.54
C GLY A 15 14.61 6.51 -6.21
N TYR A 16 13.63 7.20 -6.72
CA TYR A 16 13.52 8.67 -6.44
C TYR A 16 12.37 8.92 -5.48
N GLU A 17 11.56 7.92 -5.23
CA GLU A 17 10.41 8.11 -4.30
C GLU A 17 10.89 8.87 -3.05
N GLU A 18 11.74 8.25 -2.27
CA GLU A 18 12.23 8.93 -1.04
C GLU A 18 12.60 10.37 -1.37
N LYS A 19 13.12 10.61 -2.55
CA LYS A 19 13.49 11.99 -2.93
C LYS A 19 12.23 12.82 -3.18
N VAL A 20 11.19 12.18 -3.63
CA VAL A 20 9.92 12.92 -3.89
C VAL A 20 9.25 13.28 -2.56
N LYS A 21 9.20 12.35 -1.64
CA LYS A 21 8.58 12.63 -0.32
C LYS A 21 9.28 13.85 0.32
N GLU A 22 10.58 13.82 0.37
CA GLU A 22 11.32 14.97 0.97
C GLU A 22 11.05 16.23 0.15
N ASN A 23 10.96 16.09 -1.15
CA ASN A 23 10.69 17.28 -2.00
C ASN A 23 9.33 17.88 -1.64
N ILE A 24 8.34 17.05 -1.47
CA ILE A 24 6.99 17.58 -1.11
C ILE A 24 7.09 18.41 0.17
N GLU A 25 7.80 17.92 1.16
CA GLU A 25 7.94 18.67 2.43
C GLU A 25 8.49 20.07 2.13
N LYS A 26 9.50 20.16 1.31
CA LYS A 26 10.08 21.50 0.99
C LYS A 26 9.16 22.24 0.02
N LYS A 27 8.55 21.53 -0.88
CA LYS A 27 7.64 22.19 -1.87
C LYS A 27 6.58 22.99 -1.11
N VAL A 28 6.17 22.51 0.03
CA VAL A 28 5.13 23.25 0.82
C VAL A 28 5.79 24.36 1.62
N GLU A 29 7.05 24.21 1.92
CA GLU A 29 7.75 25.26 2.72
C GLU A 29 7.87 26.54 1.88
N ALA A 30 8.39 26.44 0.69
CA ALA A 30 8.54 27.65 -0.16
C ALA A 30 7.17 28.29 -0.40
N THR A 31 6.12 27.51 -0.36
CA THR A 31 4.77 28.09 -0.60
C THR A 31 4.08 28.37 0.75
N GLY A 32 4.37 27.58 1.74
CA GLY A 32 3.74 27.81 3.08
C GLY A 32 2.31 27.24 3.07
N ILE A 33 2.04 26.30 2.21
CA ILE A 33 0.67 25.71 2.16
C ILE A 33 0.62 24.45 3.02
N LYS A 34 0.35 24.59 4.29
CA LYS A 34 0.29 23.40 5.18
C LYS A 34 -1.12 22.82 5.14
N ASN A 35 -2.03 23.46 4.47
CA ASN A 35 -3.42 22.93 4.40
C ASN A 35 -3.65 22.26 3.06
N LEU A 36 -2.60 21.95 2.35
CA LEU A 36 -2.76 21.29 1.03
C LEU A 36 -2.23 19.87 1.11
N VAL A 37 -0.98 19.70 1.46
CA VAL A 37 -0.40 18.34 1.56
C VAL A 37 -0.47 17.86 3.01
N GLY A 38 -0.90 16.65 3.23
CA GLY A 38 -0.99 16.13 4.62
C GLY A 38 0.18 15.19 4.89
N ARG A 39 -0.09 13.97 5.28
CA ARG A 39 1.01 13.01 5.57
C ARG A 39 1.28 12.15 4.34
N ILE A 40 2.52 11.82 4.10
CA ILE A 40 2.86 10.97 2.93
C ILE A 40 3.24 9.57 3.41
N VAL A 41 2.82 8.55 2.70
CA VAL A 41 3.17 7.17 3.12
C VAL A 41 3.78 6.41 1.94
N ILE A 42 4.54 5.39 2.22
CA ILE A 42 5.17 4.62 1.11
C ILE A 42 5.05 3.12 1.41
N PRO A 43 4.51 2.35 0.45
CA PRO A 43 4.33 0.90 0.59
C PRO A 43 5.68 0.18 0.64
N ILE A 44 6.76 0.89 0.44
CA ILE A 44 8.10 0.24 0.47
C ILE A 44 8.50 -0.03 1.93
N ARG A 45 7.94 0.68 2.86
CA ARG A 45 8.28 0.46 4.29
C ARG A 45 7.84 -0.95 4.71
N GLY A 46 8.35 -1.44 5.81
CA GLY A 46 7.96 -2.80 6.27
C GLY A 46 9.02 -3.81 5.82
N GLY A 47 10.06 -3.35 5.17
CA GLY A 47 11.12 -4.30 4.71
C GLY A 47 12.40 -4.03 5.49
N GLN A 48 12.36 -4.17 6.79
CA GLN A 48 13.58 -3.93 7.61
C GLN A 48 14.69 -4.89 7.17
N ARG A 49 14.33 -6.03 6.66
CA ARG A 49 15.37 -7.01 6.22
C ARG A 49 16.20 -6.39 5.09
N ARG A 50 15.64 -5.48 4.35
CA ARG A 50 16.39 -4.86 3.23
C ARG A 50 16.32 -3.33 3.36
N LYS A 51 17.18 -2.63 2.66
CA LYS A 51 17.16 -1.14 2.74
C LYS A 51 15.78 -0.62 2.30
N SER A 52 15.16 -1.27 1.37
CA SER A 52 13.83 -0.81 0.90
C SER A 52 13.23 -1.86 -0.05
N GLU A 53 12.37 -2.70 0.45
CA GLU A 53 11.75 -3.73 -0.42
C GLU A 53 10.90 -3.05 -1.49
N LYS A 54 10.06 -2.14 -1.10
CA LYS A 54 9.20 -1.44 -2.10
C LYS A 54 8.07 -2.37 -2.54
N LEU A 55 6.98 -2.37 -1.83
CA LEU A 55 5.85 -3.25 -2.22
C LEU A 55 5.30 -2.80 -3.57
N PHE A 56 5.52 -1.57 -3.93
CA PHE A 56 5.02 -1.06 -5.24
C PHE A 56 5.97 0.04 -5.72
N PRO A 57 6.89 -0.31 -6.62
CA PRO A 57 7.87 0.64 -7.17
C PRO A 57 7.21 1.74 -7.99
N GLY A 58 7.67 2.95 -7.85
CA GLY A 58 7.08 4.08 -8.62
C GLY A 58 5.73 4.49 -8.02
N TYR A 59 5.14 3.68 -7.18
CA TYR A 59 3.82 4.05 -6.59
C TYR A 59 4.01 4.69 -5.22
N VAL A 60 3.41 5.82 -5.01
CA VAL A 60 3.55 6.51 -3.68
C VAL A 60 2.16 6.96 -3.22
N PHE A 61 1.91 6.94 -1.94
CA PHE A 61 0.56 7.37 -1.45
C PHE A 61 0.70 8.70 -0.70
N VAL A 62 -0.01 9.71 -1.13
CA VAL A 62 0.08 11.03 -0.46
C VAL A 62 -1.32 11.54 -0.11
N GLU A 63 -1.47 12.14 1.04
CA GLU A 63 -2.80 12.68 1.44
C GLU A 63 -2.82 14.19 1.25
N MET A 64 -3.73 14.70 0.47
CA MET A 64 -3.78 16.17 0.25
C MET A 64 -5.14 16.59 -0.30
N ILE A 65 -5.29 17.83 -0.65
CA ILE A 65 -6.58 18.30 -1.22
C ILE A 65 -6.48 18.31 -2.75
N MET A 66 -7.35 17.61 -3.41
CA MET A 66 -7.29 17.57 -4.90
C MET A 66 -8.12 18.72 -5.48
N ASN A 67 -7.46 19.78 -5.89
CA ASN A 67 -8.20 20.93 -6.47
C ASN A 67 -7.43 21.45 -7.68
N ASP A 68 -7.77 22.62 -8.15
CA ASP A 68 -7.05 23.17 -9.34
C ASP A 68 -5.63 23.57 -8.94
N GLU A 69 -5.48 24.30 -7.87
CA GLU A 69 -4.12 24.71 -7.44
C GLU A 69 -3.32 23.49 -7.00
N ALA A 70 -3.81 22.76 -6.02
CA ALA A 70 -3.08 21.55 -5.56
C ALA A 70 -2.58 20.75 -6.75
N TYR A 71 -3.38 20.62 -7.78
CA TYR A 71 -2.95 19.85 -8.97
C TYR A 71 -1.71 20.50 -9.59
N ASN A 72 -1.81 21.75 -9.95
CA ASN A 72 -0.64 22.45 -10.57
C ASN A 72 0.59 22.29 -9.67
N PHE A 73 0.41 22.20 -8.38
CA PHE A 73 1.57 22.06 -7.47
C PHE A 73 2.01 20.60 -7.41
N VAL A 74 1.08 19.70 -7.30
CA VAL A 74 1.43 18.25 -7.23
C VAL A 74 1.99 17.80 -8.58
N ARG A 75 1.24 17.97 -9.63
CA ARG A 75 1.72 17.53 -10.98
C ARG A 75 2.97 18.33 -11.36
N SER A 76 3.28 19.37 -10.63
CA SER A 76 4.49 20.17 -10.98
C SER A 76 5.64 19.84 -10.03
N VAL A 77 5.44 18.89 -9.15
CA VAL A 77 6.53 18.53 -8.20
C VAL A 77 7.67 17.85 -8.97
N PRO A 78 8.92 18.14 -8.58
CA PRO A 78 10.10 17.56 -9.24
C PRO A 78 10.20 16.05 -9.00
N TYR A 79 10.48 15.30 -10.03
CA TYR A 79 10.62 13.82 -9.89
C TYR A 79 9.25 13.14 -10.08
N VAL A 80 8.19 13.90 -10.21
CA VAL A 80 6.86 13.26 -10.40
C VAL A 80 6.61 13.05 -11.89
N MET A 81 6.28 11.84 -12.28
CA MET A 81 6.01 11.55 -13.72
C MET A 81 4.52 11.76 -14.01
N GLY A 82 3.69 11.61 -13.02
CA GLY A 82 2.22 11.80 -13.24
C GLY A 82 1.45 11.13 -12.10
N PHE A 83 0.20 10.85 -12.31
CA PHE A 83 -0.62 10.20 -11.25
C PHE A 83 -1.44 9.06 -11.85
N VAL A 84 -1.83 8.11 -11.04
CA VAL A 84 -2.63 6.97 -11.57
C VAL A 84 -4.13 7.30 -11.44
N SER A 85 -4.86 7.23 -12.51
CA SER A 85 -6.31 7.53 -12.44
C SER A 85 -6.99 7.12 -13.74
N SER A 86 -8.30 7.07 -13.75
CA SER A 86 -9.03 6.68 -14.99
C SER A 86 -9.23 7.91 -15.87
N GLY A 87 -9.42 9.06 -15.26
CA GLY A 87 -9.63 10.30 -16.07
C GLY A 87 -8.49 11.28 -15.79
N GLY A 88 -8.76 12.32 -15.06
CA GLY A 88 -7.70 13.32 -14.76
C GLY A 88 -7.09 13.02 -13.39
N GLN A 89 -7.14 13.98 -12.49
CA GLN A 89 -6.56 13.76 -11.13
C GLN A 89 -6.76 12.30 -10.70
N PRO A 90 -5.90 11.83 -9.78
CA PRO A 90 -5.97 10.45 -9.27
C PRO A 90 -7.22 10.22 -8.42
N VAL A 91 -7.73 9.01 -8.42
CA VAL A 91 -8.93 8.72 -7.61
C VAL A 91 -8.52 8.40 -6.17
N PRO A 92 -9.43 8.61 -5.21
CA PRO A 92 -9.18 8.36 -3.79
C PRO A 92 -9.07 6.85 -3.50
N VAL A 93 -8.19 6.47 -2.61
CA VAL A 93 -8.05 5.03 -2.29
C VAL A 93 -9.12 4.63 -1.27
N LYS A 94 -9.71 3.48 -1.44
CA LYS A 94 -10.76 3.04 -0.49
C LYS A 94 -10.11 2.69 0.86
N ASP A 95 -10.65 3.18 1.94
CA ASP A 95 -10.06 2.89 3.27
C ASP A 95 -9.74 1.39 3.37
N ARG A 96 -10.60 0.56 2.84
CA ARG A 96 -10.34 -0.91 2.90
C ARG A 96 -9.04 -1.23 2.16
N GLU A 97 -8.64 -0.38 1.25
CA GLU A 97 -7.39 -0.64 0.49
C GLU A 97 -6.19 -0.11 1.29
N MET A 98 -6.41 0.91 2.08
CA MET A 98 -5.29 1.48 2.89
C MET A 98 -5.13 0.67 4.17
N ARG A 99 -6.18 0.02 4.62
CA ARG A 99 -6.09 -0.78 5.87
C ARG A 99 -4.73 -1.47 5.94
N PRO A 100 -4.35 -2.22 4.89
CA PRO A 100 -3.07 -2.93 4.84
C PRO A 100 -1.89 -1.98 4.72
N ILE A 101 -2.10 -0.83 4.14
CA ILE A 101 -0.98 0.15 4.00
C ILE A 101 -0.80 0.91 5.31
N LEU A 102 -1.88 1.32 5.92
CA LEU A 102 -1.77 2.07 7.22
C LEU A 102 -1.19 1.14 8.28
N ARG A 103 -1.60 -0.10 8.29
CA ARG A 103 -1.08 -1.05 9.31
C ARG A 103 0.42 -1.26 9.08
N LEU A 104 0.82 -1.51 7.86
CA LEU A 104 2.27 -1.72 7.58
C LEU A 104 3.00 -0.38 7.69
N ALA A 105 2.36 0.68 7.27
CA ALA A 105 3.01 2.02 7.35
C ALA A 105 3.02 2.52 8.79
N GLY A 106 2.44 1.77 9.70
CA GLY A 106 2.43 2.21 11.12
C GLY A 106 1.36 3.31 11.31
N LEU A 107 0.47 3.44 10.36
CA LEU A 107 -0.59 4.48 10.49
C LEU A 107 -1.72 3.97 11.37
N GLU A 108 -1.86 2.67 11.49
CA GLU A 108 -2.95 2.12 12.33
C GLU A 108 -2.38 1.01 13.23
N GLU A 109 -2.78 0.97 14.47
CA GLU A 109 -2.26 -0.08 15.38
C GLU A 109 -3.41 -0.93 15.92
N TYR A 110 -3.38 -2.22 15.69
CA TYR A 110 -4.48 -3.09 16.19
C TYR A 110 -3.88 -4.45 16.59
N GLU A 111 -4.68 -5.31 17.17
CA GLU A 111 -4.16 -6.64 17.58
C GLU A 111 -4.46 -7.68 16.50
N GLU A 112 -5.45 -8.51 16.70
CA GLU A 112 -5.79 -9.54 15.68
C GLU A 112 -4.50 -10.21 15.19
N LYS A 113 -3.86 -10.96 16.04
CA LYS A 113 -2.60 -11.65 15.63
C LYS A 113 -2.00 -12.39 16.82
N LYS A 114 -2.03 -11.80 17.98
CA LYS A 114 -1.46 -12.48 19.18
C LYS A 114 -1.99 -13.91 19.24
N LYS A 115 -3.10 -14.18 18.63
CA LYS A 115 -3.66 -15.57 18.66
C LYS A 115 -3.81 -16.08 17.22
N PRO A 116 -2.72 -16.61 16.65
CA PRO A 116 -2.73 -17.14 15.28
C PRO A 116 -3.50 -18.46 15.20
N VAL A 117 -3.87 -18.86 14.01
CA VAL A 117 -4.63 -20.14 13.87
C VAL A 117 -4.10 -20.92 12.67
N LYS A 118 -3.64 -22.12 12.89
CA LYS A 118 -3.11 -22.93 11.75
C LYS A 118 -4.26 -23.33 10.84
N VAL A 119 -3.97 -23.63 9.60
CA VAL A 119 -5.05 -24.02 8.64
C VAL A 119 -4.47 -24.97 7.59
N GLU A 120 -5.27 -25.88 7.10
CA GLU A 120 -4.78 -26.83 6.07
C GLU A 120 -5.98 -27.40 5.30
N LEU A 121 -5.72 -28.05 4.18
CA LEU A 121 -6.83 -28.63 3.37
C LEU A 121 -6.50 -28.51 1.89
N GLY A 122 -6.01 -29.57 1.29
CA GLY A 122 -5.67 -29.54 -0.16
C GLY A 122 -5.07 -28.18 -0.53
N PHE A 123 -4.31 -27.58 0.33
CA PHE A 123 -3.70 -26.26 0.02
C PHE A 123 -2.51 -26.49 -0.94
N LYS A 124 -2.60 -25.97 -2.14
CA LYS A 124 -1.48 -26.16 -3.10
C LYS A 124 -1.26 -24.87 -3.91
N VAL A 125 -0.25 -24.85 -4.73
CA VAL A 125 0.03 -23.64 -5.55
C VAL A 125 -1.15 -23.37 -6.49
N GLY A 126 -1.52 -22.14 -6.65
CA GLY A 126 -2.66 -21.80 -7.54
C GLY A 126 -3.97 -21.86 -6.74
N ASP A 127 -4.05 -22.76 -5.80
CA ASP A 127 -5.29 -22.87 -4.99
C ASP A 127 -5.73 -21.48 -4.54
N MET A 128 -6.97 -21.32 -4.19
CA MET A 128 -7.45 -19.98 -3.74
C MET A 128 -7.49 -19.96 -2.22
N VAL A 129 -6.88 -18.99 -1.60
CA VAL A 129 -6.89 -18.93 -0.12
C VAL A 129 -7.35 -17.54 0.33
N LYS A 130 -8.06 -17.48 1.41
CA LYS A 130 -8.53 -16.16 1.92
C LYS A 130 -7.60 -15.69 3.04
N ILE A 131 -7.29 -14.43 3.09
CA ILE A 131 -6.40 -13.93 4.18
C ILE A 131 -7.25 -13.70 5.43
N ILE A 132 -6.68 -13.83 6.59
CA ILE A 132 -7.48 -13.61 7.82
C ILE A 132 -6.60 -13.07 8.93
N SER A 133 -5.34 -12.81 8.65
CA SER A 133 -4.46 -12.29 9.72
C SER A 133 -3.40 -11.35 9.11
N GLY A 134 -3.06 -10.31 9.81
CA GLY A 134 -2.03 -9.36 9.30
C GLY A 134 -2.71 -8.12 8.72
N PRO A 135 -1.95 -7.35 7.93
CA PRO A 135 -2.44 -6.11 7.29
C PRO A 135 -3.51 -6.37 6.22
N PHE A 136 -3.55 -7.54 5.66
CA PHE A 136 -4.57 -7.82 4.61
C PHE A 136 -5.63 -8.78 5.16
N GLU A 137 -5.71 -8.90 6.46
CA GLU A 137 -6.72 -9.83 7.05
C GLU A 137 -8.07 -9.64 6.34
N ASP A 138 -8.76 -10.72 6.06
CA ASP A 138 -10.09 -10.62 5.39
C ASP A 138 -9.91 -10.28 3.90
N PHE A 139 -8.81 -10.67 3.31
CA PHE A 139 -8.59 -10.37 1.87
C PHE A 139 -8.50 -11.67 1.08
N ALA A 140 -9.08 -11.72 -0.09
CA ALA A 140 -9.02 -12.98 -0.90
C ALA A 140 -7.73 -13.00 -1.73
N GLY A 141 -7.03 -14.10 -1.73
CA GLY A 141 -5.77 -14.17 -2.51
C GLY A 141 -5.56 -15.58 -3.07
N VAL A 142 -4.63 -15.74 -3.95
CA VAL A 142 -4.36 -17.08 -4.55
C VAL A 142 -2.94 -17.52 -4.20
N ILE A 143 -2.78 -18.77 -3.83
CA ILE A 143 -1.42 -19.26 -3.47
C ILE A 143 -0.55 -19.32 -4.71
N LYS A 144 0.54 -18.60 -4.76
CA LYS A 144 1.42 -18.65 -5.95
C LYS A 144 2.58 -19.60 -5.68
N GLU A 145 3.00 -19.71 -4.45
CA GLU A 145 4.12 -20.62 -4.12
C GLU A 145 3.97 -21.11 -2.68
N ILE A 146 4.36 -22.32 -2.40
CA ILE A 146 4.24 -22.85 -1.02
C ILE A 146 5.61 -23.27 -0.49
N ASP A 147 6.00 -22.77 0.64
CA ASP A 147 7.33 -23.13 1.20
C ASP A 147 7.15 -24.03 2.42
N PRO A 148 7.32 -25.35 2.23
CA PRO A 148 7.16 -26.33 3.32
C PRO A 148 8.32 -26.25 4.31
N GLU A 149 8.23 -26.98 5.39
CA GLU A 149 9.32 -26.96 6.41
C GLU A 149 9.19 -25.71 7.29
N ARG A 150 8.52 -24.69 6.83
CA ARG A 150 8.37 -23.45 7.65
C ARG A 150 6.89 -23.09 7.74
N GLN A 151 6.06 -23.69 6.95
CA GLN A 151 4.60 -23.38 6.99
C GLN A 151 4.36 -21.96 6.47
N GLU A 152 4.95 -21.62 5.35
CA GLU A 152 4.74 -20.25 4.78
C GLU A 152 4.07 -20.39 3.41
N LEU A 153 3.19 -19.49 3.07
CA LEU A 153 2.51 -19.60 1.75
C LEU A 153 2.51 -18.25 1.03
N LYS A 154 3.06 -18.21 -0.15
CA LYS A 154 3.06 -16.93 -0.92
C LYS A 154 1.74 -16.84 -1.70
N VAL A 155 1.07 -15.73 -1.63
CA VAL A 155 -0.23 -15.61 -2.36
C VAL A 155 -0.28 -14.27 -3.10
N ASN A 156 -0.97 -14.22 -4.20
CA ASN A 156 -1.06 -12.96 -4.98
C ASN A 156 -2.39 -12.26 -4.65
N VAL A 157 -2.32 -11.03 -4.20
CA VAL A 157 -3.58 -10.31 -3.85
C VAL A 157 -3.88 -9.26 -4.93
N THR A 158 -5.13 -9.01 -5.20
CA THR A 158 -5.48 -8.00 -6.23
C THR A 158 -5.73 -6.64 -5.58
N ILE A 159 -4.80 -5.75 -5.69
CA ILE A 159 -4.98 -4.40 -5.06
C ILE A 159 -4.45 -3.32 -6.02
N PHE A 160 -5.03 -2.16 -5.99
CA PHE A 160 -4.57 -1.07 -6.89
C PHE A 160 -4.76 -1.51 -8.34
N GLY A 161 -5.81 -2.22 -8.62
CA GLY A 161 -6.07 -2.69 -10.02
C GLY A 161 -4.89 -3.54 -10.48
N ARG A 162 -4.04 -3.96 -9.59
CA ARG A 162 -2.87 -4.79 -10.00
C ARG A 162 -2.73 -5.98 -9.05
N GLU A 163 -2.06 -7.02 -9.48
CA GLU A 163 -1.89 -8.21 -8.60
C GLU A 163 -0.50 -8.17 -7.95
N THR A 164 -0.41 -8.54 -6.70
CA THR A 164 0.91 -8.52 -6.02
C THR A 164 0.99 -9.65 -4.99
N PRO A 165 2.06 -10.44 -5.04
CA PRO A 165 2.28 -11.57 -4.12
C PRO A 165 2.59 -11.08 -2.71
N VAL A 166 2.04 -11.72 -1.71
CA VAL A 166 2.31 -11.28 -0.31
C VAL A 166 2.85 -12.46 0.51
N VAL A 167 3.77 -12.21 1.39
CA VAL A 167 4.34 -13.31 2.22
C VAL A 167 3.60 -13.37 3.56
N LEU A 168 2.98 -14.49 3.86
CA LEU A 168 2.24 -14.60 5.15
C LEU A 168 2.44 -16.00 5.76
N HIS A 169 2.03 -16.15 6.99
CA HIS A 169 2.17 -17.46 7.67
C HIS A 169 0.99 -18.36 7.29
N VAL A 170 1.22 -19.62 7.13
CA VAL A 170 0.11 -20.54 6.76
C VAL A 170 -1.04 -20.34 7.76
N SER A 171 -0.71 -20.15 9.01
CA SER A 171 -1.77 -19.96 10.04
C SER A 171 -2.37 -18.56 9.93
N GLU A 172 -1.82 -17.72 9.10
CA GLU A 172 -2.38 -16.34 8.96
C GLU A 172 -3.43 -16.32 7.85
N VAL A 173 -3.60 -17.40 7.15
CA VAL A 173 -4.61 -17.43 6.05
C VAL A 173 -5.34 -18.77 6.06
N GLU A 174 -6.33 -18.93 5.22
CA GLU A 174 -7.08 -20.22 5.18
C GLU A 174 -7.34 -20.60 3.72
N LYS A 175 -7.67 -21.83 3.47
CA LYS A 175 -7.95 -22.26 2.06
C LYS A 175 -9.43 -22.07 1.76
N ILE A 176 -10.14 -21.39 2.61
CA ILE A 176 -11.60 -21.18 2.39
C ILE A 176 -12.30 -22.54 2.28
N GLU A 177 -12.25 -23.16 1.14
CA GLU A 177 -12.91 -24.49 0.97
C GLU A 177 -12.57 -25.38 2.16
#